data_8ZRS
#
_entry.id   8ZRS
#
_cell.length_a   140.857
_cell.length_b   172.407
_cell.length_c   140.866
_cell.angle_alpha   90.00
_cell.angle_beta   120.00
_cell.angle_gamma   90.00
#
_symmetry.space_group_name_H-M   'P 1 21 1'
#
loop_
_entity.id
_entity.type
_entity.pdbx_description
1 polymer 'Caseinolytic peptidase B protein homolog'
2 non-polymer 'PHOSPHATE ION'
#
_entity_poly.entity_id   1
_entity_poly.type   'polypeptide(L)'
_entity_poly.pdbx_seq_one_letter_code
;SPLERRLKEHIIGQEGAINTVASAIRRKENGWYDEEHPLVFLFLGSSGIGKTELAKQVARYMHKDIKKGFIRMDMSEFQE
KHEVAKFIGSPPGYVGHDEGGQLTKQLKQSPSAVVLFDEVEKAHPDVLTVMLQLFDEGRLTDGKGKTIECKDAIFIMTSN
AASDEIAQHALQLRQEAQEQSRRRLAENLDDVQKSENITISNTFKEQVIRPILKAHFRRDEFLGRINEIVYFLPFCHSEL
LQLVSRELHYWAKKAKQRHNITLLWERPVLELLVKGYNLHYGARSIKHEVERRVVNQLAAAFEQELLPKGCTLRLTVDRD
SQHTDGAPVLRLELLQEDKTSRKLEIQPPLNPQDTAHTPRKH
;
_entity_poly.pdbx_strand_id   A,B,C,D,E,F,G,H,I,J,K,L
#
loop_
_chem_comp.id
_chem_comp.type
_chem_comp.name
_chem_comp.formula
PO4 non-polymer 'PHOSPHATE ION' 'O4 P -3'
#
# COMPACT_ATOMS: atom_id res chain seq x y z
N SER A 1 34.99 -45.88 -29.11
CA SER A 1 35.41 -44.58 -29.70
C SER A 1 36.62 -44.03 -28.92
N PRO A 2 37.70 -43.50 -29.54
CA PRO A 2 38.92 -43.07 -28.83
C PRO A 2 38.64 -41.87 -27.92
N LEU A 3 37.83 -40.93 -28.38
CA LEU A 3 37.46 -39.83 -27.50
C LEU A 3 36.75 -40.39 -26.29
N GLU A 4 35.67 -41.12 -26.54
CA GLU A 4 34.84 -41.63 -25.46
C GLU A 4 35.64 -42.58 -24.58
N ARG A 5 36.45 -43.42 -25.19
CA ARG A 5 37.31 -44.31 -24.43
C ARG A 5 38.31 -43.49 -23.61
N ARG A 6 38.85 -42.42 -24.19
CA ARG A 6 39.81 -41.54 -23.46
C ARG A 6 39.04 -40.78 -22.39
N LEU A 7 37.81 -40.36 -22.68
CA LEU A 7 36.99 -39.61 -21.70
C LEU A 7 36.76 -40.52 -20.50
N LYS A 8 36.43 -41.79 -20.75
CA LYS A 8 36.11 -42.73 -19.64
C LYS A 8 37.36 -42.91 -18.77
N GLU A 9 38.54 -42.86 -19.37
CA GLU A 9 39.77 -43.09 -18.63
C GLU A 9 39.93 -42.07 -17.53
N HIS A 10 39.62 -40.79 -17.80
CA HIS A 10 39.99 -39.73 -16.81
C HIS A 10 38.91 -39.40 -15.77
N ILE A 11 37.65 -39.73 -16.00
CA ILE A 11 36.60 -39.29 -15.08
C ILE A 11 35.89 -40.45 -14.37
N ILE A 12 35.58 -40.25 -13.09
CA ILE A 12 34.89 -41.28 -12.31
C ILE A 12 33.38 -41.23 -12.49
N GLY A 13 32.80 -42.39 -12.79
CA GLY A 13 31.37 -42.52 -12.94
C GLY A 13 30.78 -41.83 -14.15
N GLN A 14 29.46 -41.69 -14.14
CA GLN A 14 28.71 -40.97 -15.17
C GLN A 14 29.04 -41.50 -16.56
N GLU A 15 28.83 -42.79 -16.79
CA GLU A 15 29.13 -43.38 -18.10
C GLU A 15 27.98 -43.29 -19.09
N GLY A 16 26.74 -43.25 -18.61
CA GLY A 16 25.62 -42.99 -19.50
C GLY A 16 25.85 -41.66 -20.20
N ALA A 17 26.11 -40.64 -19.39
CA ALA A 17 26.38 -39.30 -19.89
C ALA A 17 27.52 -39.27 -20.90
N ILE A 18 28.67 -39.83 -20.52
CA ILE A 18 29.85 -39.86 -21.44
C ILE A 18 29.39 -40.49 -22.75
N ASN A 19 28.74 -41.64 -22.65
CA ASN A 19 28.34 -42.39 -23.84
C ASN A 19 27.53 -41.53 -24.78
N THR A 20 26.50 -40.88 -24.23
CA THR A 20 25.65 -40.02 -25.03
C THR A 20 26.46 -38.93 -25.69
N VAL A 21 27.32 -38.28 -24.91
CA VAL A 21 28.11 -37.17 -25.45
C VAL A 21 29.04 -37.62 -26.59
N ALA A 22 29.81 -38.67 -26.36
CA ALA A 22 30.77 -39.14 -27.36
C ALA A 22 30.09 -39.62 -28.66
N SER A 23 29.03 -40.41 -28.46
CA SER A 23 28.31 -41.01 -29.57
C SER A 23 27.66 -39.90 -30.38
N ALA A 24 27.26 -38.84 -29.68
CA ALA A 24 26.73 -37.66 -30.37
C ALA A 24 27.81 -36.96 -31.20
N ILE A 25 29.01 -36.80 -30.63
CA ILE A 25 30.09 -36.07 -31.35
C ILE A 25 30.48 -36.80 -32.65
N ARG A 26 30.62 -38.13 -32.62
CA ARG A 26 31.06 -38.90 -33.81
C ARG A 26 29.92 -39.10 -34.82
N ARG A 27 28.67 -39.04 -34.39
CA ARG A 27 27.55 -39.14 -35.31
C ARG A 27 27.53 -37.90 -36.21
N LYS A 28 27.81 -36.74 -35.60
CA LYS A 28 27.92 -35.50 -36.42
C LYS A 28 29.17 -35.65 -37.27
N GLU A 29 30.22 -36.28 -36.72
CA GLU A 29 31.45 -36.50 -37.45
C GLU A 29 31.23 -37.41 -38.67
N ASN A 30 30.43 -38.45 -38.48
CA ASN A 30 30.12 -39.36 -39.58
C ASN A 30 29.30 -38.61 -40.63
N GLY A 31 28.41 -37.74 -40.15
CA GLY A 31 27.63 -36.89 -41.04
C GLY A 31 26.12 -37.03 -40.89
N TRP A 32 25.67 -37.47 -39.72
CA TRP A 32 24.24 -37.66 -39.51
C TRP A 32 23.65 -36.62 -38.58
N TYR A 33 24.37 -35.51 -38.45
CA TYR A 33 23.84 -34.28 -37.87
C TYR A 33 24.05 -33.17 -38.88
N ASP A 34 23.24 -32.12 -38.79
CA ASP A 34 23.37 -31.02 -39.74
C ASP A 34 24.78 -30.49 -39.49
N GLU A 35 25.59 -30.47 -40.54
CA GLU A 35 27.03 -30.38 -40.37
C GLU A 35 27.43 -28.90 -40.31
N GLU A 36 26.56 -28.04 -40.80
CA GLU A 36 26.79 -26.60 -40.76
C GLU A 36 26.43 -26.00 -39.39
N HIS A 37 26.06 -26.86 -38.44
CA HIS A 37 25.60 -26.40 -37.13
C HIS A 37 26.41 -26.99 -35.98
N PRO A 38 26.63 -26.21 -34.91
CA PRO A 38 27.29 -26.65 -33.69
C PRO A 38 26.38 -27.53 -32.84
N LEU A 39 27.00 -28.35 -31.98
CA LEU A 39 26.24 -29.35 -31.18
C LEU A 39 25.59 -28.72 -29.95
N VAL A 40 24.39 -29.18 -29.58
CA VAL A 40 23.71 -28.73 -28.38
C VAL A 40 23.41 -29.88 -27.41
N PHE A 41 24.10 -29.81 -26.28
CA PHE A 41 23.91 -30.73 -25.19
C PHE A 41 23.18 -30.04 -24.05
N LEU A 42 22.34 -30.78 -23.35
CA LEU A 42 21.68 -30.25 -22.17
C LEU A 42 21.97 -31.13 -20.97
N PHE A 43 22.89 -30.68 -20.11
CA PHE A 43 23.27 -31.43 -18.93
C PHE A 43 22.24 -31.27 -17.82
N LEU A 44 21.40 -32.30 -17.72
CA LEU A 44 20.44 -32.45 -16.63
C LEU A 44 21.06 -33.36 -15.59
N GLY A 45 21.06 -32.92 -14.33
CA GLY A 45 21.58 -33.76 -13.27
C GLY A 45 21.80 -32.99 -12.00
N SER A 46 22.50 -33.61 -11.06
CA SER A 46 22.75 -32.96 -9.78
C SER A 46 24.12 -32.29 -9.78
N SER A 47 24.38 -31.51 -8.73
CA SER A 47 25.57 -30.68 -8.68
C SER A 47 26.83 -31.47 -8.35
N GLY A 48 27.93 -31.05 -8.94
CA GLY A 48 29.26 -31.56 -8.58
C GLY A 48 29.56 -33.01 -8.87
N ILE A 49 28.87 -33.62 -9.83
CA ILE A 49 29.11 -35.02 -10.13
C ILE A 49 29.73 -35.26 -11.51
N GLY A 50 30.33 -34.23 -12.10
CA GLY A 50 31.14 -34.44 -13.29
C GLY A 50 30.84 -33.61 -14.54
N LYS A 51 29.80 -32.80 -14.51
CA LYS A 51 29.40 -32.03 -15.70
C LYS A 51 30.52 -31.15 -16.26
N THR A 52 30.97 -30.20 -15.46
CA THR A 52 31.99 -29.26 -15.90
C THR A 52 33.30 -29.95 -16.24
N GLU A 53 33.60 -31.04 -15.56
CA GLU A 53 34.85 -31.75 -15.80
C GLU A 53 34.75 -32.62 -17.05
N LEU A 54 33.58 -33.19 -17.30
CA LEU A 54 33.35 -33.92 -18.56
C LEU A 54 33.51 -32.96 -19.73
N ALA A 55 32.87 -31.80 -19.61
CA ALA A 55 32.97 -30.75 -20.62
C ALA A 55 34.44 -30.39 -20.83
N LYS A 56 35.15 -30.29 -19.71
CA LYS A 56 36.57 -29.93 -19.72
C LYS A 56 37.40 -30.98 -20.45
N GLN A 57 37.04 -32.25 -20.31
CA GLN A 57 37.81 -33.33 -20.93
C GLN A 57 37.52 -33.49 -22.42
N VAL A 58 36.26 -33.26 -22.81
CA VAL A 58 35.94 -33.23 -24.23
C VAL A 58 36.68 -32.08 -24.87
N ALA A 59 36.71 -30.95 -24.17
CA ALA A 59 37.44 -29.78 -24.61
C ALA A 59 38.93 -30.08 -24.76
N ARG A 60 39.48 -30.78 -23.77
CA ARG A 60 40.90 -31.12 -23.75
C ARG A 60 41.32 -32.07 -24.87
N TYR A 61 40.44 -33.00 -25.22
CA TYR A 61 40.77 -33.97 -26.26
C TYR A 61 40.86 -33.40 -27.67
N MET A 62 39.97 -32.47 -28.00
CA MET A 62 39.89 -32.00 -29.38
C MET A 62 40.70 -30.72 -29.62
N GLY A 69 40.59 -21.83 -25.11
CA GLY A 69 39.98 -22.92 -25.86
C GLY A 69 38.78 -23.50 -25.16
N PHE A 70 38.43 -22.92 -24.00
CA PHE A 70 37.26 -23.40 -23.22
C PHE A 70 36.53 -22.20 -22.61
N ILE A 71 35.19 -22.19 -22.72
CA ILE A 71 34.42 -21.06 -22.20
C ILE A 71 33.38 -21.54 -21.21
N ARG A 72 33.18 -20.76 -20.14
CA ARG A 72 32.17 -21.11 -19.09
C ARG A 72 31.45 -19.82 -18.68
N MET A 73 30.12 -19.88 -18.50
CA MET A 73 29.35 -18.69 -18.16
C MET A 73 28.33 -18.93 -17.08
N ASP A 74 28.03 -17.86 -16.36
CA ASP A 74 27.08 -17.97 -15.29
C ASP A 74 25.85 -17.23 -15.77
N MET A 75 24.76 -17.96 -16.03
CA MET A 75 23.51 -17.35 -16.55
C MET A 75 22.71 -16.76 -15.38
N SER A 76 23.20 -16.92 -14.15
CA SER A 76 22.54 -16.28 -12.99
C SER A 76 22.60 -14.77 -13.19
N GLU A 77 23.69 -14.28 -13.78
CA GLU A 77 23.83 -12.84 -14.05
C GLU A 77 22.81 -12.38 -15.11
N PHE A 78 22.21 -13.30 -15.89
CA PHE A 78 21.35 -12.86 -16.99
C PHE A 78 19.91 -13.35 -16.84
N GLN A 79 19.19 -12.88 -15.83
CA GLN A 79 17.83 -13.37 -15.59
C GLN A 79 16.68 -12.41 -15.92
N GLU A 80 16.97 -11.19 -16.36
CA GLU A 80 15.88 -10.34 -16.85
C GLU A 80 16.42 -9.45 -17.99
N LYS A 81 15.56 -8.65 -18.61
CA LYS A 81 15.78 -8.08 -19.94
C LYS A 81 16.81 -6.95 -19.91
N HIS A 82 17.00 -6.35 -18.74
CA HIS A 82 17.96 -5.27 -18.59
C HIS A 82 19.36 -5.76 -18.76
N GLU A 83 19.73 -6.77 -17.97
CA GLU A 83 21.07 -7.35 -18.04
C GLU A 83 21.33 -7.96 -19.41
N VAL A 84 20.31 -8.61 -19.99
CA VAL A 84 20.45 -9.23 -21.34
C VAL A 84 21.03 -8.19 -22.30
N LEU A 103 30.54 -12.88 -24.80
CA LEU A 103 30.39 -14.19 -25.49
C LEU A 103 31.27 -14.21 -26.74
N THR A 104 30.87 -13.46 -27.77
CA THR A 104 31.65 -13.39 -29.03
C THR A 104 33.09 -12.90 -28.81
N LYS A 105 33.39 -12.17 -27.75
CA LYS A 105 34.82 -11.79 -27.55
C LYS A 105 35.60 -13.09 -27.44
N GLN A 106 35.29 -13.91 -26.43
CA GLN A 106 35.97 -15.17 -26.18
C GLN A 106 35.68 -16.22 -27.28
N LEU A 107 34.56 -16.10 -27.98
CA LEU A 107 34.29 -17.01 -29.11
C LEU A 107 35.09 -16.57 -30.34
N LYS A 108 35.31 -15.26 -30.47
CA LYS A 108 36.12 -14.76 -31.61
C LYS A 108 37.54 -15.30 -31.48
N GLN A 109 38.03 -15.43 -30.25
CA GLN A 109 39.38 -15.94 -30.06
C GLN A 109 39.51 -17.34 -30.65
N SER A 110 38.48 -18.17 -30.48
CA SER A 110 38.52 -19.51 -31.06
C SER A 110 37.15 -20.00 -31.45
N PRO A 111 36.96 -20.25 -32.75
CA PRO A 111 35.68 -20.75 -33.23
C PRO A 111 35.52 -22.20 -32.85
N SER A 112 36.64 -22.88 -32.62
CA SER A 112 36.61 -24.32 -32.42
C SER A 112 36.66 -24.77 -30.95
N ALA A 113 35.79 -24.23 -30.10
CA ALA A 113 35.88 -24.51 -28.66
C ALA A 113 34.60 -25.00 -28.01
N VAL A 114 34.77 -25.66 -26.86
CA VAL A 114 33.64 -26.06 -26.03
C VAL A 114 33.22 -24.89 -25.15
N VAL A 115 31.93 -24.59 -25.19
CA VAL A 115 31.38 -23.49 -24.43
C VAL A 115 30.28 -24.01 -23.52
N LEU A 116 30.33 -23.59 -22.27
CA LEU A 116 29.51 -24.11 -21.20
C LEU A 116 28.62 -23.00 -20.64
N PHE A 117 27.32 -23.21 -20.77
CA PHE A 117 26.31 -22.30 -20.24
C PHE A 117 25.72 -22.86 -18.96
N ASP A 118 25.82 -22.12 -17.84
CA ASP A 118 25.42 -22.68 -16.55
C ASP A 118 24.09 -22.14 -15.98
N GLU A 119 23.25 -23.04 -15.45
CA GLU A 119 22.01 -22.67 -14.76
C GLU A 119 21.00 -21.90 -15.64
N VAL A 120 20.63 -22.50 -16.76
CA VAL A 120 19.61 -21.90 -17.63
C VAL A 120 18.29 -21.94 -16.82
N PRO A 125 13.20 -15.70 -21.01
CA PRO A 125 14.20 -14.72 -21.46
C PRO A 125 14.43 -14.79 -22.96
N ASP A 126 14.98 -13.71 -23.52
CA ASP A 126 15.33 -13.66 -24.94
C ASP A 126 16.85 -13.77 -25.11
N VAL A 127 17.55 -14.09 -24.02
CA VAL A 127 19.02 -14.35 -24.14
C VAL A 127 19.14 -15.75 -24.74
N LEU A 128 18.17 -16.62 -24.44
CA LEU A 128 18.14 -17.96 -25.03
C LEU A 128 17.89 -17.89 -26.54
N THR A 129 17.01 -16.98 -26.95
CA THR A 129 16.67 -16.83 -28.35
C THR A 129 17.91 -16.43 -29.13
N VAL A 130 18.71 -15.53 -28.55
CA VAL A 130 19.98 -15.15 -29.15
C VAL A 130 20.89 -16.37 -29.20
N MET A 131 20.88 -17.15 -28.11
CA MET A 131 21.65 -18.39 -28.06
C MET A 131 21.12 -19.38 -29.09
N LEU A 132 19.80 -19.45 -29.22
CA LEU A 132 19.17 -20.28 -30.23
C LEU A 132 19.57 -19.79 -31.61
N GLN A 133 19.58 -18.46 -31.79
CA GLN A 133 20.03 -17.89 -33.07
C GLN A 133 21.50 -18.28 -33.25
N LEU A 134 22.29 -18.15 -32.17
CA LEU A 134 23.68 -18.59 -32.26
C LEU A 134 23.82 -20.06 -32.71
N PHE A 135 22.91 -20.92 -32.23
CA PHE A 135 22.96 -22.35 -32.49
C PHE A 135 22.65 -22.67 -33.94
N ASP A 136 21.67 -21.96 -34.50
CA ASP A 136 21.19 -22.24 -35.84
C ASP A 136 22.09 -21.63 -36.91
N GLU A 137 22.71 -20.48 -36.58
CA GLU A 137 23.61 -19.81 -37.55
C GLU A 137 25.02 -20.42 -37.42
N CYS A 150 32.72 -21.20 -36.19
CA CYS A 150 31.69 -21.22 -35.16
C CYS A 150 30.86 -22.50 -35.23
N LYS A 151 30.81 -23.14 -36.39
CA LYS A 151 29.94 -24.33 -36.56
C LYS A 151 30.62 -25.61 -36.05
N ASP A 152 31.84 -25.49 -35.49
CA ASP A 152 32.59 -26.67 -35.09
C ASP A 152 32.90 -26.57 -33.61
N ALA A 153 32.14 -25.72 -32.93
CA ALA A 153 32.19 -25.62 -31.49
C ALA A 153 31.14 -26.53 -30.88
N ILE A 154 31.31 -26.87 -29.60
CA ILE A 154 30.30 -27.66 -28.90
C ILE A 154 29.65 -26.80 -27.84
N PHE A 155 28.33 -26.79 -27.78
CA PHE A 155 27.64 -25.96 -26.82
C PHE A 155 26.90 -26.81 -25.81
N ILE A 156 27.33 -26.71 -24.56
CA ILE A 156 26.76 -27.48 -23.47
C ILE A 156 26.02 -26.58 -22.51
N MET A 157 24.71 -26.78 -22.36
CA MET A 157 23.94 -26.01 -21.41
C MET A 157 23.53 -26.87 -20.24
N THR A 158 23.95 -26.50 -19.04
CA THR A 158 23.59 -27.25 -17.84
C THR A 158 22.73 -26.39 -16.91
N SER A 159 21.59 -26.92 -16.51
CA SER A 159 20.68 -26.22 -15.60
C SER A 159 20.14 -27.17 -14.54
N ASN A 160 19.82 -26.61 -13.35
CA ASN A 160 19.29 -27.43 -12.23
C ASN A 160 17.77 -27.57 -12.36
N ALA A 161 17.31 -28.34 -13.35
CA ALA A 161 15.89 -28.57 -13.55
C ALA A 161 15.55 -30.05 -13.48
N ALA A 162 14.52 -30.39 -12.71
CA ALA A 162 14.11 -31.79 -12.58
C ALA A 162 15.18 -32.69 -11.92
N SER A 163 15.92 -32.17 -10.94
CA SER A 163 17.04 -32.92 -10.34
C SER A 163 16.71 -34.23 -9.61
N ASP A 164 15.96 -34.08 -8.51
CA ASP A 164 15.68 -35.25 -7.63
C ASP A 164 14.59 -36.19 -8.18
N GLU A 165 13.84 -35.76 -9.18
CA GLU A 165 12.86 -36.67 -9.83
C GLU A 165 13.68 -37.74 -10.54
N ILE A 166 14.73 -37.34 -11.26
CA ILE A 166 15.62 -38.34 -11.94
C ILE A 166 16.42 -39.08 -10.88
N ALA A 167 16.78 -38.41 -9.78
CA ALA A 167 17.44 -39.08 -8.65
C ALA A 167 16.51 -40.05 -7.94
N GLN A 168 15.27 -39.63 -7.75
CA GLN A 168 14.25 -40.46 -7.13
C GLN A 168 14.03 -41.67 -8.03
N HIS A 169 14.02 -41.43 -9.33
CA HIS A 169 13.93 -42.50 -10.30
C HIS A 169 15.16 -43.37 -10.15
N ALA A 170 16.31 -42.70 -10.01
CA ALA A 170 17.59 -43.35 -9.85
C ALA A 170 17.64 -44.23 -8.59
N LEU A 171 17.05 -43.73 -7.51
CA LEU A 171 17.09 -44.46 -6.25
C LEU A 171 16.17 -45.67 -6.32
N GLN A 172 15.02 -45.50 -6.96
CA GLN A 172 14.08 -46.64 -7.14
C GLN A 172 14.77 -47.71 -8.00
N LEU A 173 15.50 -47.28 -9.04
CA LEU A 173 16.22 -48.25 -9.91
C LEU A 173 17.31 -48.95 -9.10
N ARG A 174 17.99 -48.21 -8.22
CA ARG A 174 19.04 -48.82 -7.36
C ARG A 174 18.40 -49.84 -6.42
N GLN A 175 17.21 -49.52 -5.88
CA GLN A 175 16.48 -50.47 -4.99
C GLN A 175 16.14 -51.72 -5.80
N GLU A 176 15.66 -51.56 -7.04
CA GLU A 176 15.31 -52.72 -7.90
C GLU A 176 16.59 -53.49 -8.24
N ILE A 198 22.90 -48.87 -14.93
CA ILE A 198 21.66 -48.10 -14.93
C ILE A 198 21.50 -47.21 -16.14
N THR A 199 20.56 -47.56 -17.02
CA THR A 199 20.18 -46.70 -18.12
C THR A 199 18.84 -46.06 -17.73
N ILE A 200 18.61 -44.83 -18.13
CA ILE A 200 17.34 -44.19 -17.81
C ILE A 200 16.34 -44.55 -18.90
N SER A 201 15.19 -45.10 -18.49
CA SER A 201 14.23 -45.63 -19.44
C SER A 201 13.60 -44.52 -20.28
N ASN A 202 13.23 -44.88 -21.50
CA ASN A 202 12.72 -43.91 -22.47
C ASN A 202 11.28 -43.47 -22.17
N THR A 203 10.45 -44.40 -21.71
CA THR A 203 9.06 -44.09 -21.35
C THR A 203 8.99 -43.12 -20.17
N PHE A 204 9.89 -43.33 -19.22
CA PHE A 204 10.06 -42.44 -18.07
C PHE A 204 10.37 -41.04 -18.50
N LYS A 205 11.34 -40.96 -19.40
CA LYS A 205 11.86 -39.72 -19.93
C LYS A 205 10.72 -38.97 -20.59
N GLU A 206 9.95 -39.68 -21.40
CA GLU A 206 8.86 -39.03 -22.19
C GLU A 206 7.66 -38.61 -21.33
N GLN A 207 7.25 -39.41 -20.35
CA GLN A 207 6.02 -39.03 -19.64
C GLN A 207 6.26 -38.25 -18.36
N VAL A 208 7.49 -38.15 -17.88
CA VAL A 208 7.72 -37.32 -16.71
C VAL A 208 8.67 -36.16 -17.01
N ILE A 209 9.74 -36.40 -17.78
CA ILE A 209 10.78 -35.39 -17.90
C ILE A 209 10.46 -34.38 -19.00
N ARG A 210 9.75 -34.83 -20.03
CA ARG A 210 9.30 -33.90 -21.06
C ARG A 210 8.30 -32.86 -20.51
N PRO A 211 7.31 -33.27 -19.69
CA PRO A 211 6.44 -32.26 -19.08
C PRO A 211 7.18 -31.21 -18.25
N ILE A 212 8.10 -31.66 -17.40
CA ILE A 212 8.85 -30.76 -16.53
C ILE A 212 9.60 -29.70 -17.33
N LEU A 213 10.34 -30.16 -18.33
CA LEU A 213 11.11 -29.25 -19.19
C LEU A 213 10.20 -28.31 -19.98
N LYS A 214 9.12 -28.87 -20.57
CA LYS A 214 8.18 -28.03 -21.36
C LYS A 214 7.63 -26.93 -20.46
N ALA A 215 7.34 -27.25 -19.19
CA ALA A 215 6.85 -26.27 -18.25
C ALA A 215 7.92 -25.24 -17.93
N HIS A 216 9.15 -25.71 -17.74
CA HIS A 216 10.28 -24.86 -17.36
C HIS A 216 10.68 -23.84 -18.43
N PHE A 217 10.61 -24.23 -19.69
CA PHE A 217 11.17 -23.42 -20.77
C PHE A 217 10.08 -22.82 -21.66
N ARG A 218 8.89 -23.43 -21.65
CA ARG A 218 7.68 -22.85 -22.34
C ARG A 218 7.81 -22.63 -23.84
N ARG A 219 8.86 -23.16 -24.49
CA ARG A 219 8.94 -23.05 -25.95
C ARG A 219 9.58 -24.30 -26.57
N ASP A 220 8.77 -25.02 -27.34
CA ASP A 220 9.10 -26.35 -27.86
C ASP A 220 10.26 -26.34 -28.83
N GLU A 221 10.52 -25.16 -29.40
CA GLU A 221 11.64 -25.00 -30.38
C GLU A 221 12.96 -25.15 -29.61
N PHE A 222 13.01 -24.70 -28.36
CA PHE A 222 14.27 -24.75 -27.58
C PHE A 222 14.60 -26.22 -27.26
N LEU A 223 13.66 -26.96 -26.67
CA LEU A 223 13.84 -28.35 -26.33
C LEU A 223 14.08 -29.17 -27.61
N GLY A 224 13.35 -28.81 -28.67
CA GLY A 224 13.52 -29.44 -29.96
C GLY A 224 14.89 -29.24 -30.57
N ARG A 225 15.45 -28.05 -30.38
CA ARG A 225 16.76 -27.72 -30.94
C ARG A 225 17.88 -28.60 -30.36
N ILE A 226 17.75 -28.94 -29.08
CA ILE A 226 18.79 -29.65 -28.36
C ILE A 226 19.11 -31.01 -28.97
N ASN A 227 20.37 -31.18 -29.36
CA ASN A 227 20.82 -32.44 -29.92
C ASN A 227 20.61 -33.57 -28.93
N GLU A 228 21.17 -33.43 -27.73
CA GLU A 228 21.01 -34.47 -26.73
C GLU A 228 20.85 -33.96 -25.31
N ILE A 229 19.92 -34.57 -24.59
CA ILE A 229 19.75 -34.30 -23.17
C ILE A 229 20.57 -35.31 -22.39
N VAL A 230 21.70 -34.86 -21.88
CA VAL A 230 22.64 -35.72 -21.19
C VAL A 230 22.32 -35.78 -19.70
N TYR A 231 22.08 -36.98 -19.20
CA TYR A 231 21.72 -37.16 -17.80
C TYR A 231 22.93 -37.50 -16.95
N PHE A 232 23.09 -36.80 -15.84
CA PHE A 232 24.15 -37.08 -14.89
C PHE A 232 23.52 -37.63 -13.62
N LEU A 233 23.67 -38.94 -13.44
CA LEU A 233 23.08 -39.63 -12.30
C LEU A 233 23.97 -39.56 -11.06
N PRO A 234 23.35 -39.62 -9.87
CA PRO A 234 24.12 -39.65 -8.62
C PRO A 234 25.04 -40.87 -8.55
N PHE A 235 26.14 -40.72 -7.82
CA PHE A 235 27.17 -41.74 -7.69
C PHE A 235 26.68 -43.04 -7.08
N CYS A 236 27.23 -44.16 -7.53
CA CYS A 236 26.97 -45.42 -6.84
C CYS A 236 28.14 -45.65 -5.87
N HIS A 237 27.94 -46.57 -4.93
CA HIS A 237 28.87 -46.79 -3.83
C HIS A 237 30.33 -46.97 -4.26
N SER A 238 30.52 -47.79 -5.29
CA SER A 238 31.86 -48.11 -5.79
C SER A 238 32.60 -46.87 -6.26
N GLU A 239 31.89 -45.96 -6.90
CA GLU A 239 32.54 -44.79 -7.49
C GLU A 239 32.95 -43.81 -6.39
N LEU A 240 32.16 -43.78 -5.32
CA LEU A 240 32.51 -43.01 -4.15
C LEU A 240 33.80 -43.56 -3.57
N LEU A 241 33.85 -44.89 -3.49
CA LEU A 241 35.08 -45.57 -3.07
C LEU A 241 36.27 -45.15 -3.93
N GLN A 242 36.04 -45.05 -5.25
CA GLN A 242 37.10 -44.63 -6.17
C GLN A 242 37.55 -43.21 -5.87
N LEU A 243 36.61 -42.37 -5.44
CA LEU A 243 36.92 -40.99 -5.10
C LEU A 243 37.82 -40.92 -3.86
N VAL A 244 37.39 -41.61 -2.79
CA VAL A 244 38.19 -41.66 -1.58
C VAL A 244 39.59 -42.19 -1.87
N SER A 245 39.66 -43.29 -2.61
CA SER A 245 40.93 -43.87 -3.01
C SER A 245 41.79 -42.87 -3.77
N ARG A 246 41.15 -42.07 -4.60
CA ARG A 246 41.82 -41.04 -5.37
C ARG A 246 42.50 -40.02 -4.46
N GLU A 247 41.74 -39.55 -3.48
CA GLU A 247 42.25 -38.55 -2.53
C GLU A 247 43.40 -39.11 -1.69
N LEU A 248 43.17 -40.29 -1.11
CA LEU A 248 44.17 -40.96 -0.30
C LEU A 248 45.43 -41.24 -1.10
N HIS A 249 45.27 -41.53 -2.39
CA HIS A 249 46.40 -41.71 -3.28
C HIS A 249 47.19 -40.42 -3.41
N TYR A 250 46.47 -39.30 -3.55
CA TYR A 250 47.12 -38.00 -3.62
C TYR A 250 47.97 -37.78 -2.37
N TRP A 251 47.37 -38.00 -1.21
CA TRP A 251 48.07 -37.76 0.05
C TRP A 251 49.24 -38.71 0.29
N ALA A 252 49.10 -39.95 -0.14
CA ALA A 252 50.18 -40.92 -0.05
C ALA A 252 51.34 -40.48 -0.93
N LYS A 253 51.02 -40.03 -2.14
CA LYS A 253 52.08 -39.55 -3.09
C LYS A 253 52.82 -38.39 -2.44
N LYS A 254 52.08 -37.40 -1.91
CA LYS A 254 52.72 -36.22 -1.34
C LYS A 254 53.57 -36.63 -0.14
N ALA A 255 53.05 -37.57 0.64
CA ALA A 255 53.73 -38.07 1.83
C ALA A 255 55.07 -38.73 1.52
N LYS A 256 55.06 -39.71 0.61
CA LYS A 256 56.31 -40.33 0.20
C LYS A 256 57.24 -39.34 -0.48
N GLN A 257 56.67 -38.38 -1.20
CA GLN A 257 57.48 -37.43 -1.96
C GLN A 257 58.24 -36.49 -1.03
N ARG A 258 57.61 -36.09 0.08
CA ARG A 258 58.24 -35.08 0.93
C ARG A 258 58.85 -35.62 2.23
N HIS A 259 58.15 -36.52 2.89
CA HIS A 259 58.60 -37.05 4.19
C HIS A 259 58.96 -38.53 4.15
N ASN A 260 59.03 -39.10 2.95
CA ASN A 260 59.33 -40.52 2.78
C ASN A 260 58.41 -41.40 3.61
N ILE A 261 57.15 -41.01 3.72
CA ILE A 261 56.16 -41.80 4.44
C ILE A 261 55.33 -42.65 3.48
N THR A 262 55.29 -43.95 3.72
CA THR A 262 54.51 -44.85 2.90
C THR A 262 53.11 -44.98 3.50
N LEU A 263 52.09 -44.54 2.76
CA LEU A 263 50.74 -44.59 3.26
C LEU A 263 49.97 -45.74 2.61
N LEU A 264 49.35 -46.58 3.44
CA LEU A 264 48.57 -47.71 2.96
C LEU A 264 47.26 -47.73 3.71
N TRP A 265 46.27 -48.43 3.16
CA TRP A 265 44.97 -48.52 3.80
C TRP A 265 44.25 -49.80 3.45
N GLU A 266 43.08 -49.99 4.06
CA GLU A 266 42.25 -51.19 3.78
C GLU A 266 40.86 -50.74 3.31
N ARG A 267 40.01 -51.68 2.89
CA ARG A 267 38.64 -51.35 2.40
C ARG A 267 37.75 -50.71 3.48
N PRO A 268 37.72 -51.18 4.75
CA PRO A 268 36.91 -50.50 5.79
C PRO A 268 37.14 -48.99 5.84
N VAL A 269 38.40 -48.55 5.82
CA VAL A 269 38.73 -47.13 5.85
C VAL A 269 37.91 -46.41 4.80
N LEU A 270 37.91 -46.97 3.60
CA LEU A 270 37.20 -46.38 2.46
C LEU A 270 35.71 -46.22 2.74
N GLU A 271 35.06 -47.26 3.26
CA GLU A 271 33.63 -47.20 3.51
C GLU A 271 33.34 -46.27 4.68
N LEU A 272 34.24 -46.28 5.67
CA LEU A 272 34.13 -45.35 6.78
C LEU A 272 34.13 -43.91 6.29
N LEU A 273 34.97 -43.62 5.31
CA LEU A 273 35.06 -42.27 4.77
C LEU A 273 33.89 -41.91 3.84
N VAL A 274 33.48 -42.83 2.98
CA VAL A 274 32.33 -42.58 2.12
C VAL A 274 31.05 -42.42 2.94
N LYS A 275 31.07 -42.91 4.18
CA LYS A 275 29.88 -42.75 5.07
C LYS A 275 29.62 -41.27 5.30
N GLY A 276 30.60 -40.41 4.99
CA GLY A 276 30.46 -38.99 5.21
C GLY A 276 30.31 -38.18 3.94
N TYR A 277 29.74 -38.81 2.90
CA TYR A 277 29.57 -38.13 1.59
C TYR A 277 28.29 -37.29 1.60
N ASN A 278 28.36 -36.06 1.07
CA ASN A 278 27.16 -35.19 0.99
C ASN A 278 26.86 -34.89 -0.49
N LEU A 279 25.61 -35.06 -0.92
CA LEU A 279 25.26 -34.66 -2.31
C LEU A 279 25.34 -33.14 -2.43
N HIS A 280 25.35 -32.42 -1.30
CA HIS A 280 25.34 -30.94 -1.33
C HIS A 280 26.59 -30.36 -2.00
N TYR A 281 27.78 -30.88 -1.64
CA TYR A 281 29.04 -30.41 -2.28
C TYR A 281 29.58 -31.49 -3.24
N GLY A 282 28.80 -32.55 -3.45
CA GLY A 282 29.17 -33.59 -4.43
C GLY A 282 30.58 -34.14 -4.33
N ALA A 283 31.36 -34.08 -5.42
CA ALA A 283 32.68 -34.71 -5.46
C ALA A 283 33.67 -34.18 -4.43
N ARG A 284 33.67 -32.86 -4.18
CA ARG A 284 34.64 -32.33 -3.23
C ARG A 284 34.26 -32.62 -1.79
N SER A 285 33.00 -33.03 -1.57
CA SER A 285 32.57 -33.42 -0.23
C SER A 285 33.55 -34.42 0.34
N ILE A 286 33.81 -35.48 -0.43
CA ILE A 286 34.68 -36.53 0.06
C ILE A 286 36.09 -36.03 0.25
N LYS A 287 36.55 -35.13 -0.63
CA LYS A 287 37.89 -34.58 -0.48
C LYS A 287 37.97 -33.97 0.91
N HIS A 288 36.97 -33.15 1.23
CA HIS A 288 36.96 -32.45 2.50
C HIS A 288 37.02 -33.46 3.63
N GLU A 289 36.21 -34.51 3.51
CA GLU A 289 36.08 -35.45 4.60
C GLU A 289 37.45 -36.04 4.88
N VAL A 290 38.20 -36.34 3.83
CA VAL A 290 39.50 -36.96 4.03
C VAL A 290 40.39 -36.01 4.81
N GLU A 291 40.42 -34.75 4.40
CA GLU A 291 41.33 -33.81 5.04
C GLU A 291 40.91 -33.51 6.47
N ARG A 292 39.68 -33.86 6.82
CA ARG A 292 39.27 -33.58 8.19
C ARG A 292 39.10 -34.86 8.99
N ARG A 293 39.39 -36.00 8.39
CA ARG A 293 39.28 -37.23 9.18
C ARG A 293 40.53 -38.11 9.09
N VAL A 294 41.36 -37.87 8.09
CA VAL A 294 42.60 -38.62 7.95
C VAL A 294 43.83 -37.72 8.04
N VAL A 295 43.88 -36.71 7.18
CA VAL A 295 45.08 -35.92 6.99
C VAL A 295 45.42 -35.07 8.22
N ASN A 296 44.41 -34.70 9.00
CA ASN A 296 44.67 -33.98 10.23
C ASN A 296 45.42 -34.86 11.22
N GLN A 297 45.03 -36.13 11.26
CA GLN A 297 45.68 -37.09 12.14
C GLN A 297 47.11 -37.36 11.66
N LEU A 298 47.28 -37.36 10.34
CA LEU A 298 48.61 -37.49 9.76
C LEU A 298 49.51 -36.32 10.18
N ALA A 299 48.95 -35.11 10.13
CA ALA A 299 49.68 -33.89 10.51
C ALA A 299 50.02 -33.89 12.00
N ALA A 300 49.03 -34.24 12.81
CA ALA A 300 49.18 -34.28 14.26
C ALA A 300 50.26 -35.27 14.62
N ALA A 301 50.14 -36.47 14.07
CA ALA A 301 51.15 -37.50 14.31
C ALA A 301 52.50 -37.02 13.79
N PHE A 302 52.50 -36.20 12.74
CA PHE A 302 53.77 -35.73 12.22
C PHE A 302 54.51 -34.72 13.10
N GLU A 303 53.84 -33.71 13.65
CA GLU A 303 54.64 -32.73 14.40
C GLU A 303 54.81 -33.17 15.86
N GLN A 304 54.15 -34.27 16.24
CA GLN A 304 54.41 -34.87 17.55
C GLN A 304 55.58 -35.84 17.48
N GLU A 305 56.37 -35.73 16.40
CA GLU A 305 57.56 -36.55 16.20
C GLU A 305 57.25 -38.03 16.11
N LEU A 306 56.05 -38.38 15.66
CA LEU A 306 55.65 -39.79 15.58
C LEU A 306 55.93 -40.48 14.23
N LEU A 307 56.13 -39.70 13.18
CA LEU A 307 56.33 -40.25 11.84
C LEU A 307 57.73 -39.98 11.29
N PRO A 308 58.68 -40.86 11.60
CA PRO A 308 60.04 -40.66 11.07
C PRO A 308 60.09 -40.85 9.56
N LYS A 309 61.29 -40.56 8.99
CA LYS A 309 61.50 -40.73 7.53
C LYS A 309 61.67 -42.21 7.19
N GLY A 310 60.98 -42.67 6.12
CA GLY A 310 61.09 -44.05 5.68
C GLY A 310 60.22 -45.02 6.47
N CYS A 311 59.19 -44.50 7.12
CA CYS A 311 58.30 -45.33 7.92
C CYS A 311 57.15 -45.85 7.06
N THR A 312 56.44 -46.83 7.58
CA THR A 312 55.26 -47.38 6.91
C THR A 312 54.01 -47.26 7.77
N LEU A 313 53.03 -46.53 7.27
CA LEU A 313 51.82 -46.22 8.02
C LEU A 313 50.58 -46.77 7.32
N ARG A 314 49.80 -47.58 8.03
CA ARG A 314 48.62 -48.23 7.48
C ARG A 314 47.36 -47.84 8.23
N LEU A 315 46.38 -47.32 7.50
CA LEU A 315 45.11 -46.93 8.08
C LEU A 315 44.21 -48.16 8.22
N THR A 316 43.56 -48.30 9.37
CA THR A 316 42.60 -49.39 9.58
C THR A 316 41.38 -48.87 10.35
N VAL A 317 40.43 -49.74 10.63
CA VAL A 317 39.23 -49.35 11.36
C VAL A 317 38.96 -50.21 12.60
N ASP A 318 38.66 -49.58 13.73
CA ASP A 318 38.42 -50.30 14.98
C ASP A 318 36.92 -50.47 15.20
N PRO A 328 32.59 -46.48 15.58
CA PRO A 328 33.80 -46.94 14.88
C PRO A 328 34.78 -45.80 14.61
N VAL A 329 35.98 -45.92 15.17
CA VAL A 329 37.01 -44.90 15.01
C VAL A 329 38.14 -45.40 14.12
N LEU A 330 38.73 -44.51 13.35
CA LEU A 330 39.80 -44.84 12.43
C LEU A 330 41.11 -44.99 13.19
N ARG A 331 41.86 -46.03 12.81
CA ARG A 331 43.15 -46.34 13.47
C ARG A 331 44.29 -46.00 12.52
N LEU A 332 45.41 -45.56 13.11
CA LEU A 332 46.65 -45.17 12.38
C LEU A 332 47.74 -46.14 12.87
N GLU A 333 48.16 -47.10 12.04
CA GLU A 333 49.15 -48.11 12.46
C GLU A 333 50.57 -47.93 11.91
N LEU A 334 51.57 -47.91 12.80
CA LEU A 334 52.95 -47.73 12.38
C LEU A 334 53.75 -49.04 12.37
N LEU A 335 54.52 -49.25 11.31
CA LEU A 335 55.36 -50.44 11.15
C LEU A 335 56.68 -50.31 11.88
N GLN A 336 56.91 -51.23 12.82
CA GLN A 336 58.11 -51.26 13.66
C GLN A 336 59.22 -52.17 13.11
N GLU A 337 60.37 -52.18 13.79
CA GLU A 337 61.47 -53.04 13.35
C GLU A 337 61.18 -54.45 13.84
N ASP A 338 60.05 -54.57 14.53
CA ASP A 338 59.52 -55.82 15.01
C ASP A 338 58.84 -56.55 13.85
N LYS A 339 58.76 -55.83 12.73
CA LYS A 339 58.08 -56.30 11.52
C LYS A 339 56.62 -56.59 11.81
N THR A 340 56.13 -55.98 12.89
CA THR A 340 54.72 -55.93 13.21
C THR A 340 54.31 -54.47 13.24
N SER A 341 53.01 -54.20 13.40
CA SER A 341 52.52 -52.84 13.43
C SER A 341 51.88 -52.55 14.78
N ARG A 342 51.89 -51.29 15.19
CA ARG A 342 51.23 -50.91 16.42
C ARG A 342 50.39 -49.65 16.23
N LYS A 343 49.34 -49.52 17.01
CA LYS A 343 48.46 -48.38 16.86
C LYS A 343 49.18 -47.15 17.39
N LEU A 344 49.13 -46.06 16.66
CA LEU A 344 49.68 -44.81 17.18
C LEU A 344 48.65 -44.21 18.11
N GLU A 345 49.12 -43.61 19.20
CA GLU A 345 48.24 -42.84 20.06
C GLU A 345 48.63 -41.38 19.88
N ILE A 346 47.65 -40.55 19.54
CA ILE A 346 47.93 -39.10 19.27
C ILE A 346 47.42 -38.26 20.44
N GLN A 347 48.34 -37.46 21.01
CA GLN A 347 47.99 -36.60 22.16
C GLN A 347 46.94 -35.56 21.75
N PRO A 348 45.86 -35.29 22.54
CA PRO A 348 44.91 -34.23 22.19
C PRO A 348 45.61 -32.88 21.98
N SER B 1 44.50 29.32 31.12
CA SER B 1 45.52 29.40 30.06
C SER B 1 45.37 30.73 29.28
N PRO B 2 46.36 31.24 28.49
CA PRO B 2 46.15 32.46 27.71
C PRO B 2 44.96 32.22 26.79
N LEU B 3 44.99 31.15 26.00
CA LEU B 3 43.88 30.79 25.08
C LEU B 3 42.55 30.93 25.83
N GLU B 4 42.49 30.41 27.05
CA GLU B 4 41.25 30.44 27.82
C GLU B 4 40.83 31.88 28.09
N ARG B 5 41.80 32.72 28.44
CA ARG B 5 41.53 34.14 28.64
C ARG B 5 41.07 34.82 27.36
N ARG B 6 41.73 34.49 26.25
CA ARG B 6 41.37 35.05 24.96
C ARG B 6 39.97 34.64 24.54
N LEU B 7 39.66 33.37 24.77
CA LEU B 7 38.35 32.82 24.45
C LEU B 7 37.27 33.50 25.28
N LYS B 8 37.60 33.75 26.55
CA LYS B 8 36.64 34.31 27.50
C LYS B 8 36.15 35.70 27.10
N GLU B 9 37.06 36.54 26.58
CA GLU B 9 36.69 37.94 26.25
C GLU B 9 35.71 37.97 25.06
N HIS B 10 36.04 37.30 23.96
CA HIS B 10 35.19 37.36 22.74
C HIS B 10 33.79 36.80 22.97
N ILE B 11 33.66 35.70 23.72
CA ILE B 11 32.33 35.03 23.85
C ILE B 11 31.56 35.55 25.06
N ILE B 12 30.40 36.19 24.84
CA ILE B 12 29.54 36.58 25.94
C ILE B 12 28.98 35.31 26.57
N GLY B 13 29.08 35.22 27.89
CA GLY B 13 28.56 34.07 28.60
C GLY B 13 29.34 32.80 28.33
N GLN B 14 28.74 31.67 28.70
CA GLN B 14 29.29 30.33 28.42
C GLN B 14 30.71 30.15 28.94
N GLU B 15 30.89 30.29 30.26
CA GLU B 15 32.21 30.17 30.86
C GLU B 15 32.59 28.72 31.18
N GLY B 16 31.57 27.91 31.47
CA GLY B 16 31.77 26.47 31.65
C GLY B 16 32.42 25.86 30.43
N ALA B 17 31.78 26.09 29.28
CA ALA B 17 32.24 25.58 28.00
C ALA B 17 33.69 25.97 27.74
N ILE B 18 34.00 27.24 27.96
CA ILE B 18 35.33 27.77 27.72
C ILE B 18 36.34 27.06 28.61
N ASN B 19 35.95 26.86 29.87
CA ASN B 19 36.81 26.19 30.84
C ASN B 19 37.14 24.78 30.39
N THR B 20 36.10 24.02 30.05
CA THR B 20 36.27 22.63 29.63
C THR B 20 37.14 22.51 28.38
N VAL B 21 36.84 23.31 27.36
CA VAL B 21 37.59 23.23 26.11
C VAL B 21 39.05 23.62 26.28
N ALA B 22 39.29 24.75 26.93
CA ALA B 22 40.65 25.24 27.13
C ALA B 22 41.47 24.27 27.95
N SER B 23 40.88 23.80 29.04
CA SER B 23 41.57 22.91 29.96
C SER B 23 41.84 21.57 29.30
N ALA B 24 40.95 21.13 28.42
CA ALA B 24 41.17 19.90 27.67
C ALA B 24 42.31 20.04 26.66
N ILE B 25 42.31 21.14 25.92
CA ILE B 25 43.36 21.40 24.94
C ILE B 25 44.74 21.42 25.61
N ARG B 26 44.81 22.01 26.80
CA ARG B 26 46.12 22.13 27.43
C ARG B 26 46.44 20.89 28.27
N ARG B 27 45.41 20.09 28.53
CA ARG B 27 45.61 18.77 29.09
C ARG B 27 46.33 17.90 28.07
N LYS B 28 45.89 17.97 26.82
CA LYS B 28 46.62 17.26 25.78
C LYS B 28 48.01 17.84 25.60
N GLU B 29 48.14 19.16 25.67
CA GLU B 29 49.41 19.77 25.28
C GLU B 29 50.50 19.65 26.33
N ASN B 30 50.08 19.22 27.53
CA ASN B 30 51.05 18.90 28.61
C ASN B 30 51.08 17.37 28.72
N GLY B 31 50.84 16.65 27.60
CA GLY B 31 50.92 15.18 27.58
C GLY B 31 50.03 14.41 28.54
N TRP B 32 48.73 14.75 28.63
CA TRP B 32 47.80 13.95 29.48
C TRP B 32 46.69 13.31 28.63
N TYR B 33 46.77 13.45 27.32
CA TYR B 33 45.91 12.77 26.36
C TYR B 33 46.84 12.11 25.37
N ASP B 34 46.43 11.02 24.74
CA ASP B 34 47.32 10.34 23.80
C ASP B 34 47.56 11.30 22.65
N GLU B 35 48.82 11.52 22.34
CA GLU B 35 49.23 12.69 21.56
C GLU B 35 49.14 12.42 20.06
N GLU B 36 49.08 11.15 19.68
CA GLU B 36 48.91 10.80 18.27
C GLU B 36 47.46 10.90 17.81
N HIS B 37 46.59 11.39 18.69
CA HIS B 37 45.16 11.47 18.42
C HIS B 37 44.55 12.86 18.56
N PRO B 38 43.57 13.19 17.71
CA PRO B 38 42.81 14.44 17.76
C PRO B 38 41.81 14.44 18.91
N LEU B 39 41.47 15.62 19.41
CA LEU B 39 40.52 15.71 20.51
C LEU B 39 39.09 15.64 19.97
N VAL B 40 38.19 15.08 20.77
CA VAL B 40 36.78 15.04 20.41
C VAL B 40 35.91 15.67 21.49
N PHE B 41 35.28 16.78 21.10
CA PHE B 41 34.36 17.48 21.97
C PHE B 41 32.94 17.23 21.50
N LEU B 42 32.01 17.13 22.43
CA LEU B 42 30.61 17.02 22.07
C LEU B 42 29.82 18.16 22.72
N PHE B 43 29.50 19.17 21.91
CA PHE B 43 28.80 20.36 22.36
C PHE B 43 27.30 20.07 22.50
N LEU B 44 26.88 19.85 23.74
CA LEU B 44 25.48 19.70 24.09
C LEU B 44 24.90 21.02 24.54
N GLY B 45 23.75 21.40 23.99
CA GLY B 45 23.12 22.64 24.41
C GLY B 45 21.99 23.10 23.51
N SER B 46 21.63 24.37 23.64
CA SER B 46 20.59 24.96 22.81
C SER B 46 21.21 25.75 21.66
N SER B 47 20.36 26.20 20.73
CA SER B 47 20.83 26.79 19.48
C SER B 47 21.29 28.24 19.62
N GLY B 48 22.31 28.60 18.85
CA GLY B 48 22.72 29.98 18.70
C GLY B 48 23.24 30.69 19.94
N ILE B 49 23.77 29.93 20.90
CA ILE B 49 24.26 30.55 22.14
C ILE B 49 25.78 30.43 22.31
N GLY B 50 26.50 30.21 21.22
CA GLY B 50 27.93 30.34 21.23
C GLY B 50 28.77 29.16 20.75
N LYS B 51 28.13 28.05 20.45
CA LYS B 51 28.84 26.84 20.04
C LYS B 51 29.72 27.08 18.82
N THR B 52 29.09 27.43 17.71
CA THR B 52 29.79 27.65 16.44
C THR B 52 30.81 28.77 16.56
N GLU B 53 30.50 29.76 17.40
CA GLU B 53 31.40 30.89 17.56
C GLU B 53 32.57 30.54 18.47
N LEU B 54 32.33 29.70 19.47
CA LEU B 54 33.42 29.21 20.30
C LEU B 54 34.37 28.41 19.42
N ALA B 55 33.82 27.53 18.60
CA ALA B 55 34.61 26.75 17.66
C ALA B 55 35.41 27.66 16.74
N LYS B 56 34.75 28.71 16.24
CA LYS B 56 35.38 29.64 15.33
C LYS B 56 36.55 30.38 15.99
N GLN B 57 36.41 30.71 17.27
CA GLN B 57 37.44 31.46 17.98
C GLN B 57 38.59 30.58 18.43
N VAL B 58 38.31 29.32 18.77
CA VAL B 58 39.38 28.36 19.06
C VAL B 58 40.19 28.14 17.80
N ALA B 59 39.48 28.01 16.68
CA ALA B 59 40.12 27.86 15.38
C ALA B 59 41.00 29.06 15.07
N ARG B 60 40.47 30.25 15.37
CA ARG B 60 41.19 31.48 15.11
C ARG B 60 42.44 31.61 15.98
N TYR B 61 42.38 31.12 17.22
CA TYR B 61 43.54 31.29 18.11
C TYR B 61 44.60 30.23 17.77
N MET B 62 44.17 29.06 17.27
CA MET B 62 45.14 27.98 17.08
C MET B 62 45.96 28.21 15.81
N HIS B 63 45.48 29.13 14.96
CA HIS B 63 46.22 29.56 13.78
C HIS B 63 46.53 31.05 13.85
N GLY B 69 41.63 27.39 8.18
CA GLY B 69 41.96 26.80 9.46
C GLY B 69 40.72 26.32 10.20
N PHE B 70 39.58 26.44 9.54
CA PHE B 70 38.30 26.05 10.13
C PHE B 70 37.48 25.32 9.08
N ILE B 71 36.82 24.25 9.49
CA ILE B 71 36.00 23.48 8.58
C ILE B 71 34.66 23.23 9.25
N ARG B 72 33.60 23.28 8.45
CA ARG B 72 32.25 23.10 8.95
C ARG B 72 31.44 22.20 8.03
N MET B 73 30.70 21.27 8.63
CA MET B 73 29.88 20.34 7.88
C MET B 73 28.53 20.11 8.55
N ASP B 74 27.54 19.81 7.72
CA ASP B 74 26.20 19.56 8.20
C ASP B 74 25.90 18.09 7.96
N MET B 75 25.61 17.38 9.04
CA MET B 75 25.42 15.93 8.98
C MET B 75 24.01 15.59 8.53
N SER B 76 23.07 16.50 8.77
CA SER B 76 21.72 16.39 8.22
C SER B 76 21.74 16.14 6.71
N GLU B 77 22.81 16.59 6.05
CA GLU B 77 22.98 16.33 4.64
C GLU B 77 23.34 14.87 4.41
N PHE B 78 24.00 14.27 5.38
CA PHE B 78 24.54 12.92 5.26
C PHE B 78 23.81 11.91 6.14
N GLN B 79 22.52 11.70 5.90
CA GLN B 79 21.73 10.77 6.72
C GLN B 79 21.36 9.51 5.95
N GLU B 80 22.05 9.27 4.84
CA GLU B 80 21.81 8.10 3.99
C GLU B 80 23.12 7.37 3.71
N LYS B 81 23.03 6.05 3.44
CA LYS B 81 24.24 5.19 3.30
C LYS B 81 25.10 5.55 2.07
N HIS B 82 24.46 5.95 0.97
CA HIS B 82 25.22 6.30 -0.27
C HIS B 82 25.99 7.59 0.01
N GLU B 83 25.56 8.33 1.03
CA GLU B 83 26.28 9.55 1.45
C GLU B 83 27.39 9.17 2.44
N VAL B 84 27.43 7.92 2.92
CA VAL B 84 28.58 7.51 3.78
C VAL B 84 29.83 7.59 2.89
N ALA B 85 29.73 7.08 1.66
CA ALA B 85 30.86 7.15 0.70
C ALA B 85 31.12 8.63 0.38
N LYS B 86 30.05 9.41 0.22
CA LYS B 86 30.20 10.86 -0.04
C LYS B 86 30.97 11.49 1.14
N PHE B 87 30.54 11.24 2.37
CA PHE B 87 31.20 11.86 3.55
C PHE B 87 32.72 11.67 3.44
N ILE B 88 33.16 10.45 3.13
CA ILE B 88 34.62 10.16 3.01
C ILE B 88 35.22 11.07 1.93
N GLN B 102 36.19 14.51 -0.01
CA GLN B 102 35.14 15.39 0.49
C GLN B 102 35.68 16.04 1.75
N LEU B 103 35.27 15.53 2.91
CA LEU B 103 35.87 15.95 4.18
C LEU B 103 37.36 15.74 4.09
N THR B 104 37.75 14.63 3.47
CA THR B 104 39.16 14.30 3.32
C THR B 104 39.83 15.30 2.41
N LYS B 105 39.08 15.91 1.52
CA LYS B 105 39.67 16.95 0.69
C LYS B 105 39.99 18.15 1.56
N GLN B 106 38.98 18.64 2.29
CA GLN B 106 39.19 19.81 3.13
C GLN B 106 40.24 19.58 4.21
N LEU B 107 40.36 18.34 4.67
CA LEU B 107 41.38 18.02 5.65
C LEU B 107 42.73 17.89 4.96
N LYS B 108 42.71 17.56 3.66
CA LYS B 108 43.97 17.46 2.88
C LYS B 108 44.62 18.85 2.82
N GLN B 109 43.85 19.91 2.51
CA GLN B 109 44.55 21.24 2.53
C GLN B 109 45.05 21.65 3.93
N SER B 110 44.44 21.15 5.00
CA SER B 110 44.90 21.51 6.36
C SER B 110 44.70 20.38 7.37
N PRO B 111 45.81 19.83 7.88
CA PRO B 111 45.80 18.70 8.81
C PRO B 111 45.44 19.04 10.27
N SER B 112 45.87 20.21 10.76
CA SER B 112 45.67 20.57 12.16
C SER B 112 44.60 21.63 12.34
N ALA B 113 43.38 21.37 11.89
CA ALA B 113 42.36 22.40 11.91
C ALA B 113 41.14 21.98 12.72
N VAL B 114 40.37 22.96 13.17
CA VAL B 114 39.15 22.68 13.90
C VAL B 114 38.06 22.36 12.91
N VAL B 115 37.40 21.22 13.11
CA VAL B 115 36.34 20.80 12.21
C VAL B 115 35.08 20.61 13.03
N LEU B 116 33.97 21.12 12.49
CA LEU B 116 32.73 21.18 13.21
C LEU B 116 31.71 20.33 12.49
N PHE B 117 31.27 19.28 13.15
CA PHE B 117 30.25 18.41 12.59
C PHE B 117 28.95 18.78 13.27
N ASP B 118 27.95 19.18 12.49
CA ASP B 118 26.72 19.67 13.08
C ASP B 118 25.63 18.64 12.99
N GLU B 119 24.87 18.54 14.07
CA GLU B 119 23.68 17.73 14.09
C GLU B 119 24.09 16.28 13.85
N VAL B 120 25.13 15.87 14.59
CA VAL B 120 25.69 14.52 14.50
C VAL B 120 24.62 13.58 15.04
N GLU B 121 23.69 14.20 15.74
CA GLU B 121 22.43 13.60 16.16
C GLU B 121 21.84 12.77 15.04
N LYS B 122 21.64 13.40 13.89
CA LYS B 122 21.10 12.72 12.73
C LYS B 122 22.15 12.53 11.65
N ALA B 123 22.94 11.49 11.84
CA ALA B 123 23.88 11.02 10.84
C ALA B 123 23.58 9.52 10.80
N HIS B 124 24.07 8.92 9.70
CA HIS B 124 23.95 7.45 9.55
C HIS B 124 24.97 6.80 10.50
N PRO B 125 24.63 5.70 11.22
CA PRO B 125 25.52 5.10 12.23
C PRO B 125 26.87 4.81 11.61
N ASP B 126 26.87 4.34 10.38
CA ASP B 126 28.11 4.06 9.65
C ASP B 126 28.94 5.31 9.40
N VAL B 127 28.27 6.42 9.07
CA VAL B 127 28.96 7.64 8.69
C VAL B 127 29.77 7.99 9.94
N LEU B 128 29.17 7.68 11.09
CA LEU B 128 29.81 7.85 12.38
C LEU B 128 31.03 6.95 12.50
N THR B 129 30.90 5.72 12.00
CA THR B 129 31.96 4.72 12.11
C THR B 129 33.22 5.17 11.39
N VAL B 130 33.06 5.77 10.21
CA VAL B 130 34.19 6.31 9.50
C VAL B 130 34.80 7.44 10.32
N MET B 131 33.92 8.23 10.93
CA MET B 131 34.37 9.32 11.83
C MET B 131 34.91 8.67 13.11
N LEU B 132 34.30 7.55 13.53
CA LEU B 132 34.73 6.84 14.72
C LEU B 132 36.13 6.26 14.56
N GLN B 133 36.41 5.73 13.38
CA GLN B 133 37.74 5.20 13.10
C GLN B 133 38.65 6.34 12.68
N LEU B 134 38.08 7.42 12.15
CA LEU B 134 38.87 8.62 11.94
C LEU B 134 39.38 9.20 13.25
N PHE B 135 38.53 9.19 14.29
CA PHE B 135 38.92 9.77 15.57
C PHE B 135 39.97 8.93 16.25
N ASP B 136 39.78 7.62 16.16
CA ASP B 136 40.59 6.67 16.91
C ASP B 136 41.91 6.33 16.20
N GLU B 137 41.97 6.59 14.88
CA GLU B 137 43.22 6.30 14.12
C GLU B 137 43.88 7.62 13.70
N GLY B 138 43.11 8.70 13.55
CA GLY B 138 43.66 9.99 13.12
C GLY B 138 44.34 9.91 11.75
N ARG B 139 43.77 9.11 10.83
CA ARG B 139 44.39 8.91 9.49
C ARG B 139 43.32 8.81 8.41
N LEU B 140 43.57 9.39 7.23
CA LEU B 140 42.63 9.30 6.11
C LEU B 140 43.34 8.73 4.88
N THR B 147 48.52 9.02 2.53
CA THR B 147 47.60 9.08 3.69
C THR B 147 47.59 10.50 4.25
N ILE B 148 46.44 10.94 4.80
CA ILE B 148 46.34 12.30 5.41
C ILE B 148 46.56 12.17 6.92
N GLU B 149 47.53 12.93 7.47
CA GLU B 149 47.86 12.83 8.92
C GLU B 149 47.21 13.98 9.69
N CYS B 150 46.13 13.70 10.43
CA CYS B 150 45.44 14.72 11.21
C CYS B 150 45.54 14.43 12.70
N LYS B 151 46.75 14.54 13.27
CA LYS B 151 46.94 14.17 14.70
C LYS B 151 46.64 15.36 15.61
N ASP B 152 47.09 16.57 15.24
CA ASP B 152 46.88 17.76 16.06
C ASP B 152 45.67 18.59 15.63
N ALA B 153 44.68 17.94 15.01
CA ALA B 153 43.45 18.64 14.68
C ALA B 153 42.45 18.55 15.84
N ILE B 154 41.47 19.44 15.82
CA ILE B 154 40.41 19.44 16.84
C ILE B 154 39.08 19.07 16.21
N PHE B 155 38.38 18.12 16.81
CA PHE B 155 37.10 17.68 16.25
C PHE B 155 35.95 17.98 17.21
N ILE B 156 35.06 18.87 16.78
CA ILE B 156 33.92 19.28 17.58
C ILE B 156 32.61 18.79 16.96
N MET B 157 31.87 17.98 17.68
CA MET B 157 30.56 17.53 17.22
C MET B 157 29.45 18.19 18.04
N THR B 158 28.50 18.84 17.38
CA THR B 158 27.46 19.57 18.09
C THR B 158 26.12 18.86 17.96
N SER B 159 25.44 18.64 19.08
CA SER B 159 24.15 17.95 19.03
C SER B 159 23.13 18.70 19.88
N ASN B 160 21.85 18.47 19.61
CA ASN B 160 20.82 19.01 20.50
C ASN B 160 20.23 17.95 21.41
N ALA B 161 20.98 16.87 21.61
CA ALA B 161 20.51 15.76 22.45
C ALA B 161 20.35 16.23 23.88
N ALA B 162 19.22 15.86 24.49
CA ALA B 162 18.93 16.17 25.90
C ALA B 162 18.92 17.67 26.17
N SER B 163 18.66 18.47 25.14
CA SER B 163 18.73 19.92 25.26
C SER B 163 17.63 20.46 26.16
N ASP B 164 16.53 19.71 26.30
CA ASP B 164 15.44 20.20 27.13
C ASP B 164 15.61 19.76 28.58
N GLU B 165 16.31 18.65 28.80
CA GLU B 165 16.72 18.28 30.15
C GLU B 165 17.80 19.23 30.63
N ILE B 166 18.73 19.57 29.74
CA ILE B 166 19.76 20.55 30.05
C ILE B 166 19.12 21.89 30.38
N ALA B 167 18.15 22.29 29.57
CA ALA B 167 17.45 23.55 29.78
C ALA B 167 16.70 23.59 31.11
N GLN B 168 15.97 22.53 31.43
CA GLN B 168 15.17 22.49 32.65
C GLN B 168 16.07 22.43 33.89
N HIS B 169 17.19 21.74 33.74
CA HIS B 169 18.19 21.66 34.80
C HIS B 169 18.82 23.03 35.05
N ALA B 170 19.15 23.71 33.96
CA ALA B 170 19.75 25.03 34.03
C ALA B 170 18.80 26.01 34.71
N LEU B 171 17.51 25.88 34.43
CA LEU B 171 16.53 26.80 34.97
C LEU B 171 16.32 26.53 36.46
N GLN B 172 16.42 25.29 36.88
CA GLN B 172 16.19 25.04 38.30
C GLN B 172 17.49 25.39 39.05
N LEU B 173 18.61 25.37 38.33
CA LEU B 173 19.87 25.85 38.88
C LEU B 173 19.82 27.36 39.13
N ARG B 174 19.30 28.08 38.13
CA ARG B 174 19.22 29.56 38.23
C ARG B 174 18.27 29.93 39.37
N GLN B 175 17.14 29.24 39.51
CA GLN B 175 16.19 29.64 40.55
C GLN B 175 16.63 29.16 41.94
N GLU B 176 17.40 28.08 42.02
CA GLU B 176 17.87 27.66 43.34
C GLU B 176 19.05 28.52 43.76
N ALA B 177 19.71 29.10 42.76
CA ALA B 177 20.78 30.05 43.02
C ALA B 177 20.20 31.36 43.53
N GLN B 178 19.10 31.80 42.91
CA GLN B 178 18.41 33.04 43.34
C GLN B 178 17.73 32.79 44.68
N GLU B 179 17.26 31.57 44.94
CA GLU B 179 16.69 31.25 46.27
C GLU B 179 17.80 31.41 47.31
N GLN B 180 19.02 30.97 46.99
CA GLN B 180 20.16 31.10 47.92
C GLN B 180 20.67 32.55 47.90
N SER B 181 20.21 33.37 46.95
CA SER B 181 20.62 34.77 46.94
C SER B 181 19.71 35.57 47.85
N ARG B 182 18.41 35.25 47.82
CA ARG B 182 17.47 35.91 48.76
C ARG B 182 17.78 35.35 50.15
N ARG B 183 18.32 34.13 50.24
CA ARG B 183 18.70 33.54 51.54
C ARG B 183 20.22 33.64 51.73
N ILE B 198 26.88 29.12 36.86
CA ILE B 198 26.63 27.91 37.65
C ILE B 198 27.25 26.71 36.91
N THR B 199 27.68 25.72 37.68
CA THR B 199 28.19 24.48 37.10
C THR B 199 27.13 23.39 37.12
N ILE B 200 27.17 22.52 36.11
CA ILE B 200 26.23 21.43 36.02
C ILE B 200 26.76 20.24 36.82
N SER B 201 25.92 19.71 37.70
CA SER B 201 26.35 18.68 38.62
C SER B 201 26.73 17.43 37.86
N ASN B 202 27.69 16.68 38.39
CA ASN B 202 28.21 15.51 37.71
C ASN B 202 27.19 14.39 37.76
N THR B 203 26.41 14.31 38.83
CA THR B 203 25.37 13.29 38.94
C THR B 203 24.30 13.49 37.87
N PHE B 204 23.96 14.74 37.58
CA PHE B 204 23.00 15.03 36.52
C PHE B 204 23.51 14.47 35.20
N LYS B 205 24.80 14.69 34.94
CA LYS B 205 25.43 14.18 33.74
C LYS B 205 25.36 12.67 33.72
N GLU B 206 25.61 12.04 34.86
CA GLU B 206 25.71 10.56 34.89
C GLU B 206 24.36 9.85 34.81
N GLN B 207 23.35 10.33 35.52
CA GLN B 207 22.11 9.58 35.62
C GLN B 207 20.99 10.11 34.70
N VAL B 208 21.21 11.28 34.12
CA VAL B 208 20.19 11.85 33.24
C VAL B 208 20.65 12.04 31.79
N ILE B 209 21.86 12.56 31.60
CA ILE B 209 22.28 13.00 30.27
C ILE B 209 22.81 11.86 29.40
N ARG B 210 23.75 11.12 30.00
CA ARG B 210 24.37 9.97 29.29
C ARG B 210 23.29 8.98 28.89
N PRO B 211 22.30 8.55 29.73
CA PRO B 211 21.28 7.66 29.19
C PRO B 211 20.70 8.20 27.88
N ILE B 212 20.36 9.48 27.85
CA ILE B 212 19.82 10.12 26.66
C ILE B 212 20.78 9.97 25.49
N LEU B 213 22.06 10.27 25.77
CA LEU B 213 23.12 10.18 24.79
C LEU B 213 23.25 8.75 24.27
N LYS B 214 23.17 7.80 25.19
CA LYS B 214 23.21 6.37 24.85
C LYS B 214 22.07 5.97 23.92
N ALA B 215 20.86 6.42 24.22
CA ALA B 215 19.72 6.12 23.36
C ALA B 215 19.92 6.73 21.98
N HIS B 216 20.41 7.97 21.95
CA HIS B 216 20.62 8.66 20.69
C HIS B 216 21.70 8.02 19.82
N PHE B 217 22.75 7.50 20.44
CA PHE B 217 23.90 7.03 19.67
C PHE B 217 24.05 5.50 19.69
N ARG B 218 23.52 4.87 20.73
CA ARG B 218 23.35 3.41 20.73
C ARG B 218 24.64 2.59 20.59
N ARG B 219 25.79 3.27 20.63
CA ARG B 219 27.08 2.61 20.47
C ARG B 219 28.07 3.14 21.50
N ASP B 220 28.44 2.29 22.46
CA ASP B 220 29.22 2.72 23.61
C ASP B 220 30.66 3.12 23.28
N GLU B 221 31.19 2.63 22.16
CA GLU B 221 32.56 2.96 21.81
C GLU B 221 32.65 4.40 21.32
N PHE B 222 31.54 4.90 20.80
CA PHE B 222 31.49 6.27 20.31
C PHE B 222 31.54 7.25 21.47
N LEU B 223 30.60 7.10 22.40
CA LEU B 223 30.55 7.95 23.58
C LEU B 223 31.82 7.78 24.40
N GLY B 224 32.31 6.56 24.48
CA GLY B 224 33.56 6.29 25.18
C GLY B 224 34.74 7.02 24.58
N ARG B 225 34.75 7.11 23.25
CA ARG B 225 35.84 7.79 22.55
C ARG B 225 35.91 9.28 22.86
N ILE B 226 34.76 9.89 23.10
CA ILE B 226 34.67 11.34 23.26
C ILE B 226 35.52 11.87 24.41
N ASN B 227 36.46 12.75 24.08
CA ASN B 227 37.31 13.39 25.07
C ASN B 227 36.54 14.21 26.09
N GLU B 228 35.73 15.15 25.62
CA GLU B 228 34.96 15.97 26.56
C GLU B 228 33.56 16.28 26.08
N ILE B 229 32.58 16.15 26.95
CA ILE B 229 31.23 16.57 26.64
C ILE B 229 31.02 17.99 27.16
N VAL B 230 31.06 18.95 26.25
CA VAL B 230 30.99 20.36 26.63
C VAL B 230 29.55 20.86 26.66
N TYR B 231 29.13 21.37 27.82
CA TYR B 231 27.77 21.86 27.99
C TYR B 231 27.67 23.37 27.77
N PHE B 232 26.67 23.76 26.98
CA PHE B 232 26.38 25.16 26.71
C PHE B 232 25.07 25.57 27.36
N LEU B 233 25.16 26.35 28.43
CA LEU B 233 23.99 26.78 29.17
C LEU B 233 23.32 28.00 28.56
N PRO B 234 21.99 28.11 28.72
CA PRO B 234 21.26 29.28 28.23
C PRO B 234 21.76 30.56 28.88
N PHE B 235 21.69 31.67 28.16
CA PHE B 235 22.18 32.94 28.67
C PHE B 235 21.38 33.37 29.88
N CYS B 236 22.06 33.98 30.86
CA CYS B 236 21.38 34.60 31.99
C CYS B 236 21.23 36.10 31.75
N HIS B 237 20.41 36.75 32.57
CA HIS B 237 20.05 38.16 32.38
C HIS B 237 21.26 39.06 32.14
N SER B 238 22.30 38.87 32.94
CA SER B 238 23.49 39.71 32.84
C SER B 238 24.08 39.60 31.44
N GLU B 239 24.07 38.39 30.89
CA GLU B 239 24.72 38.14 29.61
C GLU B 239 23.88 38.65 28.43
N LEU B 240 22.56 38.60 28.57
CA LEU B 240 21.65 39.15 27.57
C LEU B 240 21.88 40.66 27.49
N LEU B 241 21.97 41.23 28.68
CA LEU B 241 22.30 42.64 28.88
C LEU B 241 23.59 43.00 28.17
N GLN B 242 24.60 42.14 28.32
CA GLN B 242 25.87 42.35 27.65
C GLN B 242 25.69 42.30 26.14
N LEU B 243 24.76 41.45 25.68
CA LEU B 243 24.50 41.32 24.24
C LEU B 243 23.90 42.61 23.67
N VAL B 244 22.81 43.06 24.27
CA VAL B 244 22.17 44.30 23.86
C VAL B 244 23.14 45.47 23.91
N SER B 245 23.87 45.57 25.02
CA SER B 245 24.87 46.60 25.18
C SER B 245 25.91 46.56 24.06
N ARG B 246 26.30 45.34 23.66
CA ARG B 246 27.25 45.20 22.57
C ARG B 246 26.69 45.75 21.26
N GLU B 247 25.45 45.39 20.95
CA GLU B 247 24.84 45.88 19.71
C GLU B 247 24.70 47.39 19.72
N LEU B 248 24.17 47.93 20.81
CA LEU B 248 24.02 49.38 20.95
C LEU B 248 25.38 50.07 20.83
N HIS B 249 26.43 49.40 21.31
CA HIS B 249 27.78 49.90 21.14
C HIS B 249 28.18 49.93 19.67
N TYR B 250 27.83 48.88 18.94
CA TYR B 250 28.10 48.83 17.50
C TYR B 250 27.48 50.03 16.81
N TRP B 251 26.20 50.26 17.09
CA TRP B 251 25.48 51.36 16.46
C TRP B 251 25.97 52.74 16.90
N ALA B 252 26.38 52.86 18.17
CA ALA B 252 26.96 54.09 18.65
C ALA B 252 28.25 54.36 17.88
N LYS B 253 29.03 53.28 17.67
CA LYS B 253 30.30 53.41 16.93
C LYS B 253 30.00 53.88 15.50
N LYS B 254 29.07 53.23 14.79
CA LYS B 254 28.82 53.59 13.37
C LYS B 254 28.25 55.01 13.29
N ALA B 255 27.32 55.36 14.17
CA ALA B 255 26.68 56.68 14.18
C ALA B 255 27.71 57.76 14.42
N LYS B 256 28.54 57.60 15.45
CA LYS B 256 29.59 58.61 15.77
C LYS B 256 30.65 58.60 14.67
N GLN B 257 30.89 57.46 14.03
CA GLN B 257 31.97 57.38 13.02
C GLN B 257 31.60 58.14 11.74
N ARG B 258 30.37 58.00 11.25
CA ARG B 258 30.05 58.63 9.97
C ARG B 258 29.24 59.93 10.08
N HIS B 259 28.29 60.01 11.01
CA HIS B 259 27.46 61.20 11.11
C HIS B 259 27.77 62.01 12.37
N ASN B 260 28.84 61.63 13.04
CA ASN B 260 29.30 62.31 14.25
C ASN B 260 28.19 62.47 15.30
N ILE B 261 27.33 61.46 15.41
CA ILE B 261 26.29 61.45 16.43
C ILE B 261 26.74 60.61 17.61
N THR B 262 26.75 61.20 18.80
CA THR B 262 27.13 60.46 19.99
C THR B 262 25.90 59.83 20.63
N LEU B 263 25.91 58.51 20.68
CA LEU B 263 24.78 57.75 21.19
C LEU B 263 25.03 57.28 22.62
N LEU B 264 24.07 57.55 23.50
CA LEU B 264 24.16 57.14 24.89
C LEU B 264 22.85 56.51 25.26
N TRP B 265 22.85 55.72 26.33
CA TRP B 265 21.63 55.12 26.82
C TRP B 265 21.83 54.87 28.29
N GLU B 266 20.78 54.43 28.96
CA GLU B 266 20.94 53.96 30.33
C GLU B 266 20.23 52.61 30.44
N ARG B 267 20.72 51.83 31.43
CA ARG B 267 20.29 50.40 31.63
C ARG B 267 18.82 50.11 31.39
N PRO B 268 17.80 50.80 31.95
CA PRO B 268 16.42 50.38 31.66
C PRO B 268 16.14 50.23 30.17
N VAL B 269 16.86 50.95 29.32
CA VAL B 269 16.81 50.72 27.88
C VAL B 269 17.26 49.30 27.59
N LEU B 270 18.40 48.93 28.18
CA LEU B 270 18.96 47.60 27.96
C LEU B 270 17.98 46.50 28.33
N GLU B 271 17.37 46.59 29.51
CA GLU B 271 16.46 45.51 29.88
C GLU B 271 15.13 45.57 29.09
N LEU B 272 14.69 46.78 28.72
CA LEU B 272 13.54 46.90 27.83
C LEU B 272 13.79 46.12 26.54
N LEU B 273 15.02 46.19 26.04
CA LEU B 273 15.37 45.50 24.80
C LEU B 273 15.55 44.01 25.04
N VAL B 274 16.16 43.65 26.16
CA VAL B 274 16.35 42.25 26.53
C VAL B 274 15.01 41.52 26.72
N LYS B 275 13.94 42.28 26.99
CA LYS B 275 12.59 41.66 27.15
C LYS B 275 12.14 40.98 25.86
N GLY B 276 12.82 41.25 24.73
CA GLY B 276 12.40 40.70 23.45
C GLY B 276 13.33 39.64 22.88
N TYR B 277 13.91 38.83 23.76
CA TYR B 277 14.83 37.76 23.38
C TYR B 277 14.08 36.49 23.01
N ASN B 278 14.45 35.89 21.89
CA ASN B 278 13.83 34.64 21.48
C ASN B 278 14.78 33.47 21.66
N LEU B 279 14.32 32.46 22.41
CA LEU B 279 15.15 31.29 22.72
C LEU B 279 15.46 30.51 21.46
N HIS B 280 14.51 30.51 20.53
CA HIS B 280 14.53 29.63 19.39
C HIS B 280 15.74 29.81 18.48
N TYR B 281 16.19 31.05 18.27
CA TYR B 281 17.40 31.23 17.46
C TYR B 281 18.52 32.00 18.15
N GLY B 282 18.30 32.42 19.39
CA GLY B 282 19.41 32.85 20.24
C GLY B 282 19.86 34.30 20.12
N ALA B 283 21.17 34.49 20.01
CA ALA B 283 21.78 35.81 20.12
C ALA B 283 21.23 36.81 19.09
N ARG B 284 21.00 36.35 17.86
CA ARG B 284 20.60 37.30 16.83
C ARG B 284 19.21 37.83 17.11
N SER B 285 18.47 37.13 17.97
CA SER B 285 17.18 37.63 18.41
C SER B 285 17.35 39.05 18.93
N ILE B 286 18.26 39.24 19.89
CA ILE B 286 18.34 40.58 20.46
C ILE B 286 18.88 41.55 19.41
N LYS B 287 19.77 41.07 18.54
CA LYS B 287 20.28 41.96 17.50
C LYS B 287 19.11 42.50 16.72
N HIS B 288 18.26 41.57 16.30
CA HIS B 288 17.13 41.95 15.47
C HIS B 288 16.30 42.95 16.25
N GLU B 289 16.07 42.64 17.53
CA GLU B 289 15.18 43.47 18.34
C GLU B 289 15.74 44.88 18.39
N VAL B 290 17.05 44.98 18.58
CA VAL B 290 17.66 46.29 18.71
C VAL B 290 17.46 47.04 17.41
N GLU B 291 17.74 46.36 16.32
CA GLU B 291 17.74 46.99 15.02
C GLU B 291 16.32 47.37 14.64
N ARG B 292 15.35 46.76 15.32
CA ARG B 292 13.95 47.08 15.03
C ARG B 292 13.22 47.78 16.17
N ARG B 293 13.94 48.23 17.19
CA ARG B 293 13.31 49.13 18.16
C ARG B 293 14.09 50.40 18.43
N VAL B 294 15.37 50.39 18.08
CA VAL B 294 16.23 51.54 18.30
C VAL B 294 16.71 52.15 17.00
N VAL B 295 17.36 51.32 16.19
CA VAL B 295 18.06 51.79 15.00
C VAL B 295 17.06 52.32 13.97
N ASN B 296 15.85 51.78 13.99
CA ASN B 296 14.81 52.29 13.11
C ASN B 296 14.45 53.73 13.49
N GLN B 297 14.40 54.00 14.79
CA GLN B 297 14.07 55.32 15.29
C GLN B 297 15.18 56.30 14.94
N LEU B 298 16.42 55.85 15.04
CA LEU B 298 17.55 56.65 14.59
C LEU B 298 17.46 56.95 13.10
N ALA B 299 17.08 55.96 12.31
CA ALA B 299 16.95 56.16 10.87
C ALA B 299 15.89 57.22 10.58
N ALA B 300 14.75 57.09 11.26
CA ALA B 300 13.65 58.01 11.10
C ALA B 300 14.04 59.44 11.50
N ALA B 301 14.55 59.60 12.73
CA ALA B 301 14.89 60.94 13.23
C ALA B 301 15.95 61.59 12.33
N PHE B 302 16.94 60.81 11.89
CA PHE B 302 18.04 61.35 11.04
C PHE B 302 17.47 61.88 9.72
N GLU B 303 16.52 61.14 9.11
CA GLU B 303 16.00 61.56 7.78
C GLU B 303 15.10 62.79 7.92
N GLN B 304 14.49 63.00 9.10
CA GLN B 304 13.71 64.22 9.29
C GLN B 304 14.54 65.44 9.70
N GLU B 305 15.86 65.33 9.58
CA GLU B 305 16.78 66.41 9.95
C GLU B 305 16.69 66.77 11.43
N LEU B 306 16.37 65.80 12.26
CA LEU B 306 16.32 66.01 13.71
C LEU B 306 17.68 65.77 14.35
N LEU B 307 18.55 65.07 13.63
CA LEU B 307 19.87 64.72 14.13
C LEU B 307 20.96 65.40 13.33
N PRO B 308 21.32 66.63 13.70
CA PRO B 308 22.40 67.33 13.00
C PRO B 308 23.75 66.67 13.26
N LYS B 309 24.78 67.15 12.57
CA LYS B 309 26.16 66.60 12.77
C LYS B 309 26.72 67.13 14.09
N GLY B 310 27.31 66.26 14.91
CA GLY B 310 27.89 66.67 16.18
C GLY B 310 26.91 66.78 17.33
N CYS B 311 25.77 66.13 17.22
CA CYS B 311 24.76 66.19 18.28
C CYS B 311 24.96 65.07 19.29
N THR B 312 24.31 65.19 20.45
CA THR B 312 24.35 64.15 21.47
C THR B 312 22.95 63.63 21.80
N LEU B 313 22.74 62.35 21.55
CA LEU B 313 21.42 61.75 21.72
C LEU B 313 21.48 60.59 22.71
N ARG B 314 20.62 60.64 23.72
CA ARG B 314 20.58 59.62 24.77
C ARG B 314 19.22 58.96 24.82
N LEU B 315 19.21 57.63 24.68
CA LEU B 315 17.97 56.87 24.78
C LEU B 315 17.65 56.62 26.24
N THR B 316 16.38 56.78 26.57
CA THR B 316 15.87 56.47 27.90
C THR B 316 14.53 55.79 27.73
N VAL B 317 13.93 55.39 28.85
CA VAL B 317 12.66 54.70 28.80
C VAL B 317 11.63 55.47 29.61
N ASP B 318 10.47 55.69 29.00
CA ASP B 318 9.44 56.52 29.60
C ASP B 318 8.40 55.64 30.29
N ALA B 327 2.67 49.82 29.40
CA ALA B 327 3.51 49.47 28.27
C ALA B 327 4.65 50.46 28.09
N PRO B 328 5.86 50.09 28.53
CA PRO B 328 7.06 50.94 28.49
C PRO B 328 7.46 51.33 27.07
N VAL B 329 7.50 52.63 26.78
CA VAL B 329 7.91 53.07 25.46
C VAL B 329 9.29 53.71 25.54
N LEU B 330 10.10 53.46 24.51
CA LEU B 330 11.46 53.99 24.45
C LEU B 330 11.47 55.39 23.87
N ARG B 331 12.10 56.34 24.58
CA ARG B 331 12.08 57.75 24.12
C ARG B 331 13.50 58.27 23.89
N LEU B 332 13.82 58.68 22.66
CA LEU B 332 15.14 59.30 22.39
C LEU B 332 15.14 60.70 23.01
N GLU B 333 16.25 61.13 23.61
CA GLU B 333 16.34 62.50 24.18
C GLU B 333 17.51 63.24 23.52
N LEU B 334 17.22 64.36 22.84
CA LEU B 334 18.28 65.12 22.18
C LEU B 334 18.78 66.24 23.10
N LEU B 335 20.10 66.36 23.20
CA LEU B 335 20.71 67.39 24.03
C LEU B 335 20.84 68.73 23.33
N GLN B 336 20.18 69.72 23.90
CA GLN B 336 20.25 71.10 23.45
C GLN B 336 21.26 71.88 24.29
N GLU B 337 21.61 73.05 23.75
CA GLU B 337 22.61 73.97 24.29
C GLU B 337 22.02 74.74 25.46
N ASP B 338 20.82 74.31 25.84
CA ASP B 338 20.15 74.70 27.07
C ASP B 338 20.89 73.94 28.17
N LYS B 339 21.88 73.17 27.71
CA LYS B 339 22.68 72.24 28.50
C LYS B 339 21.75 71.16 29.02
N THR B 340 20.57 71.06 28.42
CA THR B 340 19.66 69.98 28.81
C THR B 340 19.20 69.16 27.65
N SER B 341 18.55 68.03 27.89
CA SER B 341 18.05 67.23 26.79
C SER B 341 16.54 67.08 26.94
N ARG B 342 15.82 67.02 25.83
CA ARG B 342 14.42 66.64 25.95
C ARG B 342 14.05 65.76 24.75
N LYS B 343 12.93 65.03 24.91
CA LYS B 343 12.50 64.00 23.94
C LYS B 343 12.16 64.49 22.54
N LEU B 344 12.63 63.77 21.54
CA LEU B 344 12.28 63.99 20.15
C LEU B 344 10.95 63.32 19.86
N GLU B 345 10.13 64.00 19.04
CA GLU B 345 8.86 63.41 18.54
C GLU B 345 9.10 63.12 17.07
N ILE B 346 8.81 61.91 16.59
CA ILE B 346 9.15 61.49 15.24
C ILE B 346 7.93 61.11 14.39
N GLN B 347 7.32 62.11 13.73
CA GLN B 347 6.14 61.85 12.87
C GLN B 347 6.54 60.95 11.70
N SER C 1 -5.62 18.38 58.47
CA SER C 1 -7.04 18.01 58.75
C SER C 1 -7.10 16.58 59.33
N PRO C 2 -8.14 16.14 60.09
CA PRO C 2 -8.17 14.75 60.56
C PRO C 2 -8.04 13.79 59.37
N LEU C 3 -8.69 14.12 58.25
CA LEU C 3 -8.64 13.26 57.04
C LEU C 3 -7.19 13.20 56.53
N GLU C 4 -6.50 14.35 56.55
CA GLU C 4 -5.10 14.40 56.06
C GLU C 4 -4.23 13.49 56.92
N ARG C 5 -4.41 13.55 58.25
CA ARG C 5 -3.52 12.76 59.16
C ARG C 5 -3.80 11.27 59.01
N ARG C 6 -5.04 10.89 58.68
CA ARG C 6 -5.39 9.49 58.62
C ARG C 6 -4.90 8.87 57.31
N LEU C 7 -4.76 9.72 56.30
CA LEU C 7 -4.14 9.33 55.06
C LEU C 7 -2.65 9.19 55.32
N LYS C 8 -2.11 10.14 56.07
CA LYS C 8 -0.72 10.10 56.52
C LYS C 8 -0.40 8.86 57.37
N GLU C 9 -1.42 8.31 58.02
CA GLU C 9 -1.22 7.16 58.89
C GLU C 9 -1.58 5.84 58.23
N HIS C 10 -2.05 5.87 56.98
CA HIS C 10 -2.17 4.60 56.26
C HIS C 10 -1.41 4.60 54.94
N ILE C 11 -0.74 5.70 54.63
CA ILE C 11 0.07 5.75 53.42
C ILE C 11 1.49 6.15 53.72
N ILE C 12 2.43 5.43 53.09
CA ILE C 12 3.86 5.71 53.31
C ILE C 12 4.35 6.73 52.27
N GLY C 13 4.99 7.81 52.73
CA GLY C 13 5.53 8.83 51.85
C GLY C 13 4.45 9.67 51.20
N GLN C 14 4.84 10.43 50.18
CA GLN C 14 3.92 11.23 49.39
C GLN C 14 3.09 12.18 50.25
N GLU C 15 3.75 13.07 50.98
CA GLU C 15 3.02 13.99 51.85
C GLU C 15 2.53 15.22 51.12
N GLY C 16 3.22 15.61 50.05
CA GLY C 16 2.75 16.67 49.18
C GLY C 16 1.36 16.34 48.66
N ALA C 17 1.24 15.16 48.07
CA ALA C 17 -0.01 14.66 47.52
C ALA C 17 -1.13 14.67 48.56
N ILE C 18 -0.83 14.14 49.74
CA ILE C 18 -1.82 14.04 50.81
C ILE C 18 -2.28 15.43 51.20
N ASN C 19 -1.32 16.35 51.26
CA ASN C 19 -1.63 17.73 51.63
C ASN C 19 -2.58 18.35 50.63
N THR C 20 -2.25 18.22 49.34
CA THR C 20 -3.09 18.79 48.29
C THR C 20 -4.50 18.22 48.28
N VAL C 21 -4.62 16.90 48.33
CA VAL C 21 -5.92 16.25 48.27
C VAL C 21 -6.81 16.61 49.45
N ALA C 22 -6.26 16.47 50.67
CA ALA C 22 -7.03 16.76 51.87
C ALA C 22 -7.44 18.22 51.90
N SER C 23 -6.49 19.09 51.57
CA SER C 23 -6.72 20.52 51.63
C SER C 23 -7.75 20.97 50.60
N ALA C 24 -7.77 20.31 49.45
CA ALA C 24 -8.78 20.61 48.43
C ALA C 24 -10.15 20.17 48.92
N ILE C 25 -10.21 18.97 49.50
CA ILE C 25 -11.46 18.46 50.04
C ILE C 25 -12.07 19.41 51.09
N ARG C 26 -11.25 19.96 51.97
CA ARG C 26 -11.85 20.80 52.99
C ARG C 26 -11.93 22.26 52.55
N ARG C 27 -11.27 22.58 51.44
CA ARG C 27 -11.52 23.85 50.78
C ARG C 27 -12.92 23.87 50.22
N LYS C 28 -13.30 22.77 49.56
CA LYS C 28 -14.67 22.65 49.09
C LYS C 28 -15.62 22.57 50.27
N GLU C 29 -15.26 21.88 51.34
CA GLU C 29 -16.29 21.67 52.34
C GLU C 29 -16.37 22.86 53.30
N ASN C 30 -15.47 23.83 53.15
CA ASN C 30 -15.73 25.12 53.78
C ASN C 30 -16.71 25.92 52.94
N GLY C 31 -16.57 25.80 51.61
CA GLY C 31 -17.49 26.44 50.69
C GLY C 31 -16.76 27.36 49.73
N TRP C 32 -15.48 27.08 49.50
CA TRP C 32 -14.66 27.90 48.62
C TRP C 32 -14.35 27.17 47.31
N TYR C 33 -15.16 26.16 47.02
CA TYR C 33 -15.24 25.56 45.69
C TYR C 33 -16.71 25.57 45.33
N ASP C 34 -17.03 25.55 44.05
CA ASP C 34 -18.42 25.58 43.61
C ASP C 34 -19.07 24.30 44.14
N GLU C 35 -20.19 24.44 44.85
CA GLU C 35 -20.67 23.36 45.70
C GLU C 35 -21.52 22.36 44.94
N GLU C 36 -22.04 22.78 43.79
CA GLU C 36 -22.82 21.90 42.93
C GLU C 36 -21.93 21.03 42.03
N HIS C 37 -20.62 21.11 42.22
CA HIS C 37 -19.68 20.40 41.34
C HIS C 37 -18.76 19.44 42.07
N PRO C 38 -18.45 18.31 41.43
CA PRO C 38 -17.47 17.34 41.94
C PRO C 38 -16.05 17.83 41.73
N LEU C 39 -15.12 17.37 42.56
CA LEU C 39 -13.73 17.80 42.45
C LEU C 39 -12.99 17.02 41.37
N VAL C 40 -12.02 17.66 40.74
CA VAL C 40 -11.17 16.99 39.77
C VAL C 40 -9.69 17.12 40.11
N PHE C 41 -9.09 15.98 40.40
CA PHE C 41 -7.67 15.89 40.69
C PHE C 41 -6.96 15.28 39.51
N LEU C 42 -5.74 15.71 39.26
CA LEU C 42 -4.92 15.08 38.23
C LEU C 42 -3.63 14.59 38.88
N PHE C 43 -3.57 13.29 39.12
CA PHE C 43 -2.41 12.66 39.74
C PHE C 43 -1.31 12.47 38.70
N LEU C 44 -0.34 13.39 38.76
CA LEU C 44 0.86 13.30 37.95
C LEU C 44 1.96 12.65 38.76
N GLY C 45 2.64 11.67 38.18
CA GLY C 45 3.72 11.02 38.89
C GLY C 45 4.21 9.74 38.24
N SER C 46 4.95 8.95 39.01
CA SER C 46 5.46 7.67 38.53
C SER C 46 4.57 6.53 39.02
N SER C 47 4.81 5.33 38.50
CA SER C 47 3.93 4.20 38.76
C SER C 47 4.15 3.57 40.12
N GLY C 48 3.05 3.11 40.73
CA GLY C 48 3.13 2.30 41.93
C GLY C 48 3.70 2.96 43.16
N ILE C 49 3.61 4.28 43.25
CA ILE C 49 4.17 4.98 44.41
C ILE C 49 3.11 5.64 45.28
N GLY C 50 1.86 5.17 45.15
CA GLY C 50 0.82 5.53 46.10
C GLY C 50 -0.46 6.15 45.61
N LYS C 51 -0.55 6.43 44.31
CA LYS C 51 -1.74 7.09 43.74
C LYS C 51 -3.02 6.30 44.00
N THR C 52 -3.08 5.09 43.47
CA THR C 52 -4.27 4.25 43.57
C THR C 52 -4.65 3.95 45.02
N GLU C 53 -3.64 3.85 45.87
CA GLU C 53 -3.90 3.54 47.27
C GLU C 53 -4.39 4.78 48.00
N LEU C 54 -3.88 5.95 47.60
CA LEU C 54 -4.38 7.18 48.17
C LEU C 54 -5.85 7.35 47.82
N ALA C 55 -6.18 7.15 46.54
CA ALA C 55 -7.56 7.22 46.10
C ALA C 55 -8.43 6.23 46.88
N LYS C 56 -7.93 5.02 47.03
CA LYS C 56 -8.67 3.95 47.71
C LYS C 56 -8.93 4.31 49.17
N GLN C 57 -7.97 4.96 49.82
CA GLN C 57 -8.09 5.29 51.23
C GLN C 57 -8.94 6.53 51.45
N VAL C 58 -8.94 7.47 50.52
CA VAL C 58 -9.88 8.59 50.58
C VAL C 58 -11.31 8.07 50.48
N ALA C 59 -11.47 7.13 49.55
CA ALA C 59 -12.75 6.46 49.35
C ALA C 59 -13.17 5.79 50.65
N ARG C 60 -12.19 5.15 51.29
CA ARG C 60 -12.42 4.46 52.55
C ARG C 60 -12.79 5.44 53.66
N TYR C 61 -12.24 6.65 53.60
CA TYR C 61 -12.51 7.65 54.62
C TYR C 61 -13.94 8.13 54.52
N MET C 62 -14.44 8.31 53.30
CA MET C 62 -15.73 8.98 53.16
C MET C 62 -16.92 8.04 53.03
N HIS C 63 -16.64 6.76 52.81
CA HIS C 63 -17.69 5.74 52.81
C HIS C 63 -17.47 4.72 53.92
N GLY C 69 -18.29 2.20 47.09
CA GLY C 69 -17.95 3.59 47.33
C GLY C 69 -16.71 4.01 46.56
N PHE C 70 -16.21 3.10 45.74
CA PHE C 70 -15.02 3.35 44.94
C PHE C 70 -15.24 2.77 43.55
N ILE C 71 -14.81 3.51 42.54
CA ILE C 71 -14.97 3.07 41.17
C ILE C 71 -13.64 3.26 40.44
N ARG C 72 -13.26 2.29 39.61
CA ARG C 72 -11.96 2.37 38.89
C ARG C 72 -12.13 1.96 37.43
N MET C 73 -11.69 2.80 36.49
CA MET C 73 -11.78 2.52 35.07
C MET C 73 -10.47 2.81 34.37
N ASP C 74 -10.24 2.10 33.27
CA ASP C 74 -9.00 2.24 32.53
C ASP C 74 -9.30 2.88 31.18
N MET C 75 -8.65 4.00 30.89
CA MET C 75 -8.92 4.77 29.69
C MET C 75 -8.22 4.17 28.48
N SER C 76 -7.10 3.49 28.72
CA SER C 76 -6.43 2.71 27.66
C SER C 76 -7.42 1.79 26.93
N GLU C 77 -8.47 1.40 27.64
CA GLU C 77 -9.53 0.59 27.05
C GLU C 77 -10.41 1.41 26.12
N PHE C 78 -10.53 2.71 26.42
CA PHE C 78 -11.45 3.61 25.74
C PHE C 78 -10.73 4.64 24.87
N GLN C 79 -10.06 4.20 23.80
CA GLN C 79 -9.27 5.13 22.98
C GLN C 79 -9.80 5.48 21.58
N GLU C 80 -10.95 4.95 21.18
CA GLU C 80 -11.60 5.35 19.93
C GLU C 80 -13.12 5.43 20.13
N LYS C 81 -13.80 6.03 19.12
CA LYS C 81 -15.25 6.43 19.20
C LYS C 81 -16.25 5.36 19.61
N HIS C 82 -16.18 4.17 19.04
CA HIS C 82 -17.08 3.09 19.47
C HIS C 82 -16.91 2.86 20.96
N GLU C 83 -15.65 2.86 21.40
CA GLU C 83 -15.31 2.77 22.80
C GLU C 83 -15.82 4.01 23.54
N VAL C 84 -15.96 5.12 22.81
CA VAL C 84 -16.53 6.34 23.38
C VAL C 84 -18.02 6.16 23.63
N ALA C 85 -18.69 5.48 22.70
CA ALA C 85 -20.10 5.14 22.94
C ALA C 85 -20.21 4.20 24.13
N LYS C 86 -19.20 3.33 24.31
CA LYS C 86 -19.22 2.37 25.46
C LYS C 86 -19.10 3.15 26.77
N PHE C 87 -18.28 4.20 26.80
CA PHE C 87 -18.04 4.98 28.02
C PHE C 87 -19.33 5.62 28.55
N GLN C 102 -22.28 2.10 31.64
CA GLN C 102 -20.93 1.69 31.94
C GLN C 102 -20.50 2.47 33.17
N LEU C 103 -19.72 3.55 32.96
CA LEU C 103 -19.42 4.46 34.05
C LEU C 103 -20.73 4.93 34.64
N THR C 104 -21.68 5.17 33.76
CA THR C 104 -22.97 5.69 34.15
C THR C 104 -23.75 4.68 35.01
N LYS C 105 -23.53 3.39 34.77
CA LYS C 105 -24.15 2.34 35.58
C LYS C 105 -23.57 2.23 36.99
N GLN C 106 -22.25 2.15 37.06
CA GLN C 106 -21.55 2.03 38.33
C GLN C 106 -21.73 3.29 39.16
N LEU C 107 -21.84 4.43 38.48
CA LEU C 107 -22.08 5.70 39.16
C LEU C 107 -23.56 5.82 39.52
N LYS C 108 -24.41 5.13 38.75
CA LYS C 108 -25.86 5.10 39.10
C LYS C 108 -25.98 4.36 40.43
N GLN C 109 -25.18 3.31 40.63
CA GLN C 109 -25.20 2.56 41.92
C GLN C 109 -24.84 3.50 43.07
N SER C 110 -23.74 4.24 42.94
CA SER C 110 -23.28 5.17 43.98
C SER C 110 -22.93 6.51 43.34
N PRO C 111 -23.71 7.56 43.64
CA PRO C 111 -23.50 8.87 43.02
C PRO C 111 -22.32 9.68 43.58
N SER C 112 -22.09 9.59 44.88
CA SER C 112 -21.08 10.41 45.55
C SER C 112 -19.82 9.63 45.93
N ALA C 113 -19.15 9.03 44.94
CA ALA C 113 -18.06 8.12 45.24
C ALA C 113 -16.76 8.57 44.57
N VAL C 114 -15.64 8.06 45.07
CA VAL C 114 -14.36 8.38 44.46
C VAL C 114 -14.23 7.52 43.22
N VAL C 115 -13.96 8.16 42.10
CA VAL C 115 -13.85 7.47 40.83
C VAL C 115 -12.50 7.77 40.20
N LEU C 116 -11.84 6.72 39.73
CA LEU C 116 -10.47 6.82 39.28
C LEU C 116 -10.38 6.46 37.80
N PHE C 117 -9.96 7.44 37.00
CA PHE C 117 -9.77 7.21 35.58
C PHE C 117 -8.28 7.02 35.40
N ASP C 118 -7.87 5.88 34.85
CA ASP C 118 -6.44 5.62 34.73
C ASP C 118 -5.97 5.83 33.31
N GLU C 119 -4.79 6.43 33.18
CA GLU C 119 -4.11 6.65 31.90
C GLU C 119 -4.97 7.51 30.99
N VAL C 120 -5.44 8.63 31.53
CA VAL C 120 -6.29 9.53 30.75
C VAL C 120 -5.48 10.16 29.62
N GLU C 121 -4.16 10.10 29.75
CA GLU C 121 -3.23 10.43 28.68
C GLU C 121 -3.71 9.81 27.38
N LYS C 122 -4.08 8.53 27.46
CA LYS C 122 -4.54 7.78 26.30
C LYS C 122 -6.05 7.66 26.38
N ALA C 123 -6.71 8.74 25.98
CA ALA C 123 -8.16 8.79 25.86
C ALA C 123 -8.44 9.44 24.51
N HIS C 124 -9.65 9.27 24.00
CA HIS C 124 -9.99 9.86 22.71
C HIS C 124 -10.63 11.23 22.99
N PRO C 125 -10.19 12.28 22.28
CA PRO C 125 -10.54 13.66 22.65
C PRO C 125 -12.01 13.95 23.01
N ASP C 126 -12.98 13.23 22.46
CA ASP C 126 -14.34 13.55 22.88
C ASP C 126 -14.96 12.55 23.87
N VAL C 127 -14.13 11.59 24.31
CA VAL C 127 -14.55 10.76 25.47
C VAL C 127 -14.07 11.69 26.59
N LEU C 128 -13.13 12.59 26.26
CA LEU C 128 -12.66 13.60 27.21
C LEU C 128 -13.55 14.84 27.16
N THR C 129 -14.31 15.00 26.08
CA THR C 129 -15.38 16.02 26.09
C THR C 129 -16.56 15.50 26.89
N VAL C 130 -16.85 14.21 26.78
CA VAL C 130 -17.92 13.61 27.57
C VAL C 130 -17.55 13.72 29.05
N MET C 131 -16.27 13.51 29.30
CA MET C 131 -15.72 13.57 30.65
C MET C 131 -15.81 14.99 31.19
N LEU C 132 -15.42 15.95 30.36
CA LEU C 132 -15.42 17.36 30.74
C LEU C 132 -16.84 17.81 31.06
N GLN C 133 -17.80 17.34 30.26
CA GLN C 133 -19.19 17.76 30.46
C GLN C 133 -19.77 17.12 31.71
N LEU C 134 -19.30 15.91 32.03
CA LEU C 134 -19.65 15.33 33.31
C LEU C 134 -19.09 16.17 34.44
N PHE C 135 -17.88 16.68 34.27
CA PHE C 135 -17.25 17.42 35.36
C PHE C 135 -17.92 18.77 35.62
N ASP C 136 -18.27 19.46 34.54
CA ASP C 136 -18.76 20.83 34.67
C ASP C 136 -20.27 20.87 34.93
N GLU C 137 -20.98 19.82 34.52
CA GLU C 137 -22.45 19.77 34.75
C GLU C 137 -22.75 18.99 36.03
N GLY C 138 -21.91 18.02 36.38
CA GLY C 138 -22.12 17.20 37.58
C GLY C 138 -23.44 16.46 37.56
N ARG C 139 -23.85 15.97 36.37
CA ARG C 139 -25.14 15.25 36.23
C ARG C 139 -25.05 14.25 35.07
N LEU C 140 -25.72 13.08 35.20
CA LEU C 140 -25.74 12.11 34.11
C LEU C 140 -27.15 11.73 33.72
N THR C 147 -32.44 11.22 35.98
CA THR C 147 -31.07 11.76 35.81
C THR C 147 -30.20 11.33 37.00
N ILE C 148 -28.88 11.18 36.81
CA ILE C 148 -27.98 10.73 37.91
C ILE C 148 -27.22 11.94 38.48
N GLU C 149 -27.58 12.37 39.68
CA GLU C 149 -26.89 13.53 40.34
C GLU C 149 -25.60 13.06 41.01
N CYS C 150 -24.44 13.53 40.53
CA CYS C 150 -23.15 13.09 41.06
C CYS C 150 -22.34 14.22 41.69
N LYS C 151 -23.05 15.04 42.47
CA LYS C 151 -22.36 16.10 43.22
C LYS C 151 -21.67 15.42 44.41
N ASP C 152 -20.75 16.10 45.05
CA ASP C 152 -20.02 15.55 46.20
C ASP C 152 -19.32 14.23 45.87
N ALA C 153 -19.09 13.98 44.58
CA ALA C 153 -18.25 12.85 44.20
C ALA C 153 -16.84 13.38 44.03
N ILE C 154 -15.86 12.50 44.10
CA ILE C 154 -14.48 12.92 43.84
C ILE C 154 -14.00 12.24 42.57
N PHE C 155 -13.44 13.02 41.64
CA PHE C 155 -12.96 12.44 40.40
C PHE C 155 -11.45 12.61 40.31
N ILE C 156 -10.76 11.47 40.31
CA ILE C 156 -9.31 11.46 40.23
C ILE C 156 -8.88 10.88 38.90
N MET C 157 -8.13 11.66 38.14
CA MET C 157 -7.58 11.22 36.87
C MET C 157 -6.08 11.01 37.01
N THR C 158 -5.60 9.82 36.66
CA THR C 158 -4.20 9.46 36.86
C THR C 158 -3.47 9.41 35.53
N SER C 159 -2.33 10.08 35.42
CA SER C 159 -1.63 10.07 34.13
C SER C 159 -0.14 9.80 34.25
N ASN C 160 0.46 9.34 33.15
CA ASN C 160 1.90 9.27 33.06
C ASN C 160 2.42 10.40 32.17
N ALA C 161 2.12 11.63 32.60
CA ALA C 161 2.52 12.83 31.86
C ALA C 161 3.67 13.51 32.57
N ALA C 162 4.70 13.89 31.81
CA ALA C 162 5.85 14.63 32.34
C ALA C 162 6.54 13.89 33.48
N SER C 163 6.40 12.56 33.50
CA SER C 163 6.92 11.76 34.60
C SER C 163 8.43 11.77 34.65
N ASP C 164 9.07 12.04 33.51
CA ASP C 164 10.52 12.04 33.49
C ASP C 164 11.06 13.41 33.86
N GLU C 165 10.28 14.45 33.56
CA GLU C 165 10.59 15.78 34.05
C GLU C 165 10.35 15.89 35.55
N ILE C 166 9.26 15.30 36.03
CA ILE C 166 9.00 15.26 37.46
C ILE C 166 10.12 14.49 38.16
N ALA C 167 10.48 13.35 37.60
CA ALA C 167 11.54 12.52 38.20
C ALA C 167 12.88 13.25 38.25
N GLN C 168 13.26 13.87 37.15
CA GLN C 168 14.56 14.55 37.08
C GLN C 168 14.61 15.79 37.98
N HIS C 169 13.47 16.50 38.05
CA HIS C 169 13.37 17.68 38.95
C HIS C 169 13.46 17.19 40.40
N ALA C 170 12.82 16.06 40.72
CA ALA C 170 12.87 15.50 42.06
C ALA C 170 14.28 15.11 42.43
N LEU C 171 15.03 14.59 41.47
CA LEU C 171 16.38 14.14 41.77
C LEU C 171 17.30 15.34 42.01
N GLN C 172 17.08 16.44 41.30
CA GLN C 172 18.00 17.56 41.55
C GLN C 172 17.55 18.29 42.82
N LEU C 173 16.28 18.12 43.18
CA LEU C 173 15.78 18.61 44.46
C LEU C 173 16.39 17.87 45.64
N ARG C 174 16.39 16.53 45.53
CA ARG C 174 16.98 15.68 46.58
C ARG C 174 18.45 16.07 46.73
N GLN C 175 19.14 16.23 45.60
CA GLN C 175 20.59 16.55 45.62
C GLN C 175 20.85 17.93 46.23
N GLU C 176 20.02 18.93 45.92
CA GLU C 176 20.35 20.26 46.43
C GLU C 176 19.95 20.34 47.90
N ALA C 177 19.02 19.48 48.31
CA ALA C 177 18.63 19.40 49.70
C ALA C 177 19.75 18.76 50.51
N GLN C 178 20.23 17.63 50.00
CA GLN C 178 21.34 16.90 50.68
C GLN C 178 22.61 17.76 50.57
N GLU C 179 22.73 18.59 49.53
CA GLU C 179 23.88 19.53 49.48
C GLU C 179 23.72 20.48 50.66
N GLN C 180 22.51 21.00 50.87
CA GLN C 180 22.24 21.93 52.00
C GLN C 180 22.51 21.21 53.32
N SER C 181 22.11 19.94 53.42
CA SER C 181 22.33 19.15 54.66
C SER C 181 23.84 19.01 54.93
N ARG C 182 24.62 18.80 53.87
CA ARG C 182 26.11 18.69 54.03
C ARG C 182 26.66 20.03 54.52
N ARG C 183 26.16 21.14 53.95
CA ARG C 183 26.61 22.49 54.36
C ARG C 183 26.29 22.68 55.85
N ARG C 184 25.22 22.19 56.37
CA ARG C 184 25.10 22.45 57.79
C ARG C 184 26.08 21.52 58.47
N ILE C 198 10.57 17.88 50.47
CA ILE C 198 10.63 18.39 49.10
C ILE C 198 9.29 18.87 48.55
N THR C 199 9.17 20.17 48.36
CA THR C 199 8.00 20.73 47.69
C THR C 199 8.38 21.08 46.25
N ILE C 200 7.44 20.93 45.33
CA ILE C 200 7.68 21.25 43.93
C ILE C 200 7.38 22.72 43.62
N SER C 201 8.33 23.39 42.98
CA SER C 201 8.22 24.81 42.73
C SER C 201 7.07 25.14 41.79
N ASN C 202 6.49 26.32 41.98
CA ASN C 202 5.34 26.75 41.19
C ASN C 202 5.86 27.12 39.80
N THR C 203 7.06 27.69 39.77
CA THR C 203 7.72 28.07 38.53
C THR C 203 8.00 26.86 37.64
N PHE C 204 8.38 25.75 38.25
CA PHE C 204 8.58 24.51 37.51
C PHE C 204 7.29 24.07 36.85
N LYS C 205 6.20 24.13 37.61
CA LYS C 205 4.91 23.71 37.10
C LYS C 205 4.53 24.54 35.89
N GLU C 206 4.54 25.86 36.06
CA GLU C 206 4.06 26.77 34.99
C GLU C 206 5.00 26.84 33.78
N GLN C 207 6.32 26.82 33.96
CA GLN C 207 7.17 27.04 32.81
C GLN C 207 7.63 25.71 32.20
N VAL C 208 7.42 24.61 32.91
CA VAL C 208 7.83 23.34 32.31
C VAL C 208 6.69 22.34 32.07
N ILE C 209 5.86 22.06 33.07
CA ILE C 209 4.93 20.95 32.88
C ILE C 209 3.57 21.41 32.34
N ARG C 210 3.24 22.67 32.61
CA ARG C 210 2.00 23.23 31.99
C ARG C 210 2.19 23.02 30.48
N PRO C 211 3.33 23.36 29.83
CA PRO C 211 3.48 23.02 28.40
C PRO C 211 3.25 21.54 28.09
N ILE C 212 3.84 20.64 28.89
CA ILE C 212 3.72 19.20 28.67
C ILE C 212 2.25 18.79 28.67
N LEU C 213 1.53 19.23 29.70
CA LEU C 213 0.11 18.94 29.84
C LEU C 213 -0.70 19.51 28.68
N LYS C 214 -0.41 20.77 28.33
CA LYS C 214 -1.15 21.45 27.24
C LYS C 214 -0.95 20.67 25.94
N ALA C 215 0.27 20.18 25.69
CA ALA C 215 0.55 19.42 24.49
C ALA C 215 -0.20 18.10 24.51
N HIS C 216 -0.19 17.45 25.68
CA HIS C 216 -0.85 16.15 25.83
C HIS C 216 -2.37 16.21 25.67
N PHE C 217 -2.99 17.29 26.12
CA PHE C 217 -4.45 17.35 26.17
C PHE C 217 -5.05 18.30 25.14
N ARG C 218 -4.22 19.19 24.58
CA ARG C 218 -4.67 20.10 23.49
C ARG C 218 -6.05 20.71 23.73
N ARG C 219 -6.44 20.90 24.99
CA ARG C 219 -7.70 21.57 25.28
C ARG C 219 -7.62 22.35 26.58
N ASP C 220 -7.63 23.67 26.48
CA ASP C 220 -7.39 24.54 27.62
C ASP C 220 -8.53 24.52 28.62
N GLU C 221 -9.73 24.21 28.14
CA GLU C 221 -10.93 24.14 29.01
C GLU C 221 -10.78 22.95 29.95
N PHE C 222 -10.09 21.90 29.49
CA PHE C 222 -9.92 20.69 30.27
C PHE C 222 -8.95 20.94 31.41
N LEU C 223 -7.76 21.43 31.08
CA LEU C 223 -6.75 21.73 32.09
C LEU C 223 -7.25 22.80 33.04
N GLY C 224 -7.96 23.78 32.49
CA GLY C 224 -8.56 24.84 33.29
C GLY C 224 -9.57 24.30 34.27
N ARG C 225 -10.33 23.30 33.84
CA ARG C 225 -11.36 22.70 34.69
C ARG C 225 -10.78 22.01 35.92
N ILE C 226 -9.58 21.45 35.78
CA ILE C 226 -8.98 20.65 36.84
C ILE C 226 -8.82 21.42 38.14
N ASN C 227 -9.48 20.93 39.18
CA ASN C 227 -9.40 21.55 40.50
C ASN C 227 -7.98 21.56 41.05
N GLU C 228 -7.34 20.40 41.11
CA GLU C 228 -5.97 20.35 41.63
C GLU C 228 -5.09 19.36 40.88
N ILE C 229 -3.87 19.78 40.55
CA ILE C 229 -2.89 18.86 39.98
C ILE C 229 -2.01 18.31 41.08
N VAL C 230 -2.27 17.07 41.47
CA VAL C 230 -1.57 16.45 42.59
C VAL C 230 -0.30 15.73 42.15
N TYR C 231 0.82 16.12 42.74
CA TYR C 231 2.11 15.53 42.36
C TYR C 231 2.51 14.39 43.28
N PHE C 232 2.91 13.28 42.67
CA PHE C 232 3.41 12.14 43.41
C PHE C 232 4.90 11.94 43.16
N LEU C 233 5.71 12.27 44.15
CA LEU C 233 7.16 12.17 44.03
C LEU C 233 7.69 10.76 44.31
N PRO C 234 8.83 10.41 43.69
CA PRO C 234 9.45 9.11 43.95
C PRO C 234 9.85 8.98 45.42
N PHE C 235 9.84 7.76 45.93
CA PHE C 235 10.16 7.51 47.32
C PHE C 235 11.59 7.92 47.59
N CYS C 236 11.84 8.50 48.76
CA CYS C 236 13.21 8.77 49.19
C CYS C 236 13.67 7.64 50.10
N HIS C 237 14.96 7.60 50.38
CA HIS C 237 15.57 6.51 51.13
C HIS C 237 14.82 6.16 52.42
N SER C 238 14.41 7.19 53.15
CA SER C 238 13.71 6.98 54.40
C SER C 238 12.46 6.15 54.18
N GLU C 239 11.76 6.44 53.09
CA GLU C 239 10.48 5.81 52.82
C GLU C 239 10.66 4.38 52.29
N LEU C 240 11.74 4.13 51.56
CA LEU C 240 12.04 2.77 51.13
C LEU C 240 12.31 1.92 52.37
N LEU C 241 13.09 2.50 53.29
CA LEU C 241 13.36 1.87 54.58
C LEU C 241 12.05 1.52 55.28
N GLN C 242 11.11 2.45 55.29
CA GLN C 242 9.81 2.21 55.91
C GLN C 242 9.07 1.07 55.22
N LEU C 243 9.22 0.95 53.90
CA LEU C 243 8.54 -0.10 53.14
C LEU C 243 9.05 -1.47 53.54
N VAL C 244 10.38 -1.64 53.47
CA VAL C 244 11.00 -2.90 53.87
C VAL C 244 10.61 -3.25 55.30
N SER C 245 10.73 -2.27 56.20
CA SER C 245 10.35 -2.49 57.59
C SER C 245 8.90 -2.95 57.72
N ARG C 246 8.01 -2.38 56.90
CA ARG C 246 6.60 -2.78 56.92
C ARG C 246 6.43 -4.26 56.57
N GLU C 247 7.06 -4.66 55.48
CA GLU C 247 6.94 -6.06 55.05
C GLU C 247 7.54 -7.01 56.09
N LEU C 248 8.75 -6.72 56.55
CA LEU C 248 9.38 -7.54 57.57
C LEU C 248 8.52 -7.62 58.81
N HIS C 249 7.80 -6.54 59.12
CA HIS C 249 6.84 -6.58 60.22
C HIS C 249 5.70 -7.56 59.92
N TYR C 250 5.21 -7.56 58.69
CA TYR C 250 4.16 -8.49 58.30
C TYR C 250 4.62 -9.91 58.56
N TRP C 251 5.82 -10.23 58.09
CA TRP C 251 6.37 -11.57 58.23
C TRP C 251 6.69 -11.96 59.68
N ALA C 252 7.14 -10.99 60.47
CA ALA C 252 7.37 -11.23 61.90
C ALA C 252 6.05 -11.57 62.56
N LYS C 253 5.01 -10.82 62.19
CA LYS C 253 3.68 -11.05 62.71
C LYS C 253 3.19 -12.45 62.38
N LYS C 254 3.32 -12.88 61.12
CA LYS C 254 2.80 -14.21 60.71
C LYS C 254 3.65 -15.33 61.32
N ALA C 255 4.97 -15.15 61.38
CA ALA C 255 5.88 -16.14 61.94
C ALA C 255 5.56 -16.38 63.41
N LYS C 256 5.45 -15.29 64.18
CA LYS C 256 5.12 -15.40 65.62
C LYS C 256 3.68 -15.91 65.76
N GLN C 257 2.81 -15.60 64.80
CA GLN C 257 1.37 -15.98 64.94
C GLN C 257 1.20 -17.49 64.85
N ARG C 258 1.83 -18.14 63.87
CA ARG C 258 1.59 -19.58 63.69
C ARG C 258 2.70 -20.46 64.24
N HIS C 259 3.96 -20.06 64.11
CA HIS C 259 5.06 -20.91 64.54
C HIS C 259 5.75 -20.39 65.79
N ASN C 260 5.16 -19.37 66.42
CA ASN C 260 5.69 -18.77 67.64
C ASN C 260 7.16 -18.39 67.51
N ILE C 261 7.53 -17.90 66.33
CA ILE C 261 8.88 -17.45 66.07
C ILE C 261 9.00 -15.93 66.21
N THR C 262 9.93 -15.49 67.05
CA THR C 262 10.15 -14.07 67.21
C THR C 262 11.18 -13.61 66.19
N LEU C 263 10.74 -12.76 65.27
CA LEU C 263 11.62 -12.31 64.21
C LEU C 263 12.11 -10.90 64.50
N LEU C 264 13.42 -10.72 64.46
CA LEU C 264 14.04 -9.43 64.70
C LEU C 264 15.08 -9.16 63.63
N TRP C 265 15.46 -7.91 63.46
CA TRP C 265 16.46 -7.56 62.47
C TRP C 265 17.21 -6.32 62.90
N GLU C 266 18.21 -5.93 62.12
CA GLU C 266 18.91 -4.69 62.35
C GLU C 266 18.90 -3.88 61.07
N ARG C 267 19.19 -2.60 61.16
CA ARG C 267 18.99 -1.67 60.05
C ARG C 267 19.80 -1.98 58.77
N PRO C 268 21.04 -2.49 58.92
CA PRO C 268 21.74 -2.89 57.68
C PRO C 268 20.99 -3.95 56.87
N VAL C 269 20.17 -4.77 57.53
CA VAL C 269 19.27 -5.66 56.81
C VAL C 269 18.31 -4.83 55.95
N LEU C 270 17.72 -3.82 56.56
CA LEU C 270 16.77 -2.96 55.88
C LEU C 270 17.39 -2.31 54.65
N GLU C 271 18.57 -1.74 54.80
CA GLU C 271 19.18 -1.07 53.65
C GLU C 271 19.67 -2.05 52.59
N LEU C 272 20.14 -3.21 53.05
CA LEU C 272 20.52 -4.28 52.14
C LEU C 272 19.32 -4.64 51.26
N LEU C 273 18.14 -4.65 51.86
CA LEU C 273 16.92 -4.98 51.13
C LEU C 273 16.44 -3.82 50.23
N VAL C 274 16.52 -2.57 50.69
CA VAL C 274 16.15 -1.46 49.82
C VAL C 274 17.08 -1.35 48.62
N LYS C 275 18.25 -2.00 48.68
CA LYS C 275 19.24 -1.93 47.57
C LYS C 275 18.65 -2.57 46.31
N GLY C 276 17.57 -3.34 46.44
CA GLY C 276 16.98 -4.02 45.30
C GLY C 276 15.62 -3.49 44.88
N TYR C 277 15.44 -2.19 45.00
CA TYR C 277 14.17 -1.54 44.66
C TYR C 277 14.10 -1.26 43.18
N ASN C 278 12.97 -1.59 42.56
CA ASN C 278 12.80 -1.31 41.14
C ASN C 278 11.88 -0.12 40.91
N LEU C 279 12.37 0.85 40.15
CA LEU C 279 11.63 2.06 39.86
C LEU C 279 10.38 1.73 39.05
N HIS C 280 10.54 0.76 38.18
CA HIS C 280 9.57 0.47 37.14
C HIS C 280 8.18 0.10 37.67
N TYR C 281 8.09 -0.68 38.75
CA TYR C 281 6.77 -0.98 39.29
C TYR C 281 6.57 -0.62 40.77
N GLY C 282 7.59 -0.09 41.43
CA GLY C 282 7.37 0.59 42.70
C GLY C 282 7.38 -0.24 43.97
N ALA C 283 6.37 -0.01 44.81
CA ALA C 283 6.34 -0.54 46.18
C ALA C 283 6.41 -2.07 46.24
N ARG C 284 5.74 -2.74 45.32
CA ARG C 284 5.70 -4.21 45.39
C ARG C 284 7.05 -4.79 45.03
N SER C 285 7.89 -3.98 44.38
CA SER C 285 9.27 -4.38 44.15
C SER C 285 9.85 -4.80 45.48
N ILE C 286 9.70 -3.92 46.46
CA ILE C 286 10.30 -4.19 47.75
C ILE C 286 9.66 -5.41 48.37
N LYS C 287 8.35 -5.54 48.21
CA LYS C 287 7.66 -6.70 48.75
C LYS C 287 8.30 -7.94 48.16
N HIS C 288 8.44 -7.94 46.85
CA HIS C 288 8.94 -9.11 46.19
C HIS C 288 10.30 -9.45 46.78
N GLU C 289 11.15 -8.45 46.92
CA GLU C 289 12.51 -8.77 47.36
C GLU C 289 12.52 -9.34 48.77
N VAL C 290 11.70 -8.80 49.68
CA VAL C 290 11.74 -9.32 51.04
C VAL C 290 11.27 -10.76 50.96
N GLU C 291 10.25 -11.00 50.14
CA GLU C 291 9.69 -12.33 50.03
C GLU C 291 10.65 -13.28 49.32
N ARG C 292 11.62 -12.73 48.58
CA ARG C 292 12.59 -13.56 47.85
C ARG C 292 14.06 -13.49 48.25
N ARG C 293 14.40 -12.78 49.32
CA ARG C 293 15.75 -12.88 49.89
C ARG C 293 15.76 -13.15 51.39
N VAL C 294 14.62 -12.95 52.03
CA VAL C 294 14.49 -13.17 53.46
C VAL C 294 13.56 -14.32 53.76
N VAL C 295 12.33 -14.20 53.28
CA VAL C 295 11.26 -15.12 53.66
C VAL C 295 11.52 -16.51 53.12
N ASN C 296 12.25 -16.60 52.01
CA ASN C 296 12.62 -17.89 51.46
C ASN C 296 13.53 -18.65 52.42
N GLN C 297 14.48 -17.94 53.04
CA GLN C 297 15.39 -18.57 53.99
C GLN C 297 14.67 -18.96 55.27
N LEU C 298 13.70 -18.17 55.70
CA LEU C 298 12.87 -18.58 56.82
C LEU C 298 12.15 -19.88 56.46
N ALA C 299 11.65 -19.97 55.24
CA ALA C 299 10.95 -21.17 54.78
C ALA C 299 11.89 -22.39 54.78
N ALA C 300 13.08 -22.19 54.24
CA ALA C 300 14.09 -23.25 54.14
C ALA C 300 14.50 -23.73 55.53
N ALA C 301 14.89 -22.79 56.38
CA ALA C 301 15.30 -23.10 57.75
C ALA C 301 14.17 -23.75 58.55
N PHE C 302 12.94 -23.37 58.23
CA PHE C 302 11.77 -23.95 58.89
C PHE C 302 11.58 -25.40 58.47
N GLU C 303 11.78 -25.77 57.27
CA GLU C 303 11.53 -27.15 56.79
C GLU C 303 12.63 -28.08 57.31
N GLN C 304 13.86 -27.50 57.60
CA GLN C 304 14.94 -28.31 58.11
C GLN C 304 14.91 -28.48 59.63
N GLU C 305 13.80 -28.08 60.26
CA GLU C 305 13.62 -28.16 61.72
C GLU C 305 14.64 -27.32 62.49
N LEU C 306 15.09 -26.22 61.90
CA LEU C 306 16.01 -25.33 62.58
C LEU C 306 15.26 -24.32 63.43
N LEU C 307 13.97 -24.17 63.15
CA LEU C 307 13.15 -23.20 63.86
C LEU C 307 12.05 -23.85 64.68
N PRO C 308 12.38 -24.32 65.90
CA PRO C 308 11.32 -24.85 66.76
C PRO C 308 10.42 -23.73 67.26
N LYS C 309 9.37 -24.09 68.00
CA LYS C 309 8.46 -23.09 68.53
C LYS C 309 9.12 -22.33 69.68
N GLY C 310 8.81 -21.04 69.81
CA GLY C 310 9.39 -20.21 70.85
C GLY C 310 10.79 -19.71 70.59
N CYS C 311 11.17 -19.61 69.31
CA CYS C 311 12.51 -19.13 68.97
C CYS C 311 12.62 -17.63 68.78
N THR C 312 13.88 -17.19 68.80
CA THR C 312 14.20 -15.81 68.49
C THR C 312 15.19 -15.84 67.34
N LEU C 313 14.74 -15.28 66.23
CA LEU C 313 15.51 -15.28 65.01
C LEU C 313 15.78 -13.86 64.64
N ARG C 314 17.07 -13.52 64.54
CA ARG C 314 17.44 -12.10 64.27
C ARG C 314 18.27 -11.99 62.99
N LEU C 315 17.74 -11.28 61.99
CA LEU C 315 18.48 -11.04 60.78
C LEU C 315 19.56 -9.98 60.96
N THR C 316 20.73 -10.26 60.42
CA THR C 316 21.82 -9.30 60.37
C THR C 316 22.50 -9.39 59.02
N VAL C 317 23.51 -8.56 58.79
CA VAL C 317 24.24 -8.57 57.54
C VAL C 317 25.71 -8.79 57.85
N ASP C 318 26.32 -9.71 57.12
CA ASP C 318 27.69 -10.11 57.44
C ASP C 318 28.70 -9.38 56.56
N PRO C 328 27.86 -8.83 50.12
CA PRO C 328 27.12 -8.73 51.38
C PRO C 328 26.07 -9.84 51.51
N VAL C 329 26.20 -10.68 52.53
CA VAL C 329 25.25 -11.76 52.72
C VAL C 329 24.38 -11.54 53.96
N LEU C 330 23.10 -11.91 53.83
CA LEU C 330 22.15 -11.81 54.92
C LEU C 330 22.28 -13.04 55.80
N ARG C 331 22.45 -12.82 57.11
CA ARG C 331 22.67 -13.94 58.06
C ARG C 331 21.48 -14.04 59.04
N LEU C 332 21.04 -15.26 59.34
CA LEU C 332 19.94 -15.51 60.26
C LEU C 332 20.46 -16.08 61.58
N GLU C 333 20.47 -15.24 62.60
CA GLU C 333 21.06 -15.60 63.88
C GLU C 333 20.00 -16.20 64.77
N LEU C 334 20.26 -17.42 65.25
CA LEU C 334 19.31 -18.08 66.10
C LEU C 334 19.79 -17.93 67.51
N LEU C 335 18.89 -17.54 68.43
CA LEU C 335 19.33 -17.27 69.83
C LEU C 335 19.59 -18.57 70.60
N GLN C 336 20.86 -18.86 70.93
CA GLN C 336 21.21 -20.03 71.77
C GLN C 336 20.88 -19.71 73.23
N GLU C 337 20.65 -20.75 74.03
CA GLU C 337 20.36 -20.58 75.49
C GLU C 337 21.70 -20.38 76.20
N ASP C 338 22.77 -20.15 75.43
CA ASP C 338 24.09 -19.85 76.02
C ASP C 338 24.27 -18.34 75.93
N LYS C 339 23.17 -17.59 75.79
CA LYS C 339 23.22 -16.11 75.66
C LYS C 339 24.08 -15.73 74.46
N THR C 340 23.98 -16.49 73.36
CA THR C 340 24.76 -16.19 72.13
C THR C 340 23.84 -16.33 70.91
N SER C 341 24.05 -15.54 69.87
CA SER C 341 23.21 -15.62 68.65
C SER C 341 24.01 -16.22 67.49
N ARG C 342 24.09 -17.55 67.42
CA ARG C 342 24.87 -18.23 66.35
C ARG C 342 24.18 -18.08 65.00
N LYS C 343 24.96 -17.97 63.92
CA LYS C 343 24.39 -17.90 62.54
C LYS C 343 23.87 -19.29 62.18
N LEU C 344 22.79 -19.36 61.39
CA LEU C 344 22.23 -20.67 60.97
C LEU C 344 22.82 -21.09 59.62
N GLU C 345 23.12 -22.38 59.44
CA GLU C 345 23.61 -22.88 58.13
C GLU C 345 22.49 -23.62 57.42
N ILE C 346 22.15 -23.21 56.19
CA ILE C 346 21.03 -23.84 55.43
C ILE C 346 21.63 -24.61 54.25
N GLN C 347 21.27 -25.90 54.16
CA GLN C 347 21.80 -26.79 53.08
C GLN C 347 20.66 -27.19 52.12
N PRO C 348 20.75 -26.96 50.77
CA PRO C 348 19.71 -27.41 49.86
C PRO C 348 19.83 -28.91 49.55
N SER D 1 12.70 60.64 -1.76
CA SER D 1 13.95 60.34 -2.49
C SER D 1 13.70 60.42 -4.01
N PRO D 2 14.70 60.60 -4.91
CA PRO D 2 14.44 60.58 -6.36
C PRO D 2 14.03 59.18 -6.82
N LEU D 3 14.56 58.14 -6.19
CA LEU D 3 14.12 56.78 -6.50
C LEU D 3 12.62 56.63 -6.33
N GLU D 4 12.13 57.19 -5.23
CA GLU D 4 10.70 57.15 -4.92
C GLU D 4 9.97 57.84 -6.06
N ARG D 5 10.49 58.99 -6.47
CA ARG D 5 9.83 59.77 -7.55
C ARG D 5 9.73 58.91 -8.81
N ARG D 6 10.81 58.23 -9.22
CA ARG D 6 10.75 57.50 -10.48
C ARG D 6 9.90 56.22 -10.38
N LEU D 7 9.78 55.66 -9.19
CA LEU D 7 8.84 54.57 -9.00
C LEU D 7 7.41 55.07 -9.09
N LYS D 8 7.15 56.22 -8.48
CA LYS D 8 5.85 56.87 -8.58
C LYS D 8 5.53 57.22 -10.03
N GLU D 9 6.56 57.38 -10.85
CA GLU D 9 6.36 57.78 -12.24
C GLU D 9 6.42 56.62 -13.24
N HIS D 10 6.70 55.40 -12.78
CA HIS D 10 6.61 54.24 -13.66
C HIS D 10 5.73 53.12 -13.13
N ILE D 11 5.12 53.33 -11.97
CA ILE D 11 4.22 52.32 -11.42
C ILE D 11 2.85 52.90 -11.14
N ILE D 12 1.81 52.16 -11.50
CA ILE D 12 0.45 52.60 -11.23
C ILE D 12 0.07 52.09 -9.85
N GLY D 13 -0.43 52.99 -9.00
CA GLY D 13 -0.85 52.59 -7.67
C GLY D 13 0.31 52.17 -6.79
N GLN D 14 -0.02 51.48 -5.70
CA GLN D 14 0.97 50.90 -4.78
C GLN D 14 1.98 51.92 -4.27
N GLU D 15 1.49 52.95 -3.59
CA GLU D 15 2.34 54.00 -3.04
C GLU D 15 2.93 53.62 -1.69
N GLY D 16 2.19 52.81 -0.93
CA GLY D 16 2.69 52.24 0.30
C GLY D 16 3.94 51.41 0.08
N ALA D 17 3.82 50.45 -0.84
CA ALA D 17 4.92 49.56 -1.21
C ALA D 17 6.16 50.34 -1.62
N ILE D 18 5.94 51.33 -2.48
CA ILE D 18 7.03 52.16 -3.00
C ILE D 18 7.70 52.90 -1.86
N ASN D 19 6.88 53.44 -0.96
CA ASN D 19 7.43 54.17 0.21
C ASN D 19 8.32 53.22 1.02
N THR D 20 7.79 52.04 1.39
CA THR D 20 8.54 51.11 2.21
C THR D 20 9.88 50.74 1.57
N VAL D 21 9.83 50.35 0.29
CA VAL D 21 11.05 49.92 -0.40
C VAL D 21 12.09 51.03 -0.54
N ALA D 22 11.65 52.19 -1.03
CA ALA D 22 12.55 53.32 -1.24
C ALA D 22 13.16 53.77 0.08
N SER D 23 12.32 53.87 1.11
CA SER D 23 12.77 54.35 2.41
C SER D 23 13.74 53.36 3.04
N ALA D 24 13.54 52.06 2.79
CA ALA D 24 14.48 51.07 3.28
C ALA D 24 15.83 51.20 2.60
N ILE D 25 15.81 51.35 1.28
CA ILE D 25 17.04 51.53 0.52
C ILE D 25 17.84 52.75 1.00
N ARG D 26 17.13 53.85 1.20
CA ARG D 26 17.77 55.12 1.67
C ARG D 26 18.24 54.91 3.12
N ARG D 27 17.50 54.10 3.89
CA ARG D 27 17.89 53.82 5.25
C ARG D 27 19.25 53.14 5.28
N LYS D 28 19.45 52.18 4.37
CA LYS D 28 20.78 51.60 4.26
C LYS D 28 21.79 52.63 3.77
N GLU D 29 21.37 53.53 2.87
CA GLU D 29 22.39 54.41 2.30
C GLU D 29 22.67 55.62 3.18
N ASN D 30 21.90 55.80 4.26
CA ASN D 30 22.31 56.74 5.30
C ASN D 30 23.31 56.07 6.22
N GLY D 31 23.07 54.79 6.51
CA GLY D 31 23.96 53.99 7.32
C GLY D 31 23.28 53.41 8.53
N TRP D 32 21.96 53.25 8.45
CA TRP D 32 21.20 52.71 9.57
C TRP D 32 20.72 51.30 9.30
N TYR D 33 21.38 50.65 8.33
CA TYR D 33 21.30 49.20 8.17
C TYR D 33 22.74 48.71 8.15
N ASP D 34 22.95 47.46 8.54
CA ASP D 34 24.30 46.92 8.57
C ASP D 34 24.83 46.89 7.14
N GLU D 35 25.98 47.49 6.91
CA GLU D 35 26.41 47.83 5.55
C GLU D 35 27.18 46.71 4.85
N GLU D 36 27.42 45.61 5.54
CA GLU D 36 28.09 44.47 4.92
C GLU D 36 27.09 43.37 4.58
N HIS D 37 25.80 43.73 4.58
CA HIS D 37 24.73 42.80 4.24
C HIS D 37 23.75 43.35 3.21
N PRO D 38 23.25 42.48 2.33
CA PRO D 38 22.21 42.84 1.36
C PRO D 38 20.83 42.95 2.03
N LEU D 39 19.94 43.76 1.45
CA LEU D 39 18.61 44.01 2.06
C LEU D 39 17.62 42.92 1.69
N VAL D 40 16.72 42.55 2.62
CA VAL D 40 15.69 41.55 2.35
C VAL D 40 14.29 42.11 2.48
N PHE D 41 13.59 42.12 1.36
CA PHE D 41 12.21 42.54 1.29
C PHE D 41 11.35 41.30 1.12
N LEU D 42 10.17 41.30 1.72
CA LEU D 42 9.23 40.22 1.50
C LEU D 42 7.91 40.80 1.00
N PHE D 43 7.69 40.66 -0.31
CA PHE D 43 6.51 41.18 -0.97
C PHE D 43 5.31 40.29 -0.72
N LEU D 44 4.48 40.71 0.22
CA LEU D 44 3.20 40.08 0.53
C LEU D 44 2.10 40.78 -0.24
N GLY D 45 1.23 40.01 -0.89
CA GLY D 45 0.14 40.63 -1.62
C GLY D 45 -0.60 39.69 -2.54
N SER D 46 -1.37 40.28 -3.46
CA SER D 46 -2.08 39.50 -4.45
C SER D 46 -1.31 39.50 -5.76
N SER D 47 -1.74 38.66 -6.70
CA SER D 47 -1.00 38.44 -7.93
C SER D 47 -1.20 39.55 -8.95
N GLY D 48 -0.16 39.83 -9.73
CA GLY D 48 -0.26 40.71 -10.88
C GLY D 48 -0.58 42.17 -10.64
N ILE D 49 -0.28 42.69 -9.46
CA ILE D 49 -0.58 44.08 -9.17
C ILE D 49 0.66 44.96 -8.95
N GLY D 50 1.82 44.51 -9.44
CA GLY D 50 2.98 45.38 -9.50
C GLY D 50 4.27 44.93 -8.86
N LYS D 51 4.26 43.78 -8.18
CA LYS D 51 5.44 43.30 -7.46
C LYS D 51 6.70 43.16 -8.34
N THR D 52 6.62 42.27 -9.32
CA THR D 52 7.78 41.96 -10.16
C THR D 52 8.28 43.19 -10.91
N GLU D 53 7.38 44.07 -11.30
CA GLU D 53 7.82 45.24 -12.03
C GLU D 53 8.33 46.31 -11.05
N LEU D 54 7.83 46.34 -9.82
CA LEU D 54 8.44 47.25 -8.84
C LEU D 54 9.90 46.85 -8.69
N ALA D 55 10.14 45.55 -8.54
CA ALA D 55 11.51 45.03 -8.47
C ALA D 55 12.28 45.44 -9.72
N LYS D 56 11.61 45.32 -10.86
CA LYS D 56 12.23 45.66 -12.14
C LYS D 56 12.61 47.12 -12.20
N GLN D 57 11.80 47.98 -11.59
CA GLN D 57 12.01 49.43 -11.62
C GLN D 57 13.07 49.92 -10.65
N VAL D 58 13.16 49.31 -9.47
CA VAL D 58 14.28 49.66 -8.60
C VAL D 58 15.57 49.19 -9.27
N ALA D 59 15.51 48.00 -9.87
CA ALA D 59 16.66 47.46 -10.60
C ALA D 59 17.06 48.42 -11.71
N ARG D 60 16.07 48.93 -12.43
CA ARG D 60 16.30 49.85 -13.53
C ARG D 60 16.84 51.19 -13.06
N TYR D 61 16.39 51.65 -11.89
CA TYR D 61 16.84 52.93 -11.38
C TYR D 61 18.30 52.85 -10.97
N MET D 62 18.70 51.73 -10.38
CA MET D 62 20.06 51.72 -9.87
C MET D 62 21.07 51.17 -10.88
N HIS D 63 20.59 50.49 -11.92
CA HIS D 63 21.46 49.95 -13.00
C HIS D 63 20.62 49.18 -14.02
N GLY D 69 21.52 42.86 -14.77
CA GLY D 69 21.42 43.63 -13.54
C GLY D 69 20.16 43.28 -12.76
N PHE D 70 19.43 42.30 -13.27
CA PHE D 70 18.19 41.86 -12.65
C PHE D 70 18.17 40.35 -12.74
N ILE D 71 17.74 39.70 -11.66
CA ILE D 71 17.67 38.24 -11.63
C ILE D 71 16.32 37.82 -11.10
N ARG D 72 15.76 36.75 -11.67
CA ARG D 72 14.47 36.26 -11.23
C ARG D 72 14.51 34.74 -11.18
N MET D 73 13.96 34.16 -10.12
CA MET D 73 13.93 32.72 -9.96
C MET D 73 12.59 32.27 -9.43
N ASP D 74 12.23 31.02 -9.73
CA ASP D 74 10.98 30.48 -9.25
C ASP D 74 11.28 29.37 -8.25
N MET D 75 10.76 29.52 -7.03
CA MET D 75 11.05 28.57 -5.97
C MET D 75 10.18 27.34 -6.10
N SER D 76 9.07 27.48 -6.81
CA SER D 76 8.23 26.34 -7.20
C SER D 76 9.06 25.26 -7.89
N GLU D 77 10.15 25.67 -8.53
CA GLU D 77 11.08 24.73 -9.15
C GLU D 77 11.85 23.99 -8.06
N PHE D 78 12.04 24.68 -6.93
CA PHE D 78 12.89 24.19 -5.85
C PHE D 78 12.08 23.75 -4.63
N GLN D 79 11.25 22.74 -4.78
CA GLN D 79 10.46 22.23 -3.68
C GLN D 79 11.00 20.87 -3.29
N GLU D 80 12.07 20.49 -3.97
CA GLU D 80 12.67 19.16 -3.70
C GLU D 80 14.11 19.37 -3.24
N LYS D 81 14.58 18.55 -2.30
CA LYS D 81 15.90 18.71 -1.69
C LYS D 81 17.01 18.60 -2.73
N HIS D 82 16.85 17.67 -3.67
CA HIS D 82 17.81 17.53 -4.74
C HIS D 82 17.84 18.78 -5.57
N GLU D 83 16.67 19.38 -5.79
CA GLU D 83 16.59 20.62 -6.62
C GLU D 83 17.10 21.80 -5.80
N VAL D 84 17.03 21.70 -4.46
CA VAL D 84 17.53 22.78 -3.57
C VAL D 84 19.06 22.82 -3.67
N ALA D 85 19.68 21.65 -3.75
CA ALA D 85 21.16 21.58 -3.87
C ALA D 85 21.59 22.21 -5.20
N LYS D 86 20.80 22.01 -6.26
CA LYS D 86 21.12 22.60 -7.59
C LYS D 86 21.10 24.12 -7.47
N PHE D 87 20.21 24.66 -6.63
CA PHE D 87 20.08 26.14 -6.46
C PHE D 87 21.41 26.73 -5.98
N ILE D 88 22.12 26.05 -5.07
CA ILE D 88 23.45 26.56 -4.63
C ILE D 88 24.54 25.97 -5.53
N GLN D 102 23.64 27.49 -10.13
CA GLN D 102 22.46 28.27 -10.49
C GLN D 102 22.58 29.74 -10.09
N LEU D 103 21.99 30.10 -8.95
CA LEU D 103 22.06 31.46 -8.45
C LEU D 103 23.48 31.98 -8.34
N THR D 104 24.43 31.13 -7.95
CA THR D 104 25.79 31.62 -7.77
C THR D 104 26.44 32.07 -9.08
N LYS D 105 26.03 31.49 -10.20
CA LYS D 105 26.59 31.87 -11.53
C LYS D 105 25.96 33.19 -11.99
N GLN D 106 24.65 33.34 -11.84
CA GLN D 106 23.93 34.56 -12.21
C GLN D 106 24.32 35.72 -11.33
N LEU D 107 24.62 35.42 -10.06
CA LEU D 107 25.05 36.43 -9.11
C LEU D 107 26.52 36.74 -9.32
N LYS D 108 27.29 35.77 -9.83
CA LYS D 108 28.71 36.06 -10.17
C LYS D 108 28.67 37.07 -11.32
N GLN D 109 27.68 36.97 -12.20
CA GLN D 109 27.55 37.94 -13.32
C GLN D 109 27.33 39.35 -12.76
N SER D 110 26.42 39.50 -11.79
CA SER D 110 26.11 40.81 -11.20
C SER D 110 26.13 40.74 -9.67
N PRO D 111 27.10 41.42 -9.04
CA PRO D 111 27.21 41.35 -7.58
C PRO D 111 26.20 42.24 -6.84
N SER D 112 25.96 43.43 -7.36
CA SER D 112 25.08 44.39 -6.68
C SER D 112 23.74 44.54 -7.38
N ALA D 113 23.03 43.44 -7.59
CA ALA D 113 21.83 43.47 -8.43
C ALA D 113 20.59 43.04 -7.68
N VAL D 114 19.43 43.40 -8.20
CA VAL D 114 18.19 42.97 -7.58
C VAL D 114 17.91 41.54 -7.99
N VAL D 115 17.68 40.69 -7.00
CA VAL D 115 17.40 39.30 -7.28
C VAL D 115 16.04 39.03 -6.67
N LEU D 116 15.17 38.41 -7.46
CA LEU D 116 13.78 38.28 -7.11
C LEU D 116 13.46 36.81 -7.04
N PHE D 117 13.06 36.35 -5.85
CA PHE D 117 12.69 34.97 -5.66
C PHE D 117 11.18 34.89 -5.62
N ASP D 118 10.58 34.07 -6.47
CA ASP D 118 9.13 34.00 -6.56
C ASP D 118 8.59 32.77 -5.85
N GLU D 119 7.46 32.96 -5.19
CA GLU D 119 6.72 31.87 -4.55
C GLU D 119 7.51 31.20 -3.42
N VAL D 120 8.01 32.00 -2.49
CA VAL D 120 8.81 31.46 -1.39
C VAL D 120 7.97 30.56 -0.48
N GLU D 121 6.64 30.68 -0.54
CA GLU D 121 5.73 29.73 0.12
C GLU D 121 6.19 28.30 -0.17
N LYS D 122 6.47 28.03 -1.45
CA LYS D 122 6.85 26.69 -1.89
C LYS D 122 8.35 26.58 -2.08
N ALA D 123 9.06 26.36 -0.98
CA ALA D 123 10.48 26.09 -1.02
C ALA D 123 10.81 24.88 -0.16
N HIS D 124 12.11 24.71 0.08
CA HIS D 124 12.57 23.64 0.99
C HIS D 124 13.34 24.30 2.16
N PRO D 125 13.06 23.96 3.44
CA PRO D 125 13.72 24.58 4.62
C PRO D 125 15.25 24.68 4.54
N ASP D 126 15.90 23.91 3.67
CA ASP D 126 17.35 24.03 3.55
C ASP D 126 17.70 24.85 2.31
N VAL D 127 16.69 25.20 1.53
CA VAL D 127 16.95 26.22 0.46
C VAL D 127 16.72 27.50 1.24
N LEU D 128 15.95 27.43 2.33
CA LEU D 128 15.69 28.58 3.16
C LEU D 128 16.85 28.80 4.10
N THR D 129 17.57 27.72 4.40
CA THR D 129 18.81 27.84 5.14
C THR D 129 19.97 28.31 4.26
N VAL D 130 20.05 27.80 3.02
CA VAL D 130 21.10 28.28 2.12
C VAL D 130 20.87 29.76 1.81
N MET D 131 19.59 30.11 1.66
CA MET D 131 19.23 31.50 1.41
C MET D 131 19.58 32.34 2.61
N LEU D 132 19.26 31.82 3.79
CA LEU D 132 19.49 32.53 5.04
C LEU D 132 20.99 32.80 5.23
N GLN D 133 21.82 31.82 4.87
CA GLN D 133 23.26 31.99 5.03
C GLN D 133 23.82 32.94 3.99
N LEU D 134 23.16 32.99 2.84
CA LEU D 134 23.48 34.01 1.86
C LEU D 134 23.16 35.40 2.40
N PHE D 135 22.06 35.50 3.14
CA PHE D 135 21.61 36.78 3.67
C PHE D 135 22.54 37.28 4.76
N ASP D 136 22.97 36.36 5.61
CA ASP D 136 23.76 36.70 6.79
C ASP D 136 25.25 36.85 6.51
N GLU D 137 25.79 36.04 5.60
CA GLU D 137 27.23 36.13 5.25
C GLU D 137 27.41 37.12 4.10
N GLY D 138 26.34 37.37 3.34
CA GLY D 138 26.40 38.25 2.18
C GLY D 138 27.63 38.00 1.35
N ARG D 139 28.04 36.73 1.31
CA ARG D 139 29.22 36.34 0.49
C ARG D 139 28.88 35.03 -0.24
N ILE D 148 31.91 34.72 -4.71
CA ILE D 148 31.57 36.10 -5.07
C ILE D 148 31.17 36.94 -3.86
N GLU D 149 31.35 38.27 -3.99
CA GLU D 149 30.96 39.21 -2.91
C GLU D 149 29.68 39.94 -3.33
N CYS D 150 28.60 39.80 -2.54
CA CYS D 150 27.31 40.41 -2.84
C CYS D 150 26.78 41.28 -1.70
N LYS D 151 27.60 42.22 -1.20
CA LYS D 151 27.18 43.00 -0.01
C LYS D 151 26.47 44.31 -0.41
N ASP D 152 25.92 44.37 -1.62
CA ASP D 152 25.19 45.58 -2.08
C ASP D 152 24.02 45.10 -2.93
N ALA D 153 23.76 43.79 -2.93
CA ALA D 153 22.70 43.28 -3.78
C ALA D 153 21.40 43.50 -3.02
N ILE D 154 20.29 43.55 -3.74
CA ILE D 154 18.99 43.66 -3.07
C ILE D 154 18.21 42.39 -3.30
N PHE D 155 17.71 41.83 -2.21
CA PHE D 155 16.96 40.58 -2.32
C PHE D 155 15.49 40.86 -2.07
N ILE D 156 14.68 40.52 -3.07
CA ILE D 156 13.23 40.62 -2.94
C ILE D 156 12.64 39.24 -3.03
N MET D 157 11.97 38.81 -1.97
CA MET D 157 11.29 37.53 -1.99
C MET D 157 9.81 37.83 -2.09
N THR D 158 9.17 37.27 -3.11
CA THR D 158 7.79 37.54 -3.41
C THR D 158 7.03 36.31 -2.97
N SER D 159 6.02 36.49 -2.12
CA SER D 159 5.34 35.34 -1.58
C SER D 159 3.83 35.44 -1.55
N ASN D 160 3.21 34.27 -1.43
CA ASN D 160 1.80 34.21 -1.10
C ASN D 160 1.63 33.84 0.35
N ALA D 161 1.04 34.75 1.11
CA ALA D 161 0.83 34.55 2.53
C ALA D 161 -0.23 35.50 3.02
N ALA D 162 -1.24 34.96 3.70
CA ALA D 162 -2.29 35.77 4.30
C ALA D 162 -2.95 36.69 3.26
N SER D 163 -2.89 36.30 2.00
CA SER D 163 -3.32 37.18 0.91
C SER D 163 -4.81 37.45 0.97
N ASP D 164 -5.56 36.56 1.59
CA ASP D 164 -7.00 36.77 1.67
C ASP D 164 -7.34 37.55 2.93
N GLU D 165 -6.49 37.44 3.96
CA GLU D 165 -6.60 38.32 5.11
C GLU D 165 -6.19 39.74 4.73
N ILE D 166 -5.12 39.85 3.93
CA ILE D 166 -4.69 41.14 3.41
C ILE D 166 -5.79 41.75 2.57
N ALA D 167 -6.38 40.93 1.69
CA ALA D 167 -7.45 41.40 0.81
C ALA D 167 -8.68 41.89 1.61
N GLN D 168 -9.07 41.12 2.62
CA GLN D 168 -10.27 41.46 3.39
C GLN D 168 -10.06 42.72 4.23
N HIS D 169 -8.83 42.84 4.72
CA HIS D 169 -8.43 44.00 5.49
C HIS D 169 -8.49 45.21 4.59
N ALA D 170 -7.93 45.08 3.39
CA ALA D 170 -7.89 46.22 2.44
C ALA D 170 -9.31 46.66 2.06
N LEU D 171 -10.19 45.71 1.73
CA LEU D 171 -11.56 46.07 1.28
C LEU D 171 -12.29 46.78 2.43
N GLN D 172 -12.15 46.26 3.65
CA GLN D 172 -12.81 46.89 4.83
C GLN D 172 -12.22 48.29 5.04
N LEU D 173 -10.90 48.44 4.86
CA LEU D 173 -10.24 49.75 5.05
C LEU D 173 -10.81 50.77 4.05
N ARG D 174 -10.98 50.35 2.79
CA ARG D 174 -11.56 51.24 1.76
C ARG D 174 -13.00 51.57 2.14
N GLN D 175 -13.74 50.58 2.64
CA GLN D 175 -15.16 50.81 3.04
C GLN D 175 -15.23 51.83 4.18
N GLU D 176 -14.23 51.85 5.07
CA GLU D 176 -14.34 52.78 6.23
C GLU D 176 -13.93 54.17 5.74
N ALA D 177 -13.04 54.24 4.74
CA ALA D 177 -12.64 55.54 4.14
C ALA D 177 -13.86 56.17 3.44
N GLN D 178 -14.67 55.34 2.78
CA GLN D 178 -15.89 55.85 2.13
C GLN D 178 -16.83 56.43 3.20
N GLU D 179 -16.93 55.74 4.35
CA GLU D 179 -17.78 56.24 5.47
C GLU D 179 -17.22 57.58 5.95
N GLN D 180 -15.89 57.70 6.01
CA GLN D 180 -15.23 58.96 6.44
C GLN D 180 -15.60 60.08 5.47
N SER D 181 -15.55 59.81 4.16
CA SER D 181 -15.96 60.86 3.17
C SER D 181 -17.43 61.21 3.42
N ARG D 182 -18.35 60.24 3.34
CA ARG D 182 -19.75 60.46 3.70
C ARG D 182 -19.82 60.95 5.15
N ILE D 198 -4.48 54.30 1.87
CA ILE D 198 -4.64 54.08 3.29
C ILE D 198 -3.45 53.29 3.82
N THR D 199 -3.24 53.35 5.13
CA THR D 199 -2.20 52.58 5.78
C THR D 199 -2.71 51.30 6.42
N ILE D 200 -1.85 50.29 6.42
CA ILE D 200 -2.18 49.02 7.06
C ILE D 200 -1.76 49.13 8.53
N SER D 201 -2.71 48.87 9.43
CA SER D 201 -2.45 49.10 10.84
C SER D 201 -1.37 48.15 11.36
N ASN D 202 -0.61 48.63 12.35
CA ASN D 202 0.53 47.89 12.86
C ASN D 202 0.07 46.71 13.71
N THR D 203 -1.01 46.93 14.45
CA THR D 203 -1.61 45.89 15.28
C THR D 203 -2.13 44.76 14.38
N PHE D 204 -2.65 45.13 13.20
CA PHE D 204 -3.06 44.14 12.21
C PHE D 204 -1.89 43.27 11.79
N LYS D 205 -0.75 43.89 11.49
CA LYS D 205 0.42 43.14 11.07
C LYS D 205 0.84 42.18 12.17
N GLU D 206 0.91 42.68 13.40
CA GLU D 206 1.46 41.85 14.52
C GLU D 206 0.50 40.76 14.99
N GLN D 207 -0.81 41.01 15.04
CA GLN D 207 -1.70 40.01 15.61
C GLN D 207 -2.44 39.21 14.53
N VAL D 208 -2.33 39.63 13.28
CA VAL D 208 -2.95 38.84 12.21
C VAL D 208 -1.90 38.31 11.24
N ILE D 209 -0.98 39.15 10.80
CA ILE D 209 -0.11 38.74 9.71
C ILE D 209 1.12 37.98 10.19
N ARG D 210 1.59 38.30 11.39
CA ARG D 210 2.71 37.57 11.99
C ARG D 210 2.41 36.10 12.27
N PRO D 211 1.21 35.77 12.80
CA PRO D 211 0.90 34.34 12.94
C PRO D 211 0.96 33.56 11.62
N ILE D 212 0.35 34.09 10.56
CA ILE D 212 0.38 33.41 9.26
C ILE D 212 1.80 33.17 8.76
N LEU D 213 2.65 34.20 8.79
CA LEU D 213 4.04 34.03 8.37
C LEU D 213 4.78 33.02 9.24
N LYS D 214 4.59 33.11 10.56
CA LYS D 214 5.27 32.18 11.51
C LYS D 214 4.82 30.75 11.24
N ALA D 215 3.57 30.55 10.84
CA ALA D 215 3.08 29.23 10.50
C ALA D 215 3.64 28.76 9.15
N HIS D 216 3.64 29.64 8.16
CA HIS D 216 4.10 29.30 6.83
C HIS D 216 5.60 28.97 6.78
N PHE D 217 6.39 29.65 7.59
CA PHE D 217 7.84 29.53 7.48
C PHE D 217 8.45 28.80 8.68
N ARG D 218 7.72 28.76 9.81
CA ARG D 218 8.11 27.93 10.99
C ARG D 218 9.52 28.16 11.56
N ARG D 219 10.28 29.16 11.10
CA ARG D 219 11.56 29.42 11.72
C ARG D 219 11.68 30.93 11.88
N ASP D 220 11.68 31.34 13.15
CA ASP D 220 11.57 32.75 13.51
C ASP D 220 12.81 33.55 13.10
N GLU D 221 13.91 32.86 12.87
CA GLU D 221 15.13 33.54 12.42
C GLU D 221 14.98 34.02 11.00
N PHE D 222 14.11 33.35 10.24
CA PHE D 222 13.89 33.75 8.85
C PHE D 222 13.13 35.06 8.82
N LEU D 223 12.00 35.09 9.51
CA LEU D 223 11.17 36.28 9.60
C LEU D 223 11.94 37.43 10.25
N GLY D 224 12.72 37.09 11.28
CA GLY D 224 13.57 38.06 11.95
C GLY D 224 14.61 38.66 11.03
N ARG D 225 15.13 37.84 10.12
CA ARG D 225 16.16 38.28 9.19
C ARG D 225 15.63 39.36 8.24
N ILE D 226 14.35 39.25 7.88
CA ILE D 226 13.73 40.10 6.88
C ILE D 226 13.78 41.59 7.25
N ASN D 227 14.44 42.39 6.42
CA ASN D 227 14.49 43.83 6.62
C ASN D 227 13.11 44.48 6.59
N GLU D 228 12.36 44.24 5.51
CA GLU D 228 11.03 44.85 5.42
C GLU D 228 10.00 43.93 4.79
N ILE D 229 8.81 43.88 5.39
CA ILE D 229 7.69 43.17 4.78
C ILE D 229 6.86 44.16 3.98
N VAL D 230 7.01 44.12 2.66
CA VAL D 230 6.35 45.09 1.80
C VAL D 230 4.97 44.61 1.37
N TYR D 231 3.94 45.40 1.68
CA TYR D 231 2.57 45.03 1.37
C TYR D 231 2.09 45.61 0.04
N PHE D 232 1.49 44.76 -0.78
CA PHE D 232 0.91 45.16 -2.05
C PHE D 232 -0.61 45.04 -1.99
N LEU D 233 -1.29 46.19 -1.92
CA LEU D 233 -2.73 46.24 -1.81
C LEU D 233 -3.46 46.13 -3.15
N PRO D 234 -4.70 45.61 -3.14
CA PRO D 234 -5.52 45.54 -4.35
C PRO D 234 -5.78 46.92 -4.92
N PHE D 235 -5.95 47.02 -6.24
CA PHE D 235 -6.18 48.28 -6.91
C PHE D 235 -7.49 48.92 -6.45
N CYS D 236 -7.53 50.25 -6.33
CA CYS D 236 -8.76 50.98 -6.05
C CYS D 236 -9.35 51.51 -7.36
N HIS D 237 -10.65 51.82 -7.39
CA HIS D 237 -11.32 52.18 -8.67
C HIS D 237 -10.47 53.13 -9.52
N SER D 238 -9.89 54.15 -8.90
CA SER D 238 -9.13 55.18 -9.57
C SER D 238 -7.93 54.62 -10.30
N GLU D 239 -7.27 53.63 -9.70
CA GLU D 239 -6.06 53.11 -10.28
C GLU D 239 -6.41 52.24 -11.47
N LEU D 240 -7.57 51.60 -11.39
CA LEU D 240 -8.09 50.81 -12.49
C LEU D 240 -8.34 51.76 -13.67
N LEU D 241 -8.96 52.90 -13.34
CA LEU D 241 -9.18 53.97 -14.32
C LEU D 241 -7.87 54.39 -14.97
N GLN D 242 -6.82 54.56 -14.16
CA GLN D 242 -5.51 54.92 -14.69
C GLN D 242 -4.94 53.86 -15.62
N LEU D 243 -5.22 52.60 -15.30
CA LEU D 243 -4.74 51.48 -16.12
C LEU D 243 -5.39 51.51 -17.50
N VAL D 244 -6.72 51.56 -17.51
CA VAL D 244 -7.47 51.65 -18.75
C VAL D 244 -7.03 52.85 -19.59
N SER D 245 -6.95 54.00 -18.96
CA SER D 245 -6.50 55.21 -19.63
C SER D 245 -5.12 55.04 -20.24
N ARG D 246 -4.24 54.33 -19.54
CA ARG D 246 -2.90 54.07 -20.04
C ARG D 246 -2.92 53.26 -21.33
N GLU D 247 -3.70 52.17 -21.31
CA GLU D 247 -3.79 51.31 -22.50
C GLU D 247 -4.36 52.08 -23.68
N LEU D 248 -5.49 52.76 -23.45
CA LEU D 248 -6.13 53.55 -24.49
C LEU D 248 -5.17 54.61 -25.04
N HIS D 249 -4.32 55.14 -24.17
CA HIS D 249 -3.29 56.07 -24.61
C HIS D 249 -2.31 55.41 -25.56
N TYR D 250 -1.91 54.19 -25.24
CA TYR D 250 -1.02 53.43 -26.12
C TYR D 250 -1.64 53.31 -27.49
N TRP D 251 -2.91 52.91 -27.52
CA TRP D 251 -3.59 52.71 -28.79
C TRP D 251 -3.81 54.00 -29.59
N ALA D 252 -4.06 55.09 -28.89
CA ALA D 252 -4.18 56.39 -29.55
C ALA D 252 -2.84 56.75 -30.19
N LYS D 253 -1.77 56.48 -29.46
CA LYS D 253 -0.42 56.74 -29.93
C LYS D 253 -0.16 55.96 -31.22
N LYS D 254 -0.50 54.68 -31.21
CA LYS D 254 -0.28 53.84 -32.39
C LYS D 254 -1.14 54.30 -33.56
N ALA D 255 -2.39 54.68 -33.27
CA ALA D 255 -3.34 55.11 -34.30
C ALA D 255 -2.83 56.35 -35.02
N LYS D 256 -2.51 57.40 -34.26
CA LYS D 256 -1.93 58.60 -34.86
C LYS D 256 -0.59 58.32 -35.53
N GLN D 257 0.15 57.34 -35.01
CA GLN D 257 1.50 57.05 -35.56
C GLN D 257 1.39 56.41 -36.95
N ARG D 258 0.43 55.51 -37.17
CA ARG D 258 0.37 54.81 -38.45
C ARG D 258 -0.70 55.32 -39.42
N HIS D 259 -1.90 55.60 -38.91
CA HIS D 259 -3.01 55.97 -39.77
C HIS D 259 -3.48 57.41 -39.59
N ASN D 260 -2.72 58.18 -38.84
CA ASN D 260 -3.04 59.57 -38.53
C ASN D 260 -4.45 59.71 -37.99
N ILE D 261 -4.86 58.73 -37.18
CA ILE D 261 -6.16 58.75 -36.54
C ILE D 261 -6.07 59.30 -35.12
N THR D 262 -6.89 60.32 -34.84
CA THR D 262 -6.93 60.89 -33.51
C THR D 262 -7.98 60.17 -32.66
N LEU D 263 -7.52 59.49 -31.63
CA LEU D 263 -8.42 58.73 -30.77
C LEU D 263 -8.68 59.49 -29.49
N LEU D 264 -9.95 59.66 -29.15
CA LEU D 264 -10.38 60.36 -27.95
C LEU D 264 -11.44 59.53 -27.28
N TRP D 265 -11.70 59.78 -26.00
CA TRP D 265 -12.73 59.04 -25.29
C TRP D 265 -13.33 59.89 -24.18
N GLU D 266 -14.32 59.35 -23.49
CA GLU D 266 -14.91 60.03 -22.35
C GLU D 266 -14.94 59.09 -21.14
N ARG D 267 -15.17 59.64 -19.96
CA ARG D 267 -15.01 58.90 -18.71
C ARG D 267 -15.90 57.64 -18.55
N PRO D 268 -17.16 57.70 -19.03
CA PRO D 268 -17.95 56.46 -18.99
C PRO D 268 -17.36 55.31 -19.80
N VAL D 269 -16.59 55.64 -20.84
CA VAL D 269 -15.85 54.62 -21.56
C VAL D 269 -14.91 53.93 -20.60
N LEU D 270 -14.17 54.74 -19.84
CA LEU D 270 -13.22 54.23 -18.87
C LEU D 270 -13.87 53.33 -17.84
N GLU D 271 -14.98 53.76 -17.23
CA GLU D 271 -15.57 52.89 -16.20
C GLU D 271 -16.20 51.65 -16.82
N LEU D 272 -16.75 51.79 -18.02
CA LEU D 272 -17.26 50.65 -18.75
C LEU D 272 -16.16 49.61 -18.92
N LEU D 273 -14.95 50.09 -19.20
CA LEU D 273 -13.82 49.18 -19.39
C LEU D 273 -13.32 48.58 -18.07
N VAL D 274 -13.24 49.37 -17.00
CA VAL D 274 -12.82 48.80 -15.72
C VAL D 274 -13.84 47.78 -15.21
N LYS D 275 -15.06 47.81 -15.75
CA LYS D 275 -16.13 46.89 -15.27
C LYS D 275 -15.75 45.43 -15.56
N GLY D 276 -14.81 45.19 -16.48
CA GLY D 276 -14.47 43.83 -16.85
C GLY D 276 -13.12 43.38 -16.34
N TYR D 277 -12.75 43.88 -15.18
CA TYR D 277 -11.49 43.54 -14.53
C TYR D 277 -11.69 42.30 -13.67
N ASN D 278 -10.82 41.30 -13.87
CA ASN D 278 -10.89 40.07 -13.03
C ASN D 278 -9.84 40.18 -11.93
N LEU D 279 -9.98 39.41 -10.85
CA LEU D 279 -8.90 39.41 -9.82
C LEU D 279 -7.93 38.26 -10.13
N HIS D 280 -8.20 37.49 -11.19
CA HIS D 280 -7.36 36.29 -11.49
C HIS D 280 -5.91 36.66 -11.84
N TYR D 281 -5.68 37.65 -12.71
CA TYR D 281 -4.27 37.94 -13.11
C TYR D 281 -3.88 39.38 -12.81
N GLY D 282 -4.84 40.32 -12.81
CA GLY D 282 -4.52 41.70 -12.39
C GLY D 282 -4.33 42.72 -13.49
N ALA D 283 -3.21 43.46 -13.48
CA ALA D 283 -2.98 44.60 -14.40
C ALA D 283 -3.21 44.28 -15.88
N ARG D 284 -2.81 43.09 -16.30
CA ARG D 284 -2.91 42.76 -17.70
C ARG D 284 -4.35 42.44 -18.11
N SER D 285 -5.20 42.20 -17.12
CA SER D 285 -6.63 41.94 -17.38
C SER D 285 -7.27 43.01 -18.21
N ILE D 286 -7.17 44.25 -17.73
CA ILE D 286 -7.82 45.34 -18.41
C ILE D 286 -7.14 45.51 -19.76
N LYS D 287 -5.84 45.22 -19.84
CA LYS D 287 -5.15 45.32 -21.11
C LYS D 287 -5.91 44.49 -22.13
N HIS D 288 -6.16 43.24 -21.75
CA HIS D 288 -6.83 42.33 -22.65
C HIS D 288 -8.17 42.91 -23.04
N GLU D 289 -8.90 43.40 -22.05
CA GLU D 289 -10.25 43.86 -22.34
C GLU D 289 -10.22 45.02 -23.33
N VAL D 290 -9.23 45.91 -23.19
CA VAL D 290 -9.19 47.05 -24.09
C VAL D 290 -9.05 46.49 -25.50
N GLU D 291 -8.19 45.49 -25.66
CA GLU D 291 -8.01 44.92 -26.98
C GLU D 291 -9.20 44.12 -27.50
N ARG D 292 -10.12 43.74 -26.60
CA ARG D 292 -11.23 42.82 -26.96
C ARG D 292 -12.62 43.49 -27.00
N ARG D 293 -12.77 44.76 -26.64
CA ARG D 293 -14.05 45.43 -26.81
C ARG D 293 -13.87 46.83 -27.40
N VAL D 294 -12.63 47.31 -27.44
CA VAL D 294 -12.36 48.61 -28.07
C VAL D 294 -11.51 48.45 -29.33
N VAL D 295 -10.33 47.85 -29.19
CA VAL D 295 -9.36 47.82 -30.29
C VAL D 295 -9.82 46.95 -31.44
N ASN D 296 -10.62 45.93 -31.15
CA ASN D 296 -11.17 45.10 -32.21
C ASN D 296 -12.08 45.93 -33.11
N GLN D 297 -12.86 46.81 -32.49
CA GLN D 297 -13.76 47.67 -33.26
C GLN D 297 -13.00 48.70 -34.07
N LEU D 298 -11.90 49.22 -33.55
CA LEU D 298 -11.06 50.10 -34.36
C LEU D 298 -10.54 49.33 -35.57
N ALA D 299 -10.11 48.10 -35.36
CA ALA D 299 -9.61 47.29 -36.47
C ALA D 299 -10.69 47.03 -37.52
N ALA D 300 -11.86 46.59 -37.03
CA ALA D 300 -13.01 46.26 -37.85
C ALA D 300 -13.48 47.46 -38.65
N ALA D 301 -13.69 48.57 -37.97
CA ALA D 301 -14.09 49.80 -38.62
C ALA D 301 -13.00 50.24 -39.60
N PHE D 302 -11.75 49.90 -39.30
CA PHE D 302 -10.66 50.29 -40.19
C PHE D 302 -10.61 49.55 -41.52
N GLU D 303 -10.78 48.23 -41.55
CA GLU D 303 -10.62 47.59 -42.86
C GLU D 303 -11.93 47.62 -43.65
N GLN D 304 -13.00 48.12 -43.03
CA GLN D 304 -14.22 48.39 -43.79
C GLN D 304 -14.17 49.79 -44.37
N GLU D 305 -13.00 50.42 -44.28
CA GLU D 305 -12.75 51.76 -44.81
C GLU D 305 -13.62 52.87 -44.21
N LEU D 306 -13.99 52.72 -42.95
CA LEU D 306 -14.79 53.72 -42.25
C LEU D 306 -13.90 54.79 -41.58
N LEU D 307 -12.61 54.47 -41.43
CA LEU D 307 -11.67 55.37 -40.76
C LEU D 307 -10.60 55.88 -41.71
N PRO D 308 -10.88 56.99 -42.41
CA PRO D 308 -9.83 57.51 -43.29
C PRO D 308 -8.67 58.08 -42.50
N LYS D 309 -7.61 58.46 -43.17
CA LYS D 309 -6.41 59.04 -42.50
C LYS D 309 -6.70 60.51 -42.15
N GLY D 310 -6.36 60.95 -40.98
CA GLY D 310 -6.61 62.30 -40.51
C GLY D 310 -8.01 62.51 -39.95
N CYS D 311 -8.65 61.42 -39.56
CA CYS D 311 -10.00 61.49 -39.00
C CYS D 311 -9.93 61.62 -37.48
N THR D 312 -11.04 61.99 -36.86
CA THR D 312 -11.14 62.06 -35.41
C THR D 312 -12.25 61.14 -34.89
N LEU D 313 -11.86 60.18 -34.05
CA LEU D 313 -12.74 59.14 -33.55
C LEU D 313 -12.83 59.23 -32.03
N ARG D 314 -14.06 59.30 -31.53
CA ARG D 314 -14.33 59.50 -30.12
C ARG D 314 -15.14 58.34 -29.55
N LEU D 315 -14.63 57.72 -28.50
CA LEU D 315 -15.32 56.61 -27.86
C LEU D 315 -16.36 57.20 -26.93
N THR D 316 -17.58 56.67 -26.96
CA THR D 316 -18.60 57.10 -25.98
C THR D 316 -19.41 55.89 -25.55
N VAL D 317 -20.34 56.10 -24.62
CA VAL D 317 -21.15 54.98 -24.14
C VAL D 317 -22.64 55.22 -24.26
N ASP D 318 -23.33 54.28 -24.90
CA ASP D 318 -24.77 54.35 -25.13
C ASP D 318 -25.53 53.42 -24.19
N ALA D 327 -27.42 46.25 -20.83
CA ALA D 327 -25.98 46.20 -21.06
C ALA D 327 -25.52 47.39 -21.90
N PRO D 328 -24.91 48.39 -21.25
CA PRO D 328 -24.42 49.61 -21.88
C PRO D 328 -23.41 49.28 -22.97
N VAL D 329 -23.69 49.70 -24.21
CA VAL D 329 -22.81 49.36 -25.36
C VAL D 329 -21.90 50.54 -25.68
N LEU D 330 -20.63 50.28 -25.96
CA LEU D 330 -19.70 51.33 -26.32
C LEU D 330 -19.88 51.65 -27.80
N ARG D 331 -19.97 52.94 -28.12
CA ARG D 331 -20.14 53.36 -29.50
C ARG D 331 -18.99 54.24 -29.99
N LEU D 332 -18.84 54.28 -31.31
CA LEU D 332 -17.70 54.88 -31.97
C LEU D 332 -18.11 56.05 -32.85
N GLU D 333 -17.83 57.27 -32.37
CA GLU D 333 -18.29 58.48 -33.04
C GLU D 333 -17.22 59.09 -33.97
N LEU D 334 -17.57 59.30 -35.23
CA LEU D 334 -16.62 59.89 -36.17
C LEU D 334 -16.96 61.33 -36.45
N LEU D 335 -15.92 62.17 -36.47
CA LEU D 335 -16.08 63.59 -36.76
C LEU D 335 -16.17 63.84 -38.26
N GLN D 336 -17.30 64.35 -38.72
CA GLN D 336 -17.46 64.72 -40.13
C GLN D 336 -17.08 66.19 -40.24
N GLU D 337 -17.02 66.71 -41.47
CA GLU D 337 -16.69 68.13 -41.68
C GLU D 337 -17.99 68.91 -41.48
N ASP D 338 -19.03 68.17 -41.08
CA ASP D 338 -20.31 68.75 -40.70
C ASP D 338 -20.06 69.36 -39.31
N LYS D 339 -18.86 69.10 -38.82
CA LYS D 339 -18.40 69.52 -37.50
C LYS D 339 -19.31 68.96 -36.39
N THR D 340 -20.05 67.91 -36.75
CA THR D 340 -20.81 67.12 -35.80
C THR D 340 -20.27 65.69 -35.87
N SER D 341 -20.78 64.82 -35.01
CA SER D 341 -20.30 63.45 -35.00
C SER D 341 -21.39 62.44 -35.33
N ARG D 342 -21.03 61.43 -36.13
CA ARG D 342 -22.00 60.37 -36.48
C ARG D 342 -21.49 59.03 -35.95
N LYS D 343 -22.36 58.29 -35.24
CA LYS D 343 -22.00 56.97 -34.68
C LYS D 343 -21.81 55.98 -35.83
N LEU D 344 -20.70 55.24 -35.81
CA LEU D 344 -20.44 54.23 -36.83
C LEU D 344 -21.17 52.91 -36.59
N GLU D 345 -21.65 52.32 -37.68
CA GLU D 345 -22.31 50.98 -37.60
C GLU D 345 -21.36 49.97 -38.26
N ILE D 346 -20.68 49.16 -37.44
CA ILE D 346 -19.67 48.19 -37.98
C ILE D 346 -20.41 46.92 -38.45
N GLN D 347 -20.18 46.54 -39.71
CA GLN D 347 -20.81 45.32 -40.28
C GLN D 347 -20.27 44.07 -39.57
N PRO D 348 -21.10 43.05 -39.18
CA PRO D 348 -20.58 41.82 -38.58
C PRO D 348 -19.48 41.20 -39.45
N SER E 1 -57.06 17.82 -23.42
CA SER E 1 -57.82 16.87 -22.57
C SER E 1 -58.07 17.50 -21.19
N PRO E 2 -59.02 17.05 -20.34
CA PRO E 2 -59.29 17.71 -19.05
C PRO E 2 -58.14 17.58 -18.06
N LEU E 3 -57.48 16.42 -18.02
CA LEU E 3 -56.29 16.18 -17.16
C LEU E 3 -55.22 17.18 -17.61
N GLU E 4 -55.03 17.31 -18.92
CA GLU E 4 -54.01 18.17 -19.47
C GLU E 4 -54.21 19.62 -19.08
N ARG E 5 -55.42 20.15 -19.32
CA ARG E 5 -55.68 21.59 -19.05
C ARG E 5 -55.48 21.89 -17.56
N ARG E 6 -55.99 21.03 -16.68
CA ARG E 6 -55.90 21.28 -15.24
C ARG E 6 -54.46 21.34 -14.77
N LEU E 7 -53.63 20.43 -15.27
CA LEU E 7 -52.22 20.39 -14.88
C LEU E 7 -51.47 21.66 -15.30
N LYS E 8 -51.73 22.11 -16.53
CA LYS E 8 -51.11 23.32 -17.05
C LYS E 8 -51.54 24.54 -16.26
N GLU E 9 -52.83 24.59 -15.93
CA GLU E 9 -53.40 25.72 -15.21
C GLU E 9 -52.81 25.90 -13.82
N HIS E 10 -52.59 24.79 -13.13
CA HIS E 10 -52.15 24.85 -11.74
C HIS E 10 -50.65 24.53 -11.62
N ILE E 11 -50.00 24.42 -12.78
CA ILE E 11 -48.55 24.30 -12.84
C ILE E 11 -47.98 25.44 -13.71
N ILE E 12 -46.89 26.07 -13.26
CA ILE E 12 -46.28 27.13 -14.03
C ILE E 12 -45.23 26.56 -14.98
N GLY E 13 -45.33 26.92 -16.26
CA GLY E 13 -44.38 26.48 -17.25
C GLY E 13 -44.45 25.00 -17.53
N GLN E 14 -43.42 24.50 -18.21
CA GLN E 14 -43.25 23.06 -18.50
C GLN E 14 -44.48 22.45 -19.14
N GLU E 15 -44.89 23.00 -20.28
CA GLU E 15 -46.07 22.49 -20.98
C GLU E 15 -45.74 21.34 -21.92
N GLY E 16 -44.49 21.27 -22.37
CA GLY E 16 -44.02 20.12 -23.12
C GLY E 16 -44.26 18.88 -22.28
N ALA E 17 -43.74 18.91 -21.06
CA ALA E 17 -43.90 17.83 -20.10
C ALA E 17 -45.37 17.45 -19.89
N ILE E 18 -46.20 18.46 -19.66
CA ILE E 18 -47.62 18.26 -19.38
C ILE E 18 -48.31 17.60 -20.56
N ASN E 19 -47.96 18.07 -21.76
CA ASN E 19 -48.52 17.55 -22.99
C ASN E 19 -48.18 16.09 -23.17
N THR E 20 -46.90 15.78 -23.02
CA THR E 20 -46.41 14.43 -23.17
C THR E 20 -47.09 13.48 -22.19
N VAL E 21 -47.12 13.86 -20.92
CA VAL E 21 -47.70 13.00 -19.89
C VAL E 21 -49.18 12.76 -20.16
N ALA E 22 -49.91 13.84 -20.42
CA ALA E 22 -51.34 13.75 -20.66
C ALA E 22 -51.65 12.87 -21.86
N SER E 23 -50.91 13.08 -22.94
CA SER E 23 -51.13 12.35 -24.19
C SER E 23 -50.79 10.88 -24.06
N ALA E 24 -49.77 10.57 -23.25
CA ALA E 24 -49.43 9.17 -22.99
C ALA E 24 -50.52 8.50 -22.17
N ILE E 25 -50.97 9.21 -21.14
CA ILE E 25 -52.05 8.71 -20.29
C ILE E 25 -53.29 8.41 -21.13
N ARG E 26 -53.57 9.28 -22.12
CA ARG E 26 -54.80 9.14 -22.88
C ARG E 26 -54.62 8.19 -24.07
N ARG E 27 -53.35 7.91 -24.40
CA ARG E 27 -53.03 6.83 -25.30
C ARG E 27 -53.38 5.53 -24.61
N LYS E 28 -53.05 5.45 -23.33
CA LYS E 28 -53.45 4.30 -22.51
C LYS E 28 -54.97 4.23 -22.38
N GLU E 29 -55.63 5.38 -22.25
CA GLU E 29 -57.06 5.38 -21.96
C GLU E 29 -57.87 4.99 -23.17
N ASN E 30 -57.31 5.23 -24.35
CA ASN E 30 -57.90 4.71 -25.57
C ASN E 30 -57.66 3.22 -25.82
N GLY E 31 -56.45 2.75 -25.50
CA GLY E 31 -56.17 1.33 -25.61
C GLY E 31 -55.00 0.98 -26.52
N TRP E 32 -54.08 1.92 -26.70
CA TRP E 32 -52.93 1.69 -27.57
C TRP E 32 -51.68 1.50 -26.73
N TYR E 33 -51.90 1.19 -25.45
CA TYR E 33 -50.89 0.68 -24.55
C TYR E 33 -51.45 -0.60 -23.93
N ASP E 34 -50.58 -1.49 -23.45
CA ASP E 34 -51.08 -2.73 -22.86
C ASP E 34 -51.93 -2.41 -21.65
N GLU E 35 -53.19 -2.86 -21.69
CA GLU E 35 -54.14 -2.55 -20.62
C GLU E 35 -53.71 -3.22 -19.32
N GLU E 36 -52.94 -4.29 -19.43
CA GLU E 36 -52.51 -5.06 -18.27
C GLU E 36 -51.19 -4.58 -17.65
N HIS E 37 -50.65 -3.48 -18.15
CA HIS E 37 -49.36 -2.99 -17.66
C HIS E 37 -49.39 -1.54 -17.20
N PRO E 38 -48.63 -1.22 -16.15
CA PRO E 38 -48.48 0.15 -15.64
C PRO E 38 -47.57 1.00 -16.52
N LEU E 39 -47.77 2.31 -16.49
CA LEU E 39 -47.02 3.24 -17.34
C LEU E 39 -45.65 3.61 -16.80
N VAL E 40 -44.70 3.86 -17.71
CA VAL E 40 -43.36 4.29 -17.34
C VAL E 40 -42.93 5.60 -17.98
N PHE E 41 -42.78 6.61 -17.14
CA PHE E 41 -42.29 7.91 -17.55
C PHE E 41 -40.86 8.13 -17.05
N LEU E 42 -40.07 8.84 -17.83
CA LEU E 42 -38.72 9.21 -17.42
C LEU E 42 -38.56 10.71 -17.42
N PHE E 43 -38.63 11.32 -16.24
CA PHE E 43 -38.47 12.76 -16.13
C PHE E 43 -36.98 13.07 -16.20
N LEU E 44 -36.55 13.46 -17.39
CA LEU E 44 -35.20 13.92 -17.67
C LEU E 44 -35.22 15.43 -17.58
N GLY E 45 -34.32 16.02 -16.80
CA GLY E 45 -34.31 17.46 -16.71
C GLY E 45 -33.49 18.05 -15.58
N SER E 46 -33.75 19.32 -15.30
CA SER E 46 -33.09 20.01 -14.21
C SER E 46 -33.96 20.03 -12.96
N SER E 47 -33.35 20.43 -11.84
CA SER E 47 -34.02 20.35 -10.53
C SER E 47 -34.97 21.51 -10.27
N GLY E 48 -36.03 21.22 -9.53
CA GLY E 48 -36.93 22.24 -9.03
C GLY E 48 -37.75 23.02 -10.04
N ILE E 49 -37.98 22.44 -11.21
CA ILE E 49 -38.76 23.14 -12.23
C ILE E 49 -40.08 22.45 -12.53
N GLY E 50 -40.54 21.60 -11.61
CA GLY E 50 -41.89 21.07 -11.69
C GLY E 50 -42.14 19.58 -11.70
N LYS E 51 -41.10 18.77 -11.72
CA LYS E 51 -41.26 17.32 -11.82
C LYS E 51 -42.15 16.71 -10.74
N THR E 52 -41.71 16.79 -9.48
CA THR E 52 -42.45 16.20 -8.38
C THR E 52 -43.83 16.83 -8.23
N GLU E 53 -43.96 18.10 -8.60
CA GLU E 53 -45.24 18.77 -8.48
C GLU E 53 -46.17 18.39 -9.62
N LEU E 54 -45.62 18.16 -10.81
CA LEU E 54 -46.43 17.65 -11.91
C LEU E 54 -46.97 16.29 -11.52
N ALA E 55 -46.07 15.43 -11.02
CA ALA E 55 -46.45 14.11 -10.54
C ALA E 55 -47.53 14.22 -9.48
N LYS E 56 -47.38 15.18 -8.58
CA LYS E 56 -48.33 15.38 -7.50
C LYS E 56 -49.71 15.78 -8.03
N GLN E 57 -49.74 16.59 -9.09
CA GLN E 57 -51.02 17.08 -9.60
C GLN E 57 -51.74 16.07 -10.49
N VAL E 58 -50.99 15.30 -11.27
CA VAL E 58 -51.59 14.20 -12.01
C VAL E 58 -52.11 13.20 -10.98
N ALA E 59 -51.35 13.02 -9.91
CA ALA E 59 -51.78 12.16 -8.81
C ALA E 59 -53.10 12.63 -8.25
N ARG E 60 -53.22 13.95 -8.07
CA ARG E 60 -54.44 14.53 -7.53
C ARG E 60 -55.63 14.34 -8.47
N TYR E 61 -55.38 14.39 -9.77
CA TYR E 61 -56.46 14.21 -10.74
C TYR E 61 -56.95 12.76 -10.78
N MET E 62 -56.04 11.82 -10.59
CA MET E 62 -56.33 10.41 -10.77
C MET E 62 -56.77 9.75 -9.46
N GLY E 69 -51.91 8.55 -0.76
CA GLY E 69 -51.87 7.50 -1.81
C GLY E 69 -50.63 7.62 -2.67
N PHE E 70 -50.00 8.80 -2.68
CA PHE E 70 -48.83 9.03 -3.59
C PHE E 70 -47.56 9.28 -2.78
N ILE E 71 -46.60 8.34 -2.81
CA ILE E 71 -45.34 8.43 -2.00
C ILE E 71 -44.14 8.26 -2.94
N ARG E 72 -43.00 8.87 -2.62
CA ARG E 72 -41.79 8.80 -3.49
C ARG E 72 -40.60 8.20 -2.72
N MET E 73 -39.57 7.71 -3.44
CA MET E 73 -38.35 7.17 -2.78
C MET E 73 -37.11 7.83 -3.40
N ASP E 74 -35.93 7.28 -3.12
CA ASP E 74 -34.66 7.83 -3.66
C ASP E 74 -33.73 6.65 -3.99
N MET E 75 -33.37 6.49 -5.26
CA MET E 75 -32.47 5.38 -5.67
C MET E 75 -31.05 5.70 -5.19
N SER E 76 -30.80 6.93 -4.74
CA SER E 76 -29.49 7.28 -4.15
C SER E 76 -29.27 6.41 -2.91
N GLU E 77 -30.33 6.17 -2.12
CA GLU E 77 -30.20 5.25 -0.95
C GLU E 77 -29.96 3.83 -1.47
N PHE E 78 -30.72 3.39 -2.47
CA PHE E 78 -30.63 2.04 -2.99
C PHE E 78 -29.63 2.04 -4.14
N GLN E 79 -28.35 2.37 -3.90
CA GLN E 79 -27.36 2.48 -5.02
C GLN E 79 -26.33 1.34 -4.95
N GLU E 80 -26.43 0.48 -3.95
CA GLU E 80 -25.53 -0.64 -3.69
C GLU E 80 -26.33 -1.89 -3.33
N LYS E 81 -25.69 -3.05 -3.48
CA LYS E 81 -26.36 -4.34 -3.39
C LYS E 81 -26.94 -4.59 -2.00
N HIS E 82 -26.19 -4.23 -0.96
CA HIS E 82 -26.66 -4.42 0.43
C HIS E 82 -27.96 -3.62 0.65
N GLU E 83 -28.11 -2.48 -0.02
CA GLU E 83 -29.40 -1.77 0.21
C GLU E 83 -30.40 -2.30 -0.81
N VAL E 84 -29.89 -2.76 -1.96
CA VAL E 84 -30.81 -3.39 -2.90
C VAL E 84 -31.41 -4.67 -2.33
N LEU E 103 -40.51 -1.40 -0.71
CA LEU E 103 -41.31 -0.82 -1.77
C LEU E 103 -42.69 -1.46 -1.85
N THR E 104 -42.72 -2.78 -1.65
CA THR E 104 -43.95 -3.56 -1.78
C THR E 104 -44.99 -3.15 -0.75
N LYS E 105 -44.50 -2.68 0.41
CA LYS E 105 -45.42 -2.17 1.45
C LYS E 105 -46.03 -0.87 0.92
N GLN E 106 -45.22 -0.02 0.31
CA GLN E 106 -45.70 1.25 -0.27
C GLN E 106 -46.69 1.05 -1.41
N LEU E 107 -46.53 -0.04 -2.17
CA LEU E 107 -47.50 -0.34 -3.23
C LEU E 107 -48.75 -1.03 -2.71
N LYS E 108 -48.66 -1.64 -1.52
CA LYS E 108 -49.80 -2.39 -0.94
C LYS E 108 -51.02 -1.50 -0.72
N GLN E 109 -50.86 -0.34 -0.09
CA GLN E 109 -52.05 0.47 0.26
C GLN E 109 -52.98 0.80 -0.90
N SER E 110 -52.43 0.97 -2.11
CA SER E 110 -53.27 1.36 -3.24
C SER E 110 -52.73 0.90 -4.59
N PRO E 111 -53.51 0.06 -5.29
CA PRO E 111 -53.12 -0.47 -6.60
C PRO E 111 -53.20 0.62 -7.66
N SER E 112 -54.12 1.56 -7.49
CA SER E 112 -54.36 2.57 -8.51
C SER E 112 -53.73 3.93 -8.15
N ALA E 113 -52.42 3.94 -7.87
CA ALA E 113 -51.78 5.15 -7.37
C ALA E 113 -50.56 5.59 -8.19
N VAL E 114 -50.22 6.86 -8.05
CA VAL E 114 -49.02 7.40 -8.69
C VAL E 114 -47.79 7.09 -7.84
N VAL E 115 -46.75 6.56 -8.46
CA VAL E 115 -45.53 6.20 -7.76
C VAL E 115 -44.32 6.89 -8.39
N LEU E 116 -43.49 7.51 -7.56
CA LEU E 116 -42.39 8.33 -8.06
C LEU E 116 -41.03 7.84 -7.52
N PHE E 117 -40.14 7.44 -8.41
CA PHE E 117 -38.79 7.03 -8.07
C PHE E 117 -37.82 8.16 -8.42
N ASP E 118 -37.03 8.64 -7.46
CA ASP E 118 -36.14 9.79 -7.69
C ASP E 118 -34.68 9.43 -7.89
N GLU E 119 -33.97 10.27 -8.64
CA GLU E 119 -32.49 10.10 -8.83
C GLU E 119 -32.13 8.63 -9.05
N VAL E 120 -32.60 8.04 -10.16
CA VAL E 120 -32.23 6.67 -10.47
C VAL E 120 -30.75 6.58 -10.85
N HIS E 124 -28.87 0.42 -8.80
CA HIS E 124 -28.06 -0.83 -8.84
C HIS E 124 -28.57 -1.75 -9.96
N PRO E 125 -27.71 -2.50 -10.71
CA PRO E 125 -28.18 -3.28 -11.87
C PRO E 125 -29.43 -4.14 -11.63
N ASP E 126 -29.49 -4.85 -10.50
CA ASP E 126 -30.67 -5.68 -10.29
C ASP E 126 -31.67 -5.10 -9.30
N VAL E 127 -31.44 -3.90 -8.78
CA VAL E 127 -32.54 -3.25 -8.08
C VAL E 127 -33.48 -2.68 -9.15
N LEU E 128 -32.87 -2.33 -10.30
CA LEU E 128 -33.68 -1.87 -11.44
C LEU E 128 -34.13 -3.12 -12.20
N THR E 129 -33.37 -4.23 -12.10
CA THR E 129 -33.94 -5.46 -12.68
C THR E 129 -35.22 -5.78 -11.90
N VAL E 130 -35.19 -5.56 -10.59
CA VAL E 130 -36.41 -5.76 -9.79
C VAL E 130 -37.49 -4.75 -10.20
N MET E 131 -37.07 -3.51 -10.44
CA MET E 131 -38.01 -2.46 -10.84
C MET E 131 -38.59 -2.76 -12.22
N LEU E 132 -37.72 -3.18 -13.13
CA LEU E 132 -38.13 -3.53 -14.49
C LEU E 132 -39.10 -4.69 -14.42
N GLN E 133 -38.86 -5.61 -13.49
CA GLN E 133 -39.72 -6.78 -13.38
C GLN E 133 -41.07 -6.39 -12.82
N LEU E 134 -41.09 -5.35 -11.99
CA LEU E 134 -42.36 -4.79 -11.57
C LEU E 134 -43.13 -4.14 -12.71
N PHE E 135 -42.43 -3.39 -13.54
CA PHE E 135 -43.10 -2.63 -14.60
C PHE E 135 -43.60 -3.51 -15.72
N ASP E 136 -42.77 -4.48 -16.10
CA ASP E 136 -43.02 -5.28 -17.29
C ASP E 136 -43.95 -6.47 -17.01
N GLU E 137 -44.00 -6.93 -15.77
CA GLU E 137 -44.89 -8.04 -15.44
C GLU E 137 -46.20 -7.49 -14.89
N CYS E 150 -52.52 -3.47 -9.71
CA CYS E 150 -51.26 -2.78 -9.83
C CYS E 150 -51.03 -2.28 -11.25
N LYS E 151 -51.88 -2.72 -12.18
CA LYS E 151 -51.69 -2.38 -13.62
C LYS E 151 -52.28 -1.02 -13.95
N ASP E 152 -52.80 -0.30 -12.95
CA ASP E 152 -53.48 0.97 -13.22
C ASP E 152 -52.79 2.06 -12.44
N ALA E 153 -51.56 1.79 -12.05
CA ALA E 153 -50.72 2.79 -11.41
C ALA E 153 -49.87 3.49 -12.47
N ILE E 154 -49.39 4.69 -12.14
CA ILE E 154 -48.50 5.41 -13.04
C ILE E 154 -47.12 5.50 -12.40
N PHE E 155 -46.06 5.16 -13.14
CA PHE E 155 -44.74 5.19 -12.53
C PHE E 155 -43.82 6.21 -13.18
N ILE E 156 -43.38 7.19 -12.38
CA ILE E 156 -42.48 8.23 -12.87
C ILE E 156 -41.09 8.09 -12.28
N MET E 157 -40.09 7.90 -13.13
CA MET E 157 -38.71 7.84 -12.67
C MET E 157 -37.99 9.11 -13.09
N THR E 158 -37.45 9.82 -12.11
CA THR E 158 -36.82 11.09 -12.38
C THR E 158 -35.32 10.99 -12.23
N SER E 159 -34.60 11.45 -13.25
CA SER E 159 -33.14 11.40 -13.22
C SER E 159 -32.61 12.74 -13.63
N ASN E 160 -31.38 13.04 -13.21
CA ASN E 160 -30.76 14.20 -13.79
C ASN E 160 -29.59 13.73 -14.66
N ALA E 161 -29.90 13.02 -15.75
CA ALA E 161 -28.85 12.58 -16.67
C ALA E 161 -28.86 13.55 -17.86
N ALA E 162 -27.69 13.98 -18.31
CA ALA E 162 -27.58 14.86 -19.48
C ALA E 162 -28.33 16.21 -19.37
N SER E 163 -28.57 16.65 -18.14
CA SER E 163 -29.34 17.88 -17.90
C SER E 163 -28.60 19.12 -18.37
N ASP E 164 -27.29 19.03 -18.47
CA ASP E 164 -26.51 20.19 -18.83
C ASP E 164 -26.42 20.23 -20.34
N GLU E 165 -26.59 19.06 -20.96
CA GLU E 165 -26.65 19.02 -22.45
C GLU E 165 -28.05 19.50 -22.85
N ILE E 166 -29.09 19.08 -22.13
CA ILE E 166 -30.44 19.58 -22.39
C ILE E 166 -30.47 21.09 -22.20
N ALA E 167 -29.82 21.54 -21.13
CA ALA E 167 -29.74 22.96 -20.82
C ALA E 167 -29.09 23.72 -21.96
N GLN E 168 -27.99 23.17 -22.48
CA GLN E 168 -27.26 23.83 -23.55
C GLN E 168 -28.02 23.85 -24.87
N HIS E 169 -28.73 22.76 -25.16
CA HIS E 169 -29.51 22.71 -26.39
C HIS E 169 -30.68 23.68 -26.29
N ALA E 170 -31.33 23.70 -25.12
CA ALA E 170 -32.45 24.58 -24.87
C ALA E 170 -32.05 26.04 -24.98
N LEU E 171 -30.88 26.37 -24.43
CA LEU E 171 -30.39 27.77 -24.48
C LEU E 171 -30.15 28.14 -25.95
N GLN E 172 -29.47 27.27 -26.70
CA GLN E 172 -29.20 27.53 -28.13
C GLN E 172 -30.54 27.64 -28.88
N LEU E 173 -31.50 26.76 -28.53
CA LEU E 173 -32.83 26.77 -29.21
C LEU E 173 -33.53 28.10 -28.93
N ARG E 174 -33.45 28.60 -27.69
CA ARG E 174 -34.16 29.85 -27.33
C ARG E 174 -33.44 31.05 -27.96
N GLN E 175 -32.12 31.13 -27.77
CA GLN E 175 -31.33 32.28 -28.30
C GLN E 175 -31.54 32.40 -29.81
N GLU E 176 -31.37 31.30 -30.56
CA GLU E 176 -31.50 31.34 -32.04
C GLU E 176 -32.94 31.70 -32.43
N ALA E 177 -33.93 31.15 -31.73
CA ALA E 177 -35.34 31.50 -32.01
C ALA E 177 -35.55 32.99 -31.77
N THR E 199 -39.28 23.53 -29.81
CA THR E 199 -39.35 22.28 -29.00
C THR E 199 -38.10 21.43 -29.28
N ILE E 200 -37.81 20.47 -28.40
CA ILE E 200 -36.61 19.60 -28.58
C ILE E 200 -36.78 18.80 -29.87
N SER E 201 -35.70 18.67 -30.66
CA SER E 201 -35.81 17.98 -31.98
C SER E 201 -35.32 16.53 -31.88
N ASN E 202 -35.80 15.66 -32.78
CA ASN E 202 -35.39 14.22 -32.85
C ASN E 202 -33.93 14.08 -33.33
N THR E 203 -33.55 14.78 -34.40
CA THR E 203 -32.12 14.78 -34.84
C THR E 203 -31.23 14.99 -33.61
N PHE E 204 -31.72 15.74 -32.63
CA PHE E 204 -31.02 15.96 -31.37
C PHE E 204 -31.36 14.87 -30.39
N LYS E 205 -32.65 14.54 -30.33
CA LYS E 205 -33.15 13.64 -29.32
C LYS E 205 -32.37 12.33 -29.38
N GLU E 206 -32.36 11.70 -30.56
CA GLU E 206 -31.75 10.34 -30.73
C GLU E 206 -30.25 10.37 -31.03
N GLN E 207 -29.77 11.34 -31.80
CA GLN E 207 -28.37 11.36 -32.21
C GLN E 207 -27.49 11.99 -31.11
N VAL E 208 -28.11 12.64 -30.13
CA VAL E 208 -27.32 13.18 -29.03
C VAL E 208 -27.71 12.55 -27.70
N ILE E 209 -29.00 12.45 -27.41
CA ILE E 209 -29.43 12.04 -26.07
C ILE E 209 -29.48 10.52 -25.90
N ARG E 210 -29.72 9.78 -26.97
CA ARG E 210 -29.68 8.32 -26.90
C ARG E 210 -28.30 7.78 -26.48
N PRO E 211 -27.19 8.34 -27.03
CA PRO E 211 -25.88 7.90 -26.53
C PRO E 211 -25.72 8.09 -25.03
N ILE E 212 -26.10 9.25 -24.50
CA ILE E 212 -25.98 9.50 -23.07
C ILE E 212 -26.72 8.48 -22.21
N LEU E 213 -27.98 8.23 -22.53
CA LEU E 213 -28.77 7.25 -21.78
C LEU E 213 -28.18 5.84 -21.91
N LYS E 214 -27.81 5.47 -23.14
CA LYS E 214 -27.27 4.11 -23.40
C LYS E 214 -25.97 3.92 -22.59
N ALA E 215 -25.13 4.95 -22.51
CA ALA E 215 -23.90 4.85 -21.73
C ALA E 215 -24.24 4.78 -20.24
N HIS E 216 -25.22 5.59 -19.83
CA HIS E 216 -25.64 5.69 -18.43
C HIS E 216 -26.25 4.43 -17.82
N PHE E 217 -27.02 3.69 -18.62
CA PHE E 217 -27.77 2.55 -18.10
C PHE E 217 -27.25 1.22 -18.66
N ARG E 218 -26.55 1.29 -19.80
CA ARG E 218 -25.82 0.12 -20.38
C ARG E 218 -26.73 -0.98 -20.96
N ARG E 219 -28.04 -0.95 -20.69
CA ARG E 219 -28.91 -2.05 -21.13
C ARG E 219 -30.13 -1.49 -21.84
N ASP E 220 -30.23 -1.80 -23.13
CA ASP E 220 -31.20 -1.20 -24.03
C ASP E 220 -32.64 -1.56 -23.69
N GLU E 221 -32.83 -2.64 -22.95
CA GLU E 221 -34.19 -3.05 -22.60
C GLU E 221 -34.80 -2.16 -21.53
N PHE E 222 -33.97 -1.53 -20.70
CA PHE E 222 -34.50 -0.65 -19.68
C PHE E 222 -35.04 0.64 -20.28
N LEU E 223 -34.19 1.33 -21.02
CA LEU E 223 -34.60 2.56 -21.70
C LEU E 223 -35.69 2.26 -22.72
N GLY E 224 -35.59 1.12 -23.38
CA GLY E 224 -36.61 0.69 -24.32
C GLY E 224 -37.95 0.49 -23.65
N ARG E 225 -37.92 -0.03 -22.42
CA ARG E 225 -39.14 -0.29 -21.66
C ARG E 225 -39.93 0.98 -21.37
N ILE E 226 -39.22 2.08 -21.16
CA ILE E 226 -39.83 3.34 -20.75
C ILE E 226 -40.86 3.79 -21.79
N ASN E 227 -42.10 3.94 -21.35
CA ASN E 227 -43.17 4.40 -22.24
C ASN E 227 -42.81 5.73 -22.84
N GLU E 228 -42.51 6.71 -22.00
CA GLU E 228 -42.15 8.01 -22.55
C GLU E 228 -41.07 8.72 -21.75
N ILE E 229 -40.12 9.32 -22.47
CA ILE E 229 -39.09 10.14 -21.86
C ILE E 229 -39.47 11.61 -21.89
N VAL E 230 -39.89 12.13 -20.75
CA VAL E 230 -40.37 13.50 -20.63
C VAL E 230 -39.25 14.49 -20.29
N TYR E 231 -39.08 15.50 -21.13
CA TYR E 231 -38.01 16.50 -20.91
C TYR E 231 -38.55 17.70 -20.15
N PHE E 232 -37.81 18.13 -19.13
CA PHE E 232 -38.17 19.34 -18.38
C PHE E 232 -37.16 20.44 -18.67
N LEU E 233 -37.60 21.42 -19.45
CA LEU E 233 -36.74 22.52 -19.89
C LEU E 233 -36.68 23.65 -18.86
N PRO E 234 -35.55 24.38 -18.83
CA PRO E 234 -35.39 25.54 -17.94
C PRO E 234 -36.44 26.61 -18.22
N PHE E 235 -36.80 27.38 -17.20
CA PHE E 235 -37.82 28.41 -17.29
C PHE E 235 -37.45 29.51 -18.28
N CYS E 236 -38.45 30.04 -18.98
CA CYS E 236 -38.23 31.25 -19.76
C CYS E 236 -38.72 32.42 -18.92
N HIS E 237 -38.37 33.63 -19.35
CA HIS E 237 -38.59 34.86 -18.58
C HIS E 237 -40.02 35.00 -18.04
N SER E 238 -40.99 34.67 -18.89
CA SER E 238 -42.39 34.82 -18.54
C SER E 238 -42.79 34.02 -17.31
N GLU E 239 -42.31 32.79 -17.20
CA GLU E 239 -42.73 31.93 -16.10
C GLU E 239 -42.03 32.31 -14.81
N LEU E 240 -40.83 32.85 -14.91
CA LEU E 240 -40.15 33.39 -13.74
C LEU E 240 -40.98 34.54 -13.20
N LEU E 241 -41.43 35.40 -14.13
CA LEU E 241 -42.34 36.50 -13.76
C LEU E 241 -43.61 35.97 -13.07
N GLN E 242 -44.18 34.90 -13.62
CA GLN E 242 -45.38 34.31 -13.03
C GLN E 242 -45.11 33.79 -11.62
N LEU E 243 -43.90 33.28 -11.42
CA LEU E 243 -43.49 32.75 -10.11
C LEU E 243 -43.40 33.87 -9.08
N VAL E 244 -42.66 34.92 -9.43
CA VAL E 244 -42.53 36.09 -8.56
C VAL E 244 -43.90 36.65 -8.22
N SER E 245 -44.71 36.86 -9.25
CA SER E 245 -46.07 37.37 -9.07
C SER E 245 -46.90 36.48 -8.15
N ARG E 246 -46.70 35.17 -8.28
CA ARG E 246 -47.40 34.20 -7.46
C ARG E 246 -47.06 34.43 -5.99
N GLU E 247 -45.76 34.57 -5.72
CA GLU E 247 -45.29 34.79 -4.35
C GLU E 247 -45.81 36.11 -3.77
N LEU E 248 -45.64 37.18 -4.54
CA LEU E 248 -46.10 38.51 -4.14
C LEU E 248 -47.60 38.50 -3.88
N HIS E 249 -48.31 37.70 -4.65
CA HIS E 249 -49.75 37.52 -4.45
C HIS E 249 -50.03 36.88 -3.11
N TYR E 250 -49.23 35.86 -2.78
CA TYR E 250 -49.35 35.21 -1.48
C TYR E 250 -49.19 36.22 -0.36
N TRP E 251 -48.11 37.01 -0.44
CA TRP E 251 -47.81 37.98 0.60
C TRP E 251 -48.85 39.11 0.70
N ALA E 252 -49.37 39.53 -0.45
CA ALA E 252 -50.43 40.53 -0.48
C ALA E 252 -51.69 40.00 0.18
N LYS E 253 -52.00 38.74 -0.11
CA LYS E 253 -53.16 38.08 0.46
C LYS E 253 -53.05 38.04 1.98
N LYS E 254 -51.87 37.64 2.46
CA LYS E 254 -51.63 37.54 3.89
C LYS E 254 -51.71 38.92 4.53
N ALA E 255 -51.17 39.92 3.83
CA ALA E 255 -51.13 41.30 4.30
C ALA E 255 -52.52 41.87 4.52
N LYS E 256 -53.36 41.81 3.49
CA LYS E 256 -54.75 42.27 3.64
C LYS E 256 -55.48 41.40 4.66
N GLN E 257 -55.06 40.14 4.79
CA GLN E 257 -55.77 39.21 5.71
C GLN E 257 -55.56 39.63 7.17
N ARG E 258 -54.31 39.93 7.58
CA ARG E 258 -54.11 40.22 8.99
C ARG E 258 -53.99 41.72 9.32
N HIS E 259 -53.29 42.46 8.47
CA HIS E 259 -53.02 43.87 8.78
C HIS E 259 -53.78 44.83 7.86
N ASN E 260 -54.69 44.28 7.07
CA ASN E 260 -55.51 45.05 6.15
C ASN E 260 -54.68 45.96 5.25
N ILE E 261 -53.51 45.48 4.84
CA ILE E 261 -52.64 46.21 3.94
C ILE E 261 -52.83 45.78 2.50
N THR E 262 -53.09 46.75 1.62
CA THR E 262 -53.24 46.46 0.20
C THR E 262 -51.88 46.54 -0.47
N LEU E 263 -51.39 45.42 -0.98
CA LEU E 263 -50.09 45.38 -1.61
C LEU E 263 -50.23 45.36 -3.12
N LEU E 264 -49.54 46.27 -3.80
CA LEU E 264 -49.59 46.37 -5.25
C LEU E 264 -48.17 46.53 -5.79
N TRP E 265 -47.97 46.24 -7.07
CA TRP E 265 -46.66 46.38 -7.67
C TRP E 265 -46.75 46.67 -9.17
N GLU E 266 -45.60 46.90 -9.78
CA GLU E 266 -45.52 47.06 -11.23
C GLU E 266 -44.42 46.13 -11.75
N ARG E 267 -44.40 45.87 -13.06
CA ARG E 267 -43.49 44.87 -13.63
C ARG E 267 -41.98 45.12 -13.43
N PRO E 268 -41.54 46.40 -13.39
CA PRO E 268 -40.10 46.52 -13.09
C PRO E 268 -39.69 45.90 -11.76
N VAL E 269 -40.61 45.84 -10.79
CA VAL E 269 -40.38 45.09 -9.56
C VAL E 269 -40.16 43.62 -9.92
N LEU E 270 -41.03 43.09 -10.75
CA LEU E 270 -40.99 41.70 -11.16
C LEU E 270 -39.66 41.35 -11.83
N GLU E 271 -39.20 42.15 -12.78
CA GLU E 271 -37.96 41.83 -13.47
C GLU E 271 -36.77 42.04 -12.55
N LEU E 272 -36.87 43.04 -11.69
CA LEU E 272 -35.86 43.27 -10.67
C LEU E 272 -35.67 42.02 -9.81
N LEU E 273 -36.77 41.38 -9.45
CA LEU E 273 -36.71 40.19 -8.61
C LEU E 273 -36.26 38.95 -9.38
N VAL E 274 -36.76 38.75 -10.60
CA VAL E 274 -36.29 37.60 -11.39
C VAL E 274 -34.81 37.72 -11.73
N LYS E 275 -34.26 38.94 -11.60
CA LYS E 275 -32.81 39.15 -11.88
C LYS E 275 -31.97 38.32 -10.91
N GLY E 276 -32.59 37.84 -9.81
CA GLY E 276 -31.85 37.08 -8.81
C GLY E 276 -32.24 35.61 -8.75
N TYR E 277 -32.62 35.05 -9.88
CA TYR E 277 -32.97 33.64 -9.97
C TYR E 277 -31.71 32.82 -10.22
N ASN E 278 -31.49 31.79 -9.42
CA ASN E 278 -30.36 30.90 -9.66
C ASN E 278 -30.85 29.53 -10.12
N LEU E 279 -30.22 29.03 -11.17
CA LEU E 279 -30.60 27.77 -11.79
C LEU E 279 -30.52 26.59 -10.82
N HIS E 280 -29.57 26.67 -9.89
CA HIS E 280 -29.19 25.51 -9.07
C HIS E 280 -30.29 24.86 -8.23
N TYR E 281 -31.19 25.62 -7.60
CA TYR E 281 -32.27 24.93 -6.86
C TYR E 281 -33.68 25.33 -7.30
N GLY E 282 -33.80 26.21 -8.28
CA GLY E 282 -35.05 26.38 -9.01
C GLY E 282 -36.10 27.33 -8.47
N ALA E 283 -37.34 26.88 -8.47
CA ALA E 283 -38.48 27.75 -8.19
C ALA E 283 -38.41 28.42 -6.82
N ARG E 284 -38.01 27.67 -5.81
CA ARG E 284 -38.01 28.22 -4.46
C ARG E 284 -36.92 29.24 -4.29
N SER E 285 -35.96 29.26 -5.22
CA SER E 285 -34.98 30.32 -5.25
C SER E 285 -35.71 31.64 -5.22
N ILE E 286 -36.67 31.78 -6.12
CA ILE E 286 -37.36 33.04 -6.22
C ILE E 286 -38.18 33.30 -4.97
N LYS E 287 -38.76 32.26 -4.38
CA LYS E 287 -39.52 32.47 -3.16
C LYS E 287 -38.60 33.11 -2.15
N HIS E 288 -37.40 32.54 -2.00
CA HIS E 288 -36.47 33.03 -1.01
C HIS E 288 -36.21 34.50 -1.26
N GLU E 289 -35.94 34.86 -2.52
CA GLU E 289 -35.56 36.23 -2.81
C GLU E 289 -36.68 37.19 -2.45
N VAL E 290 -37.92 36.78 -2.66
CA VAL E 290 -39.02 37.68 -2.35
C VAL E 290 -38.99 37.98 -0.86
N GLU E 291 -38.77 36.95 -0.04
CA GLU E 291 -38.73 37.16 1.40
C GLU E 291 -37.48 37.92 1.81
N ARG E 292 -36.52 37.99 0.89
CA ARG E 292 -35.23 38.61 1.15
C ARG E 292 -34.97 39.96 0.48
N ARG E 293 -35.92 40.44 -0.33
CA ARG E 293 -35.83 41.82 -0.82
C ARG E 293 -37.12 42.61 -0.69
N VAL E 294 -38.23 41.92 -0.46
CA VAL E 294 -39.50 42.62 -0.34
C VAL E 294 -40.08 42.48 1.06
N VAL E 295 -40.26 41.23 1.50
CA VAL E 295 -40.99 40.98 2.73
C VAL E 295 -40.22 41.47 3.96
N ASN E 296 -38.90 41.52 3.88
CA ASN E 296 -38.11 42.05 4.99
C ASN E 296 -38.40 43.54 5.16
N GLN E 297 -38.51 44.25 4.05
CA GLN E 297 -38.83 45.68 4.06
C GLN E 297 -40.26 45.93 4.53
N LEU E 298 -41.17 45.06 4.12
CA LEU E 298 -42.55 45.12 4.60
C LEU E 298 -42.58 44.96 6.12
N ALA E 299 -41.82 43.99 6.61
CA ALA E 299 -41.75 43.72 8.05
C ALA E 299 -41.16 44.90 8.81
N ALA E 300 -40.05 45.44 8.28
CA ALA E 300 -39.37 46.56 8.91
C ALA E 300 -40.29 47.78 8.96
N ALA E 301 -40.87 48.13 7.82
CA ALA E 301 -41.78 49.25 7.74
C ALA E 301 -43.00 49.04 8.64
N PHE E 302 -43.38 47.79 8.83
CA PHE E 302 -44.50 47.49 9.70
C PHE E 302 -44.11 47.75 11.15
N GLU E 303 -42.87 47.41 11.50
CA GLU E 303 -42.40 47.49 12.88
C GLU E 303 -41.93 48.91 13.23
N GLN E 304 -41.81 49.76 12.22
CA GLN E 304 -41.56 51.18 12.50
C GLN E 304 -42.88 51.92 12.62
N GLU E 305 -43.96 51.16 12.65
CA GLU E 305 -45.32 51.71 12.73
C GLU E 305 -45.58 52.60 11.53
N LEU E 306 -44.96 52.25 10.40
CA LEU E 306 -45.11 53.00 9.17
C LEU E 306 -46.30 52.54 8.32
N LEU E 307 -46.81 51.36 8.60
CA LEU E 307 -47.90 50.77 7.83
C LEU E 307 -49.18 50.62 8.65
N PRO E 308 -50.10 51.63 8.72
CA PRO E 308 -51.36 51.45 9.44
C PRO E 308 -52.33 50.52 8.71
N LYS E 309 -53.40 50.08 9.39
CA LYS E 309 -54.42 49.22 8.74
C LYS E 309 -55.19 50.06 7.71
N GLY E 310 -55.60 49.44 6.59
CA GLY E 310 -56.34 50.17 5.54
C GLY E 310 -55.42 50.96 4.64
N CYS E 311 -54.11 50.77 4.75
CA CYS E 311 -53.14 51.57 3.95
C CYS E 311 -52.87 50.90 2.61
N THR E 312 -52.63 51.70 1.57
CA THR E 312 -52.32 51.17 0.24
C THR E 312 -50.84 51.36 -0.08
N LEU E 313 -50.16 50.25 -0.28
CA LEU E 313 -48.72 50.23 -0.48
C LEU E 313 -48.34 49.62 -1.82
N ARG E 314 -47.60 50.37 -2.62
CA ARG E 314 -47.21 49.90 -3.95
C ARG E 314 -45.69 49.88 -4.11
N LEU E 315 -45.19 48.71 -4.49
CA LEU E 315 -43.73 48.53 -4.68
C LEU E 315 -43.36 48.98 -6.09
N THR E 316 -42.35 49.84 -6.24
CA THR E 316 -41.89 50.26 -7.55
C THR E 316 -40.37 50.17 -7.56
N VAL E 317 -39.75 50.51 -8.68
CA VAL E 317 -38.30 50.43 -8.76
C VAL E 317 -37.73 51.79 -9.13
N ASP E 318 -36.74 52.24 -8.38
CA ASP E 318 -36.18 53.55 -8.61
C ASP E 318 -34.89 53.38 -9.41
N ALA E 327 -27.38 50.58 -10.30
CA ALA E 327 -27.96 49.43 -9.61
C ALA E 327 -29.35 49.77 -9.06
N PRO E 328 -30.39 49.31 -9.77
CA PRO E 328 -31.81 49.55 -9.45
C PRO E 328 -32.22 49.06 -8.06
N VAL E 329 -32.71 49.97 -7.23
CA VAL E 329 -33.16 49.61 -5.89
C VAL E 329 -34.68 49.69 -5.81
N LEU E 330 -35.27 48.78 -5.05
CA LEU E 330 -36.72 48.72 -4.90
C LEU E 330 -37.20 49.72 -3.86
N ARG E 331 -38.25 50.45 -4.19
CA ARG E 331 -38.84 51.39 -3.24
C ARG E 331 -40.26 50.98 -2.91
N LEU E 332 -40.63 51.30 -1.66
CA LEU E 332 -41.98 51.01 -1.12
C LEU E 332 -42.72 52.34 -1.06
N GLU E 333 -43.82 52.47 -1.79
CA GLU E 333 -44.62 53.71 -1.80
C GLU E 333 -45.95 53.65 -1.05
N LEU E 334 -46.15 54.57 -0.11
CA LEU E 334 -47.39 54.58 0.66
C LEU E 334 -48.37 55.66 0.19
N LEU E 335 -49.63 55.28 0.01
CA LEU E 335 -50.66 56.21 -0.42
C LEU E 335 -51.30 56.96 0.75
N GLN E 336 -51.19 58.29 0.69
CA GLN E 336 -51.75 59.12 1.78
C GLN E 336 -53.10 59.71 1.38
N GLU E 337 -53.64 60.59 2.22
CA GLU E 337 -54.95 61.21 2.00
C GLU E 337 -54.81 62.37 1.02
N ASP E 338 -53.59 62.54 0.53
CA ASP E 338 -53.25 63.50 -0.51
C ASP E 338 -53.68 62.90 -1.85
N LYS E 339 -54.09 61.63 -1.81
CA LYS E 339 -54.44 60.84 -2.99
C LYS E 339 -53.26 60.73 -3.93
N THR E 340 -52.08 60.97 -3.38
CA THR E 340 -50.82 60.69 -4.03
C THR E 340 -50.06 59.70 -3.15
N SER E 341 -48.91 59.23 -3.63
CA SER E 341 -48.11 58.29 -2.88
C SER E 341 -46.77 58.91 -2.59
N ARG E 342 -46.14 58.51 -1.49
CA ARG E 342 -44.78 58.98 -1.23
C ARG E 342 -43.90 57.83 -0.81
N LYS E 343 -42.61 57.94 -1.09
CA LYS E 343 -41.68 56.87 -0.81
C LYS E 343 -41.47 56.77 0.70
N LEU E 344 -41.52 55.56 1.24
CA LEU E 344 -41.23 55.38 2.65
C LEU E 344 -39.73 55.37 2.88
N GLU E 345 -39.31 55.99 3.99
CA GLU E 345 -37.86 56.00 4.37
C GLU E 345 -37.69 55.03 5.54
N ILE E 346 -37.19 53.83 5.28
CA ILE E 346 -37.06 52.77 6.34
C ILE E 346 -35.68 52.93 6.99
N GLN E 347 -35.68 53.44 8.22
CA GLN E 347 -34.42 53.65 8.98
C GLN E 347 -33.73 52.29 9.24
N PRO E 348 -32.39 52.13 9.05
CA PRO E 348 -31.73 50.86 9.39
C PRO E 348 -32.00 50.45 10.84
N SER F 1 -38.22 44.55 21.73
CA SER F 1 -39.31 43.63 22.19
C SER F 1 -39.11 43.30 23.67
N PRO F 2 -40.13 42.85 24.47
CA PRO F 2 -39.90 42.45 25.84
C PRO F 2 -38.81 41.38 25.93
N LEU F 3 -38.89 40.40 25.04
CA LEU F 3 -37.93 39.32 24.96
C LEU F 3 -36.54 39.90 24.78
N GLU F 4 -36.44 40.92 23.94
CA GLU F 4 -35.16 41.58 23.71
C GLU F 4 -34.61 42.16 25.01
N ARG F 5 -35.49 42.68 25.86
CA ARG F 5 -35.02 43.29 27.09
C ARG F 5 -34.64 42.29 28.15
N ARG F 6 -35.25 41.11 28.16
CA ARG F 6 -34.80 40.15 29.16
C ARG F 6 -33.63 39.29 28.67
N LEU F 7 -33.45 39.18 27.35
CA LEU F 7 -32.22 38.60 26.84
C LEU F 7 -31.07 39.57 27.14
N LYS F 8 -31.28 40.87 26.89
CA LYS F 8 -30.27 41.85 27.29
C LYS F 8 -30.06 41.85 28.80
N GLU F 9 -31.05 41.39 29.55
CA GLU F 9 -30.95 41.44 31.01
C GLU F 9 -30.45 40.14 31.65
N HIS F 10 -30.28 39.09 30.86
CA HIS F 10 -29.64 37.86 31.34
C HIS F 10 -28.47 37.37 30.50
N ILE F 11 -28.10 38.12 29.48
CA ILE F 11 -26.95 37.72 28.68
C ILE F 11 -25.91 38.80 28.70
N ILE F 12 -24.66 38.39 28.91
CA ILE F 12 -23.60 39.37 28.89
C ILE F 12 -23.13 39.51 27.45
N GLY F 13 -23.09 40.75 26.98
CA GLY F 13 -22.63 41.05 25.64
C GLY F 13 -23.54 40.54 24.53
N GLN F 14 -22.98 40.53 23.33
CA GLN F 14 -23.63 39.98 22.15
C GLN F 14 -25.02 40.58 21.90
N GLU F 15 -25.10 41.90 21.74
CA GLU F 15 -26.41 42.51 21.49
C GLU F 15 -26.77 42.48 20.02
N GLY F 16 -25.78 42.39 19.14
CA GLY F 16 -26.06 42.18 17.73
C GLY F 16 -26.91 40.92 17.61
N ALA F 17 -26.40 39.84 18.18
CA ALA F 17 -27.09 38.55 18.18
C ALA F 17 -28.51 38.66 18.75
N ILE F 18 -28.65 39.29 19.91
CA ILE F 18 -29.93 39.42 20.58
C ILE F 18 -30.92 40.22 19.74
N ASN F 19 -30.42 41.32 19.15
CA ASN F 19 -31.29 42.17 18.30
C ASN F 19 -31.80 41.33 17.12
N THR F 20 -30.88 40.69 16.38
CA THR F 20 -31.29 39.92 15.21
C THR F 20 -32.29 38.83 15.58
N VAL F 21 -32.00 38.07 16.64
CA VAL F 21 -32.89 36.97 17.03
C VAL F 21 -34.28 37.46 17.45
N ALA F 22 -34.31 38.48 18.30
CA ALA F 22 -35.58 39.02 18.78
C ALA F 22 -36.40 39.57 17.63
N SER F 23 -35.72 40.31 16.76
CA SER F 23 -36.38 40.96 15.64
C SER F 23 -36.91 39.94 14.64
N ALA F 24 -36.19 38.84 14.49
CA ALA F 24 -36.65 37.78 13.62
C ALA F 24 -37.89 37.09 14.19
N ILE F 25 -37.86 36.78 15.48
CA ILE F 25 -39.03 36.16 16.11
C ILE F 25 -40.29 37.01 15.97
N ARG F 26 -40.15 38.32 16.14
CA ARG F 26 -41.38 39.11 16.12
C ARG F 26 -41.71 39.52 14.69
N ARG F 27 -40.76 39.33 13.78
CA ARG F 27 -41.08 39.38 12.36
C ARG F 27 -41.96 38.18 12.04
N LYS F 28 -41.64 37.02 12.61
CA LYS F 28 -42.45 35.83 12.39
C LYS F 28 -43.87 35.97 12.89
N GLU F 29 -44.01 36.43 14.13
CA GLU F 29 -45.30 36.64 14.76
C GLU F 29 -46.13 37.72 14.07
N ASN F 30 -45.47 38.80 13.64
CA ASN F 30 -46.20 39.89 13.02
C ASN F 30 -46.88 39.30 11.80
N GLY F 31 -46.16 38.39 11.14
CA GLY F 31 -46.72 37.65 10.03
C GLY F 31 -45.96 37.78 8.72
N TRP F 32 -44.68 38.11 8.81
CA TRP F 32 -43.88 38.30 7.60
C TRP F 32 -42.90 37.15 7.43
N TYR F 33 -43.20 36.05 8.13
CA TYR F 33 -42.59 34.75 7.88
C TYR F 33 -43.74 33.76 7.74
N ASP F 34 -43.50 32.64 7.06
CA ASP F 34 -44.57 31.66 6.88
C ASP F 34 -45.01 31.11 8.23
N GLU F 35 -46.30 31.28 8.52
CA GLU F 35 -46.85 30.92 9.82
C GLU F 35 -46.75 29.41 10.09
N GLU F 36 -46.56 28.64 9.03
CA GLU F 36 -46.53 27.18 9.17
C GLU F 36 -45.14 26.58 8.95
N HIS F 37 -44.12 27.42 9.09
CA HIS F 37 -42.72 26.99 9.01
C HIS F 37 -41.95 27.45 10.24
N PRO F 38 -41.03 26.61 10.72
CA PRO F 38 -40.14 26.96 11.84
C PRO F 38 -39.02 27.90 11.43
N LEU F 39 -38.50 28.68 12.38
CA LEU F 39 -37.43 29.63 12.11
C LEU F 39 -36.09 28.92 12.06
N VAL F 40 -35.19 29.40 11.21
CA VAL F 40 -33.83 28.85 11.18
C VAL F 40 -32.76 29.94 11.31
N PHE F 41 -32.02 29.86 12.41
CA PHE F 41 -30.91 30.75 12.69
C PHE F 41 -29.59 30.01 12.50
N LEU F 42 -28.58 30.72 12.03
CA LEU F 42 -27.24 30.15 11.92
C LEU F 42 -26.26 30.99 12.73
N PHE F 43 -25.89 30.49 13.90
CA PHE F 43 -24.99 31.17 14.82
C PHE F 43 -23.53 31.00 14.38
N LEU F 44 -23.00 32.04 13.76
CA LEU F 44 -21.58 32.10 13.39
C LEU F 44 -20.78 32.82 14.45
N GLY F 45 -19.66 32.25 14.89
CA GLY F 45 -18.84 32.91 15.88
C GLY F 45 -17.76 32.05 16.51
N SER F 46 -17.22 32.53 17.62
CA SER F 46 -16.21 31.77 18.36
C SER F 46 -16.86 31.03 19.53
N SER F 47 -16.09 30.16 20.17
CA SER F 47 -16.64 29.26 21.18
C SER F 47 -16.88 29.96 22.51
N GLY F 48 -17.94 29.54 23.20
CA GLY F 48 -18.18 29.95 24.56
C GLY F 48 -18.48 31.42 24.83
N ILE F 49 -19.03 32.12 23.84
CA ILE F 49 -19.30 33.54 24.04
C ILE F 49 -20.80 33.88 24.03
N GLY F 50 -21.65 32.88 24.26
CA GLY F 50 -23.05 33.16 24.52
C GLY F 50 -24.12 32.48 23.68
N LYS F 51 -23.71 31.74 22.65
CA LYS F 51 -24.64 31.10 21.73
C LYS F 51 -25.65 30.19 22.43
N THR F 52 -25.14 29.16 23.09
CA THR F 52 -25.98 28.16 23.76
C THR F 52 -26.84 28.80 24.85
N GLU F 53 -26.30 29.83 25.49
CA GLU F 53 -27.04 30.45 26.57
C GLU F 53 -28.12 31.35 26.00
N LEU F 54 -27.84 31.96 24.85
CA LEU F 54 -28.85 32.72 24.14
C LEU F 54 -30.03 31.83 23.75
N ALA F 55 -29.71 30.68 23.17
CA ALA F 55 -30.72 29.69 22.81
C ALA F 55 -31.55 29.31 24.03
N LYS F 56 -30.86 29.07 25.15
CA LYS F 56 -31.50 28.67 26.39
C LYS F 56 -32.44 29.75 26.93
N GLN F 57 -32.06 31.02 26.76
CA GLN F 57 -32.85 32.11 27.32
C GLN F 57 -34.07 32.40 26.46
N VAL F 58 -33.93 32.23 25.15
CA VAL F 58 -35.09 32.32 24.27
C VAL F 58 -36.07 31.21 24.65
N ALA F 59 -35.49 30.03 24.89
CA ALA F 59 -36.25 28.86 25.27
C ALA F 59 -37.07 29.09 26.53
N ARG F 60 -36.44 29.56 27.59
CA ARG F 60 -37.18 29.72 28.83
C ARG F 60 -38.08 30.95 28.77
N TYR F 61 -37.78 31.91 27.90
CA TYR F 61 -38.67 33.05 27.75
C TYR F 61 -40.01 32.65 27.14
N MET F 62 -39.99 31.75 26.17
CA MET F 62 -41.25 31.50 25.45
C MET F 62 -42.08 30.34 26.01
N HIS F 63 -41.49 29.55 26.91
CA HIS F 63 -42.26 28.50 27.60
C HIS F 63 -42.32 28.76 29.10
N GLY F 69 -38.42 22.40 27.21
CA GLY F 69 -38.64 23.40 26.17
C GLY F 69 -37.39 23.66 25.36
N PHE F 70 -36.34 22.89 25.62
CA PHE F 70 -35.07 23.07 24.94
C PHE F 70 -34.50 21.70 24.59
N ILE F 71 -33.92 21.61 23.41
CA ILE F 71 -33.33 20.36 22.93
C ILE F 71 -31.94 20.64 22.38
N ARG F 72 -31.00 19.73 22.61
CA ARG F 72 -29.63 19.95 22.16
C ARG F 72 -28.97 18.72 21.56
N MET F 73 -28.27 18.93 20.44
CA MET F 73 -27.62 17.83 19.74
C MET F 73 -26.24 18.14 19.19
N ASP F 74 -25.43 17.11 18.98
CA ASP F 74 -24.10 17.29 18.40
C ASP F 74 -24.08 16.68 17.01
N MET F 75 -23.80 17.50 16.00
CA MET F 75 -23.80 17.03 14.62
C MET F 75 -22.45 16.40 14.32
N SER F 76 -21.44 16.77 15.12
CA SER F 76 -20.15 16.10 15.11
C SER F 76 -20.31 14.59 15.26
N GLU F 77 -21.39 14.19 15.91
CA GLU F 77 -21.73 12.77 16.06
C GLU F 77 -22.25 12.17 14.76
N PHE F 78 -22.89 13.00 13.93
CA PHE F 78 -23.59 12.53 12.74
C PHE F 78 -22.88 12.93 11.47
N GLN F 79 -21.68 12.39 11.25
CA GLN F 79 -20.90 12.80 10.08
C GLN F 79 -20.83 11.78 8.96
N GLU F 80 -21.39 10.58 9.15
CA GLU F 80 -21.51 9.64 8.04
C GLU F 80 -22.84 8.90 8.13
N LYS F 81 -23.21 8.21 7.04
CA LYS F 81 -24.54 7.56 6.88
C LYS F 81 -25.03 6.78 8.10
N HIS F 82 -24.21 5.87 8.65
CA HIS F 82 -24.61 5.06 9.82
C HIS F 82 -25.11 6.02 10.90
N GLU F 83 -24.47 7.18 11.02
CA GLU F 83 -24.86 8.20 12.02
C GLU F 83 -25.95 9.12 11.42
N VAL F 84 -26.10 9.16 10.10
CA VAL F 84 -27.19 9.96 9.48
C VAL F 84 -28.51 9.29 9.81
N ALA F 85 -28.63 8.00 9.48
CA ALA F 85 -29.90 7.31 9.67
C ALA F 85 -30.35 7.49 11.10
N GLN F 102 -35.21 9.72 18.73
CA GLN F 102 -34.10 10.66 18.92
C GLN F 102 -34.59 12.10 18.75
N LEU F 103 -34.25 12.73 17.63
CA LEU F 103 -34.78 14.04 17.30
C LEU F 103 -36.31 13.98 17.23
N THR F 104 -36.82 12.90 16.65
CA THR F 104 -38.27 12.76 16.49
C THR F 104 -38.99 12.51 17.81
N LYS F 105 -38.31 11.84 18.74
CA LYS F 105 -38.85 11.60 20.08
C LYS F 105 -38.87 12.88 20.91
N GLN F 106 -37.73 13.57 20.89
CA GLN F 106 -37.59 14.82 21.62
C GLN F 106 -38.53 15.89 21.06
N LEU F 107 -38.82 15.83 19.76
CA LEU F 107 -39.75 16.79 19.13
C LEU F 107 -41.18 16.30 19.41
N LYS F 108 -41.37 15.00 19.62
CA LYS F 108 -42.72 14.49 19.99
C LYS F 108 -43.04 15.01 21.38
N GLN F 109 -42.06 15.11 22.28
CA GLN F 109 -42.28 15.65 23.65
C GLN F 109 -42.77 17.09 23.55
N SER F 110 -42.09 17.92 22.74
CA SER F 110 -42.46 19.32 22.59
C SER F 110 -42.45 19.76 21.11
N PRO F 111 -43.62 20.10 20.57
CA PRO F 111 -43.71 20.50 19.15
C PRO F 111 -43.19 21.91 18.93
N SER F 112 -43.44 22.81 19.89
CA SER F 112 -43.09 24.21 19.76
C SER F 112 -41.87 24.57 20.61
N ALA F 113 -40.75 23.90 20.37
CA ALA F 113 -39.61 24.07 21.28
C ALA F 113 -38.37 24.55 20.56
N VAL F 114 -37.44 25.12 21.35
CA VAL F 114 -36.17 25.56 20.81
C VAL F 114 -35.23 24.38 20.69
N VAL F 115 -34.69 24.19 19.49
CA VAL F 115 -33.81 23.07 19.23
C VAL F 115 -32.47 23.57 18.71
N LEU F 116 -31.40 23.02 19.28
CA LEU F 116 -30.06 23.50 19.01
C LEU F 116 -29.21 22.42 18.38
N PHE F 117 -28.79 22.68 17.15
CA PHE F 117 -27.91 21.77 16.47
C PHE F 117 -26.52 22.34 16.58
N ASP F 118 -25.64 21.57 17.20
CA ASP F 118 -24.28 22.01 17.45
C ASP F 118 -23.42 21.30 16.42
N GLU F 119 -22.46 22.05 15.88
CA GLU F 119 -21.45 21.58 14.95
C GLU F 119 -21.99 21.07 13.62
N VAL F 120 -22.82 21.92 13.00
CA VAL F 120 -23.39 21.62 11.70
C VAL F 120 -22.29 21.69 10.59
N GLU F 121 -21.16 22.38 10.86
CA GLU F 121 -20.01 22.39 9.93
C GLU F 121 -19.66 21.00 9.36
N LYS F 122 -19.44 20.06 10.26
CA LYS F 122 -19.13 18.71 9.85
C LYS F 122 -20.27 17.75 10.17
N ALA F 123 -21.23 17.74 9.27
CA ALA F 123 -22.33 16.79 9.30
C ALA F 123 -22.37 16.23 7.89
N HIS F 124 -23.03 15.07 7.82
CA HIS F 124 -23.13 14.37 6.53
C HIS F 124 -24.08 15.14 5.59
N PRO F 125 -23.86 15.13 4.26
CA PRO F 125 -24.72 15.81 3.30
C PRO F 125 -26.13 15.23 3.32
N ASP F 126 -26.24 13.90 3.44
CA ASP F 126 -27.53 13.23 3.49
C ASP F 126 -28.31 13.67 4.72
N VAL F 127 -27.60 13.83 5.84
CA VAL F 127 -28.22 14.27 7.09
C VAL F 127 -28.79 15.68 6.94
N LEU F 128 -28.07 16.53 6.22
CA LEU F 128 -28.48 17.91 6.02
C LEU F 128 -29.81 17.99 5.27
N THR F 129 -29.98 17.12 4.28
CA THR F 129 -31.20 17.11 3.49
C THR F 129 -32.41 16.79 4.37
N VAL F 130 -32.24 15.84 5.28
CA VAL F 130 -33.28 15.49 6.23
C VAL F 130 -33.64 16.72 7.05
N MET F 131 -32.61 17.47 7.42
CA MET F 131 -32.77 18.68 8.18
C MET F 131 -33.47 19.76 7.35
N LEU F 132 -33.05 19.91 6.10
CA LEU F 132 -33.63 20.93 5.22
C LEU F 132 -35.11 20.69 4.95
N GLN F 133 -35.48 19.44 4.68
CA GLN F 133 -36.87 19.14 4.40
C GLN F 133 -37.67 19.16 5.69
N LEU F 134 -36.99 18.95 6.82
CA LEU F 134 -37.62 19.19 8.11
C LEU F 134 -37.98 20.66 8.23
N PHE F 135 -37.10 21.52 7.75
CA PHE F 135 -37.29 22.97 7.85
C PHE F 135 -38.44 23.42 6.96
N ASP F 136 -38.53 22.81 5.79
CA ASP F 136 -39.52 23.20 4.80
C ASP F 136 -40.90 22.59 5.05
N GLU F 137 -40.95 21.38 5.61
CA GLU F 137 -42.26 20.70 5.79
C GLU F 137 -42.87 21.02 7.16
N GLY F 138 -42.03 21.25 8.18
CA GLY F 138 -42.51 21.49 9.53
C GLY F 138 -43.58 20.51 9.99
N CYS F 150 -45.05 20.57 13.84
CA CYS F 150 -44.27 21.52 14.63
C CYS F 150 -44.06 22.85 13.90
N LYS F 151 -45.13 23.61 13.71
CA LYS F 151 -45.06 24.92 13.06
C LYS F 151 -44.08 25.85 13.77
N ASP F 152 -44.23 25.92 15.09
CA ASP F 152 -43.70 27.02 15.88
C ASP F 152 -42.45 26.69 16.70
N ALA F 153 -41.65 25.74 16.23
CA ALA F 153 -40.39 25.49 16.90
C ALA F 153 -39.33 26.42 16.32
N ILE F 154 -38.26 26.64 17.09
CA ILE F 154 -37.15 27.47 16.64
C ILE F 154 -35.93 26.60 16.45
N PHE F 155 -35.27 26.72 15.30
CA PHE F 155 -34.12 25.88 15.02
C PHE F 155 -32.85 26.70 14.90
N ILE F 156 -31.91 26.45 15.80
CA ILE F 156 -30.65 27.17 15.80
C ILE F 156 -29.50 26.25 15.45
N MET F 157 -28.81 26.54 14.36
CA MET F 157 -27.64 25.76 13.95
C MET F 157 -26.38 26.56 14.22
N THR F 158 -25.42 26.01 14.96
CA THR F 158 -24.22 26.76 15.34
C THR F 158 -23.00 26.27 14.58
N SER F 159 -22.23 27.19 14.01
CA SER F 159 -21.07 26.84 13.21
C SER F 159 -19.84 27.65 13.58
N ASN F 160 -18.68 27.07 13.33
CA ASN F 160 -17.41 27.73 13.59
C ASN F 160 -16.93 28.45 12.34
N ALA F 161 -17.77 28.43 11.30
CA ALA F 161 -17.42 28.94 9.99
C ALA F 161 -17.07 30.43 10.00
N ALA F 162 -16.06 30.76 9.21
CA ALA F 162 -15.52 32.12 9.09
C ALA F 162 -15.21 32.72 10.44
N SER F 163 -14.96 31.88 11.43
CA SER F 163 -14.77 32.36 12.80
C SER F 163 -13.50 33.19 12.92
N ASP F 164 -12.53 32.95 12.04
CA ASP F 164 -11.29 33.70 12.11
C ASP F 164 -11.35 34.96 11.24
N GLU F 165 -12.16 34.90 10.18
CA GLU F 165 -12.47 36.10 9.40
C GLU F 165 -13.35 37.03 10.21
N ILE F 166 -14.33 36.44 10.90
CA ILE F 166 -15.17 37.19 11.82
C ILE F 166 -14.30 37.80 12.90
N ALA F 167 -13.37 37.01 13.43
CA ALA F 167 -12.48 37.51 14.47
C ALA F 167 -11.64 38.70 14.01
N GLN F 168 -11.02 38.59 12.84
CA GLN F 168 -10.13 39.65 12.35
C GLN F 168 -10.91 40.91 11.99
N HIS F 169 -12.10 40.70 11.46
CA HIS F 169 -12.97 41.81 11.12
C HIS F 169 -13.41 42.53 12.40
N ALA F 170 -13.73 41.73 13.42
CA ALA F 170 -14.13 42.27 14.72
C ALA F 170 -13.02 43.11 15.34
N LEU F 171 -11.78 42.65 15.18
CA LEU F 171 -10.67 43.35 15.81
C LEU F 171 -10.34 44.65 15.09
N GLN F 172 -10.51 44.70 13.77
CA GLN F 172 -10.19 45.95 13.11
C GLN F 172 -11.37 46.91 13.30
N LEU F 173 -12.54 46.34 13.57
CA LEU F 173 -13.72 47.13 13.96
C LEU F 173 -13.47 47.81 15.30
N ARG F 174 -12.88 47.06 16.21
CA ARG F 174 -12.69 47.55 17.55
C ARG F 174 -11.55 48.58 17.55
N GLN F 175 -10.58 48.38 16.65
CA GLN F 175 -9.41 49.30 16.57
C GLN F 175 -9.84 50.61 15.88
N GLU F 176 -10.58 50.50 14.78
CA GLU F 176 -11.03 51.72 14.06
C GLU F 176 -11.95 52.54 14.96
N ALA F 177 -12.82 51.88 15.74
CA ALA F 177 -13.71 52.60 16.67
C ALA F 177 -12.88 53.33 17.73
N GLN F 178 -11.83 52.68 18.25
CA GLN F 178 -10.93 53.33 19.24
C GLN F 178 -10.25 54.54 18.61
N GLU F 179 -9.81 54.41 17.35
CA GLU F 179 -9.15 55.56 16.65
C GLU F 179 -10.16 56.69 16.51
N GLN F 180 -11.41 56.37 16.19
CA GLN F 180 -12.46 57.40 16.01
C GLN F 180 -12.72 58.07 17.37
N SER F 181 -12.89 57.28 18.42
CA SER F 181 -13.16 57.85 19.77
C SER F 181 -12.00 58.77 20.18
N ARG F 182 -10.77 58.36 19.88
CA ARG F 182 -9.56 59.16 20.25
C ARG F 182 -9.62 60.50 19.51
N ILE F 198 -20.45 47.95 17.48
CA ILE F 198 -20.05 47.27 16.26
C ILE F 198 -21.16 46.54 15.54
N THR F 199 -21.48 47.03 14.35
CA THR F 199 -22.39 46.33 13.46
C THR F 199 -21.54 45.60 12.44
N ILE F 200 -21.98 44.44 11.98
CA ILE F 200 -21.22 43.75 10.95
C ILE F 200 -21.71 44.30 9.62
N SER F 201 -20.77 44.78 8.80
CA SER F 201 -21.14 45.46 7.57
C SER F 201 -21.78 44.45 6.61
N ASN F 202 -22.67 44.93 5.77
CA ASN F 202 -23.44 44.06 4.88
C ASN F 202 -22.56 43.51 3.78
N THR F 203 -21.64 44.36 3.32
CA THR F 203 -20.66 44.00 2.32
C THR F 203 -19.70 42.90 2.74
N PHE F 204 -19.32 42.91 4.01
CA PHE F 204 -18.47 41.87 4.58
C PHE F 204 -19.21 40.54 4.46
N LYS F 205 -20.51 40.55 4.75
CA LYS F 205 -21.30 39.29 4.66
C LYS F 205 -21.31 38.79 3.20
N GLU F 206 -21.77 39.62 2.26
CA GLU F 206 -21.91 39.19 0.84
C GLU F 206 -20.58 38.88 0.14
N GLN F 207 -19.52 39.65 0.36
CA GLN F 207 -18.27 39.47 -0.44
C GLN F 207 -17.25 38.57 0.25
N VAL F 208 -17.32 38.38 1.56
CA VAL F 208 -16.31 37.61 2.26
C VAL F 208 -16.87 36.32 2.86
N ILE F 209 -18.01 36.43 3.55
CA ILE F 209 -18.58 35.25 4.27
C ILE F 209 -19.41 34.39 3.31
N ARG F 210 -20.14 35.00 2.39
CA ARG F 210 -21.05 34.22 1.50
C ARG F 210 -20.26 33.20 0.67
N PRO F 211 -19.10 33.52 0.05
CA PRO F 211 -18.32 32.51 -0.68
C PRO F 211 -17.83 31.36 0.20
N ILE F 212 -17.37 31.65 1.42
CA ILE F 212 -16.84 30.58 2.31
C ILE F 212 -18.00 29.71 2.80
N LEU F 213 -19.19 30.30 3.02
CA LEU F 213 -20.38 29.50 3.40
C LEU F 213 -20.74 28.56 2.24
N LYS F 214 -20.65 29.06 1.01
CA LYS F 214 -20.91 28.19 -0.17
C LYS F 214 -19.84 27.09 -0.21
N ALA F 215 -18.59 27.42 0.12
CA ALA F 215 -17.52 26.40 0.16
C ALA F 215 -17.81 25.36 1.24
N HIS F 216 -18.37 25.76 2.39
CA HIS F 216 -18.59 24.81 3.47
C HIS F 216 -19.82 23.93 3.25
N PHE F 217 -20.86 24.49 2.66
CA PHE F 217 -22.13 23.78 2.56
C PHE F 217 -22.50 23.32 1.15
N ARG F 218 -21.96 24.00 0.15
CA ARG F 218 -22.04 23.54 -1.24
C ARG F 218 -23.49 23.41 -1.76
N ARG F 219 -24.45 23.88 -0.97
CA ARG F 219 -25.85 23.73 -1.32
C ARG F 219 -26.59 25.04 -1.09
N ASP F 220 -26.96 25.68 -2.18
CA ASP F 220 -27.52 27.03 -2.15
C ASP F 220 -28.94 27.06 -1.58
N GLU F 221 -29.62 25.92 -1.63
CA GLU F 221 -30.98 25.84 -1.11
C GLU F 221 -30.94 25.84 0.40
N PHE F 222 -29.83 25.36 0.95
CA PHE F 222 -29.66 25.31 2.38
C PHE F 222 -29.43 26.69 2.96
N LEU F 223 -28.42 27.39 2.43
CA LEU F 223 -28.09 28.73 2.85
C LEU F 223 -29.25 29.68 2.59
N GLY F 224 -29.92 29.47 1.46
CA GLY F 224 -31.09 30.26 1.13
C GLY F 224 -32.20 30.04 2.14
N ARG F 225 -32.35 28.80 2.60
CA ARG F 225 -33.42 28.46 3.55
C ARG F 225 -33.26 29.21 4.87
N ILE F 226 -32.03 29.46 5.28
CA ILE F 226 -31.75 30.06 6.59
C ILE F 226 -32.42 31.42 6.72
N ASN F 227 -33.32 31.53 7.69
CA ASN F 227 -33.98 32.79 7.97
C ASN F 227 -32.99 33.87 8.35
N GLU F 228 -32.16 33.61 9.36
CA GLU F 228 -31.18 34.61 9.76
C GLU F 228 -29.84 34.04 10.16
N ILE F 229 -28.76 34.68 9.69
CA ILE F 229 -27.42 34.32 10.12
C ILE F 229 -27.00 35.23 11.26
N VAL F 230 -27.03 34.70 12.48
CA VAL F 230 -26.73 35.48 13.66
C VAL F 230 -25.24 35.45 13.99
N TYR F 231 -24.63 36.63 14.03
CA TYR F 231 -23.20 36.75 14.30
C TYR F 231 -22.92 37.01 15.78
N PHE F 232 -21.96 36.27 16.31
CA PHE F 232 -21.50 36.44 17.68
C PHE F 232 -20.09 36.99 17.70
N LEU F 233 -19.97 38.27 18.07
CA LEU F 233 -18.69 38.95 18.11
C LEU F 233 -17.94 38.66 19.41
N PRO F 234 -16.59 38.68 19.36
CA PRO F 234 -15.77 38.50 20.55
C PRO F 234 -16.04 39.57 21.61
N PHE F 235 -15.85 39.23 22.88
CA PHE F 235 -16.09 40.15 23.99
C PHE F 235 -15.16 41.36 23.92
N CYS F 236 -15.67 42.53 24.30
CA CYS F 236 -14.88 43.75 24.47
C CYS F 236 -14.53 43.97 25.95
N HIS F 237 -13.51 44.78 26.24
CA HIS F 237 -13.00 44.92 27.64
C HIS F 237 -14.12 45.06 28.67
N SER F 238 -15.14 45.85 28.37
CA SER F 238 -16.22 46.15 29.27
C SER F 238 -17.01 44.92 29.66
N GLU F 239 -17.20 44.02 28.71
CA GLU F 239 -18.04 42.87 28.96
C GLU F 239 -17.23 41.84 29.74
N LEU F 240 -15.91 41.83 29.55
CA LEU F 240 -15.03 40.99 30.37
C LEU F 240 -15.08 41.45 31.83
N LEU F 241 -14.98 42.77 32.02
CA LEU F 241 -15.12 43.37 33.35
C LEU F 241 -16.45 42.95 33.96
N GLN F 242 -17.48 42.98 33.13
CA GLN F 242 -18.83 42.61 33.54
C GLN F 242 -18.89 41.14 33.98
N LEU F 243 -18.12 40.30 33.29
CA LEU F 243 -18.05 38.87 33.61
C LEU F 243 -17.40 38.61 34.96
N VAL F 244 -16.21 39.17 35.13
CA VAL F 244 -15.49 39.03 36.39
C VAL F 244 -16.36 39.52 37.54
N SER F 245 -16.97 40.68 37.35
CA SER F 245 -17.87 41.23 38.37
C SER F 245 -18.99 40.25 38.71
N ARG F 246 -19.50 39.57 37.69
CA ARG F 246 -20.55 38.59 37.89
C ARG F 246 -20.05 37.45 38.80
N GLU F 247 -18.87 36.92 38.49
CA GLU F 247 -18.28 35.85 39.30
C GLU F 247 -17.99 36.25 40.75
N LEU F 248 -17.29 37.38 40.90
CA LEU F 248 -16.96 37.90 42.22
C LEU F 248 -18.21 38.14 43.02
N HIS F 249 -19.27 38.54 42.34
CA HIS F 249 -20.56 38.70 43.00
C HIS F 249 -21.07 37.37 43.50
N TYR F 250 -20.93 36.32 42.69
CA TYR F 250 -21.33 34.98 43.14
C TYR F 250 -20.60 34.59 44.43
N TRP F 251 -19.28 34.74 44.40
CA TRP F 251 -18.47 34.35 45.56
C TRP F 251 -18.70 35.21 46.80
N ALA F 252 -18.92 36.50 46.61
CA ALA F 252 -19.26 37.38 47.72
C ALA F 252 -20.59 36.98 48.33
N LYS F 253 -21.55 36.67 47.47
CA LYS F 253 -22.87 36.25 47.91
C LYS F 253 -22.78 34.99 48.76
N LYS F 254 -22.05 34.00 48.26
CA LYS F 254 -21.90 32.75 49.00
C LYS F 254 -21.14 32.97 50.31
N ALA F 255 -20.12 33.82 50.26
CA ALA F 255 -19.29 34.10 51.42
C ALA F 255 -20.13 34.71 52.55
N LYS F 256 -20.90 35.74 52.23
CA LYS F 256 -21.77 36.40 53.24
C LYS F 256 -22.89 35.43 53.64
N GLN F 257 -23.27 34.52 52.75
CA GLN F 257 -24.40 33.60 53.04
C GLN F 257 -23.96 32.54 54.06
N ARG F 258 -22.73 32.03 53.97
CA ARG F 258 -22.33 30.92 54.86
C ARG F 258 -21.46 31.40 56.04
N HIS F 259 -20.52 32.31 55.80
CA HIS F 259 -19.60 32.71 56.86
C HIS F 259 -19.73 34.18 57.24
N ASN F 260 -20.76 34.84 56.74
CA ASN F 260 -21.00 36.26 56.99
C ASN F 260 -19.77 37.12 56.68
N ILE F 261 -19.07 36.78 55.60
CA ILE F 261 -17.93 37.56 55.16
C ILE F 261 -18.38 38.54 54.08
N THR F 262 -18.12 39.82 54.31
CA THR F 262 -18.48 40.84 53.34
C THR F 262 -17.32 41.08 52.38
N LEU F 263 -17.53 40.76 51.12
CA LEU F 263 -16.48 40.88 50.12
C LEU F 263 -16.67 42.12 49.25
N LEU F 264 -15.62 42.92 49.14
CA LEU F 264 -15.63 44.12 48.32
C LEU F 264 -14.37 44.14 47.48
N TRP F 265 -14.38 44.89 46.39
CA TRP F 265 -13.21 45.00 45.53
C TRP F 265 -13.27 46.35 44.81
N GLU F 266 -12.22 46.68 44.06
CA GLU F 266 -12.25 47.86 43.20
C GLU F 266 -11.76 47.52 41.80
N ARG F 267 -11.98 48.45 40.85
CA ARG F 267 -11.82 48.16 39.42
C ARG F 267 -10.45 47.64 38.95
N PRO F 268 -9.34 48.12 39.54
CA PRO F 268 -8.06 47.51 39.16
C PRO F 268 -7.96 46.01 39.43
N VAL F 269 -8.70 45.52 40.42
CA VAL F 269 -8.83 44.08 40.64
C VAL F 269 -9.43 43.46 39.40
N LEU F 270 -10.51 44.06 38.92
CA LEU F 270 -11.20 43.57 37.74
C LEU F 270 -10.28 43.52 36.53
N GLU F 271 -9.50 44.57 36.30
CA GLU F 271 -8.64 44.54 35.11
C GLU F 271 -7.50 43.55 35.27
N LEU F 272 -7.01 43.43 36.50
CA LEU F 272 -6.00 42.43 36.83
C LEU F 272 -6.49 41.03 36.50
N LEU F 273 -7.76 40.76 36.80
CA LEU F 273 -8.35 39.45 36.53
C LEU F 273 -8.69 39.22 35.06
N VAL F 274 -9.24 40.22 34.38
CA VAL F 274 -9.51 40.07 32.94
C VAL F 274 -8.22 39.90 32.16
N LYS F 275 -7.08 40.25 32.76
CA LYS F 275 -5.76 40.10 32.07
C LYS F 275 -5.49 38.61 31.81
N GLY F 276 -6.25 37.72 32.44
CA GLY F 276 -6.05 36.29 32.31
C GLY F 276 -7.17 35.59 31.58
N TYR F 277 -7.74 36.27 30.60
CA TYR F 277 -8.84 35.74 29.80
C TYR F 277 -8.27 34.89 28.67
N ASN F 278 -8.84 33.70 28.47
CA ASN F 278 -8.41 32.87 27.37
C ASN F 278 -9.45 32.88 26.27
N LEU F 279 -9.00 33.21 25.06
CA LEU F 279 -9.90 33.33 23.92
C LEU F 279 -10.50 31.97 23.58
N HIS F 280 -9.69 30.94 23.77
CA HIS F 280 -9.99 29.60 23.29
C HIS F 280 -11.26 28.96 23.86
N TYR F 281 -11.57 29.17 25.14
CA TYR F 281 -12.82 28.61 25.64
C TYR F 281 -13.81 29.61 26.26
N GLY F 282 -13.48 30.90 26.26
CA GLY F 282 -14.52 31.90 26.47
C GLY F 282 -14.89 32.32 27.88
N ALA F 283 -16.19 32.33 28.15
CA ALA F 283 -16.74 32.90 29.37
C ALA F 283 -16.20 32.28 30.66
N ARG F 284 -16.05 30.96 30.71
CA ARG F 284 -15.59 30.32 31.94
C ARG F 284 -14.08 30.47 32.15
N SER F 285 -13.37 30.97 31.15
CA SER F 285 -11.96 31.29 31.32
C SER F 285 -11.76 32.19 32.55
N ILE F 286 -12.49 33.29 32.59
CA ILE F 286 -12.37 34.23 33.69
C ILE F 286 -12.90 33.61 34.99
N LYS F 287 -13.92 32.76 34.90
CA LYS F 287 -14.41 32.04 36.07
C LYS F 287 -13.25 31.27 36.70
N HIS F 288 -12.56 30.53 35.86
CA HIS F 288 -11.43 29.72 36.29
C HIS F 288 -10.37 30.61 36.92
N GLU F 289 -10.04 31.72 36.27
CA GLU F 289 -8.99 32.56 36.84
C GLU F 289 -9.42 33.11 38.19
N VAL F 290 -10.69 33.46 38.34
CA VAL F 290 -11.17 34.00 39.60
C VAL F 290 -10.98 32.93 40.66
N GLU F 291 -11.36 31.69 40.35
CA GLU F 291 -11.18 30.60 41.32
C GLU F 291 -9.71 30.22 41.47
N ARG F 292 -8.81 30.88 40.73
CA ARG F 292 -7.36 30.52 40.76
C ARG F 292 -6.56 31.62 41.48
N ARG F 293 -7.04 32.86 41.48
CA ARG F 293 -6.29 33.99 42.04
C ARG F 293 -7.02 34.70 43.17
N VAL F 294 -8.31 34.45 43.31
CA VAL F 294 -9.08 35.10 44.36
C VAL F 294 -9.59 34.11 45.40
N VAL F 295 -10.37 33.13 44.94
CA VAL F 295 -11.08 32.25 45.86
C VAL F 295 -10.11 31.33 46.61
N ASN F 296 -8.98 31.03 46.00
CA ASN F 296 -7.96 30.22 46.68
C ASN F 296 -7.40 30.96 47.88
N GLN F 297 -7.18 32.26 47.73
CA GLN F 297 -6.66 33.09 48.80
C GLN F 297 -7.70 33.28 49.90
N LEU F 298 -8.95 33.42 49.49
CA LEU F 298 -10.06 33.49 50.43
C LEU F 298 -10.12 32.21 51.26
N ALA F 299 -9.98 31.07 50.58
CA ALA F 299 -10.01 29.76 51.21
C ALA F 299 -8.86 29.56 52.18
N ALA F 300 -7.66 29.93 51.74
CA ALA F 300 -6.46 29.81 52.55
C ALA F 300 -6.56 30.67 53.79
N ALA F 301 -6.88 31.95 53.61
CA ALA F 301 -6.97 32.89 54.76
C ALA F 301 -8.02 32.41 55.74
N PHE F 302 -9.16 31.92 55.24
CA PHE F 302 -10.26 31.45 56.13
C PHE F 302 -9.76 30.26 56.96
N GLU F 303 -9.02 29.36 56.34
CA GLU F 303 -8.47 28.18 57.06
C GLU F 303 -7.47 28.63 58.14
N GLN F 304 -6.63 29.61 57.82
CA GLN F 304 -5.61 30.11 58.78
C GLN F 304 -6.33 30.88 59.89
N GLU F 305 -7.67 30.95 59.85
CA GLU F 305 -8.48 31.66 60.85
C GLU F 305 -8.24 33.16 60.85
N LEU F 306 -7.94 33.69 59.66
CA LEU F 306 -7.71 35.11 59.45
C LEU F 306 -9.00 35.87 59.17
N LEU F 307 -10.05 35.12 58.82
CA LEU F 307 -11.34 35.70 58.47
C LEU F 307 -12.45 35.32 59.46
N PRO F 308 -12.61 36.09 60.54
CA PRO F 308 -13.69 35.83 61.50
C PRO F 308 -15.06 36.14 60.89
N LYS F 309 -16.13 35.81 61.61
CA LYS F 309 -17.46 36.14 61.13
C LYS F 309 -17.73 37.63 61.28
N GLY F 310 -18.43 38.21 60.32
CA GLY F 310 -18.77 39.62 60.37
C GLY F 310 -17.62 40.54 60.03
N CYS F 311 -16.62 40.00 59.34
CA CYS F 311 -15.46 40.81 58.96
C CYS F 311 -15.73 41.42 57.59
N THR F 312 -14.95 42.42 57.22
CA THR F 312 -15.07 43.04 55.91
C THR F 312 -13.74 42.98 55.15
N LEU F 313 -13.76 42.30 54.01
CA LEU F 313 -12.54 42.05 53.24
C LEU F 313 -12.63 42.65 51.84
N ARG F 314 -11.62 43.45 51.50
CA ARG F 314 -11.57 44.16 50.24
C ARG F 314 -10.34 43.78 49.42
N LEU F 315 -10.56 43.33 48.19
CA LEU F 315 -9.44 43.03 47.32
C LEU F 315 -8.97 44.32 46.67
N THR F 316 -7.65 44.50 46.62
CA THR F 316 -7.06 45.64 45.92
C THR F 316 -5.86 45.14 45.16
N VAL F 317 -5.20 46.00 44.40
CA VAL F 317 -4.03 45.57 43.63
C VAL F 317 -2.83 46.45 43.92
N ASP F 318 -1.70 45.81 44.30
CA ASP F 318 -0.46 46.57 44.62
C ASP F 318 0.49 46.49 43.41
N PRO F 328 1.97 43.24 39.06
CA PRO F 328 0.86 43.61 39.96
C PRO F 328 0.30 42.41 40.70
N VAL F 329 0.36 42.44 42.03
CA VAL F 329 -0.17 41.33 42.83
C VAL F 329 -1.44 41.76 43.56
N LEU F 330 -2.38 40.82 43.67
CA LEU F 330 -3.65 41.09 44.33
C LEU F 330 -3.48 40.96 45.85
N ARG F 331 -3.87 42.02 46.56
CA ARG F 331 -3.75 42.04 48.04
C ARG F 331 -5.14 42.00 48.67
N LEU F 332 -5.24 41.43 49.88
CA LEU F 332 -6.50 41.33 50.61
C LEU F 332 -6.52 42.19 51.89
N GLU F 333 -7.22 43.31 51.85
CA GLU F 333 -7.25 44.24 52.99
C GLU F 333 -8.45 43.96 53.89
N LEU F 334 -8.19 43.73 55.16
CA LEU F 334 -9.21 43.45 56.14
C LEU F 334 -9.51 44.66 57.01
N LEU F 335 -10.79 44.93 57.23
CA LEU F 335 -11.21 46.06 58.04
C LEU F 335 -11.12 45.76 59.53
N GLN F 336 -10.34 46.57 60.24
CA GLN F 336 -10.15 46.43 61.68
C GLN F 336 -11.16 47.30 62.41
N GLU F 337 -11.19 47.21 63.73
CA GLU F 337 -12.07 48.07 64.50
C GLU F 337 -11.39 49.42 64.67
N ASP F 338 -10.24 49.53 64.00
CA ASP F 338 -9.50 50.76 63.86
C ASP F 338 -10.21 51.64 62.82
N LYS F 339 -11.22 51.06 62.19
CA LYS F 339 -11.99 51.67 61.10
C LYS F 339 -11.08 52.01 59.93
N THR F 340 -9.91 51.36 59.92
CA THR F 340 -9.02 51.36 58.78
C THR F 340 -8.82 49.92 58.36
N SER F 341 -8.13 49.69 57.25
CA SER F 341 -7.92 48.35 56.77
C SER F 341 -6.43 48.04 56.76
N ARG F 342 -6.11 46.75 56.90
CA ARG F 342 -4.72 46.33 56.80
C ARG F 342 -4.56 45.11 55.91
N LYS F 343 -3.42 45.09 55.22
CA LYS F 343 -3.10 43.99 54.28
C LYS F 343 -3.13 42.65 55.01
N LEU F 344 -3.78 41.65 54.43
CA LEU F 344 -3.67 40.34 55.05
C LEU F 344 -2.39 39.66 54.57
N GLU F 345 -1.71 39.00 55.52
CA GLU F 345 -0.49 38.23 55.21
C GLU F 345 -0.91 36.76 55.09
N ILE F 346 -0.85 36.19 53.89
CA ILE F 346 -1.32 34.79 53.65
C ILE F 346 -0.12 33.83 53.60
N GLN F 347 0.29 33.31 54.76
CA GLN F 347 1.38 32.28 54.82
C GLN F 347 1.08 31.17 53.80
N SER G 1 -41.99 -36.29 -31.17
CA SER G 1 -42.85 -36.66 -30.00
C SER G 1 -43.98 -35.64 -29.87
N PRO G 2 -45.12 -35.90 -29.15
CA PRO G 2 -46.16 -34.87 -28.98
C PRO G 2 -45.61 -33.68 -28.19
N LEU G 3 -44.88 -33.94 -27.10
CA LEU G 3 -44.25 -32.84 -26.32
C LEU G 3 -43.53 -31.92 -27.30
N GLU G 4 -42.70 -32.48 -28.18
CA GLU G 4 -41.89 -31.71 -29.11
C GLU G 4 -42.76 -30.92 -30.08
N ARG G 5 -43.82 -31.56 -30.60
CA ARG G 5 -44.74 -30.86 -31.51
C ARG G 5 -45.32 -29.66 -30.76
N ARG G 6 -45.80 -29.86 -29.54
CA ARG G 6 -46.43 -28.79 -28.78
C ARG G 6 -45.51 -27.59 -28.61
N LEU G 7 -44.23 -27.86 -28.35
CA LEU G 7 -43.25 -26.80 -28.16
C LEU G 7 -43.08 -25.98 -29.43
N LYS G 8 -43.06 -26.66 -30.57
CA LYS G 8 -42.92 -25.99 -31.86
C LYS G 8 -44.12 -25.08 -32.12
N GLU G 9 -45.30 -25.57 -31.77
CA GLU G 9 -46.54 -24.81 -31.96
C GLU G 9 -46.54 -23.51 -31.16
N HIS G 10 -46.05 -23.59 -29.93
CA HIS G 10 -46.03 -22.42 -29.04
C HIS G 10 -44.70 -21.67 -28.97
N ILE G 11 -43.68 -22.12 -29.70
CA ILE G 11 -42.41 -21.39 -29.73
C ILE G 11 -41.94 -21.02 -31.13
N ILE G 12 -41.47 -19.79 -31.27
CA ILE G 12 -40.94 -19.31 -32.54
C ILE G 12 -39.44 -19.58 -32.66
N GLY G 13 -39.02 -20.17 -33.78
CA GLY G 13 -37.61 -20.42 -34.02
C GLY G 13 -37.04 -21.46 -33.08
N GLN G 14 -35.71 -21.53 -33.02
CA GLN G 14 -35.00 -22.42 -32.10
C GLN G 14 -35.45 -23.86 -32.26
N GLU G 15 -35.24 -24.41 -33.44
CA GLU G 15 -35.67 -25.77 -33.77
C GLU G 15 -34.68 -26.85 -33.34
N GLY G 16 -33.40 -26.54 -33.40
CA GLY G 16 -32.37 -27.43 -32.89
C GLY G 16 -32.55 -27.72 -31.41
N ALA G 17 -32.59 -26.65 -30.63
CA ALA G 17 -32.76 -26.71 -29.18
C ALA G 17 -33.99 -27.50 -28.77
N ILE G 18 -35.11 -27.16 -29.39
CA ILE G 18 -36.40 -27.75 -29.05
C ILE G 18 -36.40 -29.26 -29.34
N ASN G 19 -35.84 -29.62 -30.50
CA ASN G 19 -35.81 -31.01 -30.93
C ASN G 19 -34.94 -31.80 -29.94
N THR G 20 -33.78 -31.23 -29.63
CA THR G 20 -32.84 -31.85 -28.69
C THR G 20 -33.45 -32.10 -27.32
N VAL G 21 -34.14 -31.09 -26.78
CA VAL G 21 -34.72 -31.21 -25.45
C VAL G 21 -35.79 -32.31 -25.43
N ALA G 22 -36.71 -32.25 -26.38
CA ALA G 22 -37.79 -33.23 -26.45
C ALA G 22 -37.23 -34.63 -26.71
N SER G 23 -36.24 -34.73 -27.57
CA SER G 23 -35.62 -36.02 -27.88
C SER G 23 -34.94 -36.60 -26.65
N ALA G 24 -34.27 -35.74 -25.89
CA ALA G 24 -33.60 -36.18 -24.67
C ALA G 24 -34.59 -36.69 -23.64
N ILE G 25 -35.72 -36.00 -23.52
CA ILE G 25 -36.77 -36.39 -22.58
C ILE G 25 -37.34 -37.76 -22.94
N ARG G 26 -37.53 -37.98 -24.24
CA ARG G 26 -38.09 -39.23 -24.72
C ARG G 26 -37.16 -40.40 -24.40
N ARG G 27 -35.87 -40.19 -24.56
CA ARG G 27 -34.88 -41.23 -24.29
C ARG G 27 -34.90 -41.66 -22.83
N LYS G 28 -34.99 -40.68 -21.92
CA LYS G 28 -35.06 -40.98 -20.46
C LYS G 28 -36.30 -41.82 -20.21
N GLU G 29 -37.42 -41.42 -20.79
CA GLU G 29 -38.68 -42.14 -20.60
C GLU G 29 -38.57 -43.57 -21.12
N ASN G 30 -37.91 -43.72 -22.26
CA ASN G 30 -37.76 -45.03 -22.89
C ASN G 30 -36.97 -45.90 -21.92
N GLY G 31 -36.00 -45.29 -21.25
CA GLY G 31 -35.24 -45.97 -20.21
C GLY G 31 -33.74 -46.01 -20.48
N TRP G 32 -33.26 -45.07 -21.28
CA TRP G 32 -31.85 -45.04 -21.64
C TRP G 32 -31.15 -43.89 -20.91
N TYR G 33 -31.81 -43.41 -19.87
CA TYR G 33 -31.21 -42.54 -18.87
C TYR G 33 -31.51 -43.18 -17.52
N ASP G 34 -30.69 -42.91 -16.50
CA ASP G 34 -30.92 -43.52 -15.19
C ASP G 34 -32.27 -43.08 -14.63
N GLU G 35 -33.12 -44.06 -14.35
CA GLU G 35 -34.48 -43.78 -13.91
C GLU G 35 -34.50 -43.06 -12.57
N GLU G 36 -33.43 -43.23 -11.79
CA GLU G 36 -33.34 -42.65 -10.46
C GLU G 36 -32.72 -41.25 -10.44
N HIS G 37 -32.40 -40.70 -11.61
CA HIS G 37 -31.74 -39.40 -11.66
C HIS G 37 -32.48 -38.37 -12.53
N PRO G 38 -32.47 -37.10 -12.08
CA PRO G 38 -33.04 -35.97 -12.83
C PRO G 38 -32.16 -35.52 -13.99
N LEU G 39 -32.80 -34.92 -14.99
CA LEU G 39 -32.08 -34.43 -16.15
C LEU G 39 -31.48 -33.05 -15.88
N VAL G 40 -30.33 -32.77 -16.49
CA VAL G 40 -29.67 -31.48 -16.44
C VAL G 40 -29.36 -31.01 -17.87
N PHE G 41 -29.95 -29.89 -18.28
CA PHE G 41 -29.69 -29.31 -19.60
C PHE G 41 -28.79 -28.09 -19.46
N LEU G 42 -27.94 -27.83 -20.46
CA LEU G 42 -27.16 -26.60 -20.40
C LEU G 42 -27.43 -25.70 -21.60
N PHE G 43 -28.21 -24.65 -21.37
CA PHE G 43 -28.60 -23.73 -22.44
C PHE G 43 -27.49 -22.74 -22.80
N LEU G 44 -26.81 -23.02 -23.90
CA LEU G 44 -25.81 -22.13 -24.44
C LEU G 44 -26.47 -21.23 -25.47
N GLY G 45 -26.30 -19.92 -25.36
CA GLY G 45 -26.87 -19.02 -26.33
C GLY G 45 -26.89 -17.56 -25.96
N SER G 46 -27.68 -16.79 -26.70
CA SER G 46 -27.86 -15.36 -26.42
C SER G 46 -29.17 -15.07 -25.68
N SER G 47 -29.32 -13.82 -25.27
CA SER G 47 -30.43 -13.43 -24.41
C SER G 47 -31.76 -13.29 -25.15
N GLY G 48 -32.85 -13.62 -24.46
CA GLY G 48 -34.18 -13.34 -24.96
C GLY G 48 -34.62 -14.08 -26.21
N ILE G 49 -34.08 -15.28 -26.44
CA ILE G 49 -34.43 -16.00 -27.65
C ILE G 49 -35.23 -17.29 -27.38
N GLY G 50 -35.82 -17.41 -26.19
CA GLY G 50 -36.78 -18.48 -25.96
C GLY G 50 -36.49 -19.45 -24.83
N LYS G 51 -35.34 -19.29 -24.18
CA LYS G 51 -34.91 -20.21 -23.13
C LYS G 51 -35.97 -20.35 -22.04
N THR G 52 -36.29 -19.25 -21.38
CA THR G 52 -37.26 -19.26 -20.29
C THR G 52 -38.62 -19.74 -20.78
N GLU G 53 -38.94 -19.44 -22.03
CA GLU G 53 -40.19 -19.89 -22.62
C GLU G 53 -40.24 -21.41 -22.69
N LEU G 54 -39.11 -22.01 -23.05
CA LEU G 54 -39.00 -23.46 -23.14
C LEU G 54 -39.20 -24.12 -21.77
N ALA G 55 -38.59 -23.50 -20.75
CA ALA G 55 -38.70 -24.02 -19.39
C ALA G 55 -40.15 -23.98 -18.91
N LYS G 56 -40.84 -22.89 -19.23
CA LYS G 56 -42.24 -22.73 -18.87
C LYS G 56 -43.08 -23.79 -19.58
N GLN G 57 -42.77 -24.03 -20.84
CA GLN G 57 -43.49 -25.01 -21.65
C GLN G 57 -43.34 -26.42 -21.07
N VAL G 58 -42.11 -26.75 -20.65
CA VAL G 58 -41.85 -28.06 -20.08
C VAL G 58 -42.65 -28.28 -18.81
N ALA G 59 -42.71 -27.25 -17.97
CA ALA G 59 -43.51 -27.29 -16.75
C ALA G 59 -44.99 -27.43 -17.11
N ARG G 60 -45.40 -26.68 -18.14
CA ARG G 60 -46.78 -26.72 -18.61
C ARG G 60 -47.16 -28.09 -19.15
N TYR G 61 -46.25 -28.74 -19.87
CA TYR G 61 -46.59 -30.04 -20.49
C TYR G 61 -47.07 -31.03 -19.42
N MET G 62 -46.34 -31.14 -18.31
CA MET G 62 -46.69 -32.17 -17.29
C MET G 62 -47.18 -31.47 -16.03
N PHE G 70 -42.92 -24.92 -11.84
CA PHE G 70 -41.75 -24.24 -12.40
C PHE G 70 -41.00 -23.42 -11.37
N ILE G 71 -39.68 -23.45 -11.45
CA ILE G 71 -38.80 -22.69 -10.57
C ILE G 71 -37.72 -21.97 -11.37
N ARG G 72 -37.41 -20.73 -10.97
CA ARG G 72 -36.37 -19.94 -11.66
C ARG G 72 -35.36 -19.40 -10.63
N MET G 73 -34.07 -19.40 -10.98
CA MET G 73 -33.03 -18.90 -10.09
C MET G 73 -31.97 -18.13 -10.83
N ASP G 74 -31.36 -17.15 -10.15
CA ASP G 74 -30.30 -16.36 -10.76
C ASP G 74 -28.98 -16.59 -10.01
N MET G 75 -27.97 -17.04 -10.74
CA MET G 75 -26.67 -17.34 -10.15
C MET G 75 -25.81 -16.08 -10.02
N SER G 76 -26.45 -14.97 -9.65
CA SER G 76 -25.74 -13.72 -9.32
C SER G 76 -24.64 -13.93 -8.30
N LEU G 103 -33.84 -22.92 -1.09
CA LEU G 103 -34.41 -23.52 -2.29
C LEU G 103 -35.26 -24.75 -1.95
N THR G 104 -34.85 -25.45 -0.90
CA THR G 104 -35.48 -26.70 -0.49
C THR G 104 -36.97 -26.53 -0.18
N LYS G 105 -37.36 -25.32 0.20
CA LYS G 105 -38.77 -24.99 0.40
C LYS G 105 -39.48 -24.98 -0.95
N GLN G 106 -38.84 -24.34 -1.93
CA GLN G 106 -39.39 -24.23 -3.28
C GLN G 106 -39.52 -25.62 -3.91
N LEU G 107 -38.61 -26.52 -3.57
CA LEU G 107 -38.74 -27.90 -4.02
C LEU G 107 -39.72 -28.70 -3.15
N LYS G 108 -39.91 -28.28 -1.89
CA LYS G 108 -40.90 -28.96 -1.02
C LYS G 108 -42.29 -28.74 -1.63
N SER G 112 -42.30 -32.65 -8.94
CA SER G 112 -41.89 -32.98 -10.32
C SER G 112 -41.80 -31.78 -11.28
N ALA G 113 -40.96 -30.80 -10.98
CA ALA G 113 -41.03 -29.57 -11.77
C ALA G 113 -39.73 -29.21 -12.49
N VAL G 114 -39.87 -28.36 -13.51
CA VAL G 114 -38.74 -27.84 -14.24
C VAL G 114 -38.16 -26.72 -13.40
N VAL G 115 -36.86 -26.77 -13.18
CA VAL G 115 -36.21 -25.81 -12.32
C VAL G 115 -35.12 -25.12 -13.14
N LEU G 116 -35.07 -23.79 -13.07
CA LEU G 116 -34.21 -23.02 -13.95
C LEU G 116 -33.16 -22.21 -13.21
N PHE G 117 -31.89 -22.54 -13.47
CA PHE G 117 -30.79 -21.80 -12.87
C PHE G 117 -30.27 -20.88 -13.94
N ASP G 118 -30.26 -19.57 -13.71
CA ASP G 118 -29.82 -18.73 -14.80
C ASP G 118 -28.40 -18.23 -14.60
N GLU G 119 -27.63 -18.19 -15.69
CA GLU G 119 -26.26 -17.59 -15.67
C GLU G 119 -25.29 -18.27 -14.71
N VAL G 120 -24.92 -19.53 -14.95
CA VAL G 120 -23.89 -20.17 -14.15
C VAL G 120 -22.55 -19.47 -14.43
N HIS G 124 -19.07 -20.11 -9.12
CA HIS G 124 -18.14 -20.28 -7.98
C HIS G 124 -17.81 -21.78 -7.81
N PRO G 125 -16.53 -22.16 -7.61
CA PRO G 125 -16.15 -23.56 -7.49
C PRO G 125 -16.86 -24.22 -6.29
N ASP G 126 -17.01 -23.48 -5.19
CA ASP G 126 -17.67 -24.01 -3.97
C ASP G 126 -19.08 -24.49 -4.34
N VAL G 127 -19.90 -23.60 -4.91
CA VAL G 127 -21.29 -23.96 -5.30
C VAL G 127 -21.24 -25.03 -6.40
N LEU G 128 -20.28 -24.95 -7.33
CA LEU G 128 -20.22 -25.91 -8.47
C LEU G 128 -20.30 -27.35 -7.97
N THR G 129 -19.49 -27.74 -6.99
CA THR G 129 -19.50 -29.16 -6.54
C THR G 129 -20.81 -29.47 -5.83
N VAL G 130 -21.28 -28.57 -4.96
CA VAL G 130 -22.54 -28.81 -4.18
C VAL G 130 -23.74 -28.87 -5.16
N MET G 131 -23.74 -28.04 -6.20
CA MET G 131 -24.91 -28.01 -7.13
C MET G 131 -24.88 -29.29 -7.96
N LEU G 132 -23.68 -29.80 -8.30
CA LEU G 132 -23.57 -31.09 -9.02
C LEU G 132 -24.11 -32.20 -8.09
N GLN G 133 -23.78 -32.12 -6.81
CA GLN G 133 -24.23 -33.15 -5.83
C GLN G 133 -25.75 -33.10 -5.70
N LEU G 134 -26.35 -31.92 -5.84
CA LEU G 134 -27.84 -31.83 -5.81
C LEU G 134 -28.44 -32.76 -6.88
N PHE G 135 -27.87 -32.76 -8.09
CA PHE G 135 -28.42 -33.58 -9.20
C PHE G 135 -28.25 -35.08 -8.86
N ASP G 136 -27.10 -35.44 -8.29
CA ASP G 136 -26.82 -36.87 -7.97
C ASP G 136 -27.86 -37.36 -6.95
N ASP G 152 -36.51 -36.89 -9.88
CA ASP G 152 -37.07 -37.22 -11.19
C ASP G 152 -37.67 -35.95 -11.84
N ALA G 153 -37.15 -34.81 -11.42
CA ALA G 153 -37.49 -33.50 -11.98
C ALA G 153 -36.56 -33.12 -13.14
N ILE G 154 -36.90 -32.06 -13.86
CA ILE G 154 -36.04 -31.56 -14.94
C ILE G 154 -35.33 -30.29 -14.50
N PHE G 155 -34.00 -30.29 -14.66
CA PHE G 155 -33.19 -29.12 -14.23
C PHE G 155 -32.52 -28.49 -15.45
N ILE G 156 -32.78 -27.20 -15.67
CA ILE G 156 -32.19 -26.50 -16.85
C ILE G 156 -31.31 -25.35 -16.36
N MET G 157 -30.00 -25.42 -16.62
CA MET G 157 -29.10 -24.32 -16.30
C MET G 157 -28.69 -23.60 -17.58
N THR G 158 -28.96 -22.30 -17.63
CA THR G 158 -28.75 -21.48 -18.84
C THR G 158 -27.68 -20.41 -18.69
N SER G 159 -26.77 -20.27 -19.64
CA SER G 159 -25.75 -19.22 -19.47
C SER G 159 -25.43 -18.34 -20.68
N ASN G 160 -24.88 -17.15 -20.42
CA ASN G 160 -24.42 -16.27 -21.53
C ASN G 160 -22.95 -16.60 -21.79
N ALA G 161 -22.65 -17.81 -22.28
CA ALA G 161 -21.28 -18.27 -22.49
C ALA G 161 -21.01 -18.60 -23.96
N ALA G 162 -19.89 -18.12 -24.48
CA ALA G 162 -19.53 -18.36 -25.87
C ALA G 162 -20.66 -17.86 -26.76
N SER G 163 -21.20 -16.68 -26.42
CA SER G 163 -22.23 -16.09 -27.30
C SER G 163 -21.56 -15.56 -28.57
N ASP G 164 -20.37 -14.98 -28.44
CA ASP G 164 -19.70 -14.35 -29.62
C ASP G 164 -19.16 -15.38 -30.61
N GLU G 165 -18.38 -16.37 -30.14
CA GLU G 165 -17.70 -17.30 -31.10
C GLU G 165 -18.76 -18.15 -31.82
N ILE G 166 -19.88 -18.45 -31.15
CA ILE G 166 -20.95 -19.27 -31.68
C ILE G 166 -21.90 -18.49 -32.61
N ALA G 167 -22.30 -17.31 -32.20
CA ALA G 167 -23.18 -16.47 -33.02
C ALA G 167 -22.48 -16.11 -34.32
N GLN G 168 -21.19 -15.79 -34.23
CA GLN G 168 -20.41 -15.45 -35.45
C GLN G 168 -20.28 -16.70 -36.33
N HIS G 169 -20.13 -17.87 -35.70
CA HIS G 169 -20.05 -19.12 -36.43
C HIS G 169 -21.32 -19.38 -37.18
N ALA G 170 -22.45 -19.10 -36.53
CA ALA G 170 -23.76 -19.30 -37.14
C ALA G 170 -23.91 -18.41 -38.37
N LEU G 171 -23.41 -17.18 -38.27
CA LEU G 171 -23.47 -16.24 -39.42
C LEU G 171 -22.58 -16.80 -40.54
N GLN G 172 -21.42 -17.37 -40.18
CA GLN G 172 -20.53 -17.99 -41.20
C GLN G 172 -21.30 -19.12 -41.88
N LEU G 173 -22.01 -19.93 -41.08
CA LEU G 173 -22.78 -21.09 -41.63
C LEU G 173 -23.90 -20.57 -42.54
N ARG G 174 -24.54 -19.46 -42.17
CA ARG G 174 -25.62 -18.87 -43.00
C ARG G 174 -25.04 -18.37 -44.33
N GLN G 175 -23.86 -17.73 -44.29
CA GLN G 175 -23.21 -17.27 -45.54
C GLN G 175 -22.87 -18.51 -46.38
N GLU G 176 -22.41 -19.58 -45.73
CA GLU G 176 -22.03 -20.82 -46.48
C GLU G 176 -23.26 -21.43 -47.15
N ALA G 177 -24.46 -21.32 -46.56
CA ALA G 177 -25.58 -21.92 -47.25
C ALA G 177 -25.90 -21.16 -48.55
N ILE G 198 -30.02 -24.20 -40.40
CA ILE G 198 -28.70 -24.90 -40.53
C ILE G 198 -28.27 -25.39 -39.16
N THR G 199 -28.09 -26.71 -39.01
CA THR G 199 -27.75 -27.28 -37.70
C THR G 199 -26.22 -27.34 -37.52
N ILE G 200 -25.87 -27.19 -36.23
CA ILE G 200 -24.44 -27.13 -35.83
C ILE G 200 -23.76 -28.47 -35.99
N SER G 201 -22.48 -28.43 -36.37
CA SER G 201 -21.63 -29.61 -36.53
C SER G 201 -21.03 -30.12 -35.22
N ASN G 202 -20.82 -31.43 -35.15
CA ASN G 202 -20.35 -32.08 -33.92
C ASN G 202 -18.86 -31.88 -33.63
N THR G 203 -18.03 -31.98 -34.67
CA THR G 203 -16.58 -31.83 -34.51
C THR G 203 -16.25 -30.42 -34.06
N PHE G 204 -17.06 -29.46 -34.50
CA PHE G 204 -16.95 -28.07 -34.08
C PHE G 204 -17.07 -28.05 -32.56
N LYS G 205 -18.14 -28.67 -32.05
CA LYS G 205 -18.36 -28.71 -30.57
C LYS G 205 -17.17 -29.42 -29.90
N GLU G 206 -16.69 -30.52 -30.49
CA GLU G 206 -15.62 -31.33 -29.84
C GLU G 206 -14.28 -30.60 -29.75
N GLN G 207 -13.88 -29.88 -30.81
CA GLN G 207 -12.54 -29.29 -30.81
C GLN G 207 -12.50 -27.79 -30.50
N VAL G 208 -13.65 -27.11 -30.51
CA VAL G 208 -13.63 -25.68 -30.17
C VAL G 208 -14.49 -25.39 -28.94
N ILE G 209 -15.65 -26.04 -28.83
CA ILE G 209 -16.60 -25.65 -27.79
C ILE G 209 -16.26 -26.33 -26.47
N ARG G 210 -15.66 -27.51 -26.53
CA ARG G 210 -15.18 -28.17 -25.33
C ARG G 210 -14.10 -27.34 -24.61
N PRO G 211 -13.14 -26.75 -25.34
CA PRO G 211 -12.17 -25.89 -24.65
C PRO G 211 -12.76 -24.71 -23.88
N ILE G 212 -13.68 -23.94 -24.47
CA ILE G 212 -14.25 -22.79 -23.76
C ILE G 212 -14.96 -23.22 -22.47
N LEU G 213 -15.71 -24.32 -22.53
CA LEU G 213 -16.46 -24.80 -21.34
C LEU G 213 -15.46 -25.32 -20.30
N LYS G 214 -14.40 -25.96 -20.76
CA LYS G 214 -13.33 -26.49 -19.85
C LYS G 214 -12.65 -25.31 -19.17
N ALA G 215 -12.47 -24.19 -19.87
CA ALA G 215 -11.88 -23.01 -19.27
C ALA G 215 -12.82 -22.39 -18.24
N HIS G 216 -14.10 -22.30 -18.58
CA HIS G 216 -15.08 -21.68 -17.69
C HIS G 216 -15.34 -22.43 -16.39
N PHE G 217 -15.35 -23.76 -16.46
CA PHE G 217 -15.79 -24.55 -15.31
C PHE G 217 -14.66 -25.35 -14.67
N ARG G 218 -13.58 -25.61 -15.42
CA ARG G 218 -12.32 -26.22 -14.89
C ARG G 218 -12.41 -27.69 -14.45
N ARG G 219 -13.59 -28.29 -14.39
CA ARG G 219 -13.68 -29.67 -13.89
C ARG G 219 -14.50 -30.49 -14.88
N ASP G 220 -13.86 -31.50 -15.46
CA ASP G 220 -14.41 -32.23 -16.59
C ASP G 220 -15.71 -32.96 -16.27
N GLU G 221 -15.93 -33.22 -14.98
CA GLU G 221 -17.12 -33.92 -14.53
C GLU G 221 -18.40 -33.09 -14.48
N PHE G 222 -18.28 -31.78 -14.32
CA PHE G 222 -19.49 -30.96 -14.35
C PHE G 222 -19.95 -30.96 -15.81
N LEU G 223 -19.01 -30.63 -16.68
CA LEU G 223 -19.24 -30.65 -18.11
C LEU G 223 -19.60 -32.07 -18.53
N GLY G 224 -18.94 -33.05 -17.90
CA GLY G 224 -19.27 -34.45 -18.12
C GLY G 224 -20.65 -34.83 -17.63
N ARG G 225 -21.06 -34.25 -16.50
CA ARG G 225 -22.36 -34.57 -15.90
C ARG G 225 -23.57 -34.19 -16.76
N ILE G 226 -23.52 -33.04 -17.43
CA ILE G 226 -24.68 -32.54 -18.19
C ILE G 226 -25.10 -33.50 -19.31
N ASN G 227 -26.36 -33.92 -19.30
CA ASN G 227 -26.85 -34.91 -20.26
C ASN G 227 -26.79 -34.38 -21.68
N GLU G 228 -27.15 -33.11 -21.83
CA GLU G 228 -27.13 -32.44 -23.11
C GLU G 228 -26.87 -30.95 -23.02
N ILE G 229 -26.05 -30.47 -23.93
CA ILE G 229 -25.80 -29.07 -24.11
C ILE G 229 -26.73 -28.54 -25.20
N VAL G 230 -27.74 -27.79 -24.78
CA VAL G 230 -28.75 -27.29 -25.70
C VAL G 230 -28.33 -25.95 -26.33
N TYR G 231 -28.27 -25.93 -27.66
CA TYR G 231 -27.81 -24.75 -28.39
C TYR G 231 -28.96 -23.84 -28.83
N PHE G 232 -28.83 -22.55 -28.55
CA PHE G 232 -29.79 -21.56 -29.02
C PHE G 232 -29.16 -20.63 -30.05
N LEU G 233 -29.50 -20.82 -31.32
CA LEU G 233 -28.92 -19.99 -32.37
C LEU G 233 -29.71 -18.69 -32.50
N PRO G 234 -29.05 -17.61 -32.91
CA PRO G 234 -29.73 -16.33 -33.14
C PRO G 234 -30.82 -16.49 -34.21
N PHE G 235 -31.85 -15.66 -34.12
CA PHE G 235 -32.98 -15.75 -35.03
C PHE G 235 -32.56 -15.52 -36.46
N CYS G 236 -33.16 -16.27 -37.39
CA CYS G 236 -33.01 -15.94 -38.80
C CYS G 236 -34.25 -15.16 -39.22
N HIS G 237 -34.11 -14.42 -40.34
CA HIS G 237 -35.16 -13.48 -40.80
C HIS G 237 -36.59 -14.01 -40.77
N SER G 238 -36.82 -15.22 -41.28
CA SER G 238 -38.20 -15.72 -41.40
C SER G 238 -38.97 -15.62 -40.09
N GLU G 239 -38.32 -16.04 -38.99
CA GLU G 239 -38.99 -16.02 -37.66
C GLU G 239 -39.05 -14.59 -37.11
N LEU G 240 -38.14 -13.70 -37.55
CA LEU G 240 -38.24 -12.29 -37.16
C LEU G 240 -39.52 -11.71 -37.74
N LEU G 241 -39.73 -11.98 -39.04
CA LEU G 241 -40.99 -11.59 -39.69
C LEU G 241 -42.18 -12.19 -38.95
N GLN G 242 -42.03 -13.46 -38.56
CA GLN G 242 -43.08 -14.16 -37.84
C GLN G 242 -43.41 -13.47 -36.50
N LEU G 243 -42.37 -12.94 -35.87
CA LEU G 243 -42.50 -12.24 -34.59
C LEU G 243 -43.29 -10.94 -34.77
N VAL G 244 -42.85 -10.12 -35.71
CA VAL G 244 -43.52 -8.87 -36.00
C VAL G 244 -45.00 -9.11 -36.34
N SER G 245 -45.24 -10.08 -37.22
CA SER G 245 -46.60 -10.46 -37.59
C SER G 245 -47.41 -10.87 -36.36
N ARG G 246 -46.77 -11.54 -35.42
CA ARG G 246 -47.41 -11.94 -34.17
C ARG G 246 -47.90 -10.72 -33.38
N GLU G 247 -47.01 -9.75 -33.20
CA GLU G 247 -47.35 -8.55 -32.45
C GLU G 247 -48.47 -7.77 -33.14
N LEU G 248 -48.30 -7.54 -34.44
CA LEU G 248 -49.30 -6.83 -35.25
C LEU G 248 -50.64 -7.53 -35.19
N HIS G 249 -50.62 -8.86 -35.09
CA HIS G 249 -51.84 -9.63 -34.92
C HIS G 249 -52.51 -9.28 -33.60
N TYR G 250 -51.70 -9.19 -32.54
CA TYR G 250 -52.23 -8.78 -31.24
C TYR G 250 -52.92 -7.42 -31.31
N TRP G 251 -52.24 -6.46 -31.91
CA TRP G 251 -52.79 -5.10 -31.99
C TRP G 251 -54.04 -5.05 -32.86
N ALA G 252 -54.08 -5.86 -33.90
CA ALA G 252 -55.28 -5.95 -34.74
C ALA G 252 -56.45 -6.48 -33.91
N LYS G 253 -56.18 -7.53 -33.13
CA LYS G 253 -57.24 -8.10 -32.26
C LYS G 253 -57.76 -7.01 -31.32
N LYS G 254 -56.86 -6.30 -30.64
CA LYS G 254 -57.29 -5.28 -29.64
C LYS G 254 -58.05 -4.14 -30.33
N ALA G 255 -57.61 -3.74 -31.53
CA ALA G 255 -58.25 -2.68 -32.29
C ALA G 255 -59.69 -3.06 -32.64
N LYS G 256 -59.83 -4.23 -33.25
CA LYS G 256 -61.15 -4.74 -33.62
C LYS G 256 -62.01 -4.92 -32.37
N GLN G 257 -61.36 -5.22 -31.24
CA GLN G 257 -62.11 -5.46 -29.98
C GLN G 257 -62.72 -4.18 -29.44
N ARG G 258 -61.97 -3.07 -29.43
CA ARG G 258 -62.51 -1.85 -28.80
C ARG G 258 -63.14 -0.84 -29.74
N HIS G 259 -62.50 -0.59 -30.86
CA HIS G 259 -62.97 0.49 -31.72
C HIS G 259 -63.47 0.00 -33.06
N ASN G 260 -63.63 -1.31 -33.18
CA ASN G 260 -64.05 -1.95 -34.43
C ASN G 260 -63.16 -1.57 -35.59
N ILE G 261 -61.85 -1.45 -35.33
CA ILE G 261 -60.90 -1.17 -36.38
C ILE G 261 -60.24 -2.46 -36.87
N THR G 262 -60.36 -2.73 -38.16
CA THR G 262 -59.72 -3.90 -38.75
C THR G 262 -58.34 -3.51 -39.28
N LEU G 263 -57.30 -4.10 -38.70
CA LEU G 263 -55.95 -3.74 -39.07
C LEU G 263 -55.36 -4.76 -40.04
N LEU G 264 -54.83 -4.26 -41.15
CA LEU G 264 -54.24 -5.12 -42.17
C LEU G 264 -52.89 -4.55 -42.56
N TRP G 265 -52.03 -5.37 -43.15
CA TRP G 265 -50.71 -4.89 -43.56
C TRP G 265 -50.17 -5.69 -44.73
N GLU G 266 -48.99 -5.29 -45.20
CA GLU G 266 -48.30 -6.04 -46.24
C GLU G 266 -46.89 -6.35 -45.76
N ARG G 267 -46.24 -7.29 -46.44
CA ARG G 267 -44.95 -7.83 -45.99
C ARG G 267 -43.80 -6.80 -45.91
N PRO G 268 -43.78 -5.82 -46.83
CA PRO G 268 -42.74 -4.78 -46.66
C PRO G 268 -42.84 -4.05 -45.33
N VAL G 269 -44.04 -3.95 -44.76
CA VAL G 269 -44.20 -3.44 -43.40
C VAL G 269 -43.42 -4.33 -42.44
N LEU G 270 -43.63 -5.64 -42.57
CA LEU G 270 -42.99 -6.61 -41.69
C LEU G 270 -41.48 -6.48 -41.72
N GLU G 271 -40.88 -6.45 -42.91
CA GLU G 271 -39.42 -6.40 -42.95
C GLU G 271 -38.87 -5.03 -42.57
N LEU G 272 -39.62 -3.99 -42.93
CA LEU G 272 -39.26 -2.64 -42.52
C LEU G 272 -39.13 -2.62 -41.00
N LEU G 273 -40.04 -3.32 -40.33
CA LEU G 273 -40.02 -3.37 -38.88
C LEU G 273 -38.92 -4.28 -38.33
N VAL G 274 -38.70 -5.44 -38.94
CA VAL G 274 -37.62 -6.32 -38.48
C VAL G 274 -36.23 -5.71 -38.66
N LYS G 275 -36.10 -4.67 -39.47
CA LYS G 275 -34.78 -4.06 -39.60
C LYS G 275 -34.48 -3.18 -38.39
N GLY G 276 -35.45 -3.05 -37.50
CA GLY G 276 -35.24 -2.42 -36.21
C GLY G 276 -35.05 -3.42 -35.10
N TYR G 277 -34.44 -4.56 -35.42
CA TYR G 277 -34.21 -5.62 -34.45
C TYR G 277 -32.92 -5.39 -33.68
N ASN G 278 -32.99 -5.52 -32.38
CA ASN G 278 -31.80 -5.41 -31.55
C ASN G 278 -31.37 -6.76 -31.00
N LEU G 279 -30.11 -7.11 -31.23
CA LEU G 279 -29.58 -8.39 -30.81
C LEU G 279 -29.58 -8.53 -29.29
N HIS G 280 -29.33 -7.40 -28.62
CA HIS G 280 -29.01 -7.37 -27.20
C HIS G 280 -30.06 -7.92 -26.23
N TYR G 281 -31.35 -7.66 -26.46
CA TYR G 281 -32.35 -8.22 -25.55
C TYR G 281 -33.43 -9.07 -26.23
N GLY G 282 -33.32 -9.25 -27.53
CA GLY G 282 -34.06 -10.31 -28.21
C GLY G 282 -35.47 -10.06 -28.71
N ALA G 283 -36.38 -10.98 -28.41
CA ALA G 283 -37.70 -10.97 -29.02
C ALA G 283 -38.49 -9.70 -28.73
N ARG G 284 -38.52 -9.30 -27.46
CA ARG G 284 -39.25 -8.07 -27.05
C ARG G 284 -38.73 -6.88 -27.86
N SER G 285 -37.46 -6.90 -28.26
CA SER G 285 -36.90 -5.80 -29.03
C SER G 285 -37.90 -5.47 -30.13
N ILE G 286 -38.27 -6.46 -30.93
CA ILE G 286 -39.16 -6.24 -32.07
C ILE G 286 -40.51 -5.73 -31.63
N LYS G 287 -41.02 -6.22 -30.49
CA LYS G 287 -42.36 -5.81 -29.98
C LYS G 287 -42.28 -4.32 -29.65
N HIS G 288 -41.18 -3.91 -29.04
CA HIS G 288 -41.01 -2.50 -28.69
C HIS G 288 -40.99 -1.65 -29.92
N GLU G 289 -40.33 -2.14 -30.97
CA GLU G 289 -40.26 -1.45 -32.23
C GLU G 289 -41.66 -1.23 -32.77
N VAL G 290 -42.52 -2.24 -32.63
CA VAL G 290 -43.85 -2.08 -33.20
C VAL G 290 -44.59 -0.96 -32.48
N GLU G 291 -44.63 -1.00 -31.15
CA GLU G 291 -45.39 0.01 -30.43
C GLU G 291 -44.64 1.33 -30.45
N ARG G 292 -43.45 1.34 -31.05
CA ARG G 292 -42.65 2.59 -31.16
C ARG G 292 -42.64 3.09 -32.61
N ARG G 293 -43.17 2.31 -33.55
CA ARG G 293 -43.27 2.83 -34.92
C ARG G 293 -44.64 2.61 -35.59
N VAL G 294 -45.45 1.73 -35.03
CA VAL G 294 -46.76 1.47 -35.61
C VAL G 294 -47.89 1.93 -34.69
N VAL G 295 -47.90 1.42 -33.47
CA VAL G 295 -49.03 1.63 -32.57
C VAL G 295 -49.14 3.09 -32.14
N ASN G 296 -48.01 3.79 -32.11
CA ASN G 296 -48.05 5.22 -31.81
C ASN G 296 -48.81 5.95 -32.91
N GLN G 297 -48.60 5.49 -34.15
CA GLN G 297 -49.24 6.09 -35.31
C GLN G 297 -50.74 5.85 -35.26
N LEU G 298 -51.09 4.64 -34.83
CA LEU G 298 -52.48 4.24 -34.65
C LEU G 298 -53.15 5.12 -33.60
N ALA G 299 -52.45 5.32 -32.49
CA ALA G 299 -52.93 6.13 -31.38
C ALA G 299 -53.12 7.59 -31.78
N ALA G 300 -52.13 8.13 -32.48
CA ALA G 300 -52.17 9.51 -32.94
C ALA G 300 -53.35 9.72 -33.89
N ALA G 301 -53.44 8.87 -34.91
CA ALA G 301 -54.53 8.98 -35.89
C ALA G 301 -55.88 8.78 -35.23
N PHE G 302 -55.93 7.95 -34.19
CA PHE G 302 -57.18 7.73 -33.46
C PHE G 302 -57.59 8.94 -32.62
N GLU G 303 -56.60 9.60 -32.01
CA GLU G 303 -56.91 10.76 -31.12
C GLU G 303 -57.42 11.94 -31.95
N GLN G 304 -57.02 12.02 -33.22
CA GLN G 304 -57.44 13.13 -34.07
C GLN G 304 -58.77 12.80 -34.76
N GLU G 305 -59.41 11.75 -34.30
CA GLU G 305 -60.70 11.28 -34.82
C GLU G 305 -60.66 10.88 -36.29
N LEU G 306 -59.52 10.35 -36.73
CA LEU G 306 -59.38 9.88 -38.11
C LEU G 306 -59.81 8.41 -38.22
N LEU G 307 -59.91 7.73 -37.09
CA LEU G 307 -60.29 6.31 -37.09
C LEU G 307 -61.63 6.06 -36.40
N PRO G 308 -62.82 6.30 -37.02
CA PRO G 308 -64.09 5.97 -36.36
C PRO G 308 -64.37 4.46 -36.28
N LYS G 309 -65.49 4.08 -35.68
CA LYS G 309 -65.87 2.64 -35.58
C LYS G 309 -66.18 2.10 -36.97
N GLY G 310 -65.81 0.84 -37.25
CA GLY G 310 -66.13 0.22 -38.55
C GLY G 310 -65.16 0.64 -39.64
N CYS G 311 -63.87 0.74 -39.34
CA CYS G 311 -62.89 1.05 -40.38
C CYS G 311 -62.07 -0.12 -40.87
N THR G 312 -61.46 0.08 -42.02
CA THR G 312 -60.49 -0.85 -42.56
C THR G 312 -59.23 -0.04 -42.78
N LEU G 313 -58.20 -0.36 -42.00
CA LEU G 313 -56.96 0.40 -42.01
C LEU G 313 -55.81 -0.53 -42.34
N ARG G 314 -55.06 -0.20 -43.38
CA ARG G 314 -53.97 -1.06 -43.79
C ARG G 314 -52.63 -0.33 -43.77
N LEU G 315 -51.62 -0.96 -43.16
CA LEU G 315 -50.27 -0.37 -43.12
C LEU G 315 -49.49 -0.82 -44.36
N THR G 316 -48.90 0.11 -45.11
CA THR G 316 -48.06 -0.22 -46.26
C THR G 316 -46.77 0.58 -46.17
N VAL G 317 -45.85 0.33 -47.08
CA VAL G 317 -44.58 1.06 -47.08
C VAL G 317 -44.31 1.67 -48.45
N ASP G 318 -44.02 2.97 -48.48
CA ASP G 318 -43.76 3.68 -49.76
C ASP G 318 -42.25 3.94 -49.89
N ALA G 327 -34.98 6.85 -46.95
CA ALA G 327 -35.44 6.10 -45.79
C ALA G 327 -36.95 5.90 -45.83
N PRO G 328 -37.39 4.69 -46.22
CA PRO G 328 -38.81 4.31 -46.37
C PRO G 328 -39.63 4.46 -45.09
N VAL G 329 -40.69 5.25 -45.16
CA VAL G 329 -41.58 5.44 -44.01
C VAL G 329 -42.90 4.72 -44.28
N LEU G 330 -43.41 4.07 -43.22
CA LEU G 330 -44.68 3.30 -43.36
C LEU G 330 -45.87 4.26 -43.33
N ARG G 331 -46.81 4.05 -44.25
CA ARG G 331 -48.03 4.89 -44.34
C ARG G 331 -49.25 4.07 -43.91
N LEU G 332 -50.28 4.74 -43.41
CA LEU G 332 -51.51 4.11 -42.96
C LEU G 332 -52.66 4.46 -43.87
N GLU G 333 -53.08 3.50 -44.69
CA GLU G 333 -54.09 3.75 -45.71
C GLU G 333 -55.46 3.45 -45.14
N LEU G 334 -56.36 4.42 -45.21
CA LEU G 334 -57.70 4.24 -44.67
C LEU G 334 -58.66 3.97 -45.83
N LEU G 335 -59.51 2.97 -45.66
CA LEU G 335 -60.47 2.59 -46.68
C LEU G 335 -61.75 3.43 -46.61
N GLN G 336 -62.03 4.15 -47.69
CA GLN G 336 -63.24 4.96 -47.78
C GLN G 336 -64.34 4.16 -48.50
N GLU G 337 -65.54 4.74 -48.58
CA GLU G 337 -66.67 4.08 -49.25
C GLU G 337 -66.53 4.23 -50.77
N ASP G 338 -65.40 4.81 -51.18
CA ASP G 338 -65.06 4.91 -52.58
C ASP G 338 -64.55 3.54 -53.05
N LYS G 339 -64.44 2.61 -52.09
CA LYS G 339 -63.85 1.28 -52.29
C LYS G 339 -62.40 1.37 -52.75
N THR G 340 -61.82 2.53 -52.53
CA THR G 340 -60.38 2.72 -52.64
C THR G 340 -59.90 3.21 -51.28
N SER G 341 -58.59 3.32 -51.10
CA SER G 341 -58.04 3.77 -49.84
C SER G 341 -57.22 5.02 -50.07
N ARG G 342 -57.08 5.87 -49.03
CA ARG G 342 -56.19 7.00 -49.19
C ARG G 342 -55.25 7.11 -47.98
N LYS G 343 -54.07 7.66 -48.23
CA LYS G 343 -53.03 7.75 -47.17
C LYS G 343 -53.45 8.75 -46.11
N LEU G 344 -53.38 8.36 -44.84
CA LEU G 344 -53.65 9.28 -43.76
C LEU G 344 -52.40 10.13 -43.50
N GLU G 345 -52.62 11.42 -43.24
CA GLU G 345 -51.49 12.34 -42.95
C GLU G 345 -51.50 12.68 -41.45
N ILE G 346 -50.62 12.05 -40.68
CA ILE G 346 -50.54 12.31 -39.21
C ILE G 346 -50.11 13.77 -38.99
N GLN G 347 -50.74 14.42 -37.99
CA GLN G 347 -50.43 15.84 -37.67
C GLN G 347 -49.61 15.91 -36.36
N PRO G 348 -48.41 16.54 -36.30
CA PRO G 348 -47.67 16.69 -35.05
C PRO G 348 -48.52 17.34 -33.96
N SER H 1 -9.36 39.71 -48.95
CA SER H 1 -7.93 39.65 -48.54
C SER H 1 -7.17 38.70 -49.49
N PRO H 2 -5.87 38.90 -49.83
CA PRO H 2 -5.20 38.00 -50.78
C PRO H 2 -4.93 36.60 -50.19
N LEU H 3 -4.42 36.60 -48.97
CA LEU H 3 -4.14 35.35 -48.28
C LEU H 3 -5.46 34.57 -48.20
N GLU H 4 -6.56 35.28 -47.95
CA GLU H 4 -7.88 34.64 -47.89
C GLU H 4 -8.22 33.91 -49.18
N ARG H 5 -7.93 34.57 -50.31
CA ARG H 5 -8.22 33.97 -51.64
C ARG H 5 -7.38 32.70 -51.79
N ARG H 6 -6.12 32.71 -51.35
CA ARG H 6 -5.30 31.52 -51.61
C ARG H 6 -5.50 30.37 -50.61
N LEU H 7 -5.95 30.69 -49.40
CA LEU H 7 -6.35 29.63 -48.49
C LEU H 7 -7.65 29.02 -48.98
N LYS H 8 -8.58 29.87 -49.39
CA LYS H 8 -9.80 29.37 -50.04
C LYS H 8 -9.47 28.62 -51.33
N GLU H 9 -8.32 28.90 -51.92
CA GLU H 9 -7.99 28.24 -53.19
C GLU H 9 -7.14 26.97 -53.04
N HIS H 10 -6.66 26.67 -51.83
CA HIS H 10 -5.96 25.39 -51.67
C HIS H 10 -6.52 24.50 -50.58
N ILE H 11 -7.59 24.93 -49.92
CA ILE H 11 -8.20 24.10 -48.89
C ILE H 11 -9.69 23.88 -49.12
N ILE H 12 -10.14 22.65 -48.91
CA ILE H 12 -11.55 22.31 -49.06
C ILE H 12 -12.30 22.54 -47.76
N GLY H 13 -13.42 23.25 -47.86
CA GLY H 13 -14.27 23.54 -46.72
C GLY H 13 -13.63 24.49 -45.73
N GLN H 14 -14.21 24.58 -44.54
CA GLN H 14 -13.66 25.38 -43.45
C GLN H 14 -13.38 26.83 -43.86
N GLU H 15 -14.42 27.55 -44.25
CA GLU H 15 -14.23 28.93 -44.70
C GLU H 15 -14.19 29.87 -43.50
N GLY H 16 -14.89 29.48 -42.44
CA GLY H 16 -14.86 30.19 -41.18
C GLY H 16 -13.45 30.32 -40.61
N ALA H 17 -12.80 29.16 -40.46
CA ALA H 17 -11.44 29.09 -39.95
C ALA H 17 -10.54 30.02 -40.74
N ILE H 18 -10.67 29.93 -42.07
CA ILE H 18 -9.85 30.72 -42.96
C ILE H 18 -10.11 32.21 -42.75
N ASN H 19 -11.37 32.58 -42.56
CA ASN H 19 -11.70 33.98 -42.34
C ASN H 19 -11.04 34.52 -41.07
N THR H 20 -11.23 33.80 -39.97
CA THR H 20 -10.69 34.19 -38.68
C THR H 20 -9.18 34.34 -38.74
N VAL H 21 -8.51 33.32 -39.27
CA VAL H 21 -7.06 33.34 -39.34
C VAL H 21 -6.56 34.48 -40.22
N ALA H 22 -7.14 34.59 -41.41
CA ALA H 22 -6.69 35.57 -42.39
C ALA H 22 -6.79 37.02 -41.92
N SER H 23 -8.01 37.43 -41.51
CA SER H 23 -8.24 38.80 -41.06
C SER H 23 -7.58 39.05 -39.69
N ALA H 24 -7.31 38.00 -38.92
CA ALA H 24 -6.54 38.21 -37.70
C ALA H 24 -5.14 38.66 -38.11
N ILE H 25 -4.58 37.93 -39.08
CA ILE H 25 -3.29 38.27 -39.63
C ILE H 25 -3.26 39.70 -40.18
N ARG H 26 -4.35 40.12 -40.83
CA ARG H 26 -4.32 41.44 -41.44
C ARG H 26 -4.75 42.52 -40.44
N ARG H 27 -5.31 42.09 -39.31
CA ARG H 27 -5.50 42.99 -38.19
C ARG H 27 -4.16 43.36 -37.59
N LYS H 28 -3.29 42.37 -37.40
CA LYS H 28 -1.95 42.69 -36.93
C LYS H 28 -1.25 43.51 -38.01
N GLU H 29 -1.48 43.15 -39.26
CA GLU H 29 -0.78 43.80 -40.36
C GLU H 29 -1.14 45.28 -40.46
N ASN H 30 -2.36 45.62 -40.06
CA ASN H 30 -2.80 47.01 -39.98
C ASN H 30 -2.25 47.76 -38.78
N GLY H 31 -2.16 47.09 -37.64
CA GLY H 31 -1.56 47.68 -36.47
C GLY H 31 -2.52 47.71 -35.30
N TRP H 32 -3.51 46.83 -35.33
CA TRP H 32 -4.50 46.78 -34.27
C TRP H 32 -4.29 45.56 -33.40
N TYR H 33 -3.09 45.02 -33.49
CA TYR H 33 -2.59 44.06 -32.52
C TYR H 33 -1.26 44.60 -32.04
N ASP H 34 -0.84 44.23 -30.83
CA ASP H 34 0.43 44.72 -30.32
C ASP H 34 1.49 44.15 -31.25
N GLU H 35 2.32 45.03 -31.83
CA GLU H 35 3.07 44.65 -33.02
C GLU H 35 4.41 43.99 -32.68
N GLU H 36 4.73 43.96 -31.39
CA GLU H 36 5.94 43.29 -30.95
C GLU H 36 5.64 41.93 -30.32
N HIS H 37 4.46 41.39 -30.61
CA HIS H 37 4.09 40.05 -30.14
C HIS H 37 3.65 39.16 -31.29
N PRO H 38 4.00 37.87 -31.21
CA PRO H 38 3.54 36.89 -32.20
C PRO H 38 2.07 36.55 -31.94
N LEU H 39 1.36 36.11 -32.97
CA LEU H 39 -0.07 35.82 -32.82
C LEU H 39 -0.31 34.46 -32.17
N VAL H 40 -1.42 34.36 -31.44
CA VAL H 40 -1.81 33.10 -30.84
C VAL H 40 -3.21 32.68 -31.28
N PHE H 41 -3.22 31.58 -32.02
CA PHE H 41 -4.47 30.98 -32.47
C PHE H 41 -4.71 29.71 -31.68
N LEU H 42 -5.97 29.41 -31.41
CA LEU H 42 -6.31 28.13 -30.79
C LEU H 42 -7.29 27.39 -31.69
N PHE H 43 -6.79 26.42 -32.44
CA PHE H 43 -7.60 25.66 -33.36
C PHE H 43 -8.41 24.64 -32.58
N LEU H 44 -9.66 24.97 -32.34
CA LEU H 44 -10.57 24.07 -31.67
C LEU H 44 -11.35 23.31 -32.73
N GLY H 45 -11.35 21.98 -32.65
CA GLY H 45 -12.09 21.19 -33.62
C GLY H 45 -11.72 19.72 -33.61
N SER H 46 -12.13 19.01 -34.67
CA SER H 46 -11.82 17.59 -34.82
C SER H 46 -10.66 17.34 -35.79
N SER H 47 -10.24 16.09 -35.86
CA SER H 47 -9.05 15.71 -36.60
C SER H 47 -9.28 15.64 -38.11
N GLY H 48 -8.24 15.95 -38.87
CA GLY H 48 -8.25 15.76 -40.31
C GLY H 48 -9.18 16.66 -41.10
N ILE H 49 -9.49 17.84 -40.59
CA ILE H 49 -10.39 18.74 -41.29
C ILE H 49 -9.66 20.00 -41.77
N GLY H 50 -8.34 19.96 -41.81
CA GLY H 50 -7.59 21.00 -42.49
C GLY H 50 -6.59 21.80 -41.68
N LYS H 51 -6.52 21.55 -40.37
CA LYS H 51 -5.68 22.33 -39.47
C LYS H 51 -4.21 22.40 -39.86
N THR H 52 -3.54 21.24 -39.90
CA THR H 52 -2.12 21.21 -40.23
C THR H 52 -1.90 21.76 -41.64
N GLU H 53 -2.88 21.56 -42.50
CA GLU H 53 -2.78 22.02 -43.88
C GLU H 53 -3.05 23.52 -43.95
N LEU H 54 -3.93 24.01 -43.08
CA LEU H 54 -4.13 25.44 -42.96
C LEU H 54 -2.85 26.14 -42.53
N ALA H 55 -2.21 25.59 -41.51
CA ALA H 55 -0.93 26.11 -41.04
C ALA H 55 0.10 26.08 -42.16
N LYS H 56 0.13 24.96 -42.89
CA LYS H 56 1.10 24.80 -43.97
C LYS H 56 0.90 25.83 -45.07
N GLN H 57 -0.36 26.16 -45.36
CA GLN H 57 -0.68 27.09 -46.43
C GLN H 57 -0.47 28.54 -46.00
N VAL H 58 -0.69 28.82 -44.73
CA VAL H 58 -0.37 30.13 -44.18
C VAL H 58 1.14 30.33 -44.30
N ALA H 59 1.88 29.28 -43.97
CA ALA H 59 3.33 29.29 -44.09
C ALA H 59 3.74 29.54 -45.54
N ARG H 60 3.09 28.85 -46.46
CA ARG H 60 3.42 28.97 -47.88
C ARG H 60 3.13 30.35 -48.43
N TYR H 61 2.03 30.97 -47.98
CA TYR H 61 1.70 32.31 -48.46
C TYR H 61 2.68 33.31 -47.87
N MET H 62 3.15 33.07 -46.64
CA MET H 62 3.90 34.10 -45.95
C MET H 62 5.39 34.10 -46.31
N HIS H 63 5.89 33.03 -46.92
CA HIS H 63 7.23 33.08 -47.47
C HIS H 63 7.18 32.80 -48.97
N GLY H 69 10.36 27.58 -43.13
CA GLY H 69 9.38 28.60 -42.77
C GLY H 69 8.22 28.01 -41.99
N PHE H 70 8.31 26.72 -41.67
CA PHE H 70 7.25 26.04 -40.95
C PHE H 70 7.88 25.11 -39.93
N ILE H 71 7.30 25.07 -38.74
CA ILE H 71 7.78 24.20 -37.67
C ILE H 71 6.59 23.51 -37.01
N ARG H 72 6.78 22.24 -36.62
CA ARG H 72 5.70 21.50 -35.98
C ARG H 72 6.23 20.75 -34.77
N MET H 73 5.43 20.72 -33.71
CA MET H 73 5.78 20.04 -32.48
C MET H 73 4.56 19.39 -31.84
N ASP H 74 4.80 18.39 -30.97
CA ASP H 74 3.70 17.67 -30.27
C ASP H 74 3.78 17.98 -28.76
N MET H 75 2.64 18.12 -28.07
CA MET H 75 2.66 18.57 -26.65
C MET H 75 2.28 17.44 -25.68
N SER H 76 1.79 16.32 -26.20
CA SER H 76 1.35 15.21 -25.33
C SER H 76 2.53 14.68 -24.52
N GLU H 77 3.73 14.64 -25.13
CA GLU H 77 4.90 14.04 -24.44
C GLU H 77 5.39 14.88 -23.26
N PHE H 78 4.85 16.09 -23.04
CA PHE H 78 5.43 16.92 -21.98
C PHE H 78 4.54 17.02 -20.74
N GLN H 79 4.28 15.90 -20.08
CA GLN H 79 3.46 15.92 -18.87
C GLN H 79 4.29 15.60 -17.62
N GLU H 80 5.58 15.79 -17.76
CA GLU H 80 6.38 15.73 -16.54
C GLU H 80 7.37 16.88 -16.62
N LYS H 81 7.87 17.28 -15.48
CA LYS H 81 8.77 18.43 -15.45
C LYS H 81 10.05 18.09 -16.20
N HIS H 82 10.30 16.78 -16.33
CA HIS H 82 11.49 16.30 -17.09
C HIS H 82 11.38 16.76 -18.55
N GLU H 83 10.16 16.77 -19.09
CA GLU H 83 9.97 17.19 -20.51
C GLU H 83 9.65 18.69 -20.56
N VAL H 84 9.18 19.27 -19.46
CA VAL H 84 9.03 20.75 -19.56
C VAL H 84 10.46 21.20 -19.77
N ALA H 85 11.41 20.49 -19.15
CA ALA H 85 12.77 20.94 -19.32
C ALA H 85 13.19 20.75 -20.74
N LYS H 86 12.91 19.56 -21.29
CA LYS H 86 13.24 19.28 -22.71
C LYS H 86 12.61 20.36 -23.60
N LEU H 103 12.93 23.71 -29.28
CA LEU H 103 12.26 24.61 -30.23
C LEU H 103 13.17 25.78 -30.63
N THR H 104 14.01 26.22 -29.68
CA THR H 104 14.87 27.40 -29.82
C THR H 104 15.92 27.32 -30.95
N LYS H 105 16.39 26.11 -31.28
CA LYS H 105 17.27 25.94 -32.42
C LYS H 105 16.49 26.12 -33.72
N GLN H 106 15.29 25.54 -33.75
CA GLN H 106 14.39 25.57 -34.89
C GLN H 106 14.00 27.00 -35.19
N LEU H 107 13.78 27.76 -34.12
CA LEU H 107 13.37 29.14 -34.26
C LEU H 107 14.56 30.02 -34.56
N LYS H 108 15.74 29.58 -34.12
CA LYS H 108 16.97 30.33 -34.47
C LYS H 108 17.18 30.22 -35.98
N GLN H 109 16.82 29.06 -36.57
CA GLN H 109 16.91 28.92 -38.05
C GLN H 109 16.00 29.96 -38.71
N SER H 110 14.73 30.02 -38.29
CA SER H 110 13.78 30.99 -38.83
C SER H 110 13.02 31.62 -37.67
N PRO H 111 13.26 32.92 -37.41
CA PRO H 111 12.63 33.59 -36.28
C PRO H 111 11.16 33.94 -36.53
N SER H 112 10.84 34.30 -37.77
CA SER H 112 9.50 34.76 -38.12
C SER H 112 8.73 33.68 -38.88
N ALA H 113 8.55 32.52 -38.24
CA ALA H 113 8.01 31.36 -38.93
C ALA H 113 6.72 30.86 -38.28
N VAL H 114 5.94 30.09 -39.02
CA VAL H 114 4.72 29.51 -38.48
C VAL H 114 5.06 28.29 -37.65
N VAL H 115 4.59 28.25 -36.41
CA VAL H 115 4.88 27.12 -35.53
C VAL H 115 3.57 26.50 -35.02
N LEU H 116 3.54 25.17 -35.04
CA LEU H 116 2.33 24.42 -34.75
C LEU H 116 2.51 23.56 -33.52
N PHE H 117 1.74 23.83 -32.48
CA PHE H 117 1.77 23.01 -31.27
C PHE H 117 0.54 22.10 -31.30
N ASP H 118 0.75 20.79 -31.12
CA ASP H 118 -0.38 19.82 -31.20
C ASP H 118 -0.62 19.12 -29.86
N GLU H 119 -1.89 18.88 -29.50
CA GLU H 119 -2.25 18.09 -28.29
C GLU H 119 -1.91 18.84 -26.99
N VAL H 120 -2.30 20.12 -26.93
CA VAL H 120 -2.01 20.96 -25.72
C VAL H 120 -2.92 20.50 -24.58
N HIS H 124 2.61 19.98 -19.95
CA HIS H 124 2.71 20.23 -18.48
C HIS H 124 2.38 21.70 -18.26
N PRO H 125 1.56 22.10 -17.25
CA PRO H 125 1.15 23.50 -17.16
C PRO H 125 2.29 24.53 -17.20
N ASP H 126 3.53 24.08 -16.99
CA ASP H 126 4.62 25.05 -17.00
C ASP H 126 5.39 25.03 -18.31
N VAL H 127 5.04 24.10 -19.19
CA VAL H 127 5.48 24.20 -20.56
C VAL H 127 4.58 25.25 -21.17
N LEU H 128 3.41 25.42 -20.56
CA LEU H 128 2.47 26.44 -20.98
C LEU H 128 2.73 27.78 -20.29
N THR H 129 3.46 27.76 -19.18
CA THR H 129 3.95 29.03 -18.62
C THR H 129 5.13 29.53 -19.46
N VAL H 130 6.01 28.59 -19.83
CA VAL H 130 7.14 28.91 -20.69
C VAL H 130 6.63 29.36 -22.05
N MET H 131 5.57 28.68 -22.50
CA MET H 131 4.94 28.98 -23.78
C MET H 131 4.35 30.38 -23.71
N LEU H 132 3.68 30.66 -22.60
CA LEU H 132 3.02 31.96 -22.45
C LEU H 132 3.99 33.13 -22.48
N GLN H 133 5.11 32.99 -21.76
CA GLN H 133 6.14 34.07 -21.74
C GLN H 133 6.79 34.16 -23.12
N LEU H 134 6.98 33.03 -23.81
CA LEU H 134 7.49 33.13 -25.18
C LEU H 134 6.51 33.98 -25.99
N PHE H 135 5.21 33.84 -25.70
CA PHE H 135 4.20 34.59 -26.43
C PHE H 135 4.33 36.08 -26.10
N ASP H 136 4.59 36.38 -24.82
CA ASP H 136 4.65 37.80 -24.37
C ASP H 136 6.02 38.40 -24.68
N GLU H 137 7.09 37.80 -24.05
CA GLU H 137 8.47 38.34 -24.25
C GLU H 137 8.79 38.37 -25.76
N GLY H 138 8.35 37.38 -26.50
CA GLY H 138 8.57 37.29 -27.95
C GLY H 138 10.05 37.10 -28.22
N ARG H 139 10.82 36.72 -27.20
CA ARG H 139 12.29 36.54 -27.36
C ARG H 139 12.71 35.22 -26.71
N LEU H 140 13.85 34.65 -27.12
CA LEU H 140 14.35 33.38 -26.51
C LEU H 140 15.73 33.60 -25.88
N ILE H 148 16.45 34.29 -29.65
CA ILE H 148 16.18 34.83 -31.01
C ILE H 148 14.93 35.72 -30.95
N GLU H 149 14.92 36.85 -31.66
CA GLU H 149 13.75 37.76 -31.65
C GLU H 149 12.68 37.20 -32.59
N CYS H 150 11.62 36.63 -32.03
CA CYS H 150 10.55 36.02 -32.83
C CYS H 150 9.25 36.84 -32.77
N LYS H 151 9.32 38.12 -33.11
CA LYS H 151 8.13 39.01 -32.96
C LYS H 151 7.16 38.82 -34.13
N ASP H 152 7.63 38.32 -35.28
CA ASP H 152 6.77 38.25 -36.46
C ASP H 152 6.44 36.81 -36.85
N ALA H 153 6.53 35.92 -35.89
CA ALA H 153 6.13 34.54 -36.12
C ALA H 153 4.66 34.34 -35.78
N ILE H 154 4.06 33.28 -36.32
CA ILE H 154 2.68 32.95 -36.02
C ILE H 154 2.61 31.67 -35.21
N PHE H 155 1.89 31.69 -34.09
CA PHE H 155 1.84 30.52 -33.22
C PHE H 155 0.43 29.93 -33.17
N ILE H 156 0.32 28.70 -33.64
CA ILE H 156 -0.94 27.99 -33.69
C ILE H 156 -0.97 26.83 -32.72
N MET H 157 -1.88 26.87 -31.75
CA MET H 157 -2.07 25.77 -30.82
C MET H 157 -3.36 25.03 -31.12
N THR H 158 -3.31 23.73 -31.40
CA THR H 158 -4.53 23.00 -31.78
C THR H 158 -4.97 22.00 -30.71
N SER H 159 -6.27 22.03 -30.35
CA SER H 159 -6.76 21.16 -29.26
C SER H 159 -8.04 20.41 -29.68
N ASN H 160 -8.33 19.29 -29.02
CA ASN H 160 -9.59 18.54 -29.30
C ASN H 160 -10.58 18.79 -28.15
N ALA H 161 -10.35 19.84 -27.36
CA ALA H 161 -11.23 20.12 -26.20
C ALA H 161 -12.64 20.47 -26.69
N ALA H 162 -13.67 19.92 -26.05
CA ALA H 162 -15.08 20.20 -26.41
C ALA H 162 -15.32 19.89 -27.89
N SER H 163 -14.68 18.85 -28.42
CA SER H 163 -14.90 18.44 -29.83
C SER H 163 -16.36 17.99 -30.00
N ASP H 164 -16.88 17.27 -29.01
CA ASP H 164 -18.28 16.75 -29.09
C ASP H 164 -19.26 17.94 -29.03
N GLU H 165 -18.93 18.97 -28.25
CA GLU H 165 -19.84 20.13 -28.10
C GLU H 165 -19.89 20.93 -29.41
N ILE H 166 -18.73 21.12 -30.05
CA ILE H 166 -18.69 21.85 -31.36
C ILE H 166 -19.43 21.00 -32.40
N ALA H 167 -19.21 19.69 -32.39
CA ALA H 167 -19.86 18.78 -33.36
C ALA H 167 -21.38 18.82 -33.15
N GLN H 168 -21.84 18.81 -31.89
CA GLN H 168 -23.28 18.81 -31.65
C GLN H 168 -23.91 20.15 -32.01
N HIS H 169 -23.14 21.22 -31.83
CA HIS H 169 -23.61 22.55 -32.19
C HIS H 169 -23.77 22.61 -33.71
N ALA H 170 -22.76 22.10 -34.42
CA ALA H 170 -22.83 22.11 -35.90
C ALA H 170 -23.99 21.23 -36.37
N LEU H 171 -24.11 20.04 -35.78
CA LEU H 171 -25.22 19.11 -36.14
C LEU H 171 -26.54 19.88 -36.03
N GLN H 172 -26.83 20.45 -34.85
CA GLN H 172 -28.14 21.13 -34.63
C GLN H 172 -28.36 22.23 -35.68
N LEU H 173 -27.36 23.09 -35.92
CA LEU H 173 -27.57 24.25 -36.84
C LEU H 173 -27.91 23.74 -38.25
N ARG H 174 -27.21 22.71 -38.72
CA ARG H 174 -27.47 22.19 -40.09
C ARG H 174 -28.87 21.61 -40.18
N GLN H 175 -29.32 20.90 -39.13
CA GLN H 175 -30.70 20.34 -39.11
C GLN H 175 -31.72 21.48 -39.12
N GLU H 176 -31.44 22.56 -38.38
CA GLU H 176 -32.38 23.72 -38.33
C GLU H 176 -32.42 24.40 -39.70
N ILE H 198 -21.97 28.17 -42.55
CA ILE H 198 -22.49 28.10 -41.19
C ILE H 198 -21.55 28.74 -40.16
N THR H 199 -21.99 29.83 -39.54
CA THR H 199 -21.22 30.49 -38.49
C THR H 199 -21.73 30.10 -37.09
N ILE H 200 -20.78 30.05 -36.14
CA ILE H 200 -21.06 29.69 -34.75
C ILE H 200 -21.48 30.90 -33.91
N SER H 201 -22.58 30.77 -33.20
CA SER H 201 -23.17 31.87 -32.45
C SER H 201 -22.26 32.33 -31.30
N ASN H 202 -22.34 33.62 -30.99
CA ASN H 202 -21.48 34.24 -29.99
C ASN H 202 -21.87 33.86 -28.57
N THR H 203 -23.17 33.75 -28.32
CA THR H 203 -23.66 33.34 -27.01
C THR H 203 -23.18 31.93 -26.70
N PHE H 204 -23.09 31.08 -27.73
CA PHE H 204 -22.61 29.72 -27.56
C PHE H 204 -21.20 29.72 -26.96
N LYS H 205 -20.28 30.46 -27.59
CA LYS H 205 -18.87 30.51 -27.10
C LYS H 205 -18.84 31.07 -25.67
N GLU H 206 -19.42 32.24 -25.45
CA GLU H 206 -19.33 32.92 -24.12
C GLU H 206 -19.98 32.10 -23.00
N GLN H 207 -21.12 31.46 -23.25
CA GLN H 207 -21.86 30.80 -22.13
C GLN H 207 -21.53 29.31 -21.99
N VAL H 208 -21.02 28.63 -23.02
CA VAL H 208 -20.83 27.18 -22.88
C VAL H 208 -19.38 26.75 -23.08
N ILE H 209 -18.66 27.30 -24.06
CA ILE H 209 -17.34 26.75 -24.37
C ILE H 209 -16.25 27.40 -23.51
N ARG H 210 -16.51 28.63 -23.06
CA ARG H 210 -15.62 29.30 -22.13
C ARG H 210 -15.47 28.54 -20.80
N PRO H 211 -16.59 28.02 -20.23
CA PRO H 211 -16.42 27.16 -19.05
C PRO H 211 -15.51 25.96 -19.30
N ILE H 212 -15.73 25.24 -20.39
CA ILE H 212 -14.91 24.09 -20.74
C ILE H 212 -13.44 24.47 -20.84
N LEU H 213 -13.17 25.56 -21.54
CA LEU H 213 -11.80 26.04 -21.69
C LEU H 213 -11.17 26.41 -20.34
N LYS H 214 -11.92 27.14 -19.52
CA LYS H 214 -11.41 27.58 -18.19
C LYS H 214 -11.12 26.36 -17.31
N ALA H 215 -11.97 25.33 -17.39
CA ALA H 215 -11.75 24.11 -16.62
C ALA H 215 -10.51 23.38 -17.11
N HIS H 216 -10.37 23.31 -18.43
CA HIS H 216 -9.25 22.61 -19.05
C HIS H 216 -7.90 23.27 -18.78
N PHE H 217 -7.86 24.60 -18.71
CA PHE H 217 -6.58 25.29 -18.62
C PHE H 217 -6.31 25.95 -17.28
N ARG H 218 -7.39 26.30 -16.55
CA ARG H 218 -7.26 26.84 -15.15
C ARG H 218 -6.39 28.09 -15.05
N ARG H 219 -6.10 28.76 -16.18
CA ARG H 219 -5.33 30.01 -16.13
C ARG H 219 -5.91 31.09 -17.05
N ASP H 220 -6.46 32.17 -16.48
CA ASP H 220 -7.24 33.14 -17.26
C ASP H 220 -6.45 34.05 -18.24
N GLU H 221 -5.19 34.31 -17.88
CA GLU H 221 -4.29 35.12 -18.75
C GLU H 221 -3.88 34.26 -19.95
N PHE H 222 -3.96 32.93 -19.81
CA PHE H 222 -3.61 32.09 -20.90
C PHE H 222 -4.67 32.22 -21.98
N LEU H 223 -5.93 32.01 -21.61
CA LEU H 223 -7.03 32.15 -22.55
C LEU H 223 -7.10 33.60 -23.04
N GLY H 224 -6.84 34.53 -22.13
CA GLY H 224 -6.82 35.94 -22.46
C GLY H 224 -5.75 36.29 -23.46
N ARG H 225 -4.61 35.62 -23.35
CA ARG H 225 -3.46 35.86 -24.22
C ARG H 225 -3.77 35.49 -25.66
N ILE H 226 -4.56 34.44 -25.83
CA ILE H 226 -4.86 33.91 -27.16
C ILE H 226 -5.55 34.96 -28.00
N ASN H 227 -4.94 35.33 -29.12
CA ASN H 227 -5.54 36.29 -30.03
C ASN H 227 -6.89 35.83 -30.54
N GLU H 228 -6.92 34.64 -31.13
CA GLU H 228 -8.19 34.14 -31.66
C GLU H 228 -8.35 32.65 -31.46
N ILE H 229 -9.53 32.23 -31.01
CA ILE H 229 -9.84 30.80 -30.95
C ILE H 229 -10.59 30.42 -32.22
N VAL H 230 -9.88 29.75 -33.12
CA VAL H 230 -10.39 29.41 -34.45
C VAL H 230 -11.15 28.09 -34.46
N TYR H 231 -12.40 28.13 -34.90
CA TYR H 231 -13.23 26.93 -34.93
C TYR H 231 -13.21 26.18 -36.24
N PHE H 232 -13.02 24.87 -36.13
CA PHE H 232 -13.06 23.98 -37.28
C PHE H 232 -14.28 23.09 -37.19
N LEU H 233 -15.26 23.39 -38.03
CA LEU H 233 -16.52 22.66 -38.04
C LEU H 233 -16.40 21.38 -38.86
N PRO H 234 -17.18 20.34 -38.51
CA PRO H 234 -17.20 19.10 -39.28
C PRO H 234 -17.64 19.33 -40.72
N PHE H 235 -17.17 18.49 -41.63
CA PHE H 235 -17.47 18.63 -43.06
C PHE H 235 -18.95 18.57 -43.38
N CYS H 236 -19.36 19.36 -44.36
CA CYS H 236 -20.70 19.26 -44.91
C CYS H 236 -20.67 18.40 -46.17
N HIS H 237 -21.84 17.93 -46.59
CA HIS H 237 -21.96 16.99 -47.70
C HIS H 237 -21.23 17.48 -48.95
N SER H 238 -21.38 18.78 -49.23
CA SER H 238 -20.77 19.37 -50.42
C SER H 238 -19.25 19.16 -50.32
N GLU H 239 -18.69 19.47 -49.15
CA GLU H 239 -17.21 19.36 -48.93
C GLU H 239 -16.74 17.92 -49.06
N LEU H 240 -17.58 16.95 -48.65
CA LEU H 240 -17.23 15.55 -48.77
C LEU H 240 -17.17 15.17 -50.25
N LEU H 241 -18.19 15.60 -50.99
CA LEU H 241 -18.22 15.38 -52.43
C LEU H 241 -17.00 15.96 -53.17
N GLN H 242 -16.63 17.21 -52.88
CA GLN H 242 -15.46 17.79 -53.54
C GLN H 242 -14.19 17.04 -53.13
N LEU H 243 -14.16 16.49 -51.92
CA LEU H 243 -13.00 15.70 -51.52
C LEU H 243 -12.87 14.47 -52.42
N VAL H 244 -13.96 13.72 -52.53
CA VAL H 244 -13.99 12.53 -53.41
C VAL H 244 -13.58 12.91 -54.84
N SER H 245 -14.18 13.98 -55.34
CA SER H 245 -13.87 14.48 -56.68
C SER H 245 -12.39 14.77 -56.86
N ARG H 246 -11.77 15.31 -55.81
CA ARG H 246 -10.35 15.63 -55.80
C ARG H 246 -9.55 14.35 -55.96
N GLU H 247 -9.90 13.32 -55.19
CA GLU H 247 -9.20 12.04 -55.28
C GLU H 247 -9.33 11.39 -56.66
N LEU H 248 -10.57 11.28 -57.12
CA LEU H 248 -10.85 10.70 -58.44
C LEU H 248 -10.14 11.47 -59.54
N HIS H 249 -10.00 12.78 -59.35
CA HIS H 249 -9.24 13.58 -60.29
C HIS H 249 -7.78 13.18 -60.28
N TYR H 250 -7.21 12.94 -59.09
CA TYR H 250 -5.83 12.48 -59.02
C TYR H 250 -5.67 11.19 -59.82
N TRP H 251 -6.55 10.22 -59.57
CA TRP H 251 -6.44 8.94 -60.26
C TRP H 251 -6.68 9.04 -61.77
N ALA H 252 -7.58 9.93 -62.17
CA ALA H 252 -7.81 10.17 -63.59
C ALA H 252 -6.55 10.72 -64.23
N LYS H 253 -5.91 11.65 -63.52
CA LYS H 253 -4.66 12.24 -63.99
C LYS H 253 -3.61 11.17 -64.21
N LYS H 254 -3.43 10.30 -63.22
CA LYS H 254 -2.42 9.24 -63.34
C LYS H 254 -2.77 8.26 -64.45
N ALA H 255 -4.05 7.92 -64.56
CA ALA H 255 -4.54 6.98 -65.55
C ALA H 255 -4.28 7.47 -66.98
N LYS H 256 -4.70 8.69 -67.27
CA LYS H 256 -4.49 9.28 -68.63
C LYS H 256 -3.00 9.51 -68.85
N GLN H 257 -2.24 9.75 -67.77
CA GLN H 257 -0.80 10.07 -67.90
C GLN H 257 0.00 8.82 -68.26
N ARG H 258 -0.36 7.66 -67.72
CA ARG H 258 0.49 6.49 -67.97
C ARG H 258 -0.15 5.43 -68.91
N HIS H 259 -1.45 5.17 -68.85
CA HIS H 259 -2.07 4.23 -69.79
C HIS H 259 -2.97 4.92 -70.81
N ASN H 260 -2.94 6.26 -70.84
CA ASN H 260 -3.82 6.95 -71.78
C ASN H 260 -5.26 6.50 -71.57
N ILE H 261 -5.63 6.29 -70.30
CA ILE H 261 -7.00 5.93 -69.94
C ILE H 261 -7.78 7.16 -69.52
N THR H 262 -8.92 7.39 -70.19
CA THR H 262 -9.77 8.51 -69.86
C THR H 262 -10.80 8.12 -68.81
N LEU H 263 -10.72 8.73 -67.63
CA LEU H 263 -11.61 8.38 -66.54
C LEU H 263 -12.72 9.41 -66.34
N LEU H 264 -13.96 8.96 -66.28
CA LEU H 264 -15.11 9.84 -66.08
C LEU H 264 -16.04 9.26 -65.03
N TRP H 265 -16.89 10.09 -64.43
CA TRP H 265 -17.84 9.63 -63.42
C TRP H 265 -19.09 10.50 -63.35
N GLU H 266 -19.97 10.19 -62.40
CA GLU H 266 -21.25 10.94 -62.26
C GLU H 266 -21.50 11.32 -60.79
N ARG H 267 -22.54 12.12 -60.53
CA ARG H 267 -22.88 12.57 -59.15
C ARG H 267 -23.26 11.42 -58.22
N PRO H 268 -24.04 10.38 -58.64
CA PRO H 268 -24.32 9.23 -57.76
C PRO H 268 -23.06 8.50 -57.29
N VAL H 269 -22.04 8.40 -58.15
CA VAL H 269 -20.76 7.75 -57.75
C VAL H 269 -20.19 8.52 -56.55
N LEU H 270 -20.26 9.85 -56.60
CA LEU H 270 -19.71 10.68 -55.50
C LEU H 270 -20.43 10.36 -54.18
N GLU H 271 -21.77 10.36 -54.17
CA GLU H 271 -22.47 10.16 -52.91
C GLU H 271 -22.29 8.74 -52.36
N LEU H 272 -22.25 7.78 -53.29
CA LEU H 272 -21.97 6.39 -52.92
C LEU H 272 -20.64 6.31 -52.18
N LEU H 273 -19.64 7.04 -52.67
CA LEU H 273 -18.33 7.02 -52.03
C LEU H 273 -18.28 7.80 -50.72
N VAL H 274 -18.93 8.97 -50.67
CA VAL H 274 -18.94 9.75 -49.43
C VAL H 274 -19.69 9.07 -48.29
N LYS H 275 -20.47 8.02 -48.61
CA LYS H 275 -21.19 7.25 -47.57
C LYS H 275 -20.14 6.49 -46.74
N GLY H 276 -18.95 6.29 -47.29
CA GLY H 276 -17.89 5.55 -46.62
C GLY H 276 -16.92 6.48 -45.90
N TYR H 277 -17.43 7.61 -45.45
CA TYR H 277 -16.64 8.60 -44.72
C TYR H 277 -16.65 8.29 -43.23
N ASN H 278 -15.48 8.27 -42.60
CA ASN H 278 -15.41 8.08 -41.16
C ASN H 278 -14.98 9.37 -40.48
N LEU H 279 -15.74 9.81 -39.48
CA LEU H 279 -15.44 11.11 -38.82
C LEU H 279 -14.21 11.00 -37.92
N HIS H 280 -13.77 9.78 -37.61
CA HIS H 280 -12.64 9.60 -36.70
C HIS H 280 -11.29 10.10 -37.21
N TYR H 281 -11.01 9.91 -38.51
CA TYR H 281 -9.75 10.43 -39.03
C TYR H 281 -9.89 11.36 -40.25
N GLY H 282 -11.13 11.61 -40.68
CA GLY H 282 -11.40 12.75 -41.55
C GLY H 282 -11.25 12.60 -43.05
N ALA H 283 -10.62 13.59 -43.67
CA ALA H 283 -10.58 13.68 -45.13
C ALA H 283 -9.94 12.46 -45.77
N ARG H 284 -8.82 12.03 -45.18
CA ARG H 284 -8.06 10.85 -45.70
C ARG H 284 -8.92 9.59 -45.65
N SER H 285 -9.93 9.56 -44.79
CA SER H 285 -10.86 8.44 -44.76
C SER H 285 -11.36 8.22 -46.18
N ILE H 286 -11.90 9.27 -46.81
CA ILE H 286 -12.46 9.07 -48.13
C ILE H 286 -11.32 8.75 -49.09
N LYS H 287 -10.14 9.32 -48.85
CA LYS H 287 -9.00 8.97 -49.72
C LYS H 287 -8.87 7.44 -49.68
N HIS H 288 -8.81 6.86 -48.48
CA HIS H 288 -8.71 5.41 -48.34
C HIS H 288 -9.86 4.76 -49.07
N GLU H 289 -11.04 5.34 -48.89
CA GLU H 289 -12.26 4.75 -49.41
C GLU H 289 -12.17 4.58 -50.92
N VAL H 290 -11.58 5.56 -51.61
CA VAL H 290 -11.52 5.44 -53.05
C VAL H 290 -10.67 4.25 -53.42
N GLU H 291 -9.49 4.12 -52.81
CA GLU H 291 -8.61 3.02 -53.18
C GLU H 291 -9.14 1.69 -52.69
N ARG H 292 -10.29 1.73 -52.01
CA ARG H 292 -10.90 0.50 -51.46
C ARG H 292 -12.08 0.09 -52.36
N ARG H 293 -12.64 1.02 -53.14
CA ARG H 293 -13.83 0.68 -53.92
C ARG H 293 -13.76 1.10 -55.39
N VAL H 294 -12.81 1.96 -55.73
CA VAL H 294 -12.68 2.38 -57.12
C VAL H 294 -11.37 1.94 -57.78
N VAL H 295 -10.24 2.41 -57.26
CA VAL H 295 -8.97 2.21 -57.96
C VAL H 295 -8.52 0.74 -57.98
N ASN H 296 -8.95 -0.06 -57.00
CA ASN H 296 -8.61 -1.47 -57.00
C ASN H 296 -9.22 -2.14 -58.22
N GLN H 297 -10.44 -1.74 -58.57
CA GLN H 297 -11.13 -2.28 -59.74
C GLN H 297 -10.45 -1.83 -61.02
N LEU H 298 -9.96 -0.59 -61.05
CA LEU H 298 -9.18 -0.12 -62.17
C LEU H 298 -7.96 -1.01 -62.33
N ALA H 299 -7.32 -1.34 -61.20
CA ALA H 299 -6.14 -2.20 -61.20
C ALA H 299 -6.44 -3.60 -61.70
N ALA H 300 -7.53 -4.18 -61.20
CA ALA H 300 -7.89 -5.57 -61.56
C ALA H 300 -8.30 -5.63 -63.04
N ALA H 301 -9.15 -4.69 -63.48
CA ALA H 301 -9.64 -4.72 -64.88
C ALA H 301 -8.46 -4.55 -65.85
N PHE H 302 -7.54 -3.64 -65.54
CA PHE H 302 -6.36 -3.42 -66.41
C PHE H 302 -5.51 -4.71 -66.45
N GLU H 303 -5.35 -5.35 -65.29
CA GLU H 303 -4.55 -6.62 -65.21
C GLU H 303 -5.24 -7.68 -66.06
N GLN H 304 -6.58 -7.77 -65.98
CA GLN H 304 -7.32 -8.78 -66.74
C GLN H 304 -7.44 -8.45 -68.22
N GLU H 305 -6.66 -7.47 -68.67
CA GLU H 305 -6.63 -7.04 -70.06
C GLU H 305 -7.97 -6.45 -70.52
N LEU H 306 -8.71 -5.85 -69.59
CA LEU H 306 -9.98 -5.22 -69.91
C LEU H 306 -9.85 -3.74 -70.28
N LEU H 307 -8.73 -3.12 -69.91
CA LEU H 307 -8.52 -1.69 -70.14
C LEU H 307 -7.36 -1.42 -71.10
N PRO H 308 -7.64 -1.39 -72.40
CA PRO H 308 -6.59 -1.08 -73.37
C PRO H 308 -6.12 0.35 -73.27
N LYS H 309 -5.06 0.67 -74.05
CA LYS H 309 -4.53 2.06 -74.08
C LYS H 309 -5.42 2.90 -75.00
N GLY H 310 -5.81 4.10 -74.53
CA GLY H 310 -6.66 4.98 -75.31
C GLY H 310 -8.14 4.67 -75.21
N CYS H 311 -8.53 3.97 -74.15
CA CYS H 311 -9.94 3.63 -73.94
C CYS H 311 -10.62 4.71 -73.11
N THR H 312 -11.95 4.69 -73.08
CA THR H 312 -12.72 5.63 -72.26
C THR H 312 -13.59 4.87 -71.26
N LEU H 313 -13.33 5.13 -69.98
CA LEU H 313 -13.96 4.40 -68.89
C LEU H 313 -14.77 5.33 -67.98
N ARG H 314 -16.04 5.01 -67.79
CA ARG H 314 -16.94 5.82 -66.99
C ARG H 314 -17.53 5.04 -65.83
N LEU H 315 -17.33 5.54 -64.61
CA LEU H 315 -17.90 4.91 -63.40
C LEU H 315 -19.31 5.42 -63.19
N THR H 316 -20.29 4.52 -63.04
CA THR H 316 -21.65 4.94 -62.70
C THR H 316 -22.13 4.01 -61.59
N VAL H 317 -23.32 4.28 -61.06
CA VAL H 317 -23.84 3.42 -60.01
C VAL H 317 -25.24 2.93 -60.37
N ASP H 318 -25.42 1.60 -60.31
CA ASP H 318 -26.74 1.00 -60.65
C ASP H 318 -27.42 0.55 -59.35
N ALA H 327 -28.39 -2.37 -51.41
CA ALA H 327 -26.93 -2.50 -51.55
C ALA H 327 -26.44 -1.97 -52.90
N PRO H 328 -26.50 -0.65 -53.12
CA PRO H 328 -26.07 -0.06 -54.38
C PRO H 328 -24.61 -0.33 -54.66
N VAL H 329 -24.30 -1.02 -55.76
CA VAL H 329 -22.91 -1.35 -56.08
C VAL H 329 -22.43 -0.52 -57.27
N LEU H 330 -21.17 -0.12 -57.22
CA LEU H 330 -20.54 0.72 -58.24
C LEU H 330 -20.17 -0.08 -59.47
N ARG H 331 -20.61 0.43 -60.62
CA ARG H 331 -20.31 -0.26 -61.89
C ARG H 331 -19.26 0.52 -62.67
N LEU H 332 -18.44 -0.22 -63.44
CA LEU H 332 -17.34 0.36 -64.25
C LEU H 332 -17.68 0.10 -65.72
N GLU H 333 -18.11 1.13 -66.46
CA GLU H 333 -18.54 1.00 -67.86
C GLU H 333 -17.48 1.39 -68.89
N LEU H 334 -17.21 0.50 -69.85
CA LEU H 334 -16.24 0.81 -70.88
C LEU H 334 -16.94 1.20 -72.17
N LEU H 335 -16.44 2.27 -72.79
CA LEU H 335 -17.02 2.78 -74.03
C LEU H 335 -16.47 1.98 -75.20
N GLN H 336 -17.35 1.33 -75.94
CA GLN H 336 -16.94 0.54 -77.09
C GLN H 336 -17.01 1.42 -78.34
N GLU H 337 -16.53 0.90 -79.45
CA GLU H 337 -16.50 1.66 -80.69
C GLU H 337 -17.81 1.69 -81.48
N ASP H 338 -18.87 1.10 -80.92
CA ASP H 338 -20.20 1.24 -81.49
C ASP H 338 -20.76 2.61 -81.04
N LYS H 339 -19.92 3.32 -80.29
CA LYS H 339 -20.23 4.61 -79.66
C LYS H 339 -21.28 4.52 -78.55
N THR H 340 -21.46 3.33 -77.99
CA THR H 340 -22.20 3.18 -76.75
C THR H 340 -21.24 2.58 -75.74
N SER H 341 -21.63 2.50 -74.47
CA SER H 341 -20.77 1.92 -73.45
C SER H 341 -21.49 0.77 -72.74
N ARG H 342 -20.70 -0.20 -72.27
CA ARG H 342 -21.27 -1.38 -71.56
C ARG H 342 -20.39 -1.72 -70.34
N LYS H 343 -21.00 -2.15 -69.23
CA LYS H 343 -20.29 -2.49 -68.01
C LYS H 343 -19.32 -3.67 -68.12
N LEU H 344 -18.11 -3.48 -67.58
CA LEU H 344 -17.10 -4.58 -67.56
C LEU H 344 -17.26 -5.31 -66.23
N GLU H 345 -17.11 -6.63 -66.22
CA GLU H 345 -17.32 -7.42 -64.97
C GLU H 345 -15.98 -7.93 -64.47
N ILE H 346 -15.38 -7.25 -63.48
CA ILE H 346 -14.09 -7.71 -62.89
C ILE H 346 -14.32 -9.11 -62.30
N GLN H 347 -13.52 -10.09 -62.77
CA GLN H 347 -13.62 -11.49 -62.31
C GLN H 347 -13.10 -11.58 -60.86
N PRO H 348 -13.89 -12.00 -59.83
CA PRO H 348 -13.36 -12.11 -58.47
C PRO H 348 -12.20 -13.12 -58.40
N SER I 1 8.05 -35.47 50.66
CA SER I 1 6.64 -35.26 51.07
C SER I 1 5.73 -36.27 50.35
N PRO I 2 4.49 -36.60 50.79
CA PRO I 2 3.66 -37.55 50.02
C PRO I 2 3.41 -37.04 48.60
N LEU I 3 3.19 -35.73 48.44
CA LEU I 3 2.97 -35.14 47.10
C LEU I 3 4.23 -35.37 46.25
N GLU I 4 5.40 -35.18 46.84
CA GLU I 4 6.67 -35.34 46.10
C GLU I 4 6.83 -36.81 45.68
N ARG I 5 6.58 -37.73 46.61
CA ARG I 5 6.76 -39.17 46.31
C ARG I 5 5.81 -39.56 45.18
N ARG I 6 4.60 -39.00 45.15
CA ARG I 6 3.62 -39.47 44.16
C ARG I 6 3.88 -38.85 42.79
N LEU I 7 4.51 -37.68 42.78
CA LEU I 7 4.98 -37.14 41.52
C LEU I 7 6.15 -37.98 41.03
N LYS I 8 7.07 -38.32 41.93
CA LYS I 8 8.16 -39.22 41.56
C LYS I 8 7.65 -40.62 41.17
N GLU I 9 6.45 -41.00 41.62
CA GLU I 9 5.94 -42.32 41.28
C GLU I 9 4.97 -42.32 40.11
N HIS I 10 4.65 -41.15 39.54
CA HIS I 10 3.87 -41.18 38.30
C HIS I 10 4.47 -40.42 37.11
N ILE I 11 5.63 -39.76 37.29
CA ILE I 11 6.24 -39.12 36.14
C ILE I 11 7.70 -39.56 35.98
N ILE I 12 8.11 -39.77 34.74
CA ILE I 12 9.48 -40.17 34.46
C ILE I 12 10.39 -38.96 34.34
N GLY I 13 11.53 -39.01 35.03
CA GLY I 13 12.51 -37.94 34.97
C GLY I 13 12.00 -36.68 35.64
N GLN I 14 12.67 -35.57 35.35
CA GLN I 14 12.28 -34.25 35.83
C GLN I 14 12.14 -34.21 37.35
N GLU I 15 13.23 -34.50 38.06
CA GLU I 15 13.18 -34.49 39.51
C GLU I 15 13.35 -33.07 40.01
N GLY I 16 14.09 -32.28 39.24
CA GLY I 16 14.23 -30.85 39.52
C GLY I 16 12.87 -30.18 39.58
N ALA I 17 12.08 -30.35 38.53
CA ALA I 17 10.73 -29.79 38.46
C ALA I 17 9.84 -30.19 39.64
N ILE I 18 9.83 -31.49 39.95
CA ILE I 18 9.00 -32.03 41.04
C ILE I 18 9.38 -31.44 42.38
N ASN I 19 10.69 -31.39 42.61
CA ASN I 19 11.19 -30.80 43.88
C ASN I 19 10.79 -29.33 43.93
N THR I 20 11.13 -28.56 42.89
CA THR I 20 10.82 -27.14 42.92
C THR I 20 9.33 -26.90 43.23
N VAL I 21 8.46 -27.58 42.49
CA VAL I 21 7.01 -27.39 42.64
C VAL I 21 6.47 -27.82 44.00
N ALA I 22 6.84 -29.03 44.42
CA ALA I 22 6.39 -29.57 45.69
C ALA I 22 6.88 -28.70 46.84
N SER I 23 8.15 -28.31 46.74
CA SER I 23 8.75 -27.52 47.81
C SER I 23 8.09 -26.15 47.91
N ALA I 24 7.69 -25.60 46.77
CA ALA I 24 6.96 -24.32 46.78
C ALA I 24 5.58 -24.48 47.42
N ILE I 25 4.87 -25.55 47.06
CA ILE I 25 3.55 -25.81 47.64
C ILE I 25 3.57 -25.94 49.18
N ARG I 26 4.56 -26.67 49.71
CA ARG I 26 4.48 -26.88 51.15
C ARG I 26 5.22 -25.72 51.82
N ARG I 27 5.92 -24.92 51.01
CA ARG I 27 6.38 -23.62 51.48
C ARG I 27 5.15 -22.78 51.76
N LYS I 28 4.15 -22.83 50.88
CA LYS I 28 2.93 -22.10 51.18
C LYS I 28 2.23 -22.57 52.42
N GLU I 29 2.04 -23.90 52.52
CA GLU I 29 1.31 -24.49 53.68
C GLU I 29 2.04 -24.16 54.98
N ASN I 30 3.38 -24.17 54.97
CA ASN I 30 4.08 -23.95 56.23
C ASN I 30 3.67 -22.55 56.66
N GLY I 31 3.56 -21.66 55.69
CA GLY I 31 3.07 -20.32 55.93
C GLY I 31 4.09 -19.27 55.53
N TRP I 32 4.99 -19.63 54.62
CA TRP I 32 6.03 -18.72 54.21
C TRP I 32 5.81 -18.19 52.79
N TYR I 33 4.57 -18.30 52.34
CA TYR I 33 4.07 -17.59 51.17
C TYR I 33 2.84 -16.81 51.57
N ASP I 34 2.53 -15.76 50.82
CA ASP I 34 1.37 -14.96 51.15
C ASP I 34 0.16 -15.88 51.03
N GLU I 35 -0.62 -15.95 52.11
CA GLU I 35 -1.57 -17.04 52.28
C GLU I 35 -2.92 -16.72 51.64
N GLU I 36 -3.08 -15.48 51.20
CA GLU I 36 -4.30 -15.07 50.52
C GLU I 36 -4.13 -14.96 49.00
N HIS I 37 -3.05 -15.53 48.48
CA HIS I 37 -2.80 -15.49 47.05
C HIS I 37 -2.51 -16.87 46.47
N PRO I 38 -2.94 -17.10 45.23
CA PRO I 38 -2.62 -18.35 44.55
C PRO I 38 -1.17 -18.37 44.10
N LEU I 39 -0.60 -19.57 43.98
CA LEU I 39 0.80 -19.69 43.59
C LEU I 39 0.95 -19.53 42.09
N VAL I 40 2.09 -18.98 41.67
CA VAL I 40 2.38 -18.86 40.25
C VAL I 40 3.71 -19.49 39.85
N PHE I 41 3.61 -20.54 39.03
CA PHE I 41 4.83 -21.25 38.53
C PHE I 41 5.01 -20.95 37.04
N LEU I 42 6.25 -20.77 36.61
CA LEU I 42 6.52 -20.57 35.15
C LEU I 42 7.24 -21.83 34.66
N PHE I 43 6.66 -22.54 33.69
CA PHE I 43 7.25 -23.83 33.25
C PHE I 43 8.16 -23.63 32.04
N LEU I 44 9.47 -23.45 32.26
CA LEU I 44 10.40 -23.35 31.14
C LEU I 44 10.93 -24.72 30.74
N GLY I 45 11.28 -24.86 29.47
CA GLY I 45 11.84 -26.10 28.99
C GLY I 45 11.43 -26.41 27.57
N SER I 46 11.62 -27.67 27.17
CA SER I 46 11.20 -28.12 25.85
C SER I 46 9.87 -28.88 25.93
N SER I 47 9.32 -29.20 24.76
CA SER I 47 7.99 -29.76 24.64
C SER I 47 7.90 -31.26 24.95
N GLY I 48 6.77 -31.66 25.50
CA GLY I 48 6.43 -33.07 25.67
C GLY I 48 7.30 -33.88 26.61
N ILE I 49 7.92 -33.23 27.59
CA ILE I 49 8.78 -33.94 28.53
C ILE I 49 8.24 -33.91 29.97
N GLY I 50 6.95 -33.66 30.13
CA GLY I 50 6.32 -33.86 31.42
C GLY I 50 5.56 -32.70 32.05
N LYS I 51 5.59 -31.54 31.42
CA LYS I 51 4.95 -30.34 31.99
C LYS I 51 3.46 -30.52 32.29
N THR I 52 2.68 -30.76 31.24
CA THR I 52 1.23 -30.83 31.37
C THR I 52 0.79 -31.93 32.32
N GLU I 53 1.49 -33.05 32.34
CA GLU I 53 1.09 -34.12 33.25
C GLU I 53 1.66 -33.90 34.66
N LEU I 54 2.78 -33.18 34.79
CA LEU I 54 3.19 -32.83 36.15
C LEU I 54 2.05 -32.02 36.75
N ALA I 55 1.56 -31.06 35.97
CA ALA I 55 0.41 -30.27 36.40
C ALA I 55 -0.78 -31.17 36.71
N LYS I 56 -1.01 -32.15 35.84
CA LYS I 56 -2.12 -33.07 35.98
C LYS I 56 -2.03 -33.90 37.25
N GLN I 57 -0.81 -34.25 37.64
CA GLN I 57 -0.56 -35.07 38.83
C GLN I 57 -0.61 -34.28 40.13
N VAL I 58 -0.20 -33.01 40.08
CA VAL I 58 -0.41 -32.17 41.25
C VAL I 58 -1.92 -32.03 41.47
N ALA I 59 -2.61 -31.83 40.35
CA ALA I 59 -4.07 -31.73 40.36
C ALA I 59 -4.69 -33.00 40.93
N ARG I 60 -4.17 -34.13 40.49
CA ARG I 60 -4.68 -35.43 40.91
C ARG I 60 -4.40 -35.67 42.39
N TYR I 61 -3.26 -35.21 42.87
CA TYR I 61 -2.93 -35.42 44.28
C TYR I 61 -3.81 -34.60 45.21
N MET I 62 -4.11 -33.35 44.84
CA MET I 62 -4.83 -32.52 45.80
C MET I 62 -6.35 -32.52 45.59
N HIS I 63 -6.80 -33.02 44.45
CA HIS I 63 -8.25 -33.17 44.22
C HIS I 63 -8.61 -34.64 44.01
N GLY I 69 -11.48 -30.40 38.44
CA GLY I 69 -10.46 -29.95 39.36
C GLY I 69 -9.18 -29.55 38.65
N PHE I 70 -9.24 -29.57 37.33
CA PHE I 70 -8.08 -29.22 36.51
C PHE I 70 -8.59 -28.39 35.35
N ILE I 71 -7.85 -27.34 35.00
CA ILE I 71 -8.24 -26.45 33.92
C ILE I 71 -7.04 -26.20 33.02
N ARG I 72 -7.30 -26.14 31.71
CA ARG I 72 -6.23 -25.87 30.75
C ARG I 72 -6.73 -24.89 29.70
N MET I 73 -5.89 -23.92 29.36
CA MET I 73 -6.26 -22.92 28.35
C MET I 73 -5.08 -22.63 27.44
N ASP I 74 -5.37 -22.18 26.23
CA ASP I 74 -4.34 -21.88 25.25
C ASP I 74 -4.27 -20.39 24.98
N MET I 75 -3.08 -19.81 25.18
CA MET I 75 -2.86 -18.38 25.05
C MET I 75 -2.64 -17.97 23.59
N SER I 76 -2.03 -18.85 22.80
CA SER I 76 -1.95 -18.63 21.35
C SER I 76 -3.32 -18.31 20.76
N GLU I 77 -4.37 -18.76 21.42
CA GLU I 77 -5.73 -18.44 20.99
C GLU I 77 -6.02 -16.99 21.25
N PHE I 78 -5.36 -16.45 22.26
CA PHE I 78 -5.66 -15.10 22.67
C PHE I 78 -4.57 -14.20 22.15
N GLN I 79 -4.47 -14.09 20.82
CA GLN I 79 -3.45 -13.20 20.19
C GLN I 79 -4.15 -11.96 19.61
N GLU I 80 -5.37 -11.70 20.08
CA GLU I 80 -6.15 -10.52 19.60
C GLU I 80 -6.74 -9.80 20.82
N LYS I 81 -7.01 -8.50 20.70
CA LYS I 81 -7.58 -7.69 21.82
C LYS I 81 -9.04 -8.06 22.11
N HIS I 82 -9.82 -8.47 21.11
CA HIS I 82 -11.21 -8.90 21.37
C HIS I 82 -11.24 -10.18 22.21
N GLU I 83 -10.28 -11.08 21.98
CA GLU I 83 -10.20 -12.35 22.76
C GLU I 83 -9.69 -12.04 24.18
N VAL I 84 -9.02 -10.90 24.37
CA VAL I 84 -8.65 -10.48 25.74
C VAL I 84 -9.91 -10.19 26.55
N ALA I 85 -10.92 -9.55 25.94
CA ALA I 85 -12.20 -9.28 26.63
C ALA I 85 -12.91 -10.60 26.92
N LYS I 86 -12.60 -11.66 26.17
CA LYS I 86 -13.20 -13.00 26.42
C LYS I 86 -12.45 -13.65 27.59
N PHE I 87 -11.14 -13.45 27.67
CA PHE I 87 -10.34 -13.99 28.81
C PHE I 87 -10.79 -13.31 30.10
N GLN I 102 -14.19 -17.20 29.24
CA GLN I 102 -14.60 -18.53 29.78
C GLN I 102 -13.76 -18.85 31.02
N LEU I 103 -12.71 -18.08 31.27
CA LEU I 103 -11.83 -18.32 32.44
C LEU I 103 -12.64 -18.14 33.72
N THR I 104 -13.49 -17.11 33.76
CA THR I 104 -14.34 -16.84 34.95
C THR I 104 -15.30 -18.03 35.16
N LYS I 105 -15.88 -18.55 34.07
CA LYS I 105 -16.82 -19.70 34.18
C LYS I 105 -16.04 -20.92 34.71
N GLN I 106 -14.80 -21.10 34.26
CA GLN I 106 -13.96 -22.23 34.73
C GLN I 106 -13.67 -22.08 36.23
N LEU I 107 -13.37 -20.87 36.70
CA LEU I 107 -12.99 -20.71 38.13
C LEU I 107 -14.26 -20.83 38.98
N LYS I 108 -15.42 -20.78 38.34
CA LYS I 108 -16.72 -20.89 39.06
C LYS I 108 -16.93 -22.35 39.49
N GLN I 109 -16.87 -23.31 38.57
CA GLN I 109 -17.15 -24.68 39.02
C GLN I 109 -16.17 -25.12 40.12
N SER I 110 -14.93 -24.64 40.08
CA SER I 110 -13.92 -25.01 41.06
C SER I 110 -12.90 -23.89 41.24
N PRO I 111 -12.92 -23.25 42.42
CA PRO I 111 -12.06 -22.12 42.79
C PRO I 111 -10.63 -22.51 43.17
N SER I 112 -10.48 -23.67 43.82
CA SER I 112 -9.18 -24.10 44.35
C SER I 112 -8.60 -25.18 43.45
N ALA I 113 -8.43 -24.85 42.17
CA ALA I 113 -8.06 -25.86 41.19
C ALA I 113 -6.76 -25.48 40.48
N VAL I 114 -6.13 -26.48 39.88
CA VAL I 114 -4.93 -26.22 39.11
C VAL I 114 -5.35 -25.67 37.76
N VAL I 115 -4.76 -24.54 37.39
CA VAL I 115 -5.11 -23.89 36.16
C VAL I 115 -3.83 -23.77 35.35
N LEU I 116 -3.89 -24.32 34.13
CA LEU I 116 -2.67 -24.41 33.28
C LEU I 116 -2.80 -23.52 32.04
N PHE I 117 -1.95 -22.50 31.94
CA PHE I 117 -1.93 -21.65 30.77
C PHE I 117 -0.83 -22.11 29.85
N ASP I 118 -1.20 -22.49 28.62
CA ASP I 118 -0.19 -23.04 27.67
C ASP I 118 0.16 -21.96 26.64
N GLU I 119 1.39 -21.99 26.11
CA GLU I 119 1.84 -20.97 25.11
C GLU I 119 1.67 -19.57 25.71
N VAL I 120 2.03 -19.39 26.98
CA VAL I 120 1.82 -18.08 27.68
C VAL I 120 2.65 -16.99 27.00
N GLU I 121 3.77 -17.35 26.36
CA GLU I 121 4.64 -16.34 25.70
C GLU I 121 3.84 -15.62 24.61
N LYS I 122 2.97 -16.35 23.90
CA LYS I 122 2.10 -15.71 22.86
C LYS I 122 0.81 -15.20 23.53
N ALA I 123 0.89 -14.12 24.29
CA ALA I 123 -0.28 -13.60 24.99
C ALA I 123 -0.34 -12.10 24.86
N HIS I 124 -1.52 -11.54 25.10
CA HIS I 124 -1.72 -10.08 24.87
C HIS I 124 -1.22 -9.32 26.11
N PRO I 125 -0.75 -8.06 25.99
CA PRO I 125 -0.39 -7.27 27.16
C PRO I 125 -1.65 -7.13 28.02
N ASP I 126 -2.79 -6.89 27.40
CA ASP I 126 -4.08 -6.77 28.15
C ASP I 126 -4.41 -8.11 28.84
N VAL I 127 -4.17 -9.22 28.16
CA VAL I 127 -4.41 -10.57 28.78
C VAL I 127 -3.50 -10.74 30.01
N LEU I 128 -2.24 -10.33 29.92
CA LEU I 128 -1.31 -10.57 31.05
C LEU I 128 -1.58 -9.57 32.18
N THR I 129 -2.16 -8.41 31.88
CA THR I 129 -2.50 -7.45 32.93
C THR I 129 -3.68 -8.02 33.71
N VAL I 130 -4.64 -8.63 33.01
CA VAL I 130 -5.77 -9.26 33.67
C VAL I 130 -5.30 -10.46 34.51
N MET I 131 -4.34 -11.20 33.96
CA MET I 131 -3.79 -12.36 34.64
C MET I 131 -3.10 -11.92 35.91
N LEU I 132 -2.34 -10.84 35.77
CA LEU I 132 -1.57 -10.27 36.86
C LEU I 132 -2.55 -9.84 37.95
N GLN I 133 -3.71 -9.34 37.54
CA GLN I 133 -4.68 -8.85 38.50
C GLN I 133 -5.37 -10.01 39.23
N LEU I 134 -5.50 -11.16 38.57
CA LEU I 134 -5.90 -12.38 39.29
C LEU I 134 -4.84 -12.81 40.29
N PHE I 135 -3.57 -12.67 39.88
CA PHE I 135 -2.48 -13.16 40.70
C PHE I 135 -2.36 -12.34 41.97
N ASP I 136 -2.54 -11.03 41.85
CA ASP I 136 -2.38 -10.15 43.00
C ASP I 136 -3.65 -10.05 43.85
N GLU I 137 -4.81 -10.25 43.23
CA GLU I 137 -6.05 -10.15 43.99
C GLU I 137 -6.65 -11.49 44.42
N GLY I 138 -6.42 -12.53 43.61
CA GLY I 138 -7.25 -13.71 43.67
C GLY I 138 -8.72 -13.32 43.61
N ARG I 139 -9.11 -12.66 42.52
CA ARG I 139 -10.52 -12.21 42.36
C ARG I 139 -11.45 -13.44 42.37
N GLU I 149 -13.93 -16.63 44.40
CA GLU I 149 -12.77 -16.51 45.28
C GLU I 149 -11.78 -17.64 45.03
N CYS I 150 -10.60 -17.30 44.54
CA CYS I 150 -9.59 -18.28 44.14
C CYS I 150 -8.26 -18.17 44.91
N LYS I 151 -8.31 -18.18 46.24
CA LYS I 151 -7.05 -17.95 47.00
C LYS I 151 -6.24 -19.25 47.12
N ASP I 152 -6.80 -20.39 46.69
CA ASP I 152 -6.12 -21.67 46.86
C ASP I 152 -5.99 -22.42 45.54
N ALA I 153 -6.00 -21.68 44.44
CA ALA I 153 -5.76 -22.30 43.15
C ALA I 153 -4.27 -22.29 42.86
N ILE I 154 -3.83 -23.16 41.96
CA ILE I 154 -2.45 -23.19 41.57
C ILE I 154 -2.39 -22.71 40.14
N PHE I 155 -1.52 -21.76 39.83
CA PHE I 155 -1.46 -21.25 38.47
C PHE I 155 -0.14 -21.59 37.82
N ILE I 156 -0.22 -22.40 36.78
CA ILE I 156 0.97 -22.81 36.05
C ILE I 156 0.96 -22.22 34.65
N MET I 157 1.93 -21.38 34.33
CA MET I 157 2.04 -20.85 32.97
C MET I 157 3.26 -21.48 32.32
N THR I 158 3.07 -22.10 31.17
CA THR I 158 4.14 -22.83 30.51
C THR I 158 4.59 -22.06 29.28
N SER I 159 5.89 -21.87 29.13
CA SER I 159 6.37 -21.09 27.99
C SER I 159 7.50 -21.74 27.22
N ASN I 160 7.66 -21.32 25.96
CA ASN I 160 8.80 -21.72 25.17
C ASN I 160 9.80 -20.57 25.13
N ALA I 161 10.26 -20.18 26.31
CA ALA I 161 11.20 -19.07 26.45
C ALA I 161 12.58 -19.63 26.78
N ALA I 162 13.60 -19.15 26.07
CA ALA I 162 14.99 -19.53 26.34
C ALA I 162 15.21 -21.03 26.24
N SER I 163 14.38 -21.71 25.45
CA SER I 163 14.40 -23.17 25.39
C SER I 163 15.69 -23.71 24.78
N ASP I 164 16.36 -22.91 23.95
CA ASP I 164 17.57 -23.40 23.32
C ASP I 164 18.81 -23.08 24.14
N GLU I 165 18.74 -22.01 24.94
CA GLU I 165 19.79 -21.77 25.92
C GLU I 165 19.68 -22.79 27.04
N ILE I 166 18.45 -23.09 27.46
CA ILE I 166 18.23 -24.12 28.46
C ILE I 166 18.70 -25.47 27.94
N ALA I 167 18.35 -25.78 26.70
CA ALA I 167 18.75 -27.04 26.09
C ALA I 167 20.27 -27.17 26.02
N GLN I 168 20.94 -26.10 25.57
CA GLN I 168 22.39 -26.13 25.41
C GLN I 168 23.11 -26.20 26.75
N HIS I 169 22.62 -25.39 27.69
CA HIS I 169 23.23 -25.38 29.05
C HIS I 169 23.13 -26.81 29.58
N ALA I 170 21.96 -27.43 29.47
CA ALA I 170 21.77 -28.80 29.98
C ALA I 170 22.72 -29.76 29.24
N LEU I 171 22.89 -29.57 27.94
CA LEU I 171 23.76 -30.49 27.15
C LEU I 171 25.19 -30.40 27.67
N GLN I 172 25.68 -29.19 27.96
CA GLN I 172 27.08 -29.04 28.43
C GLN I 172 27.17 -29.53 29.88
N LEU I 173 26.12 -29.34 30.67
CA LEU I 173 26.10 -29.82 32.08
C LEU I 173 26.12 -31.35 32.02
N ARG I 174 25.43 -31.95 31.05
CA ARG I 174 25.44 -33.42 30.89
C ARG I 174 26.87 -33.86 30.52
N GLN I 175 27.56 -33.05 29.71
CA GLN I 175 28.96 -33.37 29.32
C GLN I 175 29.85 -33.37 30.58
N GLU I 176 29.63 -32.42 31.49
CA GLU I 176 30.42 -32.36 32.75
C GLU I 176 30.16 -33.63 33.56
N ALA I 177 28.90 -34.07 33.62
CA ALA I 177 28.55 -35.31 34.37
C ALA I 177 29.26 -36.52 33.72
N GLN I 178 29.29 -36.55 32.39
CA GLN I 178 29.98 -37.66 31.67
C GLN I 178 31.47 -37.63 32.02
N GLU I 179 32.07 -36.44 32.08
CA GLU I 179 33.51 -36.31 32.44
C GLU I 179 33.72 -36.81 33.86
N GLN I 180 32.80 -36.49 34.77
CA GLN I 180 32.90 -36.96 36.18
C GLN I 180 32.67 -38.48 36.22
N ILE I 198 23.00 -31.79 36.67
CA ILE I 198 21.66 -32.11 37.15
C ILE I 198 21.03 -30.88 37.79
N THR I 199 21.87 -29.95 38.26
CA THR I 199 21.37 -28.69 38.81
C THR I 199 21.48 -27.52 37.83
N ILE I 200 20.50 -26.62 37.85
CA ILE I 200 20.56 -25.43 37.02
C ILE I 200 21.28 -24.33 37.81
N SER I 201 22.33 -23.78 37.24
CA SER I 201 23.18 -22.84 37.95
C SER I 201 22.46 -21.51 38.23
N ASN I 202 22.82 -20.86 39.34
CA ASN I 202 22.18 -19.62 39.71
C ASN I 202 22.67 -18.46 38.86
N THR I 203 23.96 -18.43 38.56
CA THR I 203 24.51 -17.40 37.71
C THR I 203 23.91 -17.57 36.32
N PHE I 204 23.67 -18.82 35.93
CA PHE I 204 23.04 -19.09 34.65
C PHE I 204 21.64 -18.48 34.59
N LYS I 205 20.84 -18.69 35.64
CA LYS I 205 19.49 -18.15 35.64
C LYS I 205 19.52 -16.63 35.60
N GLU I 206 20.32 -16.00 36.47
CA GLU I 206 20.30 -14.52 36.58
C GLU I 206 21.03 -13.81 35.43
N GLN I 207 22.11 -14.38 34.89
CA GLN I 207 22.89 -13.67 33.89
C GLN I 207 22.54 -14.14 32.47
N VAL I 208 21.79 -15.23 32.37
CA VAL I 208 21.36 -15.68 31.05
C VAL I 208 19.85 -15.68 30.86
N ILE I 209 19.10 -16.25 31.80
CA ILE I 209 17.68 -16.48 31.54
C ILE I 209 16.81 -15.27 31.93
N ARG I 210 17.26 -14.49 32.90
CA ARG I 210 16.58 -13.25 33.25
C ARG I 210 16.56 -12.27 32.07
N PRO I 211 17.69 -12.13 31.34
CA PRO I 211 17.60 -11.29 30.12
C PRO I 211 16.55 -11.78 29.11
N ILE I 212 16.55 -13.07 28.78
CA ILE I 212 15.58 -13.60 27.83
C ILE I 212 14.14 -13.35 28.27
N LEU I 213 13.83 -13.69 29.52
CA LEU I 213 12.48 -13.47 30.04
C LEU I 213 12.08 -12.00 30.11
N LYS I 214 12.97 -11.16 30.64
CA LYS I 214 12.70 -9.70 30.73
C LYS I 214 12.45 -9.18 29.31
N ALA I 215 13.14 -9.75 28.33
CA ALA I 215 12.90 -9.37 26.95
C ALA I 215 11.56 -9.91 26.42
N HIS I 216 11.22 -11.17 26.77
CA HIS I 216 10.00 -11.79 26.19
C HIS I 216 8.72 -11.24 26.83
N PHE I 217 8.81 -10.62 28.02
CA PHE I 217 7.61 -10.18 28.71
C PHE I 217 7.62 -8.68 28.99
N ARG I 218 8.81 -8.10 29.08
CA ARG I 218 8.98 -6.65 29.09
C ARG I 218 8.29 -5.94 30.26
N ARG I 219 7.78 -6.70 31.22
CA ARG I 219 7.11 -6.09 32.35
C ARG I 219 7.61 -6.77 33.62
N ASP I 220 8.37 -6.01 34.40
CA ASP I 220 9.11 -6.54 35.54
C ASP I 220 8.22 -6.95 36.71
N GLU I 221 7.02 -6.40 36.77
CA GLU I 221 6.10 -6.74 37.86
C GLU I 221 5.56 -8.13 37.64
N PHE I 222 5.57 -8.55 36.38
CA PHE I 222 5.10 -9.87 36.01
C PHE I 222 6.10 -10.93 36.49
N LEU I 223 7.35 -10.75 36.10
CA LEU I 223 8.42 -11.67 36.51
C LEU I 223 8.60 -11.65 38.02
N GLY I 224 8.47 -10.48 38.63
CA GLY I 224 8.54 -10.35 40.07
C GLY I 224 7.40 -11.11 40.73
N ARG I 225 6.23 -11.08 40.09
CA ARG I 225 5.05 -11.75 40.62
C ARG I 225 5.23 -13.26 40.67
N ILE I 226 5.98 -13.80 39.71
CA ILE I 226 6.11 -15.25 39.55
C ILE I 226 6.70 -15.87 40.82
N ASN I 227 5.93 -16.75 41.44
CA ASN I 227 6.42 -17.45 42.62
C ASN I 227 7.66 -18.27 42.29
N GLU I 228 7.54 -19.14 41.30
CA GLU I 228 8.69 -19.97 40.95
C GLU I 228 8.84 -20.23 39.45
N ILE I 229 10.07 -20.15 38.96
CA ILE I 229 10.35 -20.53 37.59
C ILE I 229 10.81 -21.98 37.55
N VAL I 230 9.92 -22.87 37.12
CA VAL I 230 10.22 -24.31 37.15
C VAL I 230 10.87 -24.79 35.87
N TYR I 231 12.04 -25.40 35.99
CA TYR I 231 12.80 -25.86 34.84
C TYR I 231 12.56 -27.33 34.48
N PHE I 232 12.31 -27.56 33.19
CA PHE I 232 12.15 -28.89 32.64
C PHE I 232 13.30 -29.21 31.68
N LEU I 233 14.22 -30.05 32.13
CA LEU I 233 15.39 -30.41 31.34
C LEU I 233 15.07 -31.54 30.35
N PRO I 234 15.81 -31.59 29.23
CA PRO I 234 15.65 -32.68 28.27
C PRO I 234 15.97 -34.02 28.92
N PHE I 235 15.33 -35.09 28.46
CA PHE I 235 15.55 -36.40 29.05
C PHE I 235 16.99 -36.82 28.88
N CYS I 236 17.54 -37.49 29.88
CA CYS I 236 18.82 -38.12 29.69
C CYS I 236 18.51 -39.57 29.36
N HIS I 237 19.52 -40.24 28.75
CA HIS I 237 19.39 -41.66 28.30
C HIS I 237 18.62 -42.51 29.32
N SER I 238 19.05 -42.53 30.58
CA SER I 238 18.35 -43.41 31.55
C SER I 238 16.82 -43.22 31.46
N GLU I 239 16.35 -41.97 31.27
CA GLU I 239 14.90 -41.72 31.27
C GLU I 239 14.25 -42.26 30.02
N LEU I 240 15.00 -42.22 28.93
CA LEU I 240 14.54 -42.78 27.65
C LEU I 240 14.35 -44.28 27.79
N LEU I 241 15.34 -44.92 28.40
CA LEU I 241 15.22 -46.35 28.70
C LEU I 241 14.00 -46.65 29.55
N GLN I 242 13.75 -45.85 30.58
CA GLN I 242 12.58 -46.08 31.42
C GLN I 242 11.28 -45.93 30.63
N LEU I 243 11.28 -44.99 29.69
CA LEU I 243 10.10 -44.74 28.87
C LEU I 243 9.77 -45.95 28.00
N VAL I 244 10.77 -46.38 27.23
CA VAL I 244 10.62 -47.55 26.38
C VAL I 244 10.19 -48.77 27.19
N SER I 245 10.86 -49.00 28.31
CA SER I 245 10.52 -50.10 29.19
C SER I 245 9.06 -50.02 29.66
N ARG I 246 8.59 -48.80 29.93
CA ARG I 246 7.19 -48.61 30.33
C ARG I 246 6.23 -49.06 29.22
N GLU I 247 6.51 -48.62 28.00
CA GLU I 247 5.63 -48.97 26.88
C GLU I 247 5.62 -50.50 26.67
N LEU I 248 6.80 -51.09 26.62
CA LEU I 248 6.94 -52.53 26.45
C LEU I 248 6.22 -53.27 27.58
N HIS I 249 6.24 -52.69 28.78
CA HIS I 249 5.51 -53.25 29.91
C HIS I 249 4.02 -53.25 29.66
N TYR I 250 3.51 -52.15 29.11
CA TYR I 250 2.10 -52.05 28.77
C TYR I 250 1.73 -53.17 27.80
N TRP I 251 2.53 -53.32 26.75
CA TRP I 251 2.24 -54.31 25.74
C TRP I 251 2.35 -55.75 26.26
N ALA I 252 3.29 -55.99 27.16
CA ALA I 252 3.42 -57.30 27.80
C ALA I 252 2.16 -57.59 28.62
N LYS I 253 1.71 -56.57 29.35
CA LYS I 253 0.51 -56.67 30.17
C LYS I 253 -0.69 -57.06 29.31
N LYS I 254 -0.85 -56.36 28.19
CA LYS I 254 -1.96 -56.60 27.29
C LYS I 254 -1.86 -58.00 26.68
N ALA I 255 -0.63 -58.39 26.34
CA ALA I 255 -0.37 -59.69 25.72
C ALA I 255 -0.78 -60.83 26.62
N LYS I 256 -0.26 -60.86 27.84
CA LYS I 256 -0.68 -61.91 28.78
C LYS I 256 -2.16 -61.78 29.09
N GLN I 257 -2.69 -60.55 29.05
CA GLN I 257 -4.11 -60.33 29.41
C GLN I 257 -5.04 -61.03 28.42
N ARG I 258 -4.80 -60.89 27.11
CA ARG I 258 -5.74 -61.46 26.16
C ARG I 258 -5.27 -62.77 25.51
N HIS I 259 -4.00 -62.86 25.14
CA HIS I 259 -3.53 -64.03 24.42
C HIS I 259 -2.61 -64.91 25.24
N ASN I 260 -2.51 -64.60 26.53
CA ASN I 260 -1.68 -65.34 27.48
C ASN I 260 -0.25 -65.50 26.96
N ILE I 261 0.25 -64.45 26.31
CA ILE I 261 1.61 -64.43 25.81
C ILE I 261 2.54 -63.75 26.79
N THR I 262 3.61 -64.44 27.17
CA THR I 262 4.58 -63.85 28.08
C THR I 262 5.63 -63.12 27.26
N LEU I 263 5.68 -61.80 27.43
CA LEU I 263 6.60 -60.97 26.67
C LEU I 263 7.80 -60.60 27.51
N LEU I 264 8.99 -60.86 26.99
CA LEU I 264 10.23 -60.57 27.69
C LEU I 264 11.19 -59.89 26.74
N TRP I 265 12.19 -59.19 27.25
CA TRP I 265 13.17 -58.53 26.39
C TRP I 265 14.51 -58.42 27.08
N GLU I 266 15.49 -57.91 26.36
CA GLU I 266 16.80 -57.64 26.95
C GLU I 266 17.18 -56.20 26.63
N ARG I 267 18.17 -55.65 27.34
CA ARG I 267 18.47 -54.22 27.27
C ARG I 267 18.90 -53.67 25.88
N PRO I 268 19.64 -54.46 25.08
CA PRO I 268 19.93 -53.93 23.73
C PRO I 268 18.67 -53.63 22.92
N VAL I 269 17.58 -54.32 23.21
CA VAL I 269 16.29 -53.98 22.63
C VAL I 269 15.96 -52.55 23.03
N LEU I 270 16.11 -52.26 24.31
CA LEU I 270 15.82 -50.94 24.85
C LEU I 270 16.64 -49.86 24.16
N GLU I 271 17.95 -50.04 24.01
CA GLU I 271 18.73 -48.96 23.40
C GLU I 271 18.41 -48.81 21.90
N LEU I 272 18.17 -49.96 21.26
CA LEU I 272 17.74 -49.96 19.87
C LEU I 272 16.49 -49.12 19.70
N LEU I 273 15.57 -49.24 20.65
CA LEU I 273 14.33 -48.46 20.60
C LEU I 273 14.48 -46.99 20.98
N VAL I 274 15.27 -46.70 22.02
CA VAL I 274 15.50 -45.30 22.40
C VAL I 274 16.22 -44.53 21.31
N LYS I 275 16.82 -45.21 20.33
CA LYS I 275 17.42 -44.45 19.24
C LYS I 275 16.29 -44.00 18.29
N GLY I 276 15.06 -44.45 18.53
CA GLY I 276 13.98 -43.95 17.69
C GLY I 276 13.23 -42.82 18.33
N TYR I 277 13.93 -42.10 19.19
CA TYR I 277 13.38 -40.93 19.84
C TYR I 277 13.74 -39.70 19.03
N ASN I 278 12.74 -38.88 18.69
CA ASN I 278 13.03 -37.60 18.04
C ASN I 278 12.68 -36.49 19.01
N LEU I 279 13.59 -35.52 19.17
CA LEU I 279 13.41 -34.47 20.21
C LEU I 279 12.15 -33.62 19.96
N HIS I 280 11.65 -33.56 18.73
CA HIS I 280 10.56 -32.66 18.43
C HIS I 280 9.25 -32.85 19.24
N TYR I 281 8.83 -34.08 19.56
CA TYR I 281 7.55 -34.15 20.34
C TYR I 281 7.68 -34.85 21.70
N GLY I 282 8.74 -35.64 21.95
CA GLY I 282 8.91 -36.21 23.28
C GLY I 282 8.49 -37.64 23.56
N ALA I 283 7.75 -37.87 24.65
CA ALA I 283 7.46 -39.23 25.13
C ALA I 283 6.76 -40.10 24.09
N ARG I 284 5.83 -39.50 23.37
CA ARG I 284 5.09 -40.26 22.40
C ARG I 284 5.94 -40.57 21.17
N SER I 285 7.09 -39.91 21.04
CA SER I 285 8.06 -40.32 20.02
C SER I 285 8.40 -41.79 20.24
N ILE I 286 8.85 -42.13 21.44
CA ILE I 286 9.20 -43.52 21.73
C ILE I 286 7.96 -44.39 21.82
N LYS I 287 6.83 -43.84 22.27
CA LYS I 287 5.62 -44.66 22.25
C LYS I 287 5.39 -45.17 20.83
N HIS I 288 5.43 -44.22 19.89
CA HIS I 288 5.23 -44.50 18.48
C HIS I 288 6.28 -45.51 18.03
N GLU I 289 7.52 -45.29 18.41
CA GLU I 289 8.63 -46.13 17.96
C GLU I 289 8.44 -47.58 18.41
N VAL I 290 7.98 -47.76 19.64
CA VAL I 290 7.73 -49.09 20.17
C VAL I 290 6.63 -49.73 19.35
N GLU I 291 5.58 -48.96 19.08
CA GLU I 291 4.48 -49.55 18.30
C GLU I 291 4.85 -49.77 16.84
N ARG I 292 5.96 -49.18 16.39
CA ARG I 292 6.36 -49.28 14.99
C ARG I 292 7.58 -50.20 14.76
N ARG I 293 8.12 -50.77 15.84
CA ARG I 293 9.17 -51.77 15.67
C ARG I 293 8.96 -53.05 16.46
N VAL I 294 8.05 -53.02 17.43
CA VAL I 294 7.81 -54.22 18.21
C VAL I 294 6.42 -54.81 18.02
N VAL I 295 5.38 -54.04 18.35
CA VAL I 295 4.03 -54.59 18.35
C VAL I 295 3.51 -54.84 16.94
N ASN I 296 4.08 -54.16 15.95
CA ASN I 296 3.71 -54.44 14.57
C ASN I 296 4.15 -55.87 14.25
N GLN I 297 5.33 -56.22 14.76
CA GLN I 297 5.91 -57.54 14.58
C GLN I 297 5.11 -58.57 15.37
N LEU I 298 4.71 -58.19 16.57
CA LEU I 298 3.87 -59.03 17.41
C LEU I 298 2.54 -59.33 16.75
N ALA I 299 1.95 -58.30 16.17
CA ALA I 299 0.67 -58.40 15.48
C ALA I 299 0.78 -59.30 14.26
N ALA I 300 1.83 -59.08 13.48
CA ALA I 300 2.06 -59.86 12.28
C ALA I 300 2.26 -61.34 12.63
N ALA I 301 3.18 -61.60 13.55
CA ALA I 301 3.47 -62.97 13.98
C ALA I 301 2.23 -63.63 14.59
N PHE I 302 1.38 -62.83 15.22
CA PHE I 302 0.13 -63.35 15.80
C PHE I 302 -0.83 -63.74 14.69
N GLU I 303 -0.87 -62.95 13.62
CA GLU I 303 -1.84 -63.21 12.52
C GLU I 303 -1.39 -64.41 11.69
N GLN I 304 -0.09 -64.70 11.65
CA GLN I 304 0.43 -65.81 10.86
C GLN I 304 0.40 -67.14 11.60
N GLU I 305 -0.35 -67.18 12.70
CA GLU I 305 -0.52 -68.37 13.53
C GLU I 305 0.78 -68.81 14.20
N LEU I 306 1.69 -67.85 14.47
CA LEU I 306 2.97 -68.16 15.12
C LEU I 306 3.00 -68.07 16.66
N LEU I 307 2.02 -67.38 17.25
CA LEU I 307 2.03 -67.18 18.71
C LEU I 307 0.87 -67.87 19.41
N PRO I 308 1.05 -69.14 19.80
CA PRO I 308 -0.03 -69.83 20.52
C PRO I 308 -0.26 -69.24 21.91
N LYS I 309 -1.32 -69.83 22.58
CA LYS I 309 -1.65 -69.39 23.97
C LYS I 309 -0.69 -70.06 24.95
N GLY I 310 -0.22 -69.27 25.97
CA GLY I 310 0.68 -69.86 26.95
C GLY I 310 2.09 -69.88 26.40
N CYS I 311 2.34 -69.01 25.43
CA CYS I 311 3.66 -69.01 24.77
C CYS I 311 4.59 -67.97 25.39
N THR I 312 5.90 -68.15 25.22
CA THR I 312 6.92 -67.26 25.75
C THR I 312 7.78 -66.68 24.63
N LEU I 313 7.72 -65.36 24.50
CA LEU I 313 8.39 -64.65 23.42
C LEU I 313 9.38 -63.63 23.97
N ARG I 314 10.62 -63.72 23.51
CA ARG I 314 11.67 -62.83 23.99
C ARG I 314 12.28 -62.02 22.86
N LEU I 315 12.24 -60.70 23.00
CA LEU I 315 12.85 -59.83 22.01
C LEU I 315 14.34 -59.69 22.30
N THR I 316 15.15 -59.80 21.26
CA THR I 316 16.59 -59.59 21.38
C THR I 316 17.08 -58.84 20.15
N VAL I 317 18.36 -58.52 20.09
CA VAL I 317 18.87 -57.79 18.94
C VAL I 317 20.02 -58.51 18.25
N ASP I 318 19.88 -58.72 16.93
CA ASP I 318 20.95 -59.41 16.15
C ASP I 318 21.78 -58.36 15.41
N ALA I 327 22.87 -52.32 10.21
CA ALA I 327 21.62 -51.93 10.85
C ALA I 327 21.09 -53.06 11.74
N PRO I 328 21.27 -52.92 13.05
CA PRO I 328 20.85 -53.92 14.05
C PRO I 328 19.35 -54.18 13.95
N VAL I 329 18.98 -55.44 13.74
CA VAL I 329 17.59 -55.79 13.58
C VAL I 329 17.06 -56.50 14.82
N LEU I 330 15.79 -56.21 15.14
CA LEU I 330 15.13 -56.78 16.29
C LEU I 330 14.64 -58.18 15.95
N ARG I 331 14.99 -59.12 16.82
CA ARG I 331 14.65 -60.55 16.62
C ARG I 331 13.60 -60.99 17.65
N LEU I 332 12.64 -61.82 17.23
CA LEU I 332 11.61 -62.34 18.11
C LEU I 332 11.87 -63.83 18.34
N GLU I 333 12.39 -64.14 19.52
CA GLU I 333 12.83 -65.49 19.85
C GLU I 333 11.69 -66.22 20.52
N LEU I 334 11.33 -67.38 19.99
CA LEU I 334 10.24 -68.16 20.54
C LEU I 334 10.74 -69.34 21.37
N LEU I 335 10.14 -69.50 22.55
CA LEU I 335 10.49 -70.59 23.45
C LEU I 335 9.80 -71.88 23.04
N GLN I 336 10.60 -72.88 22.72
CA GLN I 336 10.08 -74.16 22.28
C GLN I 336 9.95 -75.14 23.45
N GLU I 337 9.38 -76.30 23.18
CA GLU I 337 9.21 -77.32 24.20
C GLU I 337 10.53 -78.08 24.33
N ASP I 338 11.49 -77.62 23.53
CA ASP I 338 12.87 -78.07 23.54
C ASP I 338 13.61 -77.41 24.70
N LYS I 339 12.90 -76.49 25.37
CA LYS I 339 13.45 -75.64 26.42
C LYS I 339 14.59 -74.79 25.88
N THR I 340 14.64 -74.67 24.56
CA THR I 340 15.49 -73.69 23.94
C THR I 340 14.60 -72.77 23.12
N SER I 341 15.17 -71.64 22.69
CA SER I 341 14.41 -70.68 21.90
C SER I 341 15.09 -70.35 20.59
N ARG I 342 14.31 -69.91 19.58
CA ARG I 342 14.86 -69.61 18.23
C ARG I 342 14.01 -68.54 17.53
N LYS I 343 14.63 -67.64 16.76
CA LYS I 343 13.91 -66.60 15.98
C LYS I 343 12.72 -67.04 15.13
N LEU I 344 11.67 -66.24 15.18
CA LEU I 344 10.50 -66.38 14.31
C LEU I 344 10.76 -65.71 12.97
N GLU I 345 10.25 -66.32 11.89
CA GLU I 345 10.40 -65.73 10.53
C GLU I 345 9.04 -65.16 10.11
N ILE I 346 8.90 -63.83 10.13
CA ILE I 346 7.59 -63.18 9.78
C ILE I 346 7.61 -62.82 8.28
N GLN I 347 6.70 -63.45 7.53
CA GLN I 347 6.60 -63.20 6.07
C GLN I 347 6.23 -61.73 5.81
N PRO I 348 6.86 -61.01 4.84
CA PRO I 348 6.44 -59.63 4.53
C PRO I 348 4.95 -59.55 4.23
N SER J 1 -9.07 -62.03 5.66
CA SER J 1 -10.14 -61.82 6.69
C SER J 1 -11.51 -61.78 5.99
N PRO J 2 -12.69 -61.88 6.68
CA PRO J 2 -13.99 -61.74 6.00
C PRO J 2 -14.25 -60.30 5.53
N LEU J 3 -13.80 -59.32 6.30
CA LEU J 3 -13.93 -57.94 5.86
C LEU J 3 -13.21 -57.82 4.53
N GLU J 4 -12.03 -58.44 4.46
CA GLU J 4 -11.23 -58.42 3.27
C GLU J 4 -11.99 -59.02 2.08
N ARG J 5 -12.70 -60.12 2.30
CA ARG J 5 -13.30 -60.78 1.14
C ARG J 5 -14.52 -60.03 0.67
N ARG J 6 -15.16 -59.27 1.57
CA ARG J 6 -16.31 -58.51 1.09
C ARG J 6 -15.92 -57.15 0.50
N LEU J 7 -14.77 -56.64 0.88
CA LEU J 7 -14.24 -55.47 0.18
C LEU J 7 -13.74 -55.83 -1.21
N LYS J 8 -12.99 -56.92 -1.34
CA LYS J 8 -12.59 -57.38 -2.66
C LYS J 8 -13.83 -57.77 -3.46
N GLU J 9 -14.93 -58.08 -2.77
CA GLU J 9 -16.15 -58.51 -3.47
C GLU J 9 -17.09 -57.36 -3.83
N HIS J 10 -16.87 -56.16 -3.29
CA HIS J 10 -17.68 -55.01 -3.72
C HIS J 10 -16.85 -53.85 -4.23
N ILE J 11 -15.54 -54.02 -4.29
CA ILE J 11 -14.70 -52.95 -4.82
C ILE J 11 -13.86 -53.40 -6.00
N ILE J 12 -13.80 -52.56 -7.01
CA ILE J 12 -12.98 -52.85 -8.18
C ILE J 12 -11.57 -52.30 -7.93
N GLY J 13 -10.58 -53.17 -8.11
CA GLY J 13 -9.19 -52.76 -7.96
C GLY J 13 -8.83 -52.40 -6.53
N GLN J 14 -7.69 -51.73 -6.38
CA GLN J 14 -7.23 -51.21 -5.09
C GLN J 14 -7.18 -52.24 -3.97
N GLU J 15 -6.41 -53.31 -4.19
CA GLU J 15 -6.27 -54.34 -3.16
C GLU J 15 -5.17 -54.03 -2.15
N GLY J 16 -4.19 -53.22 -2.54
CA GLY J 16 -3.25 -52.72 -1.56
C GLY J 16 -4.04 -52.04 -0.46
N ALA J 17 -4.89 -51.11 -0.86
CA ALA J 17 -5.76 -50.38 0.06
C ALA J 17 -6.60 -51.29 0.95
N ILE J 18 -7.26 -52.26 0.31
CA ILE J 18 -8.13 -53.19 1.03
C ILE J 18 -7.34 -54.02 2.04
N ASN J 19 -6.16 -54.48 1.62
CA ASN J 19 -5.33 -55.30 2.48
C ASN J 19 -4.89 -54.53 3.71
N THR J 20 -4.31 -53.34 3.50
CA THR J 20 -3.84 -52.55 4.62
C THR J 20 -5.00 -52.17 5.56
N VAL J 21 -6.12 -51.72 5.01
CA VAL J 21 -7.24 -51.29 5.87
C VAL J 21 -7.79 -52.46 6.69
N ALA J 22 -8.07 -53.58 6.02
CA ALA J 22 -8.64 -54.73 6.71
C ALA J 22 -7.70 -55.28 7.79
N SER J 23 -6.42 -55.40 7.43
CA SER J 23 -5.42 -55.95 8.35
C SER J 23 -5.18 -55.03 9.54
N ALA J 24 -5.28 -53.73 9.31
CA ALA J 24 -5.16 -52.78 10.40
C ALA J 24 -6.34 -52.96 11.36
N ILE J 25 -7.53 -53.06 10.77
CA ILE J 25 -8.73 -53.28 11.57
C ILE J 25 -8.64 -54.53 12.44
N ARG J 26 -8.16 -55.63 11.84
CA ARG J 26 -8.08 -56.91 12.60
C ARG J 26 -6.92 -56.82 13.58
N ARG J 27 -5.90 -56.01 13.30
CA ARG J 27 -4.82 -55.80 14.24
C ARG J 27 -5.39 -55.16 15.50
N LYS J 28 -6.26 -54.17 15.33
CA LYS J 28 -6.92 -53.60 16.51
C LYS J 28 -7.82 -54.64 17.16
N GLU J 29 -8.49 -55.50 16.38
CA GLU J 29 -9.45 -56.38 17.03
C GLU J 29 -8.77 -57.58 17.66
N ASN J 30 -7.48 -57.77 17.36
CA ASN J 30 -6.67 -58.71 18.11
C ASN J 30 -6.17 -58.10 19.42
N GLY J 31 -5.78 -56.84 19.35
CA GLY J 31 -5.36 -56.10 20.52
C GLY J 31 -3.95 -55.58 20.38
N TRP J 32 -3.51 -55.42 19.14
CA TRP J 32 -2.16 -54.96 18.87
C TRP J 32 -2.16 -53.52 18.36
N TYR J 33 -3.28 -52.86 18.61
CA TYR J 33 -3.39 -51.40 18.55
C TYR J 33 -3.96 -51.00 19.89
N ASP J 34 -3.72 -49.76 20.31
CA ASP J 34 -4.20 -49.32 21.61
C ASP J 34 -5.72 -49.40 21.59
N GLU J 35 -6.27 -50.23 22.48
CA GLU J 35 -7.69 -50.58 22.47
C GLU J 35 -8.65 -49.43 22.75
N GLU J 36 -8.14 -48.35 23.33
CA GLU J 36 -9.02 -47.25 23.73
C GLU J 36 -8.86 -46.03 22.82
N HIS J 37 -8.29 -46.26 21.64
CA HIS J 37 -8.16 -45.20 20.65
C HIS J 37 -8.76 -45.66 19.33
N PRO J 38 -9.43 -44.76 18.61
CA PRO J 38 -9.95 -45.06 17.27
C PRO J 38 -8.83 -45.09 16.25
N LEU J 39 -8.99 -45.81 15.16
CA LEU J 39 -7.92 -45.91 14.17
C LEU J 39 -7.90 -44.67 13.30
N VAL J 40 -6.72 -44.30 12.85
CA VAL J 40 -6.59 -43.17 11.94
C VAL J 40 -5.86 -43.61 10.67
N PHE J 41 -6.57 -43.55 9.56
CA PHE J 41 -6.01 -43.91 8.26
C PHE J 41 -5.77 -42.66 7.44
N LEU J 42 -4.72 -42.67 6.63
CA LEU J 42 -4.48 -41.57 5.72
C LEU J 42 -4.48 -42.08 4.28
N PHE J 43 -5.59 -41.84 3.59
CA PHE J 43 -5.74 -42.29 2.21
C PHE J 43 -5.01 -41.35 1.29
N LEU J 44 -3.82 -41.78 0.88
CA LEU J 44 -3.01 -41.05 -0.07
C LEU J 44 -3.29 -41.60 -1.47
N GLY J 45 -3.59 -40.73 -2.42
CA GLY J 45 -3.83 -41.17 -3.79
C GLY J 45 -4.52 -40.15 -4.66
N SER J 46 -5.02 -40.59 -5.81
CA SER J 46 -5.78 -39.72 -6.71
C SER J 46 -7.29 -39.93 -6.55
N SER J 47 -8.07 -39.04 -7.13
CA SER J 47 -9.53 -39.03 -6.93
C SER J 47 -10.26 -40.07 -7.79
N GLY J 48 -11.39 -40.56 -7.27
CA GLY J 48 -12.29 -41.41 -8.00
C GLY J 48 -11.82 -42.82 -8.31
N ILE J 49 -10.90 -43.33 -7.50
CA ILE J 49 -10.42 -44.69 -7.70
C ILE J 49 -10.78 -45.59 -6.52
N GLY J 50 -11.76 -45.18 -5.71
CA GLY J 50 -12.34 -46.08 -4.73
C GLY J 50 -12.37 -45.70 -3.25
N LYS J 51 -11.79 -44.56 -2.89
CA LYS J 51 -11.70 -44.14 -1.49
C LYS J 51 -13.06 -44.06 -0.77
N THR J 52 -13.97 -43.22 -1.25
CA THR J 52 -15.27 -43.06 -0.57
C THR J 52 -16.02 -44.38 -0.53
N GLU J 53 -15.80 -45.23 -1.53
CA GLU J 53 -16.50 -46.50 -1.59
C GLU J 53 -15.87 -47.51 -0.65
N LEU J 54 -14.54 -47.43 -0.50
CA LEU J 54 -13.86 -48.25 0.49
C LEU J 54 -14.40 -47.91 1.87
N ALA J 55 -14.46 -46.62 2.16
CA ALA J 55 -15.01 -46.13 3.41
C ALA J 55 -16.45 -46.59 3.62
N LYS J 56 -17.27 -46.49 2.57
CA LYS J 56 -18.67 -46.87 2.67
C LYS J 56 -18.87 -48.37 2.93
N GLN J 57 -18.04 -49.20 2.31
CA GLN J 57 -18.21 -50.65 2.45
C GLN J 57 -17.66 -51.12 3.79
N VAL J 58 -16.59 -50.46 4.23
CA VAL J 58 -16.06 -50.71 5.56
C VAL J 58 -17.13 -50.33 6.57
N ALA J 59 -17.82 -49.22 6.29
CA ALA J 59 -18.90 -48.73 7.14
C ALA J 59 -20.06 -49.71 7.28
N ARG J 60 -20.63 -50.15 6.16
CA ARG J 60 -21.82 -51.01 6.25
C ARG J 60 -21.48 -52.46 6.61
N TYR J 61 -20.22 -52.87 6.43
CA TYR J 61 -19.85 -54.24 6.82
C TYR J 61 -20.04 -54.51 8.31
N MET J 62 -19.73 -53.52 9.13
CA MET J 62 -19.68 -53.71 10.57
C MET J 62 -20.99 -53.37 11.27
N HIS J 63 -21.89 -52.73 10.54
CA HIS J 63 -23.23 -52.47 11.05
C HIS J 63 -24.26 -53.22 10.22
N GLY J 69 -24.38 -44.91 10.53
CA GLY J 69 -23.14 -45.62 10.77
C GLY J 69 -22.01 -45.11 9.91
N PHE J 70 -22.28 -44.05 9.14
CA PHE J 70 -21.30 -43.48 8.24
C PHE J 70 -21.40 -41.96 8.33
N ILE J 71 -20.25 -41.28 8.37
CA ILE J 71 -20.19 -39.84 8.41
C ILE J 71 -19.16 -39.32 7.42
N ARG J 72 -19.47 -38.20 6.74
CA ARG J 72 -18.56 -37.62 5.72
C ARG J 72 -18.45 -36.10 5.91
N MET J 73 -17.23 -35.55 5.89
CA MET J 73 -17.01 -34.10 6.04
C MET J 73 -15.90 -33.57 5.11
N ASP J 74 -15.98 -32.27 4.82
CA ASP J 74 -15.03 -31.61 3.93
C ASP J 74 -14.15 -30.62 4.69
N MET J 75 -12.85 -30.82 4.61
CA MET J 75 -11.86 -30.02 5.35
C MET J 75 -11.51 -28.70 4.65
N SER J 76 -11.54 -28.68 3.32
CA SER J 76 -11.40 -27.43 2.57
C SER J 76 -12.30 -26.32 3.08
N GLU J 77 -13.41 -26.69 3.71
CA GLU J 77 -14.32 -25.72 4.29
C GLU J 77 -13.70 -25.09 5.53
N PHE J 78 -12.82 -25.84 6.18
CA PHE J 78 -12.25 -25.45 7.47
C PHE J 78 -10.77 -25.08 7.38
N GLN J 79 -10.45 -23.99 6.69
CA GLN J 79 -9.06 -23.60 6.53
C GLN J 79 -8.66 -22.37 7.36
N GLU J 80 -9.62 -21.81 8.12
CA GLU J 80 -9.37 -20.60 8.94
C GLU J 80 -10.01 -20.75 10.32
N LYS J 81 -9.73 -19.84 11.27
CA LYS J 81 -10.22 -19.96 12.68
C LYS J 81 -11.75 -19.91 12.82
N HIS J 82 -12.45 -19.01 12.12
CA HIS J 82 -13.93 -18.90 12.31
C HIS J 82 -14.55 -20.27 12.01
N GLU J 83 -14.04 -20.95 11.00
CA GLU J 83 -14.51 -22.30 10.60
C GLU J 83 -14.18 -23.29 11.71
N VAL J 84 -13.02 -23.14 12.37
CA VAL J 84 -12.65 -24.03 13.51
C VAL J 84 -13.68 -23.85 14.63
N ALA J 85 -14.09 -22.60 14.89
CA ALA J 85 -15.10 -22.33 15.93
C ALA J 85 -16.43 -22.99 15.54
N LYS J 86 -16.80 -22.94 14.26
CA LYS J 86 -18.05 -23.60 13.79
C LYS J 86 -17.93 -25.11 14.00
N PHE J 87 -16.75 -25.68 13.71
CA PHE J 87 -16.54 -27.15 13.83
C PHE J 87 -16.57 -27.56 15.30
N GLN J 102 -21.09 -29.79 14.81
CA GLN J 102 -21.75 -30.74 13.90
C GLN J 102 -21.14 -32.13 14.10
N LEU J 103 -19.81 -32.21 14.17
CA LEU J 103 -19.12 -33.51 14.34
C LEU J 103 -19.57 -34.13 15.67
N THR J 104 -19.69 -33.31 16.72
CA THR J 104 -20.09 -33.82 18.05
C THR J 104 -21.50 -34.41 17.96
N LYS J 105 -22.43 -33.70 17.30
CA LYS J 105 -23.83 -34.20 17.13
C LYS J 105 -23.79 -35.52 16.36
N GLN J 106 -22.97 -35.59 15.31
CA GLN J 106 -22.89 -36.82 14.48
C GLN J 106 -22.40 -37.99 15.33
N LEU J 107 -21.40 -37.75 16.19
CA LEU J 107 -20.89 -38.81 17.10
C LEU J 107 -21.97 -39.20 18.13
N LYS J 108 -22.77 -38.23 18.57
CA LYS J 108 -23.89 -38.53 19.50
C LYS J 108 -24.84 -39.47 18.78
N GLN J 109 -25.10 -39.23 17.49
CA GLN J 109 -25.97 -40.15 16.70
C GLN J 109 -25.30 -41.52 16.62
N SER J 110 -24.03 -41.56 16.22
CA SER J 110 -23.29 -42.84 16.09
C SER J 110 -21.87 -42.67 16.65
N PRO J 111 -21.48 -43.17 17.85
CA PRO J 111 -20.11 -42.97 18.33
C PRO J 111 -19.05 -43.88 17.69
N SER J 112 -19.43 -45.11 17.38
CA SER J 112 -18.52 -46.12 16.87
C SER J 112 -18.74 -46.24 15.36
N ALA J 113 -18.58 -45.12 14.66
CA ALA J 113 -18.94 -45.06 13.25
C ALA J 113 -17.75 -44.67 12.40
N VAL J 114 -17.83 -44.95 11.11
CA VAL J 114 -16.76 -44.57 10.19
C VAL J 114 -16.94 -43.10 9.86
N VAL J 115 -15.87 -42.33 10.03
CA VAL J 115 -15.91 -40.90 9.79
C VAL J 115 -14.86 -40.55 8.75
N LEU J 116 -15.30 -39.83 7.71
CA LEU J 116 -14.41 -39.54 6.56
C LEU J 116 -14.09 -38.05 6.47
N PHE J 117 -12.81 -37.69 6.56
CA PHE J 117 -12.37 -36.31 6.37
C PHE J 117 -11.73 -36.13 5.00
N ASP J 118 -12.24 -35.20 4.20
CA ASP J 118 -11.70 -35.03 2.85
C ASP J 118 -10.81 -33.81 2.66
N GLU J 119 -9.71 -34.01 1.92
CA GLU J 119 -8.85 -32.93 1.47
C GLU J 119 -8.27 -32.15 2.66
N VAL J 120 -7.67 -32.90 3.58
CA VAL J 120 -7.06 -32.37 4.80
C VAL J 120 -5.85 -31.48 4.47
N HIS J 124 -7.07 -26.47 8.79
CA HIS J 124 -6.51 -25.36 9.60
C HIS J 124 -5.64 -25.94 10.74
N PRO J 125 -4.56 -25.30 11.26
CA PRO J 125 -3.76 -25.93 12.31
C PRO J 125 -4.63 -26.23 13.54
N ASP J 126 -5.54 -25.31 13.88
CA ASP J 126 -6.45 -25.54 15.04
C ASP J 126 -7.34 -26.76 14.75
N VAL J 127 -7.84 -26.89 13.52
CA VAL J 127 -8.67 -28.08 13.15
C VAL J 127 -7.79 -29.35 13.28
N LEU J 128 -6.53 -29.28 12.84
CA LEU J 128 -5.63 -30.47 12.87
C LEU J 128 -5.35 -30.87 14.32
N THR J 129 -5.31 -29.90 15.24
CA THR J 129 -4.99 -30.16 16.64
C THR J 129 -6.25 -30.66 17.35
N VAL J 130 -7.42 -30.12 16.99
CA VAL J 130 -8.66 -30.61 17.60
C VAL J 130 -8.95 -32.06 17.20
N MET J 131 -8.75 -32.37 15.93
CA MET J 131 -8.96 -33.74 15.48
C MET J 131 -7.87 -34.63 16.08
N LEU J 132 -6.65 -34.14 16.19
CA LEU J 132 -5.58 -34.92 16.82
C LEU J 132 -5.99 -35.23 18.26
N GLN J 133 -6.57 -34.24 18.94
CA GLN J 133 -6.98 -34.43 20.36
C GLN J 133 -8.10 -35.48 20.47
N LEU J 134 -9.09 -35.48 19.57
CA LEU J 134 -10.12 -36.54 19.66
C LEU J 134 -9.55 -37.87 19.16
N PHE J 135 -8.42 -37.85 18.45
CA PHE J 135 -7.75 -39.10 18.06
C PHE J 135 -7.06 -39.73 19.26
N ASP J 136 -6.46 -38.88 20.11
CA ASP J 136 -5.72 -39.38 21.27
C ASP J 136 -6.65 -39.67 22.45
N GLU J 137 -7.71 -38.87 22.61
CA GLU J 137 -8.60 -39.04 23.78
C GLU J 137 -9.77 -39.98 23.42
N GLY J 138 -10.14 -40.06 22.14
CA GLY J 138 -11.28 -40.85 21.72
C GLY J 138 -12.45 -40.61 22.65
N ARG J 139 -12.83 -39.34 22.77
CA ARG J 139 -14.00 -38.94 23.63
C ARG J 139 -14.31 -37.47 23.33
N LEU J 140 -15.59 -37.08 23.35
CA LEU J 140 -15.94 -35.69 23.11
C LEU J 140 -16.66 -35.06 24.29
N THR J 147 -20.91 -37.58 28.31
CA THR J 147 -19.60 -37.57 27.61
C THR J 147 -19.61 -38.61 26.48
N ILE J 148 -19.63 -38.14 25.23
CA ILE J 148 -19.61 -39.06 24.05
C ILE J 148 -18.26 -39.78 24.06
N GLU J 149 -18.24 -41.11 23.86
CA GLU J 149 -16.96 -41.85 23.76
C GLU J 149 -16.88 -42.52 22.38
N CYS J 150 -15.93 -42.11 21.54
CA CYS J 150 -15.83 -42.65 20.16
C CYS J 150 -14.62 -43.57 20.06
N LYS J 151 -14.49 -44.55 20.97
CA LYS J 151 -13.27 -45.41 20.99
C LYS J 151 -13.28 -46.41 19.82
N ASP J 152 -14.43 -47.01 19.50
CA ASP J 152 -14.49 -48.01 18.44
C ASP J 152 -14.91 -47.43 17.09
N ALA J 153 -14.66 -46.15 16.87
CA ALA J 153 -14.93 -45.57 15.56
C ALA J 153 -13.71 -45.70 14.65
N ILE J 154 -13.95 -45.57 13.35
CA ILE J 154 -12.87 -45.60 12.39
C ILE J 154 -12.72 -44.21 11.80
N PHE J 155 -11.51 -43.66 11.78
CA PHE J 155 -11.34 -42.32 11.22
C PHE J 155 -10.45 -42.37 10.00
N ILE J 156 -11.04 -42.05 8.85
CA ILE J 156 -10.32 -42.05 7.58
C ILE J 156 -10.17 -40.66 7.04
N MET J 157 -8.94 -40.16 6.93
CA MET J 157 -8.76 -38.87 6.27
C MET J 157 -8.01 -39.06 4.96
N THR J 158 -8.61 -38.55 3.88
CA THR J 158 -8.12 -38.74 2.53
C THR J 158 -7.53 -37.42 2.02
N SER J 159 -6.32 -37.48 1.47
CA SER J 159 -5.64 -36.27 1.05
C SER J 159 -5.07 -36.34 -0.37
N ASN J 160 -4.82 -35.17 -0.94
CA ASN J 160 -4.09 -35.09 -2.20
C ASN J 160 -2.64 -34.66 -2.00
N ALA J 161 -1.92 -35.48 -1.24
CA ALA J 161 -0.52 -35.22 -0.93
C ALA J 161 0.38 -36.17 -1.71
N ALA J 162 1.43 -35.65 -2.34
CA ALA J 162 2.42 -36.48 -3.02
C ALA J 162 1.80 -37.40 -4.08
N SER J 163 0.66 -37.00 -4.62
CA SER J 163 -0.09 -37.86 -5.54
C SER J 163 0.65 -38.11 -6.85
N ASP J 164 1.54 -37.20 -7.23
CA ASP J 164 2.25 -37.35 -8.49
C ASP J 164 3.59 -38.08 -8.37
N GLU J 165 4.21 -38.07 -7.19
CA GLU J 165 5.35 -38.95 -6.98
C GLU J 165 4.86 -40.39 -6.96
N ILE J 166 3.72 -40.60 -6.29
CA ILE J 166 3.08 -41.91 -6.29
C ILE J 166 2.65 -42.33 -7.69
N ALA J 167 2.04 -41.40 -8.43
CA ALA J 167 1.59 -41.69 -9.79
C ALA J 167 2.74 -42.08 -10.70
N GLN J 168 3.81 -41.29 -10.64
CA GLN J 168 4.93 -41.52 -11.53
C GLN J 168 5.67 -42.78 -11.11
N HIS J 169 5.66 -43.06 -9.82
CA HIS J 169 6.25 -44.29 -9.29
C HIS J 169 5.47 -45.49 -9.80
N ALA J 170 4.13 -45.38 -9.74
CA ALA J 170 3.26 -46.52 -10.13
C ALA J 170 3.35 -46.73 -11.63
N LEU J 171 3.29 -45.66 -12.43
CA LEU J 171 3.34 -45.79 -13.90
C LEU J 171 4.69 -46.41 -14.28
N GLN J 172 5.77 -45.94 -13.65
CA GLN J 172 7.13 -46.48 -13.93
C GLN J 172 7.18 -47.95 -13.54
N LEU J 173 6.59 -48.31 -12.40
CA LEU J 173 6.61 -49.72 -11.94
C LEU J 173 5.85 -50.60 -12.94
N ARG J 174 4.70 -50.12 -13.42
CA ARG J 174 3.93 -50.87 -14.45
C ARG J 174 4.80 -51.05 -15.68
N GLN J 175 5.45 -49.98 -16.12
CA GLN J 175 6.37 -50.05 -17.29
C GLN J 175 7.44 -51.11 -17.01
N GLU J 176 8.05 -51.07 -15.82
CA GLU J 176 9.12 -52.05 -15.48
C GLU J 176 8.53 -53.47 -15.47
N ALA J 177 7.32 -53.63 -14.92
CA ALA J 177 6.66 -54.96 -14.87
C ALA J 177 6.37 -55.44 -16.30
N GLN J 178 5.90 -54.54 -17.17
CA GLN J 178 5.58 -54.92 -18.57
C GLN J 178 6.89 -55.18 -19.31
N GLU J 179 7.95 -54.41 -19.01
CA GLU J 179 9.27 -54.63 -19.64
C GLU J 179 9.80 -56.01 -19.22
N ILE J 198 0.86 -55.03 -7.97
CA ILE J 198 1.94 -54.06 -7.85
C ILE J 198 1.97 -53.49 -6.44
N THR J 199 3.04 -53.82 -5.70
CA THR J 199 3.26 -53.33 -4.34
C THR J 199 4.22 -52.12 -4.31
N ILE J 200 3.98 -51.20 -3.38
CA ILE J 200 4.84 -50.03 -3.21
C ILE J 200 6.02 -50.29 -2.27
N SER J 201 7.22 -49.99 -2.73
CA SER J 201 8.44 -50.28 -1.98
C SER J 201 8.53 -49.43 -0.71
N ASN J 202 9.18 -49.98 0.31
CA ASN J 202 9.27 -49.35 1.63
C ASN J 202 10.25 -48.16 1.65
N THR J 203 11.35 -48.33 0.92
CA THR J 203 12.36 -47.28 0.81
C THR J 203 11.76 -46.06 0.13
N PHE J 204 10.88 -46.30 -0.84
CA PHE J 204 10.13 -45.23 -1.49
C PHE J 204 9.34 -44.48 -0.45
N LYS J 205 8.69 -45.23 0.43
CA LYS J 205 7.87 -44.62 1.46
C LYS J 205 8.69 -43.66 2.31
N GLU J 206 9.71 -44.19 3.00
CA GLU J 206 10.49 -43.38 3.97
C GLU J 206 11.31 -42.28 3.29
N GLN J 207 12.17 -42.63 2.32
CA GLN J 207 13.06 -41.61 1.77
C GLN J 207 12.39 -40.72 0.72
N VAL J 208 11.19 -41.06 0.27
CA VAL J 208 10.59 -40.14 -0.70
C VAL J 208 9.28 -39.53 -0.22
N ILE J 209 8.36 -40.32 0.30
CA ILE J 209 7.03 -39.77 0.56
C ILE J 209 6.92 -39.12 1.95
N ARG J 210 7.74 -39.59 2.89
CA ARG J 210 7.75 -38.97 4.24
C ARG J 210 8.13 -37.49 4.09
N PRO J 211 9.22 -37.08 3.36
CA PRO J 211 9.50 -35.64 3.26
C PRO J 211 8.32 -34.76 2.82
N ILE J 212 7.61 -35.17 1.78
CA ILE J 212 6.46 -34.40 1.29
C ILE J 212 5.44 -34.21 2.40
N LEU J 213 5.11 -35.29 3.09
CA LEU J 213 4.15 -35.26 4.17
C LEU J 213 4.61 -34.37 5.33
N LYS J 214 5.87 -34.48 5.72
CA LYS J 214 6.41 -33.64 6.79
C LYS J 214 6.36 -32.16 6.42
N ALA J 215 6.76 -31.82 5.20
CA ALA J 215 6.71 -30.44 4.75
C ALA J 215 5.28 -29.92 4.77
N HIS J 216 4.36 -30.76 4.30
CA HIS J 216 2.95 -30.39 4.25
C HIS J 216 2.26 -30.22 5.62
N PHE J 217 2.59 -31.07 6.59
CA PHE J 217 1.86 -31.01 7.89
C PHE J 217 2.69 -30.26 8.96
N ARG J 218 4.01 -30.32 8.89
CA ARG J 218 4.90 -29.60 9.84
C ARG J 218 4.57 -30.02 11.29
N ARG J 219 4.29 -31.32 11.49
CA ARG J 219 4.00 -31.83 12.86
C ARG J 219 4.33 -33.32 12.88
N ASP J 220 5.35 -33.72 13.65
CA ASP J 220 5.77 -35.12 13.64
C ASP J 220 4.85 -35.99 14.51
N GLU J 221 4.14 -35.37 15.44
CA GLU J 221 3.21 -36.11 16.29
C GLU J 221 1.97 -36.47 15.49
N PHE J 222 1.68 -35.66 14.47
CA PHE J 222 0.54 -35.90 13.62
C PHE J 222 0.78 -37.11 12.72
N LEU J 223 1.90 -37.08 12.00
CA LEU J 223 2.29 -38.18 11.13
C LEU J 223 2.51 -39.43 11.95
N GLY J 224 3.05 -39.26 13.15
CA GLY J 224 3.22 -40.37 14.06
C GLY J 224 1.90 -40.97 14.49
N ARG J 225 0.89 -40.11 14.66
CA ARG J 225 -0.41 -40.58 15.14
C ARG J 225 -1.15 -41.51 14.17
N ILE J 226 -1.05 -41.25 12.87
CA ILE J 226 -1.79 -42.03 11.88
C ILE J 226 -1.33 -43.49 11.89
N ASN J 227 -2.26 -44.40 12.13
CA ASN J 227 -1.96 -45.83 12.14
C ASN J 227 -1.37 -46.33 10.83
N GLU J 228 -2.05 -46.06 9.73
CA GLU J 228 -1.59 -46.54 8.43
C GLU J 228 -1.82 -45.51 7.34
N ILE J 229 -0.81 -45.34 6.48
CA ILE J 229 -0.94 -44.53 5.29
C ILE J 229 -1.33 -45.44 4.15
N VAL J 230 -2.59 -45.38 3.75
CA VAL J 230 -3.13 -46.28 2.74
C VAL J 230 -2.93 -45.70 1.35
N TYR J 231 -2.25 -46.45 0.49
CA TYR J 231 -1.94 -45.97 -0.85
C TYR J 231 -2.96 -46.44 -1.87
N PHE J 232 -3.43 -45.50 -2.69
CA PHE J 232 -4.35 -45.82 -3.78
C PHE J 232 -3.68 -45.64 -5.13
N LEU J 233 -3.36 -46.76 -5.77
CA LEU J 233 -2.66 -46.75 -7.04
C LEU J 233 -3.62 -46.56 -8.23
N PRO J 234 -3.13 -45.95 -9.31
CA PRO J 234 -3.93 -45.77 -10.53
C PRO J 234 -4.39 -47.11 -11.11
N PHE J 235 -5.53 -47.09 -11.79
CA PHE J 235 -6.12 -48.30 -12.34
C PHE J 235 -5.24 -48.98 -13.39
N CYS J 236 -5.31 -50.31 -13.42
CA CYS J 236 -4.65 -51.05 -14.48
C CYS J 236 -5.65 -51.37 -15.58
N HIS J 237 -5.15 -51.73 -16.77
CA HIS J 237 -6.01 -51.97 -17.92
C HIS J 237 -7.14 -52.98 -17.71
N SER J 238 -6.79 -54.12 -17.12
CA SER J 238 -7.74 -55.23 -16.95
C SER J 238 -8.97 -54.80 -16.17
N GLU J 239 -8.73 -54.04 -15.09
CA GLU J 239 -9.83 -53.59 -14.19
C GLU J 239 -10.62 -52.46 -14.84
N LEU J 240 -9.95 -51.55 -15.58
CA LEU J 240 -10.71 -50.56 -16.31
C LEU J 240 -11.73 -51.38 -17.14
N LEU J 241 -11.24 -52.48 -17.73
CA LEU J 241 -12.12 -53.40 -18.45
C LEU J 241 -13.27 -53.89 -17.55
N GLN J 242 -12.99 -54.26 -16.30
CA GLN J 242 -14.08 -54.74 -15.45
C GLN J 242 -15.14 -53.71 -15.16
N LEU J 243 -14.70 -52.47 -14.93
CA LEU J 243 -15.64 -51.36 -14.61
C LEU J 243 -16.48 -51.06 -15.85
N VAL J 244 -15.86 -51.02 -17.03
CA VAL J 244 -16.63 -50.83 -18.27
C VAL J 244 -17.68 -51.95 -18.39
N SER J 245 -17.22 -53.17 -18.17
CA SER J 245 -18.09 -54.35 -18.19
C SER J 245 -19.24 -54.21 -17.21
N ARG J 246 -18.97 -53.60 -16.06
CA ARG J 246 -19.97 -53.34 -15.04
C ARG J 246 -21.06 -52.43 -15.58
N GLU J 247 -20.64 -51.35 -16.21
CA GLU J 247 -21.59 -50.38 -16.75
C GLU J 247 -22.47 -51.04 -17.80
N LEU J 248 -21.82 -51.73 -18.74
CA LEU J 248 -22.53 -52.44 -19.80
C LEU J 248 -23.47 -53.49 -19.23
N HIS J 249 -23.08 -54.08 -18.12
CA HIS J 249 -23.94 -55.03 -17.42
C HIS J 249 -25.20 -54.37 -16.87
N TYR J 250 -25.03 -53.20 -16.27
CA TYR J 250 -26.18 -52.45 -15.77
C TYR J 250 -27.16 -52.18 -16.90
N TRP J 251 -26.62 -51.67 -18.01
CA TRP J 251 -27.47 -51.32 -19.14
C TRP J 251 -28.13 -52.53 -19.80
N ALA J 252 -27.44 -53.65 -19.83
CA ALA J 252 -28.02 -54.88 -20.35
C ALA J 252 -29.18 -55.31 -19.44
N LYS J 253 -28.96 -55.23 -18.13
CA LYS J 253 -30.02 -55.59 -17.16
C LYS J 253 -31.25 -54.71 -17.44
N LYS J 254 -31.06 -53.39 -17.51
CA LYS J 254 -32.19 -52.49 -17.71
C LYS J 254 -32.91 -52.77 -19.03
N ALA J 255 -32.11 -53.03 -20.06
CA ALA J 255 -32.65 -53.30 -21.40
C ALA J 255 -33.52 -54.54 -21.43
N LYS J 256 -32.99 -55.65 -20.90
CA LYS J 256 -33.75 -56.93 -20.89
C LYS J 256 -34.94 -56.81 -19.94
N GLN J 257 -34.79 -56.04 -18.87
CA GLN J 257 -35.86 -55.95 -17.87
C GLN J 257 -37.03 -55.13 -18.40
N ARG J 258 -36.76 -54.11 -19.23
CA ARG J 258 -37.86 -53.21 -19.65
C ARG J 258 -38.36 -53.52 -21.06
N HIS J 259 -37.45 -53.75 -22.02
CA HIS J 259 -37.86 -53.88 -23.42
C HIS J 259 -37.59 -55.28 -23.97
N ASN J 260 -37.26 -56.21 -23.08
CA ASN J 260 -36.92 -57.58 -23.47
C ASN J 260 -35.82 -57.64 -24.52
N ILE J 261 -34.84 -56.75 -24.36
CA ILE J 261 -33.67 -56.70 -25.25
C ILE J 261 -32.45 -57.41 -24.66
N THR J 262 -31.90 -58.36 -25.40
CA THR J 262 -30.69 -59.07 -24.97
C THR J 262 -29.46 -58.33 -25.48
N LEU J 263 -28.67 -57.78 -24.55
CA LEU J 263 -27.50 -57.00 -24.92
C LEU J 263 -26.21 -57.80 -24.69
N LEU J 264 -25.37 -57.88 -25.72
CA LEU J 264 -24.11 -58.61 -25.66
C LEU J 264 -22.97 -57.80 -26.27
N TRP J 265 -21.73 -58.15 -25.95
CA TRP J 265 -20.57 -57.44 -26.51
C TRP J 265 -19.35 -58.37 -26.60
N GLU J 266 -18.27 -57.85 -27.19
CA GLU J 266 -17.00 -58.58 -27.26
C GLU J 266 -15.87 -57.69 -26.71
N ARG J 267 -14.71 -58.28 -26.42
CA ARG J 267 -13.62 -57.59 -25.71
C ARG J 267 -13.07 -56.33 -26.44
N PRO J 268 -13.02 -56.36 -27.80
CA PRO J 268 -12.62 -55.11 -28.47
C PRO J 268 -13.54 -53.93 -28.17
N VAL J 269 -14.81 -54.20 -27.87
CA VAL J 269 -15.70 -53.15 -27.37
C VAL J 269 -15.13 -52.59 -26.09
N LEU J 270 -14.75 -53.49 -25.18
CA LEU J 270 -14.22 -53.08 -23.89
C LEU J 270 -12.99 -52.20 -24.04
N GLU J 271 -12.03 -52.61 -24.86
CA GLU J 271 -10.81 -51.78 -24.95
C GLU J 271 -11.07 -50.48 -25.73
N LEU J 272 -11.95 -50.53 -26.72
CA LEU J 272 -12.36 -49.32 -27.41
C LEU J 272 -12.95 -48.30 -26.43
N LEU J 273 -13.74 -48.78 -25.48
CA LEU J 273 -14.36 -47.90 -24.51
C LEU J 273 -13.37 -47.40 -23.45
N VAL J 274 -12.49 -48.26 -22.97
CA VAL J 274 -11.47 -47.81 -22.01
C VAL J 274 -10.53 -46.81 -22.66
N LYS J 275 -10.51 -46.77 -23.99
CA LYS J 275 -9.60 -45.83 -24.72
C LYS J 275 -10.00 -44.38 -24.43
N GLY J 276 -11.21 -44.15 -23.90
CA GLY J 276 -11.68 -42.81 -23.65
C GLY J 276 -11.74 -42.45 -22.18
N TYR J 277 -10.82 -43.03 -21.42
CA TYR J 277 -10.69 -42.82 -19.98
C TYR J 277 -9.80 -41.63 -19.65
N ASN J 278 -10.27 -40.72 -18.79
CA ASN J 278 -9.41 -39.63 -18.34
C ASN J 278 -9.03 -39.81 -16.87
N LEU J 279 -7.76 -39.63 -16.57
CA LEU J 279 -7.22 -39.83 -15.23
C LEU J 279 -7.89 -38.93 -14.20
N HIS J 280 -8.30 -37.74 -14.65
CA HIS J 280 -8.76 -36.69 -13.74
C HIS J 280 -9.91 -37.09 -12.83
N TYR J 281 -10.81 -37.96 -13.27
CA TYR J 281 -11.82 -38.39 -12.33
C TYR J 281 -11.84 -39.89 -12.10
N GLY J 282 -11.48 -40.66 -13.11
CA GLY J 282 -11.36 -42.08 -12.88
C GLY J 282 -12.65 -42.80 -13.23
N ALA J 283 -13.18 -43.62 -12.33
CA ALA J 283 -14.23 -44.56 -12.71
C ALA J 283 -15.50 -44.01 -13.37
N ARG J 284 -16.07 -42.90 -12.88
CA ARG J 284 -17.33 -42.45 -13.49
C ARG J 284 -17.04 -41.81 -14.84
N SER J 285 -15.77 -41.53 -15.13
CA SER J 285 -15.43 -41.01 -16.48
C SER J 285 -15.77 -42.10 -17.51
N ILE J 286 -15.36 -43.34 -17.24
CA ILE J 286 -15.71 -44.47 -18.15
C ILE J 286 -17.23 -44.65 -18.13
N LYS J 287 -17.85 -44.47 -16.96
CA LYS J 287 -19.33 -44.60 -16.86
C LYS J 287 -19.97 -43.62 -17.85
N HIS J 288 -19.50 -42.36 -17.84
CA HIS J 288 -20.05 -41.35 -18.79
C HIS J 288 -19.70 -41.75 -20.23
N GLU J 289 -18.52 -42.34 -20.44
CA GLU J 289 -18.07 -42.69 -21.82
C GLU J 289 -19.02 -43.72 -22.45
N VAL J 290 -19.43 -44.73 -21.67
CA VAL J 290 -20.32 -45.80 -22.24
C VAL J 290 -21.66 -45.17 -22.63
N GLU J 291 -22.19 -44.25 -21.82
CA GLU J 291 -23.46 -43.55 -22.16
C GLU J 291 -23.28 -42.73 -23.43
N ARG J 292 -22.11 -42.11 -23.60
CA ARG J 292 -21.87 -41.21 -24.76
C ARG J 292 -21.66 -42.00 -26.06
N ARG J 293 -21.20 -43.26 -25.99
CA ARG J 293 -20.88 -43.99 -27.22
C ARG J 293 -21.64 -45.29 -27.41
N VAL J 294 -22.27 -45.78 -26.35
CA VAL J 294 -23.05 -47.01 -26.46
C VAL J 294 -24.54 -46.73 -26.25
N VAL J 295 -24.88 -46.21 -25.09
CA VAL J 295 -26.28 -46.11 -24.68
C VAL J 295 -27.05 -45.09 -25.52
N ASN J 296 -26.34 -44.09 -26.03
CA ASN J 296 -26.96 -43.11 -26.91
C ASN J 296 -27.45 -43.79 -28.19
N GLN J 297 -26.63 -44.70 -28.70
CA GLN J 297 -26.97 -45.44 -29.91
C GLN J 297 -28.10 -46.43 -29.68
N LEU J 298 -28.11 -47.07 -28.51
CA LEU J 298 -29.23 -47.92 -28.13
C LEU J 298 -30.52 -47.11 -28.09
N ALA J 299 -30.45 -45.92 -27.51
CA ALA J 299 -31.61 -45.05 -27.42
C ALA J 299 -32.10 -44.63 -28.80
N ALA J 300 -31.16 -44.20 -29.64
CA ALA J 300 -31.53 -43.71 -31.00
C ALA J 300 -32.15 -44.84 -31.82
N ALA J 301 -31.48 -45.99 -31.89
CA ALA J 301 -31.99 -47.11 -32.70
C ALA J 301 -33.35 -47.57 -32.15
N PHE J 302 -33.49 -47.59 -30.82
CA PHE J 302 -34.78 -47.96 -30.19
C PHE J 302 -35.89 -47.05 -30.72
N GLU J 303 -35.63 -45.74 -30.82
CA GLU J 303 -36.72 -44.82 -31.23
C GLU J 303 -36.94 -44.92 -32.74
N GLN J 304 -35.82 -45.32 -33.50
CA GLN J 304 -36.03 -45.47 -34.94
C GLN J 304 -36.70 -46.78 -35.31
N GLU J 305 -37.24 -47.47 -34.31
CA GLU J 305 -37.92 -48.75 -34.48
C GLU J 305 -37.00 -49.85 -34.99
N LEU J 306 -35.72 -49.76 -34.65
CA LEU J 306 -34.74 -50.78 -35.06
C LEU J 306 -34.61 -51.90 -34.01
N LEU J 307 -35.04 -51.60 -32.79
CA LEU J 307 -34.93 -52.56 -31.68
C LEU J 307 -36.29 -52.99 -31.14
N PRO J 308 -36.98 -54.03 -31.68
CA PRO J 308 -38.26 -54.48 -31.10
C PRO J 308 -38.09 -55.36 -29.85
N LYS J 309 -39.21 -55.88 -29.33
CA LYS J 309 -39.17 -56.75 -28.14
C LYS J 309 -38.55 -58.11 -28.51
N GLY J 310 -37.89 -58.77 -27.56
CA GLY J 310 -37.28 -60.09 -27.82
C GLY J 310 -36.26 -60.06 -28.93
N CYS J 311 -35.46 -58.99 -29.02
CA CYS J 311 -34.40 -58.91 -30.06
C CYS J 311 -33.02 -59.09 -29.40
N THR J 312 -32.11 -59.80 -30.08
CA THR J 312 -30.72 -59.98 -29.56
C THR J 312 -29.80 -58.96 -30.24
N LEU J 313 -29.14 -58.12 -29.44
CA LEU J 313 -28.28 -57.06 -29.98
C LEU J 313 -26.87 -57.21 -29.43
N ARG J 314 -25.89 -57.31 -30.31
CA ARG J 314 -24.51 -57.48 -29.87
C ARG J 314 -23.61 -56.38 -30.43
N LEU J 315 -22.89 -55.69 -29.54
CA LEU J 315 -21.94 -54.69 -29.97
C LEU J 315 -20.63 -55.34 -30.36
N THR J 316 -20.07 -54.88 -31.47
CA THR J 316 -18.74 -55.32 -31.89
C THR J 316 -18.01 -54.09 -32.38
N VAL J 317 -16.75 -54.24 -32.77
CA VAL J 317 -16.00 -53.08 -33.23
C VAL J 317 -15.42 -53.29 -34.62
N ASP J 318 -15.68 -52.34 -35.52
CA ASP J 318 -15.17 -52.44 -36.91
C ASP J 318 -13.85 -51.65 -37.01
N ALA J 327 -10.12 -44.33 -37.56
CA ALA J 327 -10.73 -44.32 -36.24
C ALA J 327 -11.72 -45.47 -36.08
N PRO J 328 -11.29 -46.53 -35.37
CA PRO J 328 -12.12 -47.73 -35.16
C PRO J 328 -13.43 -47.40 -34.46
N VAL J 329 -14.55 -47.67 -35.12
CA VAL J 329 -15.85 -47.37 -34.54
C VAL J 329 -16.65 -48.64 -34.18
N LEU J 330 -17.39 -48.58 -33.07
CA LEU J 330 -18.19 -49.71 -32.62
C LEU J 330 -19.53 -49.75 -33.35
N ARG J 331 -19.85 -50.95 -33.86
CA ARG J 331 -21.13 -51.12 -34.59
C ARG J 331 -22.04 -52.05 -33.79
N LEU J 332 -23.34 -51.88 -33.97
CA LEU J 332 -24.37 -52.64 -33.25
C LEU J 332 -25.06 -53.64 -34.16
N GLU J 333 -24.71 -54.92 -33.97
CA GLU J 333 -25.19 -55.99 -34.83
C GLU J 333 -26.45 -56.62 -34.28
N LEU J 334 -27.49 -56.69 -35.12
CA LEU J 334 -28.76 -57.26 -34.71
C LEU J 334 -28.93 -58.69 -35.22
N LEU J 335 -29.38 -59.56 -34.32
CA LEU J 335 -29.63 -60.96 -34.67
C LEU J 335 -31.01 -61.15 -35.28
N GLN J 336 -31.04 -61.59 -36.52
CA GLN J 336 -32.28 -61.86 -37.24
C GLN J 336 -32.65 -63.34 -37.16
N GLU J 337 -33.79 -63.69 -37.75
CA GLU J 337 -34.26 -65.07 -37.78
C GLU J 337 -33.51 -65.86 -38.85
N ASP J 338 -32.53 -65.20 -39.44
CA ASP J 338 -31.57 -65.81 -40.37
C ASP J 338 -30.55 -66.59 -39.56
N LYS J 339 -30.64 -66.44 -38.24
CA LYS J 339 -29.68 -67.00 -37.29
C LYS J 339 -28.27 -66.47 -37.57
N THR J 340 -28.20 -65.37 -38.32
CA THR J 340 -26.99 -64.60 -38.47
C THR J 340 -27.29 -63.19 -37.99
N SER J 341 -26.26 -62.36 -37.85
CA SER J 341 -26.49 -60.98 -37.41
C SER J 341 -25.94 -59.97 -38.40
N ARG J 342 -26.57 -58.81 -38.52
CA ARG J 342 -25.95 -57.74 -39.31
C ARG J 342 -26.13 -56.37 -38.67
N LYS J 343 -25.14 -55.51 -38.94
CA LYS J 343 -25.08 -54.17 -38.33
C LYS J 343 -26.26 -53.27 -38.68
N LEU J 344 -26.74 -52.54 -37.69
CA LEU J 344 -27.82 -51.57 -37.86
C LEU J 344 -27.30 -50.23 -38.37
N GLU J 345 -28.10 -49.59 -39.23
CA GLU J 345 -27.76 -48.24 -39.75
C GLU J 345 -28.56 -47.22 -38.95
N ILE J 346 -27.90 -46.42 -38.12
CA ILE J 346 -28.57 -45.46 -37.25
C ILE J 346 -28.44 -44.01 -37.72
N GLN J 347 -29.38 -43.59 -38.58
CA GLN J 347 -29.37 -42.19 -39.09
C GLN J 347 -29.36 -41.21 -37.93
N SER K 1 2.13 -13.48 -62.59
CA SER K 1 3.37 -12.67 -62.80
C SER K 1 4.60 -13.58 -62.69
N PRO K 2 5.81 -13.24 -63.23
CA PRO K 2 6.98 -14.12 -63.06
C PRO K 2 7.34 -14.20 -61.57
N LEU K 3 7.17 -13.09 -60.84
CA LEU K 3 7.42 -13.11 -59.39
C LEU K 3 6.54 -14.09 -58.61
N GLU K 4 5.25 -14.07 -58.94
CA GLU K 4 4.29 -14.97 -58.32
C GLU K 4 4.84 -16.36 -58.55
N ARG K 5 5.32 -16.62 -59.75
CA ARG K 5 5.87 -17.95 -60.04
C ARG K 5 7.12 -18.25 -59.18
N ARG K 6 8.15 -17.39 -59.31
CA ARG K 6 9.44 -17.64 -58.58
C ARG K 6 9.21 -18.00 -57.11
N LEU K 7 8.52 -17.14 -56.36
CA LEU K 7 8.23 -17.37 -54.92
C LEU K 7 7.76 -18.81 -54.72
N LYS K 8 6.81 -19.27 -55.55
CA LYS K 8 6.21 -20.62 -55.39
C LYS K 8 7.25 -21.75 -55.37
N GLU K 9 8.08 -21.88 -56.41
CA GLU K 9 9.00 -23.05 -56.44
C GLU K 9 9.77 -23.14 -55.13
N HIS K 10 10.27 -22.02 -54.62
CA HIS K 10 11.10 -22.03 -53.38
C HIS K 10 10.21 -22.23 -52.15
N ILE K 11 9.10 -21.48 -52.05
CA ILE K 11 8.29 -21.59 -50.80
C ILE K 11 7.09 -22.55 -50.96
N ILE K 12 7.16 -23.73 -50.34
CA ILE K 12 6.01 -24.65 -50.29
C ILE K 12 4.82 -24.13 -49.51
N GLY K 13 3.63 -24.27 -50.08
CA GLY K 13 2.35 -23.90 -49.49
C GLY K 13 2.06 -22.42 -49.49
N GLN K 14 1.06 -22.02 -48.70
CA GLN K 14 0.69 -20.60 -48.55
C GLN K 14 0.39 -19.90 -49.88
N GLU K 15 -0.67 -20.32 -50.58
CA GLU K 15 -0.99 -19.71 -51.87
C GLU K 15 -1.79 -18.40 -51.79
N GLY K 16 -2.63 -18.28 -50.77
CA GLY K 16 -3.34 -17.03 -50.54
C GLY K 16 -2.41 -15.84 -50.33
N ALA K 17 -1.54 -15.99 -49.35
CA ALA K 17 -0.57 -14.97 -48.98
C ALA K 17 0.28 -14.55 -50.18
N ILE K 18 0.81 -15.55 -50.86
CA ILE K 18 1.72 -15.34 -51.98
C ILE K 18 1.01 -14.61 -53.13
N ASN K 19 -0.24 -15.01 -53.40
CA ASN K 19 -1.01 -14.38 -54.46
C ASN K 19 -1.27 -12.92 -54.15
N THR K 20 -1.71 -12.67 -52.92
CA THR K 20 -2.01 -11.31 -52.49
C THR K 20 -0.77 -10.42 -52.58
N VAL K 21 0.36 -10.91 -52.08
CA VAL K 21 1.58 -10.10 -52.07
C VAL K 21 2.05 -9.78 -53.48
N ALA K 22 2.15 -10.80 -54.35
CA ALA K 22 2.65 -10.56 -55.71
C ALA K 22 1.75 -9.59 -56.47
N SER K 23 0.44 -9.83 -56.34
CA SER K 23 -0.57 -9.05 -57.03
C SER K 23 -0.51 -7.61 -56.54
N ALA K 24 -0.21 -7.43 -55.25
CA ALA K 24 -0.20 -6.06 -54.66
C ALA K 24 1.03 -5.30 -55.18
N ILE K 25 2.20 -5.94 -55.17
CA ILE K 25 3.44 -5.30 -55.73
C ILE K 25 3.21 -5.06 -57.22
N ARG K 26 2.61 -6.04 -57.92
CA ARG K 26 2.32 -5.89 -59.37
C ARG K 26 1.32 -4.74 -59.58
N ARG K 27 0.32 -4.62 -58.69
CA ARG K 27 -0.67 -3.52 -58.79
C ARG K 27 0.05 -2.18 -58.64
N LYS K 28 0.94 -2.07 -57.64
CA LYS K 28 1.73 -0.82 -57.47
C LYS K 28 2.61 -0.56 -58.70
N GLU K 29 3.24 -1.60 -59.26
CA GLU K 29 4.07 -1.49 -60.50
C GLU K 29 3.16 -1.17 -61.69
N ASN K 30 1.98 -1.79 -61.76
CA ASN K 30 1.00 -1.47 -62.84
C ASN K 30 0.65 0.00 -62.68
N GLY K 31 0.80 0.58 -61.47
CA GLY K 31 0.68 2.05 -61.27
C GLY K 31 -0.65 2.44 -60.70
N TRP K 32 -1.20 1.54 -59.88
CA TRP K 32 -2.59 1.72 -59.37
C TRP K 32 -2.47 2.03 -57.89
N TYR K 33 -1.26 1.87 -57.36
CA TYR K 33 -0.91 2.24 -55.96
C TYR K 33 -0.10 3.53 -56.08
N ASP K 34 -0.18 4.41 -55.07
CA ASP K 34 0.49 5.71 -55.16
C ASP K 34 1.99 5.47 -55.34
N GLU K 35 2.55 5.89 -56.46
CA GLU K 35 3.98 5.59 -56.76
C GLU K 35 4.92 6.20 -55.72
N GLU K 36 4.52 7.32 -55.10
CA GLU K 36 5.43 8.02 -54.20
C GLU K 36 5.51 7.38 -52.82
N HIS K 37 4.84 6.24 -52.64
CA HIS K 37 4.80 5.59 -51.33
C HIS K 37 5.26 4.13 -51.34
N PRO K 38 5.94 3.73 -50.25
CA PRO K 38 6.33 2.34 -50.04
C PRO K 38 5.13 1.50 -49.63
N LEU K 39 5.17 0.20 -49.90
CA LEU K 39 4.04 -0.68 -49.62
C LEU K 39 3.96 -1.14 -48.17
N VAL K 40 2.74 -1.36 -47.68
CA VAL K 40 2.54 -1.89 -46.33
C VAL K 40 1.67 -3.16 -46.30
N PHE K 41 2.31 -4.25 -45.90
CA PHE K 41 1.66 -5.54 -45.73
C PHE K 41 1.50 -5.84 -44.24
N LEU K 42 0.41 -6.52 -43.88
CA LEU K 42 0.23 -6.99 -42.52
C LEU K 42 0.00 -8.50 -42.48
N PHE K 43 1.05 -9.24 -42.09
CA PHE K 43 1.00 -10.69 -42.05
C PHE K 43 0.27 -11.22 -40.82
N LEU K 44 -0.97 -11.64 -41.02
CA LEU K 44 -1.76 -12.28 -39.98
C LEU K 44 -1.59 -13.79 -40.12
N GLY K 45 -1.23 -14.47 -39.04
CA GLY K 45 -1.09 -15.91 -39.10
C GLY K 45 -0.37 -16.57 -37.93
N SER K 46 0.02 -17.82 -38.14
CA SER K 46 0.77 -18.58 -37.13
C SER K 46 2.27 -18.64 -37.44
N SER K 47 3.03 -19.15 -36.48
CA SER K 47 4.49 -19.15 -36.53
C SER K 47 5.10 -20.23 -37.41
N GLY K 48 6.25 -19.90 -38.01
CA GLY K 48 7.07 -20.87 -38.72
C GLY K 48 6.48 -21.47 -39.97
N ILE K 49 5.55 -20.77 -40.62
CA ILE K 49 4.93 -21.30 -41.83
C ILE K 49 5.25 -20.49 -43.08
N GLY K 50 6.29 -19.66 -43.05
CA GLY K 50 6.80 -19.05 -44.27
C GLY K 50 6.92 -17.54 -44.37
N LYS K 51 6.49 -16.81 -43.34
CA LYS K 51 6.50 -15.34 -43.38
C LYS K 51 7.87 -14.75 -43.71
N THR K 52 8.85 -15.01 -42.85
CA THR K 52 10.19 -14.45 -43.02
C THR K 52 10.83 -14.91 -44.32
N GLU K 53 10.50 -16.12 -44.77
CA GLU K 53 11.10 -16.62 -46.01
C GLU K 53 10.42 -16.07 -47.25
N LEU K 54 9.11 -15.87 -47.16
CA LEU K 54 8.36 -15.23 -48.24
C LEU K 54 8.98 -13.87 -48.45
N ALA K 55 9.19 -13.18 -47.33
CA ALA K 55 9.89 -11.90 -47.34
C ALA K 55 11.27 -12.08 -47.99
N LYS K 56 11.94 -13.18 -47.67
CA LYS K 56 13.29 -13.40 -48.17
C LYS K 56 13.39 -13.50 -49.70
N GLN K 57 12.42 -14.18 -50.31
CA GLN K 57 12.40 -14.37 -51.79
C GLN K 57 11.86 -13.12 -52.49
N VAL K 58 10.88 -12.43 -51.90
CA VAL K 58 10.39 -11.20 -52.51
C VAL K 58 11.57 -10.23 -52.52
N ALA K 59 12.36 -10.23 -51.45
CA ALA K 59 13.59 -9.45 -51.41
C ALA K 59 14.62 -9.91 -52.45
N ARG K 60 14.80 -11.24 -52.55
CA ARG K 60 15.79 -11.86 -53.43
C ARG K 60 15.52 -11.66 -54.92
N TYR K 61 14.25 -11.60 -55.28
CA TYR K 61 13.85 -11.45 -56.68
C TYR K 61 14.24 -10.06 -57.16
N MET K 62 14.12 -9.08 -56.27
CA MET K 62 14.37 -7.68 -56.62
C MET K 62 15.17 -6.98 -55.53
N GLY K 69 20.19 -6.76 -48.03
CA GLY K 69 19.05 -6.48 -48.88
C GLY K 69 17.74 -6.77 -48.16
N PHE K 70 17.84 -7.12 -46.89
CA PHE K 70 16.68 -7.47 -46.07
C PHE K 70 16.87 -6.83 -44.70
N ILE K 71 15.78 -6.36 -44.10
CA ILE K 71 15.86 -5.78 -42.78
C ILE K 71 14.84 -6.45 -41.87
N ARG K 72 15.25 -6.76 -40.63
CA ARG K 72 14.34 -7.49 -39.71
C ARG K 72 14.36 -6.88 -38.30
N MET K 73 13.19 -6.71 -37.68
CA MET K 73 13.06 -6.16 -36.34
C MET K 73 12.03 -6.84 -35.46
N ASP K 74 12.30 -6.75 -34.16
CA ASP K 74 11.42 -7.28 -33.15
C ASP K 74 10.92 -6.06 -32.39
N MET K 75 9.60 -5.91 -32.29
CA MET K 75 9.04 -4.69 -31.72
C MET K 75 9.13 -4.64 -30.20
N SER K 76 9.12 -3.41 -29.69
CA SER K 76 9.16 -3.10 -28.26
C SER K 76 8.13 -3.88 -27.44
N LEU K 103 17.63 1.31 -37.04
CA LEU K 103 16.42 1.83 -37.73
C LEU K 103 16.85 2.59 -39.00
N THR K 104 17.06 3.90 -38.89
CA THR K 104 17.44 4.72 -40.06
C THR K 104 18.79 4.24 -40.61
N LYS K 105 19.72 3.87 -39.71
CA LYS K 105 21.07 3.41 -40.14
C LYS K 105 20.92 2.11 -40.95
N GLN K 106 20.04 1.21 -40.51
CA GLN K 106 19.81 -0.07 -41.23
C GLN K 106 19.25 0.23 -42.62
N LEU K 107 18.32 1.19 -42.72
CA LEU K 107 17.73 1.57 -44.03
C LEU K 107 18.84 2.14 -44.92
N LYS K 108 19.74 2.94 -44.35
CA LYS K 108 20.86 3.55 -45.13
C LYS K 108 21.79 2.43 -45.63
N SER K 112 15.22 1.18 -50.43
CA SER K 112 14.37 0.38 -51.34
C SER K 112 14.66 -1.12 -51.17
N ALA K 113 14.66 -1.61 -49.93
CA ALA K 113 14.87 -3.05 -49.67
C ALA K 113 13.77 -3.55 -48.75
N VAL K 114 13.47 -4.86 -48.77
CA VAL K 114 12.34 -5.40 -47.96
C VAL K 114 12.65 -5.26 -46.47
N VAL K 115 11.70 -4.70 -45.70
CA VAL K 115 11.87 -4.52 -44.26
C VAL K 115 10.74 -5.28 -43.54
N LEU K 116 11.03 -5.80 -42.35
CA LEU K 116 10.08 -6.68 -41.62
C LEU K 116 9.97 -6.29 -40.14
N PHE K 117 8.78 -5.89 -39.67
CA PHE K 117 8.58 -5.68 -38.23
C PHE K 117 7.78 -6.87 -37.73
N ASP K 118 8.34 -7.62 -36.77
CA ASP K 118 7.68 -8.86 -36.26
C ASP K 118 7.22 -8.64 -34.83
N GLU K 119 6.30 -9.48 -34.32
CA GLU K 119 5.81 -9.39 -32.92
C GLU K 119 5.25 -7.99 -32.65
N VAL K 120 4.49 -7.44 -33.60
CA VAL K 120 3.88 -6.10 -33.43
C VAL K 120 2.75 -6.20 -32.40
N HIS K 124 3.13 -0.61 -29.51
CA HIS K 124 3.12 0.58 -28.62
C HIS K 124 2.42 1.75 -29.35
N PRO K 125 1.47 2.51 -28.75
CA PRO K 125 0.77 3.55 -29.52
C PRO K 125 1.77 4.56 -30.10
N ASP K 126 2.78 4.94 -29.31
CA ASP K 126 3.79 5.94 -29.78
C ASP K 126 4.55 5.36 -30.97
N VAL K 127 4.88 4.07 -30.93
CA VAL K 127 5.68 3.45 -32.04
C VAL K 127 4.76 3.39 -33.27
N LEU K 128 3.47 3.12 -33.06
CA LEU K 128 2.49 3.05 -34.18
C LEU K 128 2.42 4.42 -34.87
N THR K 129 2.44 5.51 -34.10
CA THR K 129 2.38 6.88 -34.70
C THR K 129 3.70 7.20 -35.43
N VAL K 130 4.84 6.82 -34.86
CA VAL K 130 6.14 7.03 -35.57
C VAL K 130 6.13 6.19 -36.86
N MET K 131 5.69 4.93 -36.77
CA MET K 131 5.60 4.07 -37.98
C MET K 131 4.58 4.65 -38.95
N LEU K 132 3.44 5.14 -38.45
CA LEU K 132 2.38 5.61 -39.38
C LEU K 132 2.88 6.83 -40.17
N GLN K 133 3.59 7.76 -39.52
CA GLN K 133 4.13 8.93 -40.26
C GLN K 133 5.06 8.43 -41.36
N LEU K 134 5.92 7.46 -41.04
CA LEU K 134 6.90 6.95 -42.03
C LEU K 134 6.15 6.42 -43.26
N PHE K 135 5.12 5.60 -43.03
CA PHE K 135 4.36 5.00 -44.16
C PHE K 135 3.70 6.11 -44.98
N ASP K 136 3.17 7.13 -44.29
CA ASP K 136 2.43 8.23 -45.00
C ASP K 136 3.40 9.12 -45.79
N GLU K 137 4.67 9.21 -45.36
CA GLU K 137 5.60 10.14 -46.05
C GLU K 137 6.53 9.42 -47.02
N GLY K 138 7.29 8.43 -46.55
CA GLY K 138 8.27 7.83 -47.45
C GLY K 138 9.37 8.78 -47.90
N LYS K 151 12.42 4.27 -48.65
CA LYS K 151 11.78 5.02 -49.77
C LYS K 151 11.53 4.06 -50.93
N ASP K 152 10.30 4.00 -51.45
CA ASP K 152 9.93 3.10 -52.58
C ASP K 152 10.27 1.66 -52.20
N ALA K 153 10.53 1.42 -50.91
CA ALA K 153 10.82 0.08 -50.40
C ALA K 153 9.54 -0.70 -50.10
N ILE K 154 9.69 -1.99 -49.80
CA ILE K 154 8.54 -2.81 -49.41
C ILE K 154 8.59 -3.07 -47.91
N PHE K 155 7.48 -2.77 -47.23
CA PHE K 155 7.40 -2.89 -45.78
C PHE K 155 6.37 -3.93 -45.33
N ILE K 156 6.87 -4.97 -44.67
CA ILE K 156 6.03 -6.05 -44.15
C ILE K 156 6.01 -6.07 -42.63
N MET K 157 4.85 -5.87 -42.04
CA MET K 157 4.75 -6.04 -40.60
C MET K 157 3.89 -7.27 -40.31
N THR K 158 4.47 -8.21 -39.57
CA THR K 158 3.90 -9.52 -39.27
C THR K 158 3.51 -9.54 -37.80
N SER K 159 2.31 -10.03 -37.49
CA SER K 159 1.85 -9.99 -36.11
C SER K 159 1.31 -11.32 -35.58
N ASN K 160 1.27 -11.46 -34.25
CA ASN K 160 0.68 -12.69 -33.66
C ASN K 160 -0.74 -12.36 -33.18
N ALA K 161 -1.59 -11.86 -34.08
CA ALA K 161 -2.99 -11.54 -33.73
C ALA K 161 -3.92 -12.49 -34.51
N ALA K 162 -4.97 -12.99 -33.84
CA ALA K 162 -5.94 -13.90 -34.48
C ALA K 162 -5.25 -15.16 -35.02
N SER K 163 -4.23 -15.68 -34.33
CA SER K 163 -3.61 -16.96 -34.78
C SER K 163 -4.66 -18.08 -34.67
N ASP K 164 -5.13 -18.34 -33.45
CA ASP K 164 -6.11 -19.43 -33.21
C ASP K 164 -7.41 -19.15 -33.97
N GLU K 165 -7.83 -17.89 -34.03
CA GLU K 165 -9.10 -17.53 -34.72
C GLU K 165 -8.98 -17.87 -36.21
N ILE K 166 -7.84 -17.55 -36.83
CA ILE K 166 -7.62 -17.91 -38.27
C ILE K 166 -7.57 -19.43 -38.39
N ALA K 167 -6.91 -20.11 -37.45
CA ALA K 167 -6.74 -21.58 -37.54
C ALA K 167 -8.09 -22.31 -37.45
N GLN K 168 -9.03 -21.81 -36.64
CA GLN K 168 -10.30 -22.56 -36.44
C GLN K 168 -11.20 -22.38 -37.67
N HIS K 169 -11.20 -21.18 -38.24
CA HIS K 169 -11.99 -20.90 -39.49
C HIS K 169 -11.51 -21.80 -40.63
N ALA K 170 -10.19 -21.86 -40.82
CA ALA K 170 -9.62 -22.68 -41.91
C ALA K 170 -9.95 -24.16 -41.67
N LEU K 171 -9.87 -24.62 -40.42
CA LEU K 171 -10.18 -26.04 -40.09
C LEU K 171 -11.65 -26.31 -40.41
N GLN K 172 -12.54 -25.37 -40.09
CA GLN K 172 -13.99 -25.50 -40.39
C GLN K 172 -14.16 -25.64 -41.91
N LEU K 173 -13.50 -24.77 -42.68
CA LEU K 173 -13.63 -24.80 -44.16
C LEU K 173 -13.12 -26.15 -44.69
N ARG K 174 -12.10 -26.74 -44.06
CA ARG K 174 -11.49 -28.02 -44.49
C ARG K 174 -12.46 -29.17 -44.18
N GLN K 175 -13.13 -29.09 -43.02
CA GLN K 175 -14.09 -30.15 -42.62
C GLN K 175 -15.28 -30.16 -43.60
N GLU K 176 -15.74 -28.98 -44.02
CA GLU K 176 -16.93 -28.92 -44.91
C GLU K 176 -16.53 -29.29 -46.34
N ILE K 198 -8.17 -23.20 -50.79
CA ILE K 198 -9.26 -22.77 -49.91
C ILE K 198 -9.20 -21.25 -49.76
N THR K 199 -10.26 -20.56 -50.17
CA THR K 199 -10.32 -19.11 -50.04
C THR K 199 -11.00 -18.64 -48.76
N ILE K 200 -10.47 -17.58 -48.18
CA ILE K 200 -11.07 -16.94 -47.00
C ILE K 200 -12.02 -15.81 -47.43
N SER K 201 -13.24 -15.90 -46.93
CA SER K 201 -14.34 -15.03 -47.33
C SER K 201 -14.22 -13.56 -46.89
N ASN K 202 -14.83 -12.69 -47.69
CA ASN K 202 -14.79 -11.24 -47.52
C ASN K 202 -15.68 -10.77 -46.36
N THR K 203 -16.85 -11.39 -46.23
CA THR K 203 -17.77 -11.05 -45.14
C THR K 203 -17.15 -11.39 -43.78
N PHE K 204 -16.43 -12.52 -43.75
CA PHE K 204 -15.69 -12.91 -42.56
C PHE K 204 -14.72 -11.80 -42.25
N LYS K 205 -14.04 -11.30 -43.29
CA LYS K 205 -13.07 -10.19 -43.10
C LYS K 205 -13.77 -8.95 -42.51
N GLU K 206 -14.93 -8.55 -43.03
CA GLU K 206 -15.57 -7.29 -42.55
C GLU K 206 -16.26 -7.38 -41.18
N GLN K 207 -16.98 -8.46 -40.88
CA GLN K 207 -17.78 -8.48 -39.66
C GLN K 207 -17.05 -9.21 -38.55
N VAL K 208 -15.85 -9.69 -38.85
CA VAL K 208 -15.19 -10.51 -37.81
C VAL K 208 -13.76 -10.06 -37.60
N ILE K 209 -13.02 -9.83 -38.66
CA ILE K 209 -11.57 -9.69 -38.52
C ILE K 209 -11.30 -8.24 -38.16
N ARG K 210 -12.24 -7.38 -38.57
CA ARG K 210 -12.13 -5.96 -38.19
C ARG K 210 -12.19 -5.85 -36.66
N PRO K 211 -13.15 -6.45 -35.90
CA PRO K 211 -13.08 -6.31 -34.44
C PRO K 211 -11.75 -6.64 -33.79
N ILE K 212 -11.14 -7.77 -34.15
CA ILE K 212 -9.87 -8.14 -33.52
C ILE K 212 -8.83 -7.04 -33.75
N LEU K 213 -8.69 -6.61 -35.00
CA LEU K 213 -7.73 -5.59 -35.40
C LEU K 213 -8.00 -4.24 -34.73
N LYS K 214 -9.26 -3.83 -34.72
CA LYS K 214 -9.65 -2.52 -34.12
C LYS K 214 -9.29 -2.56 -32.63
N ALA K 215 -9.63 -3.64 -31.93
CA ALA K 215 -9.31 -3.74 -30.51
C ALA K 215 -7.79 -3.68 -30.29
N HIS K 216 -7.06 -4.38 -31.12
CA HIS K 216 -5.61 -4.46 -30.98
C HIS K 216 -4.84 -3.17 -31.23
N PHE K 217 -5.29 -2.40 -32.21
CA PHE K 217 -4.51 -1.24 -32.63
C PHE K 217 -5.22 0.08 -32.32
N ARG K 218 -6.55 0.04 -32.18
CA ARG K 218 -7.36 1.20 -31.67
C ARG K 218 -7.29 2.53 -32.44
N ARG K 219 -6.67 2.59 -33.62
CA ARG K 219 -6.73 3.86 -34.36
C ARG K 219 -6.80 3.60 -35.86
N ASP K 220 -7.90 4.04 -36.45
CA ASP K 220 -8.32 3.70 -37.81
C ASP K 220 -7.40 4.16 -38.93
N GLU K 221 -6.51 5.11 -38.65
CA GLU K 221 -5.61 5.61 -39.68
C GLU K 221 -4.57 4.54 -40.02
N PHE K 222 -4.29 3.69 -39.05
CA PHE K 222 -3.34 2.59 -39.22
C PHE K 222 -3.91 1.49 -40.10
N LEU K 223 -5.08 1.00 -39.71
CA LEU K 223 -5.76 -0.05 -40.46
C LEU K 223 -6.08 0.42 -41.87
N GLY K 224 -6.48 1.68 -41.98
CA GLY K 224 -6.74 2.26 -43.28
C GLY K 224 -5.50 2.34 -44.15
N ARG K 225 -4.37 2.65 -43.55
CA ARG K 225 -3.11 2.77 -44.29
C ARG K 225 -2.60 1.46 -44.91
N ILE K 226 -2.83 0.32 -44.25
CA ILE K 226 -2.28 -0.96 -44.70
C ILE K 226 -2.71 -1.30 -46.13
N ASN K 227 -1.74 -1.46 -47.03
CA ASN K 227 -2.04 -1.85 -48.40
C ASN K 227 -2.76 -3.17 -48.42
N GLU K 228 -2.17 -4.18 -47.79
CA GLU K 228 -2.83 -5.49 -47.79
C GLU K 228 -2.69 -6.26 -46.49
N ILE K 229 -3.79 -6.87 -46.06
CA ILE K 229 -3.76 -7.78 -44.93
C ILE K 229 -3.55 -9.19 -45.47
N VAL K 230 -2.32 -9.67 -45.31
CA VAL K 230 -1.91 -10.96 -45.86
C VAL K 230 -2.17 -12.11 -44.89
N TYR K 231 -2.96 -13.09 -45.33
CA TYR K 231 -3.32 -14.21 -44.48
C TYR K 231 -2.41 -15.42 -44.69
N PHE K 232 -1.92 -15.98 -43.58
CA PHE K 232 -1.13 -17.21 -43.62
C PHE K 232 -1.91 -18.33 -42.95
N LEU K 233 -2.44 -19.25 -43.76
CA LEU K 233 -3.22 -20.36 -43.24
C LEU K 233 -2.32 -21.50 -42.82
N PRO K 234 -2.75 -22.28 -41.82
CA PRO K 234 -2.02 -23.47 -41.35
C PRO K 234 -1.85 -24.49 -42.46
N PHE K 235 -0.79 -25.28 -42.38
CA PHE K 235 -0.48 -26.25 -43.42
C PHE K 235 -1.58 -27.29 -43.52
N CYS K 236 -1.91 -27.68 -44.75
CA CYS K 236 -2.77 -28.84 -44.93
C CYS K 236 -1.85 -30.01 -45.21
N HIS K 237 -2.44 -31.19 -45.17
CA HIS K 237 -1.73 -32.46 -45.21
C HIS K 237 -0.67 -32.59 -46.32
N SER K 238 -1.03 -32.14 -47.51
CA SER K 238 -0.15 -32.27 -48.66
C SER K 238 1.19 -31.56 -48.46
N GLU K 239 1.16 -30.35 -47.89
CA GLU K 239 2.40 -29.59 -47.77
C GLU K 239 3.26 -30.12 -46.65
N LEU K 240 2.63 -30.71 -45.65
CA LEU K 240 3.38 -31.38 -44.59
C LEU K 240 4.16 -32.52 -45.23
N LEU K 241 3.48 -33.28 -46.08
CA LEU K 241 4.16 -34.32 -46.84
C LEU K 241 5.34 -33.78 -47.67
N GLN K 242 5.15 -32.65 -48.34
CA GLN K 242 6.22 -32.03 -49.14
C GLN K 242 7.39 -31.64 -48.25
N LEU K 243 7.07 -31.23 -47.02
CA LEU K 243 8.07 -30.80 -46.04
C LEU K 243 8.96 -31.96 -45.65
N VAL K 244 8.32 -33.04 -45.21
CA VAL K 244 9.05 -34.25 -44.84
C VAL K 244 9.88 -34.75 -46.02
N SER K 245 9.27 -34.79 -47.20
CA SER K 245 9.97 -35.20 -48.42
C SER K 245 11.20 -34.34 -48.68
N ARG K 246 11.08 -33.04 -48.38
CA ARG K 246 12.19 -32.11 -48.53
C ARG K 246 13.35 -32.53 -47.64
N GLU K 247 13.02 -32.79 -46.37
CA GLU K 247 14.05 -33.16 -45.39
C GLU K 247 14.74 -34.46 -45.77
N LEU K 248 13.93 -35.49 -46.05
CA LEU K 248 14.43 -36.80 -46.44
C LEU K 248 15.27 -36.74 -47.71
N HIS K 249 14.88 -35.83 -48.61
CA HIS K 249 15.64 -35.63 -49.84
C HIS K 249 17.02 -35.09 -49.50
N TYR K 250 17.06 -34.13 -48.57
CA TYR K 250 18.33 -33.60 -48.10
C TYR K 250 19.23 -34.71 -47.54
N TRP K 251 18.66 -35.54 -46.67
CA TRP K 251 19.43 -36.59 -46.05
C TRP K 251 19.91 -37.65 -47.04
N ALA K 252 19.09 -37.93 -48.04
CA ALA K 252 19.49 -38.84 -49.11
C ALA K 252 20.66 -38.24 -49.88
N LYS K 253 20.59 -36.94 -50.14
CA LYS K 253 21.69 -36.25 -50.87
C LYS K 253 22.98 -36.38 -50.07
N LYS K 254 22.94 -36.09 -48.77
CA LYS K 254 24.20 -36.11 -47.96
C LYS K 254 24.71 -37.55 -47.82
N ALA K 255 23.80 -38.52 -47.67
CA ALA K 255 24.16 -39.92 -47.52
C ALA K 255 24.88 -40.41 -48.77
N LYS K 256 24.26 -40.21 -49.93
CA LYS K 256 24.90 -40.63 -51.21
C LYS K 256 26.18 -39.81 -51.41
N GLN K 257 26.31 -38.65 -50.77
CA GLN K 257 27.60 -37.91 -50.87
C GLN K 257 28.60 -38.56 -49.90
N ARG K 258 28.29 -38.58 -48.59
CA ARG K 258 29.24 -39.08 -47.56
C ARG K 258 29.58 -40.57 -47.67
N HIS K 259 28.59 -41.46 -47.88
CA HIS K 259 28.89 -42.92 -47.82
C HIS K 259 28.29 -43.70 -48.99
N ASN K 260 28.10 -43.05 -50.15
CA ASN K 260 27.59 -43.73 -51.34
C ASN K 260 26.37 -44.58 -51.01
N ILE K 261 25.58 -44.15 -50.02
CA ILE K 261 24.35 -44.85 -49.68
C ILE K 261 23.12 -44.14 -50.24
N THR K 262 22.33 -44.87 -51.01
CA THR K 262 21.10 -44.34 -51.61
C THR K 262 19.87 -44.56 -50.73
N LEU K 263 19.22 -43.48 -50.34
CA LEU K 263 18.04 -43.55 -49.48
C LEU K 263 16.76 -43.43 -50.29
N LEU K 264 15.85 -44.37 -50.04
CA LEU K 264 14.57 -44.41 -50.74
C LEU K 264 13.50 -44.60 -49.67
N TRP K 265 12.25 -44.27 -49.99
CA TRP K 265 11.18 -44.45 -49.01
C TRP K 265 9.83 -44.67 -49.68
N GLU K 266 8.80 -44.86 -48.85
CA GLU K 266 7.44 -44.96 -49.34
C GLU K 266 6.57 -43.93 -48.62
N ARG K 267 5.41 -43.64 -49.19
CA ARG K 267 4.55 -42.59 -48.68
C ARG K 267 4.02 -42.78 -47.24
N PRO K 268 3.73 -44.03 -46.84
CA PRO K 268 3.36 -44.20 -45.43
C PRO K 268 4.45 -43.74 -44.45
N VAL K 269 5.71 -43.80 -44.85
CA VAL K 269 6.79 -43.19 -44.06
C VAL K 269 6.54 -41.71 -43.91
N LEU K 270 6.24 -41.07 -45.03
CA LEU K 270 5.99 -39.63 -45.08
C LEU K 270 4.87 -39.25 -44.12
N GLU K 271 3.75 -39.98 -44.16
CA GLU K 271 2.64 -39.61 -43.31
C GLU K 271 2.91 -39.93 -41.84
N LEU K 272 3.59 -41.04 -41.62
CA LEU K 272 4.00 -41.43 -40.27
C LEU K 272 4.84 -40.33 -39.62
N LEU K 273 5.72 -39.73 -40.41
CA LEU K 273 6.59 -38.66 -39.92
C LEU K 273 5.78 -37.38 -39.74
N VAL K 274 4.86 -37.12 -40.68
CA VAL K 274 3.99 -35.96 -40.58
C VAL K 274 3.14 -36.02 -39.32
N LYS K 275 2.93 -37.22 -38.78
CA LYS K 275 2.12 -37.38 -37.54
C LYS K 275 2.79 -36.65 -36.36
N GLY K 276 4.07 -36.30 -36.47
CA GLY K 276 4.75 -35.68 -35.34
C GLY K 276 4.96 -34.18 -35.49
N TYR K 277 4.04 -33.55 -36.21
CA TYR K 277 4.05 -32.11 -36.39
C TYR K 277 3.28 -31.43 -35.26
N ASN K 278 3.90 -30.44 -34.64
CA ASN K 278 3.19 -29.63 -33.66
C ASN K 278 3.02 -28.24 -34.27
N LEU K 279 1.81 -27.71 -34.18
CA LEU K 279 1.45 -26.45 -34.81
C LEU K 279 2.32 -25.31 -34.33
N HIS K 280 2.79 -25.41 -33.08
CA HIS K 280 3.39 -24.28 -32.39
C HIS K 280 4.60 -23.60 -33.06
N TYR K 281 5.54 -24.34 -33.65
CA TYR K 281 6.64 -23.63 -34.32
C TYR K 281 6.89 -23.99 -35.79
N GLY K 282 6.07 -24.87 -36.36
CA GLY K 282 6.03 -25.02 -37.81
C GLY K 282 6.95 -25.98 -38.54
N ALA K 283 7.57 -25.51 -39.62
CA ALA K 283 8.31 -26.38 -40.55
C ALA K 283 9.45 -27.17 -39.90
N ARG K 284 10.20 -26.51 -39.02
CA ARG K 284 11.34 -27.22 -38.45
C ARG K 284 10.87 -28.18 -37.36
N SER K 285 9.60 -28.08 -36.96
CA SER K 285 9.02 -29.13 -36.14
C SER K 285 9.19 -30.46 -36.89
N ILE K 286 8.75 -30.50 -38.15
CA ILE K 286 8.85 -31.75 -38.91
C ILE K 286 10.32 -32.01 -39.22
N LYS K 287 11.12 -30.96 -39.39
CA LYS K 287 12.56 -31.18 -39.57
C LYS K 287 13.12 -32.00 -38.40
N HIS K 288 12.83 -31.52 -37.19
CA HIS K 288 13.29 -32.14 -35.96
C HIS K 288 12.78 -33.57 -35.90
N GLU K 289 11.51 -33.74 -36.23
CA GLU K 289 10.89 -35.05 -36.13
C GLU K 289 11.62 -36.02 -37.05
N VAL K 290 11.97 -35.55 -38.24
CA VAL K 290 12.66 -36.41 -39.20
C VAL K 290 14.05 -36.80 -38.68
N GLU K 291 14.83 -35.82 -38.22
CA GLU K 291 16.18 -36.16 -37.77
C GLU K 291 16.23 -36.91 -36.43
N ARG K 292 15.13 -36.92 -35.68
CA ARG K 292 15.12 -37.63 -34.40
C ARG K 292 14.26 -38.88 -34.43
N ARG K 293 13.69 -39.21 -35.59
CA ARG K 293 12.93 -40.45 -35.70
C ARG K 293 13.41 -41.29 -36.87
N VAL K 294 14.14 -40.66 -37.79
CA VAL K 294 14.69 -41.37 -38.93
C VAL K 294 16.22 -41.38 -38.97
N VAL K 295 16.81 -40.18 -38.97
CA VAL K 295 18.24 -40.03 -39.21
C VAL K 295 19.08 -40.61 -38.08
N ASN K 296 18.49 -40.67 -36.88
CA ASN K 296 19.17 -41.31 -35.77
C ASN K 296 19.38 -42.79 -36.07
N GLN K 297 18.39 -43.39 -36.73
CA GLN K 297 18.43 -44.80 -37.08
C GLN K 297 19.51 -45.04 -38.12
N LEU K 298 19.63 -44.11 -39.07
CA LEU K 298 20.70 -44.15 -40.06
C LEU K 298 22.06 -44.07 -39.41
N ALA K 299 22.20 -43.17 -38.44
CA ALA K 299 23.45 -42.98 -37.73
C ALA K 299 23.83 -44.24 -36.95
N ALA K 300 22.85 -44.81 -36.25
CA ALA K 300 23.11 -46.01 -35.43
C ALA K 300 23.46 -47.20 -36.33
N ALA K 301 22.69 -47.38 -37.42
CA ALA K 301 22.94 -48.51 -38.34
C ALA K 301 24.33 -48.35 -38.97
N PHE K 302 24.68 -47.11 -39.35
CA PHE K 302 26.03 -46.86 -39.92
C PHE K 302 27.08 -47.11 -38.82
N GLU K 303 26.77 -46.69 -37.58
CA GLU K 303 27.79 -46.83 -36.50
C GLU K 303 28.17 -48.29 -36.35
N GLN K 304 27.29 -49.20 -36.56
CA GLN K 304 27.45 -50.63 -36.30
C GLN K 304 27.94 -51.36 -37.55
N GLU K 305 28.35 -50.57 -38.55
CA GLU K 305 28.86 -51.10 -39.83
C GLU K 305 27.83 -51.93 -40.59
N LEU K 306 26.56 -51.59 -40.42
CA LEU K 306 25.48 -52.25 -41.15
C LEU K 306 25.26 -51.59 -42.50
N LEU K 307 25.78 -50.38 -42.65
CA LEU K 307 25.61 -49.62 -43.89
C LEU K 307 26.94 -49.40 -44.61
N PRO K 308 27.37 -50.37 -45.42
CA PRO K 308 28.58 -50.24 -46.24
C PRO K 308 28.40 -49.24 -47.38
N LYS K 309 29.48 -49.02 -48.14
CA LYS K 309 29.42 -48.08 -49.29
C LYS K 309 28.70 -48.75 -50.45
N GLY K 310 27.90 -47.98 -51.20
CA GLY K 310 27.17 -48.51 -52.34
C GLY K 310 25.86 -49.22 -52.02
N CYS K 311 25.24 -48.87 -50.89
CA CYS K 311 24.00 -49.52 -50.51
C CYS K 311 22.75 -48.88 -51.08
N THR K 312 21.67 -49.65 -51.03
CA THR K 312 20.35 -49.17 -51.35
C THR K 312 19.51 -49.45 -50.13
N LEU K 313 19.08 -48.40 -49.46
CA LEU K 313 18.35 -48.57 -48.21
C LEU K 313 17.01 -47.86 -48.33
N ARG K 314 15.95 -48.59 -48.02
CA ARG K 314 14.59 -48.09 -48.17
C ARG K 314 13.84 -48.05 -46.86
N LEU K 315 13.32 -46.88 -46.52
CA LEU K 315 12.53 -46.71 -45.33
C LEU K 315 11.12 -47.17 -45.63
N THR K 316 10.55 -47.99 -44.76
CA THR K 316 9.15 -48.38 -44.86
C THR K 316 8.59 -48.41 -43.45
N VAL K 317 7.28 -48.64 -43.34
CA VAL K 317 6.65 -48.69 -42.03
C VAL K 317 5.83 -49.97 -41.89
N ASP K 318 6.03 -50.73 -40.83
CA ASP K 318 5.27 -51.97 -40.73
C ASP K 318 4.09 -51.79 -39.77
N ALA K 327 0.86 -49.31 -32.55
CA ALA K 327 1.76 -48.21 -32.87
C ALA K 327 2.71 -48.60 -33.99
N PRO K 328 2.43 -48.13 -35.22
CA PRO K 328 3.22 -48.43 -36.42
C PRO K 328 4.68 -47.98 -36.28
N VAL K 329 5.61 -48.92 -36.40
CA VAL K 329 7.02 -48.59 -36.26
C VAL K 329 7.73 -48.62 -37.61
N LEU K 330 8.70 -47.71 -37.74
CA LEU K 330 9.47 -47.54 -38.96
C LEU K 330 10.63 -48.53 -39.05
N ARG K 331 10.67 -49.26 -40.17
CA ARG K 331 11.75 -50.26 -40.39
C ARG K 331 12.56 -49.88 -41.64
N LEU K 332 13.89 -49.90 -41.48
CA LEU K 332 14.83 -49.59 -42.59
C LEU K 332 15.22 -50.91 -43.26
N GLU K 333 14.98 -51.03 -44.56
CA GLU K 333 15.31 -52.24 -45.32
C GLU K 333 16.57 -52.10 -46.16
N LEU K 334 17.48 -53.05 -46.05
CA LEU K 334 18.72 -53.00 -46.83
C LEU K 334 18.62 -53.94 -48.04
N LEU K 335 18.99 -53.40 -49.21
CA LEU K 335 18.96 -54.20 -50.46
C LEU K 335 20.12 -55.19 -50.43
N GLN K 336 19.81 -56.45 -50.69
CA GLN K 336 20.81 -57.53 -50.70
C GLN K 336 21.35 -57.85 -52.09
N GLU K 337 22.34 -58.74 -52.16
CA GLU K 337 22.85 -59.17 -53.46
C GLU K 337 21.92 -60.27 -53.95
N ASP K 338 20.91 -60.55 -53.13
CA ASP K 338 19.83 -61.48 -53.43
C ASP K 338 18.79 -60.77 -54.33
N LYS K 339 19.00 -59.47 -54.53
CA LYS K 339 18.06 -58.59 -55.22
C LYS K 339 16.71 -58.51 -54.51
N THR K 340 16.72 -58.91 -53.25
CA THR K 340 15.61 -58.65 -52.35
C THR K 340 16.17 -57.84 -51.20
N SER K 341 15.31 -57.37 -50.31
CA SER K 341 15.77 -56.57 -49.19
C SER K 341 15.43 -57.24 -47.88
N ARG K 342 16.21 -56.95 -46.85
CA ARG K 342 15.91 -57.45 -45.52
C ARG K 342 15.92 -56.35 -44.48
N LYS K 343 15.05 -56.49 -43.48
CA LYS K 343 14.88 -55.44 -42.49
C LYS K 343 16.08 -55.44 -41.58
N LEU K 344 16.62 -54.25 -41.34
CA LEU K 344 17.74 -54.13 -40.42
C LEU K 344 17.27 -54.14 -38.99
N GLU K 345 18.03 -54.81 -38.13
CA GLU K 345 17.81 -54.72 -36.71
C GLU K 345 19.00 -53.97 -36.16
N ILE K 346 18.72 -52.89 -35.44
CA ILE K 346 19.82 -52.03 -34.91
C ILE K 346 19.87 -52.21 -33.39
N GLN K 347 20.90 -52.89 -32.88
CA GLN K 347 21.00 -53.18 -31.43
C GLN K 347 21.07 -51.89 -30.61
N PRO K 348 20.29 -51.67 -29.51
CA PRO K 348 20.45 -50.47 -28.69
C PRO K 348 21.90 -50.31 -28.20
N SER L 1 55.08 -23.52 18.18
CA SER L 1 55.85 -23.00 17.03
C SER L 1 56.48 -21.65 17.39
N PRO L 2 57.60 -21.16 16.79
CA PRO L 2 58.11 -19.82 17.14
C PRO L 2 57.00 -18.78 16.95
N LEU L 3 56.23 -18.90 15.87
CA LEU L 3 55.11 -18.01 15.60
C LEU L 3 54.13 -17.96 16.76
N GLU L 4 53.82 -19.14 17.29
CA GLU L 4 52.88 -19.25 18.40
C GLU L 4 53.37 -18.45 19.59
N ARG L 5 54.67 -18.51 19.84
CA ARG L 5 55.19 -17.82 21.01
C ARG L 5 55.43 -16.34 20.81
N ARG L 6 55.59 -15.86 19.58
CA ARG L 6 55.71 -14.40 19.46
C ARG L 6 54.33 -13.71 19.37
N LEU L 7 53.34 -14.44 18.87
CA LEU L 7 51.99 -13.93 19.01
C LEU L 7 51.61 -13.98 20.48
N LYS L 8 52.00 -15.06 21.16
CA LYS L 8 51.79 -15.18 22.58
C LYS L 8 52.50 -14.07 23.36
N GLU L 9 53.55 -13.50 22.76
CA GLU L 9 54.28 -12.42 23.44
C GLU L 9 53.85 -11.03 23.00
N HIS L 10 52.92 -10.93 22.06
CA HIS L 10 52.38 -9.60 21.74
C HIS L 10 50.86 -9.48 21.83
N ILE L 11 50.17 -10.54 22.21
CA ILE L 11 48.73 -10.48 22.35
C ILE L 11 48.26 -10.90 23.73
N ILE L 12 47.30 -10.18 24.27
CA ILE L 12 46.76 -10.55 25.56
C ILE L 12 45.64 -11.56 25.36
N GLY L 13 45.72 -12.67 26.07
CA GLY L 13 44.69 -13.69 26.02
C GLY L 13 44.53 -14.46 24.72
N GLN L 14 43.37 -15.11 24.60
CA GLN L 14 42.99 -15.85 23.39
C GLN L 14 44.03 -16.89 23.02
N GLU L 15 44.24 -17.87 23.91
CA GLU L 15 45.25 -18.89 23.66
C GLU L 15 44.70 -20.01 22.76
N GLY L 16 43.41 -20.27 22.85
CA GLY L 16 42.77 -21.20 21.93
C GLY L 16 42.98 -20.73 20.49
N ALA L 17 42.57 -19.49 20.25
CA ALA L 17 42.68 -18.88 18.93
C ALA L 17 44.10 -18.92 18.40
N ILE L 18 45.04 -18.51 19.23
CA ILE L 18 46.44 -18.41 18.84
C ILE L 18 47.01 -19.80 18.51
N ASN L 19 46.66 -20.80 19.32
CA ASN L 19 47.13 -22.15 19.10
C ASN L 19 46.61 -22.70 17.79
N THR L 20 45.30 -22.56 17.58
CA THR L 20 44.69 -23.04 16.35
C THR L 20 45.31 -22.39 15.12
N VAL L 21 45.46 -21.06 15.15
CA VAL L 21 46.00 -20.36 13.99
C VAL L 21 47.45 -20.76 13.68
N ALA L 22 48.31 -20.73 14.69
CA ALA L 22 49.72 -21.07 14.47
C ALA L 22 49.89 -22.51 14.02
N SER L 23 49.19 -23.42 14.70
CA SER L 23 49.32 -24.84 14.41
C SER L 23 48.77 -25.19 13.03
N ALA L 24 47.72 -24.49 12.62
CA ALA L 24 47.18 -24.69 11.29
C ALA L 24 48.17 -24.23 10.24
N ILE L 25 48.77 -23.07 10.47
CA ILE L 25 49.78 -22.57 9.53
C ILE L 25 50.94 -23.56 9.34
N ARG L 26 51.39 -24.16 10.45
CA ARG L 26 52.56 -25.00 10.27
C ARG L 26 52.14 -26.41 9.88
N ARG L 27 50.84 -26.67 10.00
CA ARG L 27 50.27 -27.85 9.37
C ARG L 27 50.39 -27.67 7.87
N LYS L 28 50.05 -26.47 7.37
CA LYS L 28 50.17 -26.21 5.90
C LYS L 28 51.63 -26.32 5.50
N GLU L 29 52.53 -25.70 6.29
CA GLU L 29 53.99 -25.69 5.97
C GLU L 29 54.51 -27.12 5.89
N ASN L 30 54.00 -28.01 6.74
CA ASN L 30 54.42 -29.44 6.71
C ASN L 30 53.76 -30.15 5.52
N GLY L 31 52.96 -29.43 4.71
CA GLY L 31 52.39 -30.02 3.48
C GLY L 31 51.15 -30.87 3.71
N TRP L 32 50.58 -30.86 4.92
CA TRP L 32 49.32 -31.61 5.17
C TRP L 32 48.14 -30.80 4.62
N TYR L 33 48.43 -29.64 4.03
CA TYR L 33 47.43 -28.83 3.35
C TYR L 33 47.89 -28.66 1.91
N ASP L 34 46.98 -28.39 0.99
CA ASP L 34 47.35 -28.23 -0.41
C ASP L 34 48.31 -27.07 -0.57
N GLU L 35 49.50 -27.35 -1.10
CA GLU L 35 50.54 -26.34 -1.22
C GLU L 35 50.10 -25.22 -2.15
N GLU L 36 49.18 -25.55 -3.06
CA GLU L 36 48.71 -24.60 -4.05
C GLU L 36 47.50 -23.78 -3.59
N HIS L 37 47.09 -23.94 -2.34
CA HIS L 37 45.88 -23.26 -1.84
C HIS L 37 46.13 -22.41 -0.60
N PRO L 38 45.44 -21.26 -0.50
CA PRO L 38 45.47 -20.37 0.65
C PRO L 38 44.66 -20.89 1.83
N LEU L 39 45.02 -20.44 3.04
CA LEU L 39 44.37 -20.93 4.28
C LEU L 39 43.06 -20.17 4.50
N VAL L 40 42.04 -20.84 5.04
CA VAL L 40 40.79 -20.17 5.39
C VAL L 40 40.45 -20.35 6.86
N PHE L 41 40.49 -19.25 7.59
CA PHE L 41 40.11 -19.21 8.99
C PHE L 41 38.78 -18.50 9.13
N LEU L 42 37.97 -18.95 10.08
CA LEU L 42 36.74 -18.25 10.40
C LEU L 42 36.72 -17.88 11.88
N PHE L 43 36.98 -16.61 12.17
CA PHE L 43 37.05 -16.08 13.52
C PHE L 43 35.64 -15.86 14.07
N LEU L 44 35.20 -16.79 14.92
CA LEU L 44 33.95 -16.68 15.64
C LEU L 44 34.19 -16.12 17.04
N GLY L 45 33.43 -15.11 17.44
CA GLY L 45 33.59 -14.56 18.77
C GLY L 45 32.90 -13.24 19.02
N SER L 46 33.29 -12.56 20.09
CA SER L 46 32.75 -11.25 20.41
C SER L 46 33.68 -10.15 19.92
N SER L 47 33.22 -8.90 19.98
CA SER L 47 33.93 -7.80 19.37
C SER L 47 35.12 -7.31 20.18
N GLY L 48 36.16 -6.87 19.46
CA GLY L 48 37.27 -6.17 20.07
C GLY L 48 38.12 -6.94 21.06
N ILE L 49 38.17 -8.26 20.93
CA ILE L 49 38.95 -9.08 21.87
C ILE L 49 40.16 -9.76 21.25
N GLY L 50 40.62 -9.25 20.10
CA GLY L 50 41.90 -9.66 19.57
C GLY L 50 41.96 -10.17 18.13
N LYS L 51 40.80 -10.32 17.49
CA LYS L 51 40.73 -10.86 16.13
C LYS L 51 41.62 -10.08 15.14
N THR L 52 41.29 -8.81 14.95
CA THR L 52 41.99 -7.95 14.01
C THR L 52 43.46 -7.81 14.39
N GLU L 53 43.73 -7.83 15.69
CA GLU L 53 45.10 -7.64 16.15
C GLU L 53 45.89 -8.92 15.98
N LEU L 54 45.25 -10.07 16.18
CA LEU L 54 45.90 -11.35 15.93
C LEU L 54 46.28 -11.46 14.45
N ALA L 55 45.32 -11.15 13.59
CA ALA L 55 45.55 -11.16 12.15
C ALA L 55 46.72 -10.24 11.82
N LYS L 56 46.71 -9.04 12.42
CA LYS L 56 47.79 -8.06 12.15
C LYS L 56 49.14 -8.61 12.63
N GLN L 57 49.15 -9.42 13.69
CA GLN L 57 50.40 -9.93 14.22
C GLN L 57 50.97 -11.11 13.45
N VAL L 58 50.11 -12.00 12.96
CA VAL L 58 50.61 -13.06 12.07
C VAL L 58 51.13 -12.41 10.79
N ALA L 59 50.39 -11.42 10.30
CA ALA L 59 50.79 -10.67 9.11
C ALA L 59 52.17 -10.06 9.31
N ARG L 60 52.37 -9.47 10.49
CA ARG L 60 53.63 -8.85 10.83
C ARG L 60 54.75 -9.88 10.96
N TYR L 61 54.40 -11.07 11.45
CA TYR L 61 55.40 -12.10 11.66
C TYR L 61 55.94 -12.66 10.35
N MET L 62 55.09 -12.79 9.34
CA MET L 62 55.56 -13.47 8.13
C MET L 62 56.09 -12.51 7.07
N HIS L 63 55.82 -11.22 7.24
CA HIS L 63 56.42 -10.20 6.38
C HIS L 63 57.31 -9.25 7.18
N GLY L 69 51.84 -5.89 3.87
CA GLY L 69 51.71 -7.32 4.09
C GLY L 69 50.35 -7.70 4.66
N PHE L 70 49.47 -6.72 4.75
CA PHE L 70 48.15 -6.92 5.33
C PHE L 70 47.07 -6.19 4.53
N ILE L 71 45.92 -6.83 4.37
CA ILE L 71 44.79 -6.21 3.69
C ILE L 71 43.54 -6.44 4.51
N ARG L 72 42.66 -5.43 4.54
CA ARG L 72 41.44 -5.51 5.33
C ARG L 72 40.25 -5.00 4.53
N MET L 73 39.11 -5.66 4.68
CA MET L 73 37.89 -5.28 3.98
C MET L 73 36.64 -5.43 4.82
N ASP L 74 35.63 -4.66 4.48
CA ASP L 74 34.35 -4.69 5.17
C ASP L 74 33.25 -5.24 4.27
N MET L 75 32.60 -6.30 4.73
CA MET L 75 31.59 -6.97 3.91
C MET L 75 30.19 -6.32 3.97
N SER L 76 29.80 -5.69 5.08
CA SER L 76 28.55 -4.89 5.10
C SER L 76 28.50 -3.90 3.96
N GLU L 77 29.66 -3.51 3.46
CA GLU L 77 29.69 -2.61 2.33
C GLU L 77 29.18 -3.39 1.11
N PHE L 78 29.42 -4.69 1.14
CA PHE L 78 29.14 -5.56 0.00
C PHE L 78 27.99 -6.52 0.29
N GLN L 79 26.77 -6.01 0.50
CA GLN L 79 25.68 -6.91 0.86
C GLN L 79 24.64 -7.13 -0.23
N GLU L 80 24.78 -6.43 -1.35
CA GLU L 80 23.94 -6.66 -2.52
C GLU L 80 24.72 -6.50 -3.83
N LYS L 81 24.14 -7.10 -4.88
CA LYS L 81 24.84 -7.19 -6.21
C LYS L 81 25.48 -5.89 -6.64
N HIS L 82 24.81 -4.77 -6.37
CA HIS L 82 25.33 -3.43 -6.77
C HIS L 82 26.76 -3.29 -6.29
N GLU L 83 27.02 -3.70 -5.04
CA GLU L 83 28.40 -3.61 -4.50
C GLU L 83 29.18 -4.91 -4.78
N VAL L 84 28.46 -6.01 -5.05
CA VAL L 84 29.15 -7.27 -5.41
C VAL L 84 29.91 -7.07 -6.72
N ALA L 85 29.30 -6.36 -7.68
CA ALA L 85 29.98 -6.06 -8.97
C ALA L 85 31.22 -5.20 -8.71
N LEU L 103 40.08 -5.74 -4.00
CA LEU L 103 40.81 -6.93 -3.58
C LEU L 103 41.83 -7.39 -4.62
N THR L 104 41.45 -7.35 -5.89
CA THR L 104 42.35 -7.80 -6.96
C THR L 104 43.55 -6.87 -7.12
N LYS L 105 43.33 -5.58 -6.84
CA LYS L 105 44.40 -4.60 -6.87
C LYS L 105 45.38 -4.78 -5.72
N GLN L 106 44.83 -4.90 -4.51
CA GLN L 106 45.63 -5.12 -3.32
C GLN L 106 46.37 -6.44 -3.33
N LEU L 107 45.77 -7.47 -3.94
CA LEU L 107 46.44 -8.75 -4.08
C LEU L 107 47.46 -8.70 -5.22
N LYS L 108 47.20 -7.84 -6.21
CA LYS L 108 48.22 -7.64 -7.28
C LYS L 108 49.44 -7.02 -6.61
N GLN L 109 49.22 -6.10 -5.66
CA GLN L 109 50.37 -5.49 -4.93
C GLN L 109 51.09 -6.57 -4.12
N SER L 110 50.35 -7.40 -3.39
CA SER L 110 50.94 -8.46 -2.59
C SER L 110 50.19 -9.79 -2.80
N PRO L 111 50.86 -10.77 -3.42
CA PRO L 111 50.21 -12.06 -3.68
C PRO L 111 50.10 -12.93 -2.43
N SER L 112 51.12 -12.84 -1.57
CA SER L 112 51.22 -13.68 -0.39
C SER L 112 50.88 -12.95 0.91
N ALA L 113 49.69 -12.38 1.01
CA ALA L 113 49.42 -11.52 2.16
C ALA L 113 48.24 -11.99 3.00
N VAL L 114 48.21 -11.53 4.24
CA VAL L 114 47.09 -11.85 5.13
C VAL L 114 45.95 -10.90 4.80
N VAL L 115 44.78 -11.47 4.54
CA VAL L 115 43.64 -10.66 4.17
C VAL L 115 42.48 -10.94 5.11
N LEU L 116 41.86 -9.87 5.58
CA LEU L 116 40.84 -9.97 6.60
C LEU L 116 39.52 -9.50 6.06
N PHE L 117 38.57 -10.44 5.95
CA PHE L 117 37.20 -10.09 5.52
C PHE L 117 36.37 -9.92 6.80
N ASP L 118 35.92 -8.69 7.07
CA ASP L 118 35.19 -8.42 8.35
C ASP L 118 33.68 -8.39 8.10
N GLU L 119 32.88 -8.68 9.14
CA GLU L 119 31.39 -8.62 9.03
C GLU L 119 30.88 -9.52 7.90
N VAL L 120 31.43 -10.73 7.76
CA VAL L 120 31.04 -11.67 6.67
C VAL L 120 29.56 -12.07 6.81
N GLU L 121 29.07 -12.26 8.04
CA GLU L 121 27.67 -12.69 8.27
C GLU L 121 26.71 -11.84 7.43
N LYS L 122 27.08 -10.59 7.13
CA LYS L 122 26.25 -9.69 6.28
C LYS L 122 26.95 -9.52 4.93
N ALA L 123 26.88 -10.52 4.06
CA ALA L 123 27.49 -10.51 2.74
C ALA L 123 26.49 -11.07 1.75
N HIS L 124 26.69 -10.79 0.47
CA HIS L 124 25.77 -11.31 -0.53
C HIS L 124 26.29 -12.63 -1.10
N PRO L 125 25.42 -13.64 -1.17
CA PRO L 125 25.77 -15.02 -1.54
C PRO L 125 26.66 -15.21 -2.78
N ASP L 126 26.76 -14.21 -3.66
CA ASP L 126 27.61 -14.41 -4.82
C ASP L 126 28.95 -13.73 -4.61
N VAL L 127 29.04 -12.99 -3.51
CA VAL L 127 30.34 -12.56 -3.02
C VAL L 127 30.91 -13.78 -2.31
N LEU L 128 30.01 -14.67 -1.90
CA LEU L 128 30.40 -15.89 -1.23
C LEU L 128 30.76 -16.98 -2.24
N THR L 129 30.20 -16.88 -3.45
CA THR L 129 30.67 -17.75 -4.53
C THR L 129 32.00 -17.26 -5.09
N VAL L 130 32.13 -15.94 -5.24
CA VAL L 130 33.38 -15.37 -5.72
C VAL L 130 34.47 -15.69 -4.72
N MET L 131 34.12 -15.61 -3.44
CA MET L 131 35.06 -15.93 -2.37
C MET L 131 35.44 -17.40 -2.40
N LEU L 132 34.45 -18.27 -2.56
CA LEU L 132 34.75 -19.69 -2.52
C LEU L 132 35.70 -20.11 -3.64
N GLN L 133 35.39 -19.70 -4.86
CA GLN L 133 36.24 -20.08 -6.03
C GLN L 133 37.62 -19.42 -5.87
N LEU L 134 37.68 -18.24 -5.24
CA LEU L 134 38.98 -17.58 -4.97
C LEU L 134 39.79 -18.46 -4.02
N PHE L 135 39.12 -19.03 -3.01
CA PHE L 135 39.82 -19.90 -2.02
C PHE L 135 40.24 -21.20 -2.69
N ASP L 136 39.52 -21.63 -3.73
CA ASP L 136 39.84 -22.93 -4.32
C ASP L 136 40.85 -22.84 -5.46
N GLU L 137 40.81 -21.75 -6.22
CA GLU L 137 41.72 -21.62 -7.40
C GLU L 137 43.03 -20.96 -6.98
N GLY L 138 42.99 -20.05 -5.99
CA GLY L 138 44.17 -19.31 -5.60
C GLY L 138 44.92 -18.67 -6.75
N CYS L 150 48.56 -16.31 -6.00
CA CYS L 150 48.23 -15.92 -4.63
C CYS L 150 47.96 -17.15 -3.76
N LYS L 151 48.85 -18.13 -3.82
CA LYS L 151 48.62 -19.41 -3.07
C LYS L 151 49.17 -19.30 -1.65
N ASP L 152 50.19 -18.47 -1.43
CA ASP L 152 50.82 -18.39 -0.08
C ASP L 152 50.16 -17.29 0.75
N ALA L 153 48.88 -17.01 0.50
CA ALA L 153 48.19 -16.01 1.30
C ALA L 153 47.33 -16.65 2.38
N ILE L 154 47.00 -15.89 3.41
CA ILE L 154 46.12 -16.34 4.48
C ILE L 154 44.82 -15.56 4.43
N PHE L 155 43.68 -16.26 4.48
CA PHE L 155 42.39 -15.57 4.42
C PHE L 155 41.63 -15.78 5.72
N ILE L 156 41.40 -14.68 6.43
CA ILE L 156 40.69 -14.73 7.70
C ILE L 156 39.34 -14.03 7.59
N MET L 157 38.26 -14.77 7.82
CA MET L 157 36.92 -14.19 7.80
C MET L 157 36.37 -14.06 9.21
N THR L 158 35.92 -12.87 9.57
CA THR L 158 35.47 -12.57 10.92
C THR L 158 33.96 -12.46 10.96
N SER L 159 33.32 -13.16 11.88
CA SER L 159 31.86 -13.09 11.92
C SER L 159 31.32 -12.87 13.32
N ASN L 160 30.11 -12.32 13.40
CA ASN L 160 29.40 -12.25 14.67
C ASN L 160 28.30 -13.31 14.69
N ALA L 161 28.71 -14.56 14.51
CA ALA L 161 27.79 -15.69 14.49
C ALA L 161 27.92 -16.53 15.76
N ALA L 162 26.79 -16.89 16.36
CA ALA L 162 26.76 -17.75 17.53
C ALA L 162 27.56 -17.16 18.69
N SER L 163 27.74 -15.84 18.68
CA SER L 163 28.59 -15.18 19.67
C SER L 163 27.98 -15.24 21.06
N ASP L 164 26.67 -15.40 21.14
CA ASP L 164 26.03 -15.44 22.44
C ASP L 164 25.95 -16.87 22.97
N GLU L 165 25.94 -17.84 22.06
CA GLU L 165 26.10 -19.24 22.45
C GLU L 165 27.53 -19.46 22.91
N ILE L 166 28.48 -18.85 22.20
CA ILE L 166 29.88 -18.90 22.59
C ILE L 166 30.03 -18.27 23.98
N ALA L 167 29.38 -17.13 24.18
CA ALA L 167 29.43 -16.43 25.47
C ALA L 167 28.85 -17.25 26.63
N GLN L 168 27.67 -17.84 26.43
CA GLN L 168 27.01 -18.58 27.50
C GLN L 168 27.75 -19.87 27.82
N HIS L 169 28.32 -20.48 26.79
CA HIS L 169 29.12 -21.68 26.96
C HIS L 169 30.39 -21.30 27.72
N ALA L 170 30.95 -20.14 27.38
CA ALA L 170 32.15 -19.63 28.02
C ALA L 170 31.93 -19.41 29.51
N LEU L 171 30.79 -18.86 29.89
CA LEU L 171 30.57 -18.63 31.31
C LEU L 171 30.25 -19.91 32.08
N GLN L 172 29.49 -20.83 31.48
CA GLN L 172 29.25 -22.14 32.15
C GLN L 172 30.62 -22.74 32.43
N LEU L 173 31.50 -22.74 31.44
CA LEU L 173 32.88 -23.22 31.57
C LEU L 173 33.62 -22.51 32.70
N ARG L 174 33.53 -21.17 32.72
CA ARG L 174 34.20 -20.38 33.78
C ARG L 174 33.71 -20.85 35.15
N GLN L 175 32.39 -20.91 35.36
CA GLN L 175 31.83 -21.32 36.67
C GLN L 175 32.30 -22.75 36.97
N GLU L 176 32.25 -23.64 35.99
CA GLU L 176 32.69 -25.06 36.17
C GLU L 176 34.18 -25.06 36.56
N ALA L 177 34.97 -24.20 35.92
CA ALA L 177 36.42 -24.12 36.24
C ALA L 177 36.61 -23.59 37.65
N GLN L 178 35.72 -22.68 38.08
CA GLN L 178 35.87 -22.02 39.41
C GLN L 178 35.35 -22.96 40.48
N GLU L 179 34.34 -23.78 40.16
CA GLU L 179 33.86 -24.79 41.13
C GLU L 179 34.96 -25.84 41.31
N GLN L 180 35.68 -26.17 40.22
CA GLN L 180 36.77 -27.17 40.28
C GLN L 180 37.86 -26.67 41.23
N SER L 181 38.20 -25.37 41.16
CA SER L 181 39.23 -24.79 42.05
C SER L 181 38.75 -24.88 43.51
N ARG L 182 37.47 -24.62 43.76
CA ARG L 182 36.90 -24.72 45.13
C ARG L 182 37.01 -26.16 45.62
N ARG L 183 36.74 -27.13 44.75
CA ARG L 183 36.80 -28.56 45.15
C ARG L 183 38.26 -28.96 45.40
N ILE L 198 40.80 -22.94 29.44
CA ILE L 198 39.54 -23.26 28.78
C ILE L 198 39.70 -23.81 27.37
N THR L 199 39.31 -25.07 27.21
CA THR L 199 39.25 -25.68 25.89
C THR L 199 37.79 -25.63 25.44
N ILE L 200 37.58 -25.45 24.14
CA ILE L 200 36.21 -25.40 23.64
C ILE L 200 35.76 -26.83 23.31
N SER L 201 34.62 -27.23 23.84
CA SER L 201 34.18 -28.63 23.73
C SER L 201 33.85 -29.00 22.30
N ASN L 202 34.12 -30.25 21.92
CA ASN L 202 33.90 -30.70 20.56
C ASN L 202 32.42 -31.02 20.27
N THR L 203 31.74 -31.63 21.23
CA THR L 203 30.33 -31.94 21.08
C THR L 203 29.52 -30.65 20.99
N PHE L 204 29.93 -29.66 21.75
CA PHE L 204 29.34 -28.33 21.68
C PHE L 204 29.46 -27.75 20.29
N LYS L 205 30.64 -27.89 19.69
CA LYS L 205 30.86 -27.36 18.31
C LYS L 205 29.91 -28.07 17.34
N GLU L 206 29.96 -29.41 17.28
CA GLU L 206 29.15 -30.19 16.31
C GLU L 206 27.64 -30.09 16.54
N GLN L 207 27.16 -30.11 17.79
CA GLN L 207 25.70 -30.19 18.05
C GLN L 207 25.04 -28.81 18.19
N VAL L 208 25.78 -27.77 18.54
CA VAL L 208 25.16 -26.48 18.79
C VAL L 208 25.54 -25.45 17.73
N ILE L 209 26.83 -25.41 17.40
CA ILE L 209 27.35 -24.35 16.54
C ILE L 209 27.25 -24.68 15.06
N ARG L 210 27.36 -25.98 14.73
CA ARG L 210 27.16 -26.38 13.31
C ARG L 210 25.75 -25.94 12.89
N PRO L 211 24.62 -26.22 13.62
CA PRO L 211 23.32 -25.72 13.14
C PRO L 211 23.34 -24.22 12.87
N ILE L 212 23.92 -23.45 13.78
CA ILE L 212 23.97 -22.00 13.64
C ILE L 212 24.69 -21.56 12.36
N LEU L 213 25.89 -22.10 12.13
CA LEU L 213 26.64 -21.77 10.91
C LEU L 213 25.94 -22.22 9.63
N LYS L 214 25.47 -23.47 9.61
CA LYS L 214 24.76 -24.01 8.42
C LYS L 214 23.57 -23.10 8.12
N ALA L 215 22.87 -22.66 9.16
CA ALA L 215 21.72 -21.78 8.97
C ALA L 215 22.13 -20.43 8.41
N HIS L 216 23.20 -19.87 8.96
CA HIS L 216 23.68 -18.56 8.52
C HIS L 216 24.24 -18.49 7.09
N PHE L 217 24.89 -19.56 6.64
CA PHE L 217 25.63 -19.49 5.36
C PHE L 217 24.98 -20.26 4.21
N ARG L 218 24.12 -21.20 4.55
CA ARG L 218 23.26 -21.88 3.57
C ARG L 218 24.05 -22.70 2.54
N ARG L 219 25.35 -22.82 2.73
CA ARG L 219 26.19 -23.53 1.77
C ARG L 219 27.19 -24.46 2.43
N ASP L 220 26.96 -25.76 2.28
CA ASP L 220 27.75 -26.77 2.95
C ASP L 220 29.15 -26.80 2.35
N GLU L 221 29.23 -26.31 1.12
CA GLU L 221 30.46 -26.28 0.36
C GLU L 221 31.39 -25.22 0.95
N PHE L 222 30.76 -24.19 1.51
CA PHE L 222 31.48 -23.08 2.13
C PHE L 222 32.09 -23.48 3.46
N LEU L 223 31.25 -24.00 4.36
CA LEU L 223 31.70 -24.46 5.67
C LEU L 223 32.71 -25.59 5.52
N GLY L 224 32.47 -26.46 4.55
CA GLY L 224 33.39 -27.54 4.26
C GLY L 224 34.73 -26.98 3.81
N ARG L 225 34.70 -25.91 3.04
CA ARG L 225 35.93 -25.29 2.54
C ARG L 225 36.83 -24.75 3.65
N ILE L 226 36.22 -24.23 4.70
CA ILE L 226 36.96 -23.56 5.78
C ILE L 226 38.00 -24.47 6.45
N ASN L 227 39.26 -24.08 6.37
CA ASN L 227 40.33 -24.83 7.01
C ASN L 227 40.14 -24.93 8.52
N GLU L 228 40.00 -23.79 9.18
CA GLU L 228 39.84 -23.80 10.63
C GLU L 228 38.85 -22.76 11.15
N ILE L 229 37.98 -23.16 12.07
CA ILE L 229 37.10 -22.22 12.74
C ILE L 229 37.74 -21.78 14.05
N VAL L 230 38.29 -20.58 14.06
CA VAL L 230 39.02 -20.09 15.22
C VAL L 230 38.10 -19.37 16.19
N TYR L 231 38.08 -19.85 17.43
CA TYR L 231 37.22 -19.28 18.46
C TYR L 231 37.94 -18.26 19.33
N PHE L 232 37.28 -17.13 19.52
CA PHE L 232 37.78 -16.09 20.42
C PHE L 232 36.90 -15.98 21.64
N LEU L 233 37.42 -16.44 22.77
CA LEU L 233 36.69 -16.45 24.02
C LEU L 233 36.78 -15.11 24.74
N PRO L 234 35.74 -14.77 25.53
CA PRO L 234 35.74 -13.54 26.32
C PRO L 234 36.90 -13.52 27.32
N PHE L 235 37.39 -12.33 27.63
CA PHE L 235 38.51 -12.19 28.55
C PHE L 235 38.17 -12.73 29.93
N CYS L 236 39.16 -13.35 30.57
CA CYS L 236 39.00 -13.73 31.96
C CYS L 236 39.62 -12.65 32.82
N HIS L 237 39.31 -12.68 34.11
CA HIS L 237 39.68 -11.62 35.03
C HIS L 237 41.17 -11.27 34.94
N SER L 238 42.00 -12.31 34.89
CA SER L 238 43.44 -12.13 34.84
C SER L 238 43.87 -11.28 33.64
N GLU L 239 43.22 -11.50 32.49
CA GLU L 239 43.65 -10.84 31.27
C GLU L 239 43.16 -9.38 31.27
N LEU L 240 42.04 -9.12 31.93
CA LEU L 240 41.58 -7.74 32.12
C LEU L 240 42.64 -7.01 32.94
N LEU L 241 43.09 -7.69 33.99
CA LEU L 241 44.18 -7.17 34.81
C LEU L 241 45.40 -6.84 33.94
N GLN L 242 45.73 -7.74 33.02
CA GLN L 242 46.86 -7.51 32.11
C GLN L 242 46.64 -6.27 31.23
N LEU L 243 45.39 -6.06 30.82
CA LEU L 243 45.06 -4.92 29.97
C LEU L 243 45.28 -3.60 30.71
N VAL L 244 44.65 -3.48 31.87
CA VAL L 244 44.82 -2.29 32.70
C VAL L 244 46.28 -2.04 32.99
N SER L 245 47.00 -3.09 33.38
CA SER L 245 48.43 -2.95 33.64
C SER L 245 49.18 -2.43 32.42
N ARG L 246 48.78 -2.88 31.24
CA ARG L 246 49.43 -2.41 30.01
C ARG L 246 49.22 -0.90 29.86
N GLU L 247 47.98 -0.44 30.02
CA GLU L 247 47.69 0.98 29.87
C GLU L 247 48.43 1.84 30.89
N LEU L 248 48.33 1.46 32.16
CA LEU L 248 49.02 2.20 33.22
C LEU L 248 50.51 2.24 32.96
N HIS L 249 51.05 1.16 32.37
CA HIS L 249 52.44 1.16 31.98
C HIS L 249 52.72 2.19 30.89
N TYR L 250 51.82 2.29 29.92
CA TYR L 250 51.98 3.31 28.88
C TYR L 250 52.06 4.71 29.48
N TRP L 251 51.10 5.02 30.34
CA TRP L 251 51.03 6.35 30.94
C TRP L 251 52.21 6.63 31.85
N ALA L 252 52.67 5.63 32.58
CA ALA L 252 53.85 5.77 33.40
C ALA L 252 55.07 6.06 32.54
N LYS L 253 55.17 5.33 31.43
CA LYS L 253 56.29 5.48 30.51
C LYS L 253 56.39 6.88 29.93
N LYS L 254 55.30 7.38 29.37
CA LYS L 254 55.36 8.74 28.82
C LYS L 254 55.49 9.78 29.93
N ALA L 255 54.88 9.53 31.09
CA ALA L 255 54.96 10.48 32.20
C ALA L 255 56.41 10.68 32.61
N LYS L 256 57.13 9.59 32.87
CA LYS L 256 58.55 9.69 33.17
C LYS L 256 59.33 10.24 31.98
N GLN L 257 58.88 9.96 30.76
CA GLN L 257 59.63 10.40 29.54
C GLN L 257 59.58 11.93 29.41
N ARG L 258 58.44 12.56 29.72
CA ARG L 258 58.33 14.03 29.47
C ARG L 258 58.47 14.85 30.76
N HIS L 259 57.89 14.39 31.87
CA HIS L 259 57.89 15.20 33.08
C HIS L 259 58.64 14.58 34.25
N ASN L 260 59.39 13.50 33.98
CA ASN L 260 60.14 12.80 35.00
C ASN L 260 59.28 12.42 36.20
N ILE L 261 58.03 12.03 35.93
CA ILE L 261 57.14 11.56 36.98
C ILE L 261 57.18 10.05 37.03
N THR L 262 57.52 9.51 38.19
CA THR L 262 57.57 8.06 38.36
C THR L 262 56.22 7.56 38.85
N LEU L 263 55.54 6.77 38.02
CA LEU L 263 54.22 6.28 38.36
C LEU L 263 54.24 4.82 38.82
N LEU L 264 53.63 4.57 39.97
CA LEU L 264 53.53 3.24 40.53
C LEU L 264 52.10 3.00 41.00
N TRP L 265 51.73 1.74 41.18
CA TRP L 265 50.38 1.42 41.64
C TRP L 265 50.38 0.11 42.41
N GLU L 266 49.21 -0.25 42.94
CA GLU L 266 49.05 -1.53 43.62
C GLU L 266 47.84 -2.28 43.06
N ARG L 267 47.72 -3.56 43.38
CA ARG L 267 46.74 -4.44 42.73
C ARG L 267 45.27 -4.01 42.85
N PRO L 268 44.85 -3.47 44.01
CA PRO L 268 43.48 -2.96 44.06
C PRO L 268 43.18 -1.84 43.07
N VAL L 269 44.19 -1.06 42.67
CA VAL L 269 44.01 -0.09 41.59
C VAL L 269 43.60 -0.81 40.32
N LEU L 270 44.36 -1.86 39.99
CA LEU L 270 44.11 -2.67 38.81
C LEU L 270 42.72 -3.27 38.81
N GLU L 271 42.29 -3.83 39.95
CA GLU L 271 40.97 -4.44 39.98
C GLU L 271 39.84 -3.41 39.94
N LEU L 272 40.07 -2.29 40.61
CA LEU L 272 39.13 -1.17 40.61
C LEU L 272 38.88 -0.67 39.19
N LEU L 273 39.95 -0.60 38.40
CA LEU L 273 39.84 -0.15 37.02
C LEU L 273 39.22 -1.25 36.15
N VAL L 274 39.59 -2.50 36.42
CA VAL L 274 39.04 -3.65 35.71
C VAL L 274 37.53 -3.76 35.90
N LYS L 275 37.01 -3.11 36.93
CA LYS L 275 35.57 -3.16 37.15
C LYS L 275 34.78 -2.23 36.22
N GLY L 276 35.49 -1.43 35.44
CA GLY L 276 34.87 -0.60 34.41
C GLY L 276 35.02 -1.13 32.99
N TYR L 277 35.03 -2.45 32.85
CA TYR L 277 35.17 -3.08 31.55
C TYR L 277 33.80 -3.21 30.89
N ASN L 278 33.72 -2.80 29.63
CA ASN L 278 32.47 -2.94 28.89
C ASN L 278 32.54 -4.04 27.84
N LEU L 279 31.58 -4.96 27.89
CA LEU L 279 31.56 -6.08 26.96
C LEU L 279 31.37 -5.61 25.53
N HIS L 280 30.56 -4.56 25.37
CA HIS L 280 30.09 -4.13 24.07
C HIS L 280 31.18 -3.72 23.08
N TYR L 281 32.22 -3.05 23.53
CA TYR L 281 33.29 -2.71 22.60
C TYR L 281 34.68 -3.23 23.03
N GLY L 282 34.72 -3.90 24.18
CA GLY L 282 35.87 -4.74 24.50
C GLY L 282 37.08 -4.10 25.16
N ALA L 283 38.26 -4.44 24.65
CA ALA L 283 39.51 -4.09 25.29
C ALA L 283 39.69 -2.58 25.45
N ARG L 284 39.30 -1.83 24.43
CA ARG L 284 39.55 -0.39 24.47
C ARG L 284 38.67 0.27 25.51
N SER L 285 37.63 -0.44 25.94
CA SER L 285 36.83 0.06 27.05
C SER L 285 37.72 0.37 28.24
N ILE L 286 38.55 -0.58 28.66
CA ILE L 286 39.32 -0.32 29.86
C ILE L 286 40.31 0.81 29.59
N LYS L 287 40.82 0.90 28.36
CA LYS L 287 41.76 1.99 28.01
C LYS L 287 41.07 3.33 28.28
N HIS L 288 39.80 3.45 27.91
CA HIS L 288 39.05 4.67 28.16
C HIS L 288 38.99 4.92 29.65
N GLU L 289 38.65 3.89 30.42
CA GLU L 289 38.44 4.12 31.85
C GLU L 289 39.70 4.63 32.50
N VAL L 290 40.85 4.08 32.11
CA VAL L 290 42.08 4.49 32.75
C VAL L 290 42.24 5.97 32.45
N GLU L 291 42.06 6.29 31.18
CA GLU L 291 42.31 7.63 30.68
C GLU L 291 41.29 8.59 31.27
N ARG L 292 40.23 8.02 31.82
CA ARG L 292 39.19 8.84 32.44
C ARG L 292 39.01 8.70 33.96
N ARG L 293 39.85 7.93 34.66
CA ARG L 293 39.83 8.07 36.14
C ARG L 293 41.23 8.17 36.74
N VAL L 294 42.26 7.91 35.93
CA VAL L 294 43.63 8.01 36.41
C VAL L 294 44.29 9.21 35.77
N VAL L 295 44.29 9.24 34.45
CA VAL L 295 45.03 10.24 33.72
C VAL L 295 44.43 11.64 33.91
N ASN L 296 43.13 11.72 34.14
CA ASN L 296 42.52 13.02 34.41
C ASN L 296 43.03 13.61 35.72
N GLN L 297 43.17 12.76 36.74
CA GLN L 297 43.69 13.21 38.02
C GLN L 297 45.16 13.54 37.92
N LEU L 298 45.89 12.78 37.13
CA LEU L 298 47.30 13.07 36.87
C LEU L 298 47.45 14.44 36.22
N ALA L 299 46.62 14.71 35.23
CA ALA L 299 46.62 15.97 34.50
C ALA L 299 46.25 17.14 35.40
N ALA L 300 45.20 16.95 36.19
CA ALA L 300 44.72 17.98 37.11
C ALA L 300 45.80 18.31 38.13
N ALA L 301 46.32 17.28 38.78
CA ALA L 301 47.37 17.45 39.78
C ALA L 301 48.61 18.06 39.15
N PHE L 302 48.83 17.79 37.88
CA PHE L 302 49.96 18.39 37.17
C PHE L 302 49.76 19.88 36.96
N GLU L 303 48.54 20.28 36.63
CA GLU L 303 48.30 21.68 36.31
C GLU L 303 48.07 22.50 37.58
N GLN L 304 47.86 21.81 38.71
CA GLN L 304 47.80 22.51 39.98
C GLN L 304 49.17 22.59 40.64
N GLU L 305 50.19 22.21 39.88
CA GLU L 305 51.58 22.26 40.33
C GLU L 305 51.83 21.37 41.56
N LEU L 306 51.09 20.27 41.65
CA LEU L 306 51.27 19.31 42.74
C LEU L 306 52.33 18.28 42.38
N LEU L 307 52.65 18.19 41.11
CA LEU L 307 53.62 17.22 40.62
C LEU L 307 54.87 17.86 40.04
N PRO L 308 55.86 18.17 40.89
CA PRO L 308 57.12 18.69 40.35
C PRO L 308 57.90 17.58 39.62
N LYS L 309 59.01 17.93 38.99
CA LYS L 309 59.82 16.92 38.32
C LYS L 309 60.58 16.07 39.33
N GLY L 310 60.77 14.80 39.01
CA GLY L 310 61.45 13.88 39.91
C GLY L 310 60.61 13.30 41.03
N CYS L 311 59.30 13.24 40.82
CA CYS L 311 58.41 12.70 41.85
C CYS L 311 58.22 11.20 41.78
N THR L 312 57.69 10.66 42.88
CA THR L 312 57.27 9.28 42.92
C THR L 312 55.81 9.32 43.32
N LEU L 313 54.96 8.90 42.39
CA LEU L 313 53.53 8.99 42.59
C LEU L 313 52.93 7.60 42.47
N ARG L 314 52.25 7.16 43.53
CA ARG L 314 51.68 5.84 43.54
C ARG L 314 50.19 5.87 43.79
N LEU L 315 49.44 5.24 42.89
CA LEU L 315 48.01 5.15 43.05
C LEU L 315 47.70 4.00 44.00
N THR L 316 46.75 4.25 44.90
CA THR L 316 46.26 3.21 45.80
C THR L 316 44.76 3.37 45.84
N VAL L 317 44.07 2.50 46.56
CA VAL L 317 42.62 2.60 46.64
C VAL L 317 42.21 2.68 48.10
N ALA L 327 31.56 3.19 48.30
CA ALA L 327 32.09 3.42 46.96
C ALA L 327 33.59 3.68 47.01
N PRO L 328 34.39 2.66 46.67
CA PRO L 328 35.86 2.72 46.69
C PRO L 328 36.40 3.83 45.79
N VAL L 329 37.14 4.75 46.38
CA VAL L 329 37.71 5.85 45.61
C VAL L 329 39.22 5.65 45.46
N LEU L 330 39.72 6.03 44.29
CA LEU L 330 41.13 5.91 43.97
C LEU L 330 41.86 7.08 44.61
N ARG L 331 42.90 6.75 45.38
CA ARG L 331 43.69 7.80 46.09
C ARG L 331 45.06 7.93 45.42
N LEU L 332 45.46 9.17 45.11
CA LEU L 332 46.76 9.44 44.45
C LEU L 332 47.76 9.87 45.52
N GLU L 333 48.74 9.02 45.81
CA GLU L 333 49.74 9.30 46.87
C GLU L 333 51.13 9.75 46.42
N LEU L 334 51.61 10.87 46.94
CA LEU L 334 52.92 11.41 46.57
C LEU L 334 54.01 11.16 47.63
N LEU L 335 55.20 10.79 47.16
CA LEU L 335 56.37 10.54 48.01
C LEU L 335 57.08 11.81 48.44
N GLN L 336 57.21 12.00 49.75
CA GLN L 336 57.86 13.16 50.34
C GLN L 336 59.34 12.90 50.57
N GLU L 337 60.07 13.93 50.98
CA GLU L 337 61.47 13.75 51.33
C GLU L 337 61.53 13.23 52.77
N ASP L 338 60.34 13.02 53.32
CA ASP L 338 60.13 12.38 54.62
C ASP L 338 60.29 10.87 54.44
N LYS L 339 60.44 10.45 53.19
CA LYS L 339 60.49 9.04 52.81
C LYS L 339 59.20 8.33 53.19
N THR L 340 58.15 9.12 53.42
CA THR L 340 56.81 8.60 53.57
C THR L 340 55.95 9.23 52.48
N SER L 341 54.72 8.76 52.35
CA SER L 341 53.83 9.28 51.32
C SER L 341 52.56 9.87 51.91
N ARG L 342 52.00 10.87 51.24
CA ARG L 342 50.65 11.28 51.63
C ARG L 342 49.75 11.58 50.44
N LYS L 343 48.45 11.49 50.70
CA LYS L 343 47.43 11.58 49.66
C LYS L 343 47.27 12.99 49.14
N LEU L 344 47.23 13.14 47.82
CA LEU L 344 47.03 14.45 47.23
C LEU L 344 45.57 14.87 47.28
N GLU L 345 45.37 16.16 47.59
CA GLU L 345 44.01 16.76 47.56
C GLU L 345 43.97 17.51 46.23
N ILE L 346 43.15 17.08 45.28
CA ILE L 346 43.15 17.63 43.93
C ILE L 346 42.08 18.71 43.72
N GLN L 347 41.08 18.74 44.61
CA GLN L 347 40.00 19.77 44.52
C GLN L 347 39.56 19.93 43.07
P PO4 M . 30.85 -30.04 -11.60
O1 PO4 M . 30.80 -30.52 -13.04
O2 PO4 M . 31.47 -31.12 -10.75
O3 PO4 M . 31.71 -28.80 -11.52
O4 PO4 M . 29.46 -29.73 -11.13
P PO4 N . 26.29 29.90 17.27
O1 PO4 N . 26.85 30.53 16.02
O2 PO4 N . 27.38 29.14 17.98
O3 PO4 N . 25.76 30.97 18.18
O4 PO4 N . 25.18 28.94 16.90
P PO4 O . -0.52 2.31 43.47
O1 PO4 O . -0.32 2.67 42.01
O2 PO4 O . -1.16 3.47 44.20
O3 PO4 O . -1.41 1.09 43.57
O4 PO4 O . 0.81 1.99 44.11
P PO4 P . 3.32 41.35 -11.18
O1 PO4 P . 2.31 42.45 -11.40
O2 PO4 P . 4.55 41.96 -10.57
O3 PO4 P . 2.77 40.30 -10.23
O4 PO4 P . 3.65 40.72 -12.49
P PO4 Q . -39.10 19.51 -7.85
O1 PO4 Q . -39.61 20.81 -8.43
O2 PO4 Q . -39.81 18.37 -8.52
O3 PO4 Q . -37.61 19.37 -8.10
O4 PO4 Q . -39.36 19.48 -6.36
P PO4 R . -21.69 28.72 24.38
O1 PO4 R . -22.96 29.39 23.93
O2 PO4 R . -21.99 27.30 24.81
O3 PO4 R . -20.71 28.68 23.24
O4 PO4 R . -21.11 29.48 25.56
P PO4 S . -36.02 -15.48 -22.53
O1 PO4 S . -34.56 -15.11 -22.41
O2 PO4 S . -36.61 -14.89 -23.79
O3 PO4 S . -36.14 -16.99 -22.57
O4 PO4 S . -36.77 -14.94 -21.33
P PO4 T . -5.09 17.70 -40.16
O1 PO4 T . -6.00 17.66 -41.37
O2 PO4 T . -4.69 19.13 -39.91
O3 PO4 T . -5.81 17.17 -38.94
O4 PO4 T . -3.87 16.86 -40.43
P PO4 U . 3.55 -32.41 27.88
O1 PO4 U . 2.14 -32.75 27.44
O2 PO4 U . 4.37 -33.67 27.91
O3 PO4 U . 4.14 -31.40 26.93
O4 PO4 U . 3.52 -31.81 29.26
P PO4 V . -13.92 -41.23 -4.74
O1 PO4 V . -12.85 -40.29 -5.21
O2 PO4 V . -15.26 -40.52 -4.78
O3 PO4 V . -13.99 -42.46 -5.60
O4 PO4 V . -13.60 -41.65 -3.32
P PO4 W . 8.64 -17.74 -39.75
O1 PO4 W . 10.07 -18.05 -39.38
O2 PO4 W . 8.17 -18.71 -40.80
O3 PO4 W . 7.77 -17.84 -38.51
O4 PO4 W . 8.55 -16.33 -40.29
P PO4 X . 39.92 -6.47 17.43
O1 PO4 X . 38.45 -6.70 17.16
O2 PO4 X . 40.18 -6.30 18.90
O3 PO4 X . 40.70 -7.66 16.93
O4 PO4 X . 40.38 -5.23 16.70
#